data_7DM4
#
_entry.id   7DM4
#
_entity_poly.entity_id   1
_entity_poly.type   'polypeptide(L)'
_entity_poly.pdbx_seq_one_letter_code
;MKALDEPPYLTVGTDVSAKYRGAFCEAKIKTAKRLVKVKVTFRHDSSTVEVQDDHIKGPLKVGAIVEVKNLDGAYQEAVI
NKLTDASWYTVVFDDGDEKTLRRSSLCLKGERHFAESETLDQLPLTNPEHFGTPVIGKKTNRGRRSNHIPE
;
_entity_poly.pdbx_strand_id   A
#
# COMPACT_ATOMS: atom_id res chain seq x y z
N MET A 1 -12.44 12.56 1.40
CA MET A 1 -13.63 11.72 1.44
C MET A 1 -14.81 12.54 0.98
N LYS A 2 -15.95 11.92 0.77
CA LYS A 2 -17.11 12.67 0.35
C LYS A 2 -18.00 13.00 1.53
N ALA A 3 -18.49 11.98 2.20
CA ALA A 3 -19.36 12.17 3.34
C ALA A 3 -18.61 11.89 4.62
N LEU A 4 -17.44 11.28 4.48
CA LEU A 4 -16.58 10.84 5.57
C LEU A 4 -17.40 9.86 6.41
N ASP A 5 -17.58 8.70 5.85
CA ASP A 5 -18.44 7.69 6.43
C ASP A 5 -17.68 6.76 7.34
N GLU A 6 -16.38 6.84 7.31
CA GLU A 6 -15.57 6.07 8.20
C GLU A 6 -14.68 7.04 8.99
N PRO A 7 -15.16 7.49 10.16
CA PRO A 7 -14.41 8.40 11.04
C PRO A 7 -13.00 7.88 11.47
N PRO A 8 -12.83 6.60 11.95
CA PRO A 8 -11.51 6.08 12.32
C PRO A 8 -10.60 6.01 11.12
N TYR A 9 -9.50 6.68 11.18
CA TYR A 9 -8.60 6.64 10.09
C TYR A 9 -7.18 6.44 10.59
N LEU A 10 -6.35 5.85 9.77
CA LEU A 10 -5.00 5.56 10.15
C LEU A 10 -4.07 6.58 9.53
N THR A 11 -3.15 7.08 10.31
CA THR A 11 -2.23 8.09 9.86
C THR A 11 -0.88 7.88 10.58
N VAL A 12 0.18 8.52 10.10
CA VAL A 12 1.51 8.38 10.67
C VAL A 12 1.53 8.83 12.15
N GLY A 13 2.14 8.02 13.00
CA GLY A 13 2.22 8.29 14.43
C GLY A 13 1.17 7.54 15.21
N THR A 14 0.11 7.14 14.54
CA THR A 14 -0.97 6.46 15.18
C THR A 14 -0.57 5.01 15.45
N ASP A 15 -0.91 4.53 16.62
CA ASP A 15 -0.61 3.17 17.01
C ASP A 15 -1.79 2.28 16.61
N VAL A 16 -1.48 1.16 16.03
CA VAL A 16 -2.47 0.25 15.52
C VAL A 16 -2.04 -1.18 15.82
N SER A 17 -2.90 -2.11 15.63
CA SER A 17 -2.57 -3.49 15.80
C SER A 17 -2.32 -4.11 14.44
N ALA A 18 -1.12 -4.56 14.21
CA ALA A 18 -0.72 -5.14 12.96
C ALA A 18 -0.56 -6.63 13.10
N LYS A 19 -1.03 -7.36 12.12
CA LYS A 19 -0.95 -8.79 12.14
C LYS A 19 0.45 -9.25 11.73
N TYR A 20 1.23 -9.64 12.70
CA TYR A 20 2.59 -10.06 12.50
C TYR A 20 2.66 -11.57 12.69
N ARG A 21 2.89 -12.28 11.60
CA ARG A 21 3.00 -13.75 11.54
C ARG A 21 1.70 -14.46 11.95
N GLY A 22 0.63 -13.72 12.11
CA GLY A 22 -0.62 -14.30 12.52
C GLY A 22 -1.16 -13.65 13.77
N ALA A 23 -0.32 -13.00 14.53
CA ALA A 23 -0.74 -12.39 15.77
C ALA A 23 -0.71 -10.88 15.66
N PHE A 24 -1.76 -10.25 16.11
CA PHE A 24 -1.84 -8.79 16.09
C PHE A 24 -1.03 -8.20 17.22
N CYS A 25 -0.03 -7.46 16.85
CA CYS A 25 0.84 -6.78 17.78
C CYS A 25 0.68 -5.29 17.55
N GLU A 26 0.70 -4.53 18.60
CA GLU A 26 0.52 -3.09 18.47
C GLU A 26 1.80 -2.38 18.03
N ALA A 27 1.70 -1.71 16.91
CA ALA A 27 2.78 -1.04 16.25
C ALA A 27 2.26 0.28 15.74
N LYS A 28 3.11 1.24 15.49
CA LYS A 28 2.64 2.55 15.09
C LYS A 28 3.08 2.90 13.73
N ILE A 29 2.23 3.58 13.04
CA ILE A 29 2.47 3.94 11.68
C ILE A 29 3.67 4.86 11.58
N LYS A 30 4.66 4.34 10.94
CA LYS A 30 5.93 4.96 10.72
C LYS A 30 5.81 5.79 9.46
N THR A 31 5.06 5.28 8.49
CA THR A 31 4.82 6.02 7.27
C THR A 31 3.66 5.36 6.51
N ALA A 32 3.10 6.07 5.58
CA ALA A 32 2.03 5.52 4.78
C ALA A 32 2.54 5.27 3.41
N LYS A 33 2.29 4.11 2.90
CA LYS A 33 2.80 3.77 1.62
C LYS A 33 1.69 3.41 0.66
N ARG A 34 1.53 4.20 -0.37
CA ARG A 34 0.58 3.88 -1.38
C ARG A 34 1.24 2.91 -2.34
N LEU A 35 0.83 1.71 -2.24
CA LEU A 35 1.30 0.67 -3.06
C LEU A 35 0.37 0.51 -4.18
N VAL A 36 0.88 0.41 -5.33
CA VAL A 36 0.06 0.18 -6.45
C VAL A 36 0.11 -1.30 -6.71
N LYS A 37 -0.98 -1.96 -6.50
CA LYS A 37 -1.01 -3.34 -6.78
C LYS A 37 -1.79 -3.52 -8.06
N VAL A 38 -1.18 -4.14 -8.97
CA VAL A 38 -1.65 -4.24 -10.32
C VAL A 38 -2.26 -5.59 -10.54
N LYS A 39 -3.50 -5.61 -10.92
CA LYS A 39 -4.18 -6.84 -11.21
C LYS A 39 -3.96 -7.15 -12.66
N VAL A 40 -3.30 -8.23 -12.93
CA VAL A 40 -2.92 -8.57 -14.28
C VAL A 40 -3.38 -9.96 -14.67
N THR A 41 -3.76 -10.09 -15.90
CA THR A 41 -4.12 -11.35 -16.48
C THR A 41 -2.88 -11.93 -17.15
N PHE A 42 -2.34 -13.01 -16.62
CA PHE A 42 -1.20 -13.65 -17.23
C PHE A 42 -1.59 -14.19 -18.57
N ARG A 43 -0.95 -13.72 -19.59
CA ARG A 43 -1.31 -14.04 -20.94
C ARG A 43 -1.15 -15.51 -21.30
N HIS A 44 -0.18 -16.18 -20.70
CA HIS A 44 0.05 -17.58 -21.02
C HIS A 44 -0.91 -18.52 -20.31
N ASP A 45 -1.48 -18.09 -19.18
CA ASP A 45 -2.33 -19.01 -18.39
C ASP A 45 -3.78 -18.50 -18.24
N SER A 46 -3.99 -17.24 -18.60
CA SER A 46 -5.30 -16.59 -18.59
C SER A 46 -5.83 -16.33 -17.16
N SER A 47 -5.02 -16.58 -16.18
CA SER A 47 -5.41 -16.36 -14.81
C SER A 47 -5.08 -14.93 -14.36
N THR A 48 -5.93 -14.37 -13.53
CA THR A 48 -5.75 -13.05 -13.04
C THR A 48 -5.07 -13.08 -11.70
N VAL A 49 -3.95 -12.42 -11.61
CA VAL A 49 -3.19 -12.33 -10.39
C VAL A 49 -3.06 -10.88 -10.02
N GLU A 50 -2.64 -10.62 -8.83
CA GLU A 50 -2.52 -9.28 -8.38
C GLU A 50 -1.10 -9.14 -7.82
N VAL A 51 -0.28 -8.34 -8.48
CA VAL A 51 1.13 -8.21 -8.13
C VAL A 51 1.50 -6.77 -7.87
N GLN A 52 2.60 -6.55 -7.21
CA GLN A 52 3.08 -5.20 -6.93
C GLN A 52 3.57 -4.50 -8.18
N ASP A 53 3.35 -3.18 -8.23
CA ASP A 53 3.81 -2.27 -9.31
C ASP A 53 5.29 -2.46 -9.62
N ASP A 54 6.01 -2.85 -8.59
CA ASP A 54 7.44 -3.11 -8.64
C ASP A 54 7.81 -4.19 -9.66
N HIS A 55 6.91 -5.12 -9.90
CA HIS A 55 7.20 -6.22 -10.80
C HIS A 55 6.74 -5.90 -12.18
N ILE A 56 6.05 -4.80 -12.33
CA ILE A 56 5.51 -4.44 -13.59
C ILE A 56 6.43 -3.49 -14.30
N LYS A 57 6.98 -3.98 -15.38
CA LYS A 57 7.82 -3.18 -16.21
C LYS A 57 7.05 -2.81 -17.46
N GLY A 58 7.07 -1.56 -17.78
CA GLY A 58 6.32 -1.06 -18.89
C GLY A 58 5.44 0.08 -18.43
N PRO A 59 4.38 0.41 -19.16
CA PRO A 59 3.46 1.47 -18.76
C PRO A 59 2.28 0.93 -17.96
N LEU A 60 1.92 1.70 -17.01
CA LEU A 60 0.93 1.35 -16.06
C LEU A 60 -0.41 1.92 -16.47
N LYS A 61 -1.14 1.15 -17.24
CA LYS A 61 -2.43 1.52 -17.69
C LYS A 61 -3.25 0.30 -18.03
N VAL A 62 -4.54 0.44 -17.95
CA VAL A 62 -5.46 -0.63 -18.23
C VAL A 62 -5.39 -1.05 -19.70
N GLY A 63 -5.32 -2.35 -19.91
CA GLY A 63 -5.30 -2.90 -21.24
C GLY A 63 -3.91 -3.10 -21.77
N ALA A 64 -2.92 -2.61 -21.03
CA ALA A 64 -1.56 -2.69 -21.47
C ALA A 64 -0.96 -4.05 -21.21
N ILE A 65 -0.20 -4.54 -22.17
CA ILE A 65 0.56 -5.75 -21.99
C ILE A 65 1.83 -5.32 -21.34
N VAL A 66 2.03 -5.75 -20.16
CA VAL A 66 3.18 -5.41 -19.43
C VAL A 66 3.96 -6.63 -19.12
N GLU A 67 5.14 -6.43 -18.65
CA GLU A 67 6.00 -7.50 -18.41
C GLU A 67 6.24 -7.60 -16.93
N VAL A 68 5.83 -8.69 -16.41
CA VAL A 68 5.81 -8.93 -14.99
C VAL A 68 7.01 -9.75 -14.57
N LYS A 69 7.88 -9.18 -13.79
CA LYS A 69 8.96 -9.95 -13.23
C LYS A 69 8.41 -10.72 -12.06
N ASN A 70 8.36 -11.98 -12.19
CA ASN A 70 7.85 -12.79 -11.12
C ASN A 70 8.94 -13.19 -10.21
N LEU A 71 8.59 -13.59 -8.99
CA LEU A 71 9.56 -14.03 -7.98
C LEU A 71 10.29 -15.29 -8.45
N ASP A 72 9.70 -15.95 -9.44
CA ASP A 72 10.27 -17.14 -10.07
C ASP A 72 11.49 -16.73 -10.91
N GLY A 73 11.61 -15.44 -11.17
CA GLY A 73 12.71 -14.91 -11.92
C GLY A 73 12.37 -14.81 -13.38
N ALA A 74 11.11 -15.00 -13.68
CA ALA A 74 10.65 -14.99 -15.05
C ALA A 74 9.81 -13.77 -15.31
N TYR A 75 10.03 -13.15 -16.43
CA TYR A 75 9.16 -12.09 -16.88
C TYR A 75 8.01 -12.70 -17.63
N GLN A 76 6.83 -12.31 -17.29
CA GLN A 76 5.67 -12.84 -17.96
C GLN A 76 4.81 -11.76 -18.58
N GLU A 77 4.31 -12.03 -19.77
CA GLU A 77 3.38 -11.16 -20.47
C GLU A 77 2.06 -11.14 -19.73
N ALA A 78 1.61 -10.00 -19.34
CA ALA A 78 0.32 -9.91 -18.70
C ALA A 78 -0.38 -8.64 -19.07
N VAL A 79 -1.68 -8.65 -18.93
CA VAL A 79 -2.50 -7.49 -19.25
C VAL A 79 -3.02 -6.85 -17.96
N ILE A 80 -2.77 -5.56 -17.81
CA ILE A 80 -3.27 -4.81 -16.68
C ILE A 80 -4.79 -4.66 -16.75
N ASN A 81 -5.45 -5.15 -15.73
CA ASN A 81 -6.90 -5.03 -15.61
C ASN A 81 -7.23 -3.74 -14.89
N LYS A 82 -6.55 -3.53 -13.77
CA LYS A 82 -6.71 -2.34 -12.95
C LYS A 82 -5.51 -2.12 -12.06
N LEU A 83 -5.32 -0.88 -11.72
CA LEU A 83 -4.33 -0.45 -10.78
C LEU A 83 -5.06 -0.25 -9.46
N THR A 84 -4.67 -0.94 -8.44
CA THR A 84 -5.35 -0.86 -7.19
C THR A 84 -4.58 0.01 -6.20
N ASP A 85 -5.28 0.95 -5.57
CA ASP A 85 -4.70 1.73 -4.48
C ASP A 85 -4.61 0.83 -3.29
N ALA A 86 -3.45 0.40 -3.02
CA ALA A 86 -3.20 -0.42 -1.91
C ALA A 86 -2.49 0.43 -0.90
N SER A 87 -3.25 1.21 -0.23
CA SER A 87 -2.75 2.04 0.79
C SER A 87 -2.41 1.25 2.04
N TRP A 88 -1.17 0.90 2.13
CA TRP A 88 -0.66 0.13 3.21
C TRP A 88 0.02 1.07 4.17
N TYR A 89 -0.09 0.78 5.41
CA TYR A 89 0.54 1.60 6.39
C TYR A 89 1.72 0.88 6.97
N THR A 90 2.86 1.51 6.86
CA THR A 90 4.07 0.98 7.31
C THR A 90 4.17 1.27 8.76
N VAL A 91 4.13 0.23 9.55
CA VAL A 91 4.14 0.36 10.97
C VAL A 91 5.44 -0.11 11.55
N VAL A 92 5.83 0.54 12.59
CA VAL A 92 7.00 0.18 13.31
C VAL A 92 6.60 -0.51 14.58
N PHE A 93 7.07 -1.72 14.69
CA PHE A 93 6.83 -2.54 15.81
C PHE A 93 7.81 -2.19 16.91
N ASP A 94 7.55 -2.64 18.10
CA ASP A 94 8.37 -2.29 19.24
C ASP A 94 9.51 -3.25 19.43
N ASP A 95 9.59 -4.25 18.57
CA ASP A 95 10.73 -5.16 18.57
C ASP A 95 11.77 -4.61 17.61
N GLY A 96 11.36 -3.63 16.83
CA GLY A 96 12.27 -3.02 15.90
C GLY A 96 11.93 -3.34 14.46
N ASP A 97 10.95 -4.19 14.25
CA ASP A 97 10.55 -4.53 12.88
C ASP A 97 9.68 -3.42 12.32
N GLU A 98 9.74 -3.22 11.04
CA GLU A 98 8.90 -2.25 10.38
C GLU A 98 8.33 -2.97 9.21
N LYS A 99 7.06 -2.85 9.02
CA LYS A 99 6.45 -3.55 7.94
C LYS A 99 5.19 -2.84 7.54
N THR A 100 4.90 -2.81 6.27
CA THR A 100 3.71 -2.20 5.82
C THR A 100 2.65 -3.26 5.63
N LEU A 101 1.50 -3.00 6.20
CA LEU A 101 0.36 -3.90 6.07
C LEU A 101 -0.81 -3.10 5.60
N ARG A 102 -1.75 -3.76 4.99
CA ARG A 102 -2.93 -3.08 4.51
C ARG A 102 -3.83 -2.75 5.68
N ARG A 103 -4.59 -1.69 5.53
CA ARG A 103 -5.46 -1.19 6.61
C ARG A 103 -6.54 -2.16 7.07
N SER A 104 -6.86 -3.14 6.27
CA SER A 104 -7.79 -4.17 6.67
C SER A 104 -7.16 -5.14 7.70
N SER A 105 -5.85 -5.15 7.76
CA SER A 105 -5.13 -6.01 8.68
C SER A 105 -4.57 -5.17 9.83
N LEU A 106 -5.10 -3.98 9.97
CA LEU A 106 -4.68 -3.06 10.98
C LEU A 106 -5.88 -2.62 11.78
N CYS A 107 -5.83 -2.77 13.07
CA CYS A 107 -6.90 -2.32 13.91
C CYS A 107 -6.43 -1.08 14.64
N LEU A 108 -7.23 -0.04 14.62
CA LEU A 108 -6.86 1.24 15.21
C LEU A 108 -6.82 1.14 16.73
N LYS A 109 -5.70 1.54 17.34
CA LYS A 109 -5.57 1.50 18.79
C LYS A 109 -6.37 2.59 19.48
N GLY A 110 -7.61 2.29 19.65
CA GLY A 110 -8.52 3.07 20.42
C GLY A 110 -9.32 2.09 21.21
N GLU A 111 -8.59 1.25 21.91
CA GLU A 111 -9.10 0.11 22.65
C GLU A 111 -9.76 -0.88 21.73
N ARG A 112 -8.94 -1.38 20.86
CA ARG A 112 -9.26 -2.34 19.83
C ARG A 112 -7.97 -2.94 19.35
N HIS A 113 -7.78 -4.20 19.62
CA HIS A 113 -6.56 -4.89 19.17
C HIS A 113 -6.88 -6.36 18.93
N PHE A 114 -8.18 -6.65 18.83
CA PHE A 114 -8.72 -8.00 18.68
C PHE A 114 -8.56 -8.83 19.95
N ALA A 115 -9.67 -9.32 20.44
CA ALA A 115 -9.70 -10.17 21.61
C ALA A 115 -9.71 -11.62 21.14
N GLU A 116 -9.31 -11.79 19.92
CA GLU A 116 -9.28 -13.05 19.26
C GLU A 116 -7.95 -13.28 18.63
N SER A 117 -7.84 -14.41 18.04
CA SER A 117 -6.76 -14.79 17.20
C SER A 117 -7.39 -15.77 16.23
N GLU A 118 -6.83 -15.92 15.05
CA GLU A 118 -7.35 -16.90 14.11
C GLU A 118 -6.98 -18.27 14.60
N THR A 119 -5.87 -18.30 15.33
CA THR A 119 -5.34 -19.49 15.99
C THR A 119 -4.81 -20.48 14.94
N LEU A 120 -4.69 -19.99 13.68
CA LEU A 120 -4.23 -20.79 12.53
C LEU A 120 -5.12 -22.02 12.38
N ASP A 121 -6.41 -21.82 12.69
CA ASP A 121 -7.43 -22.86 12.63
C ASP A 121 -7.56 -23.32 11.19
N GLN A 122 -7.60 -24.62 10.99
CA GLN A 122 -7.63 -25.17 9.65
C GLN A 122 -8.90 -25.98 9.37
N LEU A 123 -9.87 -25.89 10.26
CA LEU A 123 -11.12 -26.62 10.04
C LEU A 123 -12.10 -25.88 9.11
N PRO A 124 -12.53 -24.61 9.44
CA PRO A 124 -13.43 -23.86 8.57
C PRO A 124 -12.71 -23.37 7.32
N LEU A 125 -13.01 -23.95 6.20
CA LEU A 125 -12.38 -23.57 4.98
C LEU A 125 -13.41 -23.11 3.95
N THR A 126 -13.02 -22.18 3.13
CA THR A 126 -13.90 -21.68 2.11
C THR A 126 -13.39 -22.11 0.72
N ASN A 127 -12.14 -22.53 0.67
CA ASN A 127 -11.54 -22.96 -0.56
C ASN A 127 -11.41 -24.46 -0.57
N PRO A 128 -11.97 -25.12 -1.59
CA PRO A 128 -11.88 -26.57 -1.73
C PRO A 128 -10.52 -27.00 -2.28
N GLU A 129 -10.38 -28.26 -2.57
CA GLU A 129 -9.13 -28.84 -3.07
C GLU A 129 -8.81 -28.30 -4.46
N HIS A 130 -7.84 -27.45 -4.55
CA HIS A 130 -7.47 -26.86 -5.82
C HIS A 130 -6.44 -27.72 -6.50
N PHE A 131 -6.85 -28.43 -7.50
CA PHE A 131 -5.96 -29.32 -8.24
C PHE A 131 -5.76 -28.84 -9.67
N GLY A 132 -6.38 -27.74 -10.00
CA GLY A 132 -6.26 -27.19 -11.33
C GLY A 132 -7.60 -26.93 -11.93
N THR A 133 -7.62 -26.37 -13.10
CA THR A 133 -8.84 -26.09 -13.79
C THR A 133 -9.30 -27.33 -14.56
N PRO A 134 -10.62 -27.49 -14.77
CA PRO A 134 -11.20 -28.67 -15.44
C PRO A 134 -10.69 -28.87 -16.85
N VAL A 135 -10.29 -30.11 -17.13
CA VAL A 135 -9.73 -30.53 -18.42
C VAL A 135 -8.39 -29.88 -18.68
N ILE A 136 -7.37 -30.51 -18.19
CA ILE A 136 -6.03 -30.07 -18.47
C ILE A 136 -5.62 -30.60 -19.84
N GLY A 137 -5.75 -29.74 -20.81
CA GLY A 137 -5.47 -30.13 -22.16
C GLY A 137 -5.81 -29.04 -23.12
N LYS A 138 -5.60 -27.83 -22.70
CA LYS A 138 -5.83 -26.68 -23.51
C LYS A 138 -4.76 -25.63 -23.28
N LYS A 139 -3.65 -25.88 -23.91
CA LYS A 139 -2.49 -25.02 -23.97
C LYS A 139 -1.90 -25.26 -25.34
N THR A 140 -1.35 -24.25 -25.94
CA THR A 140 -0.86 -24.34 -27.28
C THR A 140 0.58 -24.83 -27.36
N ASN A 141 1.39 -24.52 -26.37
CA ASN A 141 2.78 -24.94 -26.41
C ASN A 141 2.97 -26.28 -25.72
N ARG A 142 3.28 -27.29 -26.50
CA ARG A 142 3.54 -28.62 -26.01
C ARG A 142 4.86 -29.09 -26.55
N GLY A 143 5.45 -30.06 -25.91
CA GLY A 143 6.71 -30.57 -26.36
C GLY A 143 7.23 -31.65 -25.48
N ARG A 144 6.54 -32.76 -25.47
CA ARG A 144 7.02 -33.90 -24.72
C ARG A 144 7.85 -34.75 -25.65
N ARG A 145 8.86 -35.41 -25.08
CA ARG A 145 9.76 -36.34 -25.79
C ARG A 145 10.71 -35.62 -26.76
N SER A 146 10.12 -34.94 -27.75
CA SER A 146 10.85 -34.17 -28.77
C SER A 146 11.89 -35.06 -29.49
N ASN A 147 11.64 -36.37 -29.48
CA ASN A 147 12.50 -37.44 -30.03
C ASN A 147 13.89 -37.48 -29.36
N HIS A 148 14.06 -36.74 -28.27
CA HIS A 148 15.35 -36.70 -27.60
C HIS A 148 15.51 -37.83 -26.62
N ILE A 149 14.42 -38.26 -26.06
CA ILE A 149 14.41 -39.32 -25.07
C ILE A 149 13.13 -40.10 -25.22
N PRO A 150 13.15 -41.45 -25.20
CA PRO A 150 11.93 -42.25 -25.27
C PRO A 150 11.10 -42.10 -23.97
N GLU A 151 10.31 -41.07 -23.93
CA GLU A 151 9.48 -40.75 -22.82
C GLU A 151 8.17 -40.26 -23.37
N MET A 1 1.24 10.94 -7.10
CA MET A 1 0.21 10.25 -7.87
C MET A 1 -1.16 10.63 -7.32
N LYS A 2 -1.38 10.41 -6.04
CA LYS A 2 -2.59 10.92 -5.41
C LYS A 2 -2.21 12.04 -4.49
N ALA A 3 -2.74 13.21 -4.76
CA ALA A 3 -2.49 14.36 -3.91
C ALA A 3 -3.32 14.23 -2.67
N LEU A 4 -4.51 13.65 -2.85
CA LEU A 4 -5.43 13.31 -1.78
C LEU A 4 -6.65 12.63 -2.38
N ASP A 5 -6.92 11.43 -1.94
CA ASP A 5 -8.12 10.72 -2.37
C ASP A 5 -9.19 11.00 -1.33
N GLU A 6 -8.71 11.21 -0.13
CA GLU A 6 -9.50 11.52 1.01
C GLU A 6 -9.04 12.88 1.53
N PRO A 7 -9.97 13.69 2.10
CA PRO A 7 -9.64 15.01 2.67
C PRO A 7 -8.43 15.05 3.67
N PRO A 8 -8.27 14.05 4.63
CA PRO A 8 -7.11 14.02 5.54
C PRO A 8 -5.75 14.12 4.83
N TYR A 9 -5.43 13.08 4.08
CA TYR A 9 -4.14 12.86 3.43
C TYR A 9 -2.96 12.79 4.41
N LEU A 10 -2.11 11.81 4.21
CA LEU A 10 -1.02 11.59 5.07
C LEU A 10 0.25 11.76 4.28
N THR A 11 1.24 12.30 4.91
CA THR A 11 2.51 12.49 4.27
C THR A 11 3.59 12.53 5.33
N VAL A 12 4.82 12.49 4.90
CA VAL A 12 5.99 12.43 5.78
C VAL A 12 6.00 13.58 6.79
N GLY A 13 6.05 13.24 8.06
CA GLY A 13 6.10 14.23 9.10
C GLY A 13 4.77 14.47 9.78
N THR A 14 3.72 13.90 9.23
CA THR A 14 2.41 14.04 9.82
C THR A 14 2.26 13.11 11.04
N ASP A 15 1.67 13.63 12.10
CA ASP A 15 1.42 12.86 13.31
C ASP A 15 0.02 12.27 13.22
N VAL A 16 -0.04 10.98 13.26
CA VAL A 16 -1.25 10.27 13.05
C VAL A 16 -1.61 9.42 14.23
N SER A 17 -2.85 9.19 14.38
CA SER A 17 -3.36 8.32 15.35
C SER A 17 -3.53 6.98 14.60
N ALA A 18 -2.83 5.97 15.03
CA ALA A 18 -2.82 4.72 14.30
C ALA A 18 -3.44 3.59 15.09
N LYS A 19 -4.17 2.75 14.41
CA LYS A 19 -4.73 1.57 15.01
C LYS A 19 -3.65 0.52 15.10
N TYR A 20 -3.12 0.34 16.27
CA TYR A 20 -2.12 -0.64 16.50
C TYR A 20 -2.76 -1.79 17.22
N ARG A 21 -2.92 -2.89 16.49
CA ARG A 21 -3.52 -4.13 16.98
C ARG A 21 -5.05 -3.95 17.20
N GLY A 22 -5.39 -3.12 18.18
CA GLY A 22 -6.76 -2.80 18.47
C GLY A 22 -6.89 -1.52 19.28
N ALA A 23 -5.81 -0.75 19.39
CA ALA A 23 -5.80 0.46 20.17
C ALA A 23 -5.12 1.54 19.38
N PHE A 24 -5.52 2.78 19.56
CA PHE A 24 -4.88 3.86 18.85
C PHE A 24 -3.68 4.38 19.56
N CYS A 25 -2.56 4.18 18.96
CA CYS A 25 -1.31 4.68 19.42
C CYS A 25 -0.93 5.81 18.49
N GLU A 26 -0.30 6.83 19.01
CA GLU A 26 0.10 7.92 18.17
C GLU A 26 1.34 7.53 17.42
N ALA A 27 1.41 7.95 16.20
CA ALA A 27 2.47 7.59 15.31
C ALA A 27 2.79 8.77 14.39
N LYS A 28 3.82 8.63 13.61
CA LYS A 28 4.24 9.66 12.67
C LYS A 28 4.72 9.04 11.40
N ILE A 29 4.35 9.65 10.29
CA ILE A 29 4.72 9.17 8.97
C ILE A 29 6.21 9.41 8.75
N LYS A 30 6.98 8.36 8.73
CA LYS A 30 8.38 8.50 8.44
C LYS A 30 8.62 8.28 6.98
N THR A 31 7.91 7.35 6.41
CA THR A 31 8.13 7.01 5.03
C THR A 31 6.80 6.62 4.40
N ALA A 32 6.69 6.80 3.12
CA ALA A 32 5.54 6.37 2.39
C ALA A 32 5.96 5.18 1.58
N LYS A 33 5.14 4.19 1.51
CA LYS A 33 5.46 3.05 0.75
C LYS A 33 4.40 2.89 -0.33
N ARG A 34 4.70 3.47 -1.47
CA ARG A 34 3.89 3.36 -2.67
C ARG A 34 3.55 1.90 -2.99
N LEU A 35 2.33 1.58 -2.79
CA LEU A 35 1.81 0.29 -3.10
C LEU A 35 0.70 0.40 -4.06
N VAL A 36 0.92 -0.05 -5.21
CA VAL A 36 -0.11 -0.13 -6.18
C VAL A 36 -0.14 -1.55 -6.61
N LYS A 37 -1.25 -2.22 -6.42
CA LYS A 37 -1.36 -3.55 -6.88
C LYS A 37 -1.82 -3.53 -8.28
N VAL A 38 -1.08 -4.15 -9.12
CA VAL A 38 -1.40 -4.22 -10.49
C VAL A 38 -2.02 -5.56 -10.70
N LYS A 39 -3.27 -5.55 -11.07
CA LYS A 39 -3.98 -6.76 -11.29
C LYS A 39 -3.85 -7.09 -12.75
N VAL A 40 -3.22 -8.19 -13.01
CA VAL A 40 -2.86 -8.59 -14.36
C VAL A 40 -3.36 -9.98 -14.68
N THR A 41 -3.75 -10.16 -15.89
CA THR A 41 -4.14 -11.45 -16.38
C THR A 41 -3.03 -12.02 -17.25
N PHE A 42 -2.44 -13.12 -16.81
CA PHE A 42 -1.35 -13.76 -17.51
C PHE A 42 -1.75 -14.23 -18.88
N ARG A 43 -0.92 -13.91 -19.85
CA ARG A 43 -1.18 -14.26 -21.24
C ARG A 43 -1.19 -15.77 -21.45
N HIS A 44 -0.31 -16.47 -20.74
CA HIS A 44 -0.17 -17.91 -20.98
C HIS A 44 -1.31 -18.76 -20.40
N ASP A 45 -1.94 -18.29 -19.31
CA ASP A 45 -2.93 -19.16 -18.62
C ASP A 45 -4.30 -18.52 -18.38
N SER A 46 -4.44 -17.22 -18.67
CA SER A 46 -5.71 -16.48 -18.50
C SER A 46 -6.11 -16.26 -17.03
N SER A 47 -5.22 -16.50 -16.11
CA SER A 47 -5.52 -16.28 -14.72
C SER A 47 -5.14 -14.84 -14.35
N THR A 48 -5.94 -14.24 -13.51
CA THR A 48 -5.76 -12.88 -13.11
C THR A 48 -5.16 -12.85 -11.70
N VAL A 49 -4.00 -12.25 -11.58
CA VAL A 49 -3.30 -12.17 -10.31
C VAL A 49 -3.11 -10.71 -9.93
N GLU A 50 -2.80 -10.46 -8.71
CA GLU A 50 -2.64 -9.11 -8.22
C GLU A 50 -1.29 -8.99 -7.52
N VAL A 51 -0.39 -8.20 -8.08
CA VAL A 51 0.97 -8.03 -7.50
C VAL A 51 1.41 -6.56 -7.69
N GLN A 52 2.18 -6.03 -6.74
CA GLN A 52 2.59 -4.61 -6.72
C GLN A 52 3.34 -4.10 -7.98
N ASP A 53 3.22 -2.80 -8.20
CA ASP A 53 3.80 -2.04 -9.33
C ASP A 53 5.28 -2.31 -9.56
N ASP A 54 5.98 -2.62 -8.50
CA ASP A 54 7.43 -2.85 -8.55
C ASP A 54 7.79 -4.01 -9.49
N HIS A 55 6.90 -4.97 -9.65
CA HIS A 55 7.24 -6.13 -10.45
C HIS A 55 6.87 -5.93 -11.93
N ILE A 56 6.41 -4.75 -12.27
CA ILE A 56 5.96 -4.48 -13.62
C ILE A 56 7.00 -3.74 -14.44
N LYS A 57 7.24 -4.25 -15.62
CA LYS A 57 8.05 -3.59 -16.61
C LYS A 57 7.17 -3.20 -17.78
N GLY A 58 6.80 -1.95 -17.80
CA GLY A 58 5.97 -1.42 -18.83
C GLY A 58 5.18 -0.25 -18.31
N PRO A 59 4.23 0.28 -19.07
CA PRO A 59 3.40 1.39 -18.63
C PRO A 59 2.18 0.92 -17.87
N LEU A 60 1.83 1.71 -16.92
CA LEU A 60 0.80 1.38 -16.00
C LEU A 60 -0.51 1.99 -16.40
N LYS A 61 -1.23 1.25 -17.19
CA LYS A 61 -2.53 1.64 -17.63
C LYS A 61 -3.32 0.41 -17.99
N VAL A 62 -4.60 0.46 -17.75
CA VAL A 62 -5.48 -0.66 -18.03
C VAL A 62 -5.55 -0.94 -19.52
N GLY A 63 -5.25 -2.16 -19.88
CA GLY A 63 -5.27 -2.56 -21.26
C GLY A 63 -3.89 -2.84 -21.80
N ALA A 64 -2.89 -2.38 -21.09
CA ALA A 64 -1.52 -2.53 -21.52
C ALA A 64 -0.98 -3.91 -21.19
N ILE A 65 -0.22 -4.46 -22.11
CA ILE A 65 0.46 -5.72 -21.89
C ILE A 65 1.80 -5.36 -21.30
N VAL A 66 2.13 -5.90 -20.17
CA VAL A 66 3.37 -5.55 -19.52
C VAL A 66 4.15 -6.78 -19.12
N GLU A 67 5.41 -6.56 -18.75
CA GLU A 67 6.26 -7.63 -18.32
C GLU A 67 6.13 -7.77 -16.83
N VAL A 68 5.70 -8.89 -16.44
CA VAL A 68 5.45 -9.23 -15.08
C VAL A 68 6.62 -10.04 -14.57
N LYS A 69 7.30 -9.53 -13.57
CA LYS A 69 8.39 -10.27 -13.02
C LYS A 69 7.84 -11.24 -12.03
N ASN A 70 8.05 -12.50 -12.29
CA ASN A 70 7.58 -13.55 -11.42
C ASN A 70 8.52 -13.68 -10.27
N LEU A 71 8.12 -14.39 -9.23
CA LEU A 71 8.99 -14.62 -8.07
C LEU A 71 10.24 -15.45 -8.46
N ASP A 72 10.16 -16.05 -9.64
CA ASP A 72 11.26 -16.82 -10.26
C ASP A 72 12.30 -15.86 -10.83
N GLY A 73 11.90 -14.61 -11.00
CA GLY A 73 12.76 -13.61 -11.58
C GLY A 73 12.56 -13.50 -13.09
N ALA A 74 11.60 -14.25 -13.59
CA ALA A 74 11.33 -14.29 -15.01
C ALA A 74 10.24 -13.33 -15.36
N TYR A 75 10.36 -12.67 -16.47
CA TYR A 75 9.33 -11.78 -16.89
C TYR A 75 8.40 -12.51 -17.82
N GLN A 76 7.15 -12.45 -17.53
CA GLN A 76 6.13 -13.08 -18.32
C GLN A 76 5.10 -12.00 -18.60
N GLU A 77 4.45 -12.02 -19.73
CA GLU A 77 3.58 -10.92 -20.05
C GLU A 77 2.18 -11.15 -19.57
N ALA A 78 1.56 -10.07 -19.19
CA ALA A 78 0.21 -10.08 -18.74
C ALA A 78 -0.45 -8.78 -19.07
N VAL A 79 -1.75 -8.77 -19.06
CA VAL A 79 -2.53 -7.57 -19.36
C VAL A 79 -2.88 -6.88 -18.06
N ILE A 80 -2.59 -5.60 -17.94
CA ILE A 80 -3.02 -4.84 -16.78
C ILE A 80 -4.51 -4.63 -16.87
N ASN A 81 -5.23 -5.13 -15.92
CA ASN A 81 -6.65 -5.02 -15.94
C ASN A 81 -7.14 -3.95 -14.99
N LYS A 82 -6.34 -3.65 -13.96
CA LYS A 82 -6.73 -2.64 -12.98
C LYS A 82 -5.53 -2.26 -12.10
N LEU A 83 -5.47 -1.00 -11.70
CA LEU A 83 -4.45 -0.51 -10.79
C LEU A 83 -5.12 -0.17 -9.47
N THR A 84 -4.79 -0.88 -8.44
CA THR A 84 -5.40 -0.69 -7.15
C THR A 84 -4.39 -0.10 -6.15
N ASP A 85 -4.61 1.13 -5.68
CA ASP A 85 -3.73 1.72 -4.67
C ASP A 85 -3.91 1.00 -3.35
N ALA A 86 -2.83 0.82 -2.65
CA ALA A 86 -2.83 0.22 -1.33
C ALA A 86 -1.63 0.76 -0.59
N SER A 87 -1.22 1.96 -0.95
CA SER A 87 -0.03 2.58 -0.42
C SER A 87 -0.01 2.64 1.11
N TRP A 88 1.05 2.08 1.67
CA TRP A 88 1.28 2.04 3.09
C TRP A 88 2.08 3.21 3.50
N TYR A 89 2.04 3.51 4.75
CA TYR A 89 2.86 4.54 5.28
C TYR A 89 3.62 3.99 6.46
N THR A 90 4.91 4.08 6.40
CA THR A 90 5.74 3.62 7.45
C THR A 90 5.67 4.65 8.54
N VAL A 91 5.12 4.26 9.62
CA VAL A 91 4.91 5.12 10.72
C VAL A 91 5.68 4.64 11.92
N VAL A 92 6.15 5.59 12.68
CA VAL A 92 6.80 5.31 13.93
C VAL A 92 5.81 5.64 15.02
N PHE A 93 5.53 4.68 15.82
CA PHE A 93 4.63 4.84 16.91
C PHE A 93 5.40 5.42 18.06
N ASP A 94 4.69 5.96 19.01
CA ASP A 94 5.33 6.51 20.20
C ASP A 94 5.56 5.41 21.23
N ASP A 95 5.35 4.21 20.75
CA ASP A 95 5.71 3.00 21.44
C ASP A 95 7.15 2.69 21.05
N GLY A 96 7.63 3.38 20.01
CA GLY A 96 8.93 3.14 19.46
C GLY A 96 8.87 2.10 18.37
N ASP A 97 7.67 1.64 18.11
CA ASP A 97 7.39 0.61 17.12
C ASP A 97 7.38 1.26 15.73
N GLU A 98 7.73 0.53 14.69
CA GLU A 98 7.68 1.05 13.32
C GLU A 98 7.05 0.04 12.40
N LYS A 99 6.07 0.47 11.62
CA LYS A 99 5.36 -0.41 10.66
C LYS A 99 4.73 0.39 9.55
N THR A 100 4.53 -0.24 8.42
CA THR A 100 3.80 0.35 7.34
C THR A 100 2.34 0.00 7.47
N LEU A 101 1.53 0.97 7.73
CA LEU A 101 0.11 0.76 7.81
C LEU A 101 -0.57 1.50 6.70
N ARG A 102 -1.65 0.97 6.22
CA ARG A 102 -2.41 1.60 5.20
C ARG A 102 -3.12 2.79 5.83
N ARG A 103 -3.24 3.88 5.08
CA ARG A 103 -3.85 5.13 5.55
C ARG A 103 -5.30 4.95 6.06
N SER A 104 -5.92 3.85 5.70
CA SER A 104 -7.24 3.51 6.16
C SER A 104 -7.24 3.06 7.65
N SER A 105 -6.06 2.70 8.17
CA SER A 105 -5.93 2.30 9.57
C SER A 105 -5.21 3.39 10.35
N LEU A 106 -4.98 4.48 9.67
CA LEU A 106 -4.32 5.62 10.21
C LEU A 106 -5.29 6.78 10.12
N CYS A 107 -5.20 7.68 11.02
CA CYS A 107 -6.01 8.86 10.98
C CYS A 107 -5.16 10.01 11.45
N LEU A 108 -5.43 11.21 10.98
CA LEU A 108 -4.66 12.36 11.42
C LEU A 108 -5.03 12.67 12.83
N LYS A 109 -4.01 13.03 13.58
CA LYS A 109 -4.08 13.33 14.99
C LYS A 109 -5.37 14.03 15.40
N GLY A 110 -6.17 13.38 16.21
CA GLY A 110 -7.43 13.93 16.61
C GLY A 110 -8.56 13.24 15.90
N GLU A 111 -8.57 11.95 15.98
CA GLU A 111 -9.59 11.15 15.36
C GLU A 111 -10.74 10.84 16.31
N ARG A 112 -11.76 10.23 15.79
CA ARG A 112 -12.93 9.85 16.55
C ARG A 112 -13.46 8.48 16.09
N HIS A 113 -12.64 7.73 15.38
CA HIS A 113 -13.06 6.44 14.85
C HIS A 113 -11.95 5.42 14.93
N PHE A 114 -12.27 4.29 15.51
CA PHE A 114 -11.30 3.26 15.80
C PHE A 114 -10.97 2.34 14.62
N ALA A 115 -11.75 2.44 13.53
CA ALA A 115 -11.49 1.69 12.28
C ALA A 115 -11.42 0.16 12.53
N GLU A 116 -12.19 -0.27 13.50
CA GLU A 116 -12.23 -1.67 13.88
C GLU A 116 -13.12 -2.43 12.92
N SER A 117 -12.51 -3.13 12.01
CA SER A 117 -13.22 -3.93 11.05
C SER A 117 -12.54 -5.27 10.97
N GLU A 118 -12.11 -5.71 12.13
CA GLU A 118 -11.38 -6.93 12.27
C GLU A 118 -12.38 -8.06 12.38
N THR A 119 -12.77 -8.61 11.25
CA THR A 119 -13.66 -9.73 11.24
C THR A 119 -13.15 -10.79 10.29
N LEU A 120 -12.22 -11.58 10.80
CA LEU A 120 -11.60 -12.70 10.10
C LEU A 120 -10.82 -12.25 8.86
N ASP A 121 -11.55 -12.11 7.74
CA ASP A 121 -11.04 -11.76 6.41
C ASP A 121 -9.77 -12.51 6.12
N GLN A 122 -9.92 -13.77 5.90
CA GLN A 122 -8.80 -14.62 5.71
C GLN A 122 -9.11 -15.63 4.64
N LEU A 123 -8.98 -15.21 3.42
CA LEU A 123 -9.17 -16.07 2.29
C LEU A 123 -7.86 -16.78 2.00
N PRO A 124 -7.88 -17.96 1.39
CA PRO A 124 -6.66 -18.67 1.07
C PRO A 124 -5.97 -18.09 -0.17
N LEU A 125 -4.80 -17.53 0.04
CA LEU A 125 -4.01 -17.04 -1.05
C LEU A 125 -2.98 -18.09 -1.39
N THR A 126 -3.31 -18.93 -2.33
CA THR A 126 -2.42 -19.96 -2.73
C THR A 126 -2.19 -19.86 -4.24
N ASN A 127 -1.28 -18.99 -4.59
CA ASN A 127 -0.93 -18.72 -5.96
C ASN A 127 0.19 -19.66 -6.37
N PRO A 128 0.16 -20.19 -7.61
CA PRO A 128 1.24 -21.04 -8.14
C PRO A 128 2.59 -20.36 -7.93
N GLU A 129 3.43 -20.99 -7.12
CA GLU A 129 4.71 -20.42 -6.68
C GLU A 129 5.79 -20.50 -7.75
N HIS A 130 5.40 -20.87 -8.93
CA HIS A 130 6.26 -20.94 -10.07
C HIS A 130 5.30 -21.00 -11.23
N PHE A 131 5.65 -20.42 -12.37
CA PHE A 131 4.74 -20.41 -13.49
C PHE A 131 4.65 -21.76 -14.20
N GLY A 132 3.84 -22.60 -13.64
CA GLY A 132 3.54 -23.91 -14.18
C GLY A 132 2.07 -24.12 -14.11
N THR A 133 1.36 -23.25 -14.77
CA THR A 133 -0.06 -23.24 -14.69
C THR A 133 -0.68 -23.51 -16.06
N PRO A 134 -1.27 -24.68 -16.25
CA PRO A 134 -1.99 -25.00 -17.44
C PRO A 134 -3.41 -24.42 -17.38
N VAL A 135 -3.95 -24.05 -18.51
CA VAL A 135 -5.28 -23.45 -18.57
C VAL A 135 -6.32 -24.48 -18.21
N ILE A 136 -6.20 -25.67 -18.84
CA ILE A 136 -7.11 -26.84 -18.69
C ILE A 136 -8.62 -26.51 -18.87
N GLY A 137 -8.86 -25.35 -19.45
CA GLY A 137 -10.18 -24.87 -19.69
C GLY A 137 -10.62 -25.22 -21.08
N LYS A 138 -11.20 -26.40 -21.19
CA LYS A 138 -11.74 -26.96 -22.45
C LYS A 138 -12.64 -25.94 -23.14
N LYS A 139 -13.47 -25.33 -22.34
CA LYS A 139 -14.37 -24.26 -22.68
C LYS A 139 -14.97 -23.86 -21.37
N THR A 140 -15.36 -24.89 -20.69
CA THR A 140 -15.84 -24.82 -19.36
C THR A 140 -15.34 -26.11 -18.72
N ASN A 141 -15.19 -26.16 -17.43
CA ASN A 141 -14.72 -27.38 -16.81
C ASN A 141 -15.58 -27.76 -15.63
N ARG A 142 -16.04 -26.72 -14.91
CA ARG A 142 -16.82 -26.88 -13.70
C ARG A 142 -15.98 -27.56 -12.62
N GLY A 143 -16.61 -28.03 -11.59
CA GLY A 143 -15.88 -28.63 -10.51
C GLY A 143 -15.48 -27.58 -9.54
N ARG A 144 -16.36 -26.63 -9.35
CA ARG A 144 -16.16 -25.52 -8.48
C ARG A 144 -17.22 -25.61 -7.42
N ARG A 145 -16.88 -25.27 -6.18
CA ARG A 145 -17.80 -25.24 -5.00
C ARG A 145 -18.17 -26.66 -4.52
N SER A 146 -18.21 -27.62 -5.46
CA SER A 146 -18.50 -29.05 -5.23
C SER A 146 -20.01 -29.30 -4.98
N ASN A 147 -20.71 -28.28 -4.46
CA ASN A 147 -22.15 -28.31 -4.11
C ASN A 147 -22.37 -29.30 -2.95
N HIS A 148 -21.34 -29.42 -2.16
CA HIS A 148 -21.32 -30.24 -0.98
C HIS A 148 -20.69 -29.40 0.09
N ILE A 149 -21.34 -29.28 1.21
CA ILE A 149 -20.87 -28.41 2.25
C ILE A 149 -19.84 -29.13 3.13
N PRO A 150 -18.67 -28.50 3.38
CA PRO A 150 -17.61 -29.08 4.23
C PRO A 150 -17.83 -28.77 5.73
N GLU A 151 -19.05 -28.49 6.08
CA GLU A 151 -19.42 -28.15 7.41
C GLU A 151 -20.31 -29.27 7.94
N MET A 1 5.74 7.87 -9.92
CA MET A 1 4.83 8.96 -9.58
C MET A 1 4.39 8.74 -8.13
N LYS A 2 3.37 9.42 -7.69
CA LYS A 2 2.87 9.32 -6.34
C LYS A 2 1.36 9.15 -6.39
N ALA A 3 0.75 8.99 -5.24
CA ALA A 3 -0.68 8.87 -5.15
C ALA A 3 -1.22 10.20 -4.67
N LEU A 4 -2.32 10.66 -5.29
CA LEU A 4 -3.00 11.93 -4.95
C LEU A 4 -2.11 13.14 -5.33
N ASP A 5 -2.60 14.34 -5.10
CA ASP A 5 -1.82 15.57 -5.33
C ASP A 5 -2.48 16.75 -4.68
N GLU A 6 -2.44 16.74 -3.39
CA GLU A 6 -2.96 17.82 -2.61
C GLU A 6 -1.77 18.51 -1.95
N PRO A 7 -1.87 19.85 -1.68
CA PRO A 7 -0.78 20.60 -1.04
C PRO A 7 -0.17 19.93 0.23
N PRO A 8 -0.98 19.47 1.24
CA PRO A 8 -0.42 18.76 2.38
C PRO A 8 -0.03 17.37 1.96
N TYR A 9 1.22 17.07 1.97
CA TYR A 9 1.60 15.77 1.55
C TYR A 9 2.40 15.07 2.60
N LEU A 10 2.22 13.78 2.67
CA LEU A 10 2.82 12.98 3.66
C LEU A 10 4.05 12.31 3.10
N THR A 11 5.12 12.43 3.82
CA THR A 11 6.38 11.88 3.43
C THR A 11 7.08 11.32 4.69
N VAL A 12 8.17 10.61 4.52
CA VAL A 12 8.95 10.09 5.62
C VAL A 12 9.44 11.26 6.50
N GLY A 13 9.06 11.24 7.77
CA GLY A 13 9.42 12.32 8.66
C GLY A 13 8.25 13.23 8.97
N THR A 14 7.16 13.10 8.23
CA THR A 14 5.99 13.89 8.47
C THR A 14 5.34 13.47 9.79
N ASP A 15 4.95 14.45 10.56
CA ASP A 15 4.29 14.23 11.81
C ASP A 15 2.80 14.32 11.56
N VAL A 16 2.10 13.26 11.78
CA VAL A 16 0.70 13.20 11.53
C VAL A 16 -0.05 12.81 12.79
N SER A 17 -1.33 12.81 12.72
CA SER A 17 -2.16 12.41 13.79
C SER A 17 -3.17 11.42 13.27
N ALA A 18 -3.46 10.44 14.06
CA ALA A 18 -4.41 9.43 13.69
C ALA A 18 -5.27 9.12 14.87
N LYS A 19 -6.52 8.82 14.63
CA LYS A 19 -7.39 8.46 15.70
C LYS A 19 -7.14 7.02 16.06
N TYR A 20 -6.43 6.84 17.14
CA TYR A 20 -6.10 5.56 17.65
C TYR A 20 -7.20 5.20 18.61
N ARG A 21 -8.02 4.24 18.18
CA ARG A 21 -9.19 3.76 18.90
C ARG A 21 -10.29 4.82 18.92
N GLY A 22 -10.07 5.86 19.70
CA GLY A 22 -11.01 6.94 19.77
C GLY A 22 -10.34 8.29 19.94
N ALA A 23 -9.03 8.32 20.07
CA ALA A 23 -8.33 9.57 20.32
C ALA A 23 -7.20 9.79 19.32
N PHE A 24 -7.05 11.02 18.86
CA PHE A 24 -5.99 11.36 17.93
C PHE A 24 -4.65 11.42 18.62
N CYS A 25 -3.79 10.52 18.25
CA CYS A 25 -2.45 10.46 18.78
C CYS A 25 -1.48 10.89 17.70
N GLU A 26 -0.29 11.30 18.11
CA GLU A 26 0.73 11.71 17.18
C GLU A 26 1.40 10.47 16.62
N ALA A 27 1.61 10.47 15.35
CA ALA A 27 2.25 9.39 14.67
C ALA A 27 3.17 9.97 13.63
N LYS A 28 4.31 9.39 13.44
CA LYS A 28 5.29 9.94 12.51
C LYS A 28 5.56 8.96 11.43
N ILE A 29 5.58 9.43 10.21
CA ILE A 29 5.82 8.57 9.08
C ILE A 29 7.26 8.16 9.04
N LYS A 30 7.48 6.91 9.23
CA LYS A 30 8.77 6.36 9.27
C LYS A 30 9.09 5.80 7.89
N THR A 31 8.08 5.32 7.21
CA THR A 31 8.29 4.73 5.90
C THR A 31 7.03 4.94 5.05
N ALA A 32 7.21 5.18 3.78
CA ALA A 32 6.11 5.31 2.88
C ALA A 32 6.09 4.10 2.00
N LYS A 33 4.96 3.47 1.86
CA LYS A 33 4.93 2.32 1.05
C LYS A 33 3.97 2.53 -0.09
N ARG A 34 4.51 2.90 -1.23
CA ARG A 34 3.69 3.07 -2.41
C ARG A 34 3.32 1.69 -2.92
N LEU A 35 2.07 1.38 -2.85
CA LEU A 35 1.57 0.12 -3.31
C LEU A 35 0.56 0.29 -4.38
N VAL A 36 0.93 -0.04 -5.56
CA VAL A 36 -0.02 -0.12 -6.60
C VAL A 36 -0.22 -1.59 -6.84
N LYS A 37 -1.38 -2.06 -6.51
CA LYS A 37 -1.72 -3.43 -6.71
C LYS A 37 -2.34 -3.59 -8.07
N VAL A 38 -1.57 -4.12 -8.94
CA VAL A 38 -1.96 -4.26 -10.30
C VAL A 38 -2.61 -5.60 -10.53
N LYS A 39 -3.82 -5.55 -11.02
CA LYS A 39 -4.51 -6.74 -11.42
C LYS A 39 -4.16 -7.03 -12.82
N VAL A 40 -3.46 -8.09 -12.99
CA VAL A 40 -2.96 -8.46 -14.28
C VAL A 40 -3.34 -9.87 -14.64
N THR A 41 -3.78 -10.02 -15.84
CA THR A 41 -4.11 -11.29 -16.37
C THR A 41 -2.89 -11.85 -17.06
N PHE A 42 -2.27 -12.87 -16.46
CA PHE A 42 -1.11 -13.54 -17.03
C PHE A 42 -1.48 -14.10 -18.37
N ARG A 43 -0.72 -13.81 -19.39
CA ARG A 43 -1.10 -14.30 -20.71
C ARG A 43 -0.74 -15.75 -20.91
N HIS A 44 0.14 -16.26 -20.08
CA HIS A 44 0.52 -17.67 -20.16
C HIS A 44 -0.53 -18.55 -19.49
N ASP A 45 -1.09 -18.06 -18.41
CA ASP A 45 -2.02 -18.88 -17.60
C ASP A 45 -3.45 -18.39 -17.65
N SER A 46 -3.65 -17.20 -18.18
CA SER A 46 -4.96 -16.55 -18.30
C SER A 46 -5.60 -16.23 -16.93
N SER A 47 -4.81 -16.32 -15.91
CA SER A 47 -5.25 -16.04 -14.58
C SER A 47 -4.98 -14.58 -14.22
N THR A 48 -5.96 -13.93 -13.64
CA THR A 48 -5.78 -12.59 -13.21
C THR A 48 -5.33 -12.61 -11.77
N VAL A 49 -4.15 -12.12 -11.56
CA VAL A 49 -3.56 -12.07 -10.26
C VAL A 49 -3.29 -10.64 -9.93
N GLU A 50 -3.00 -10.38 -8.71
CA GLU A 50 -2.71 -9.06 -8.31
C GLU A 50 -1.35 -9.04 -7.67
N VAL A 51 -0.48 -8.23 -8.22
CA VAL A 51 0.88 -8.16 -7.73
C VAL A 51 1.28 -6.73 -7.47
N GLN A 52 2.44 -6.56 -6.90
CA GLN A 52 2.97 -5.25 -6.62
C GLN A 52 3.50 -4.62 -7.91
N ASP A 53 3.37 -3.31 -8.00
CA ASP A 53 3.85 -2.48 -9.13
C ASP A 53 5.34 -2.71 -9.42
N ASP A 54 6.06 -3.11 -8.40
CA ASP A 54 7.50 -3.41 -8.47
C ASP A 54 7.81 -4.58 -9.41
N HIS A 55 6.79 -5.35 -9.75
CA HIS A 55 6.99 -6.50 -10.64
C HIS A 55 6.79 -6.09 -12.09
N ILE A 56 6.26 -4.91 -12.30
CA ILE A 56 5.85 -4.49 -13.61
C ILE A 56 6.91 -3.68 -14.33
N LYS A 57 7.18 -4.09 -15.57
CA LYS A 57 7.99 -3.31 -16.49
C LYS A 57 7.18 -2.99 -17.70
N GLY A 58 6.90 -1.74 -17.88
CA GLY A 58 6.12 -1.28 -18.97
C GLY A 58 5.24 -0.16 -18.53
N PRO A 59 4.33 0.31 -19.36
CA PRO A 59 3.44 1.39 -19.00
C PRO A 59 2.23 0.88 -18.20
N LEU A 60 2.01 1.45 -17.06
CA LEU A 60 0.92 1.06 -16.22
C LEU A 60 -0.35 1.74 -16.68
N LYS A 61 -1.02 1.09 -17.60
CA LYS A 61 -2.22 1.59 -18.18
C LYS A 61 -3.18 0.43 -18.34
N VAL A 62 -4.46 0.70 -18.28
CA VAL A 62 -5.47 -0.33 -18.45
C VAL A 62 -5.41 -0.89 -19.87
N GLY A 63 -5.30 -2.19 -19.97
CA GLY A 63 -5.25 -2.85 -21.24
C GLY A 63 -3.84 -2.96 -21.77
N ALA A 64 -2.89 -2.48 -21.00
CA ALA A 64 -1.50 -2.54 -21.40
C ALA A 64 -0.90 -3.89 -21.13
N ILE A 65 -0.10 -4.35 -22.07
CA ILE A 65 0.61 -5.59 -21.93
C ILE A 65 1.93 -5.26 -21.28
N VAL A 66 2.12 -5.72 -20.09
CA VAL A 66 3.31 -5.41 -19.35
C VAL A 66 4.06 -6.66 -18.98
N GLU A 67 5.28 -6.48 -18.59
CA GLU A 67 6.11 -7.58 -18.21
C GLU A 67 6.14 -7.68 -16.71
N VAL A 68 5.59 -8.77 -16.22
CA VAL A 68 5.51 -9.03 -14.81
C VAL A 68 6.61 -9.98 -14.42
N LYS A 69 7.47 -9.55 -13.55
CA LYS A 69 8.50 -10.43 -13.05
C LYS A 69 7.88 -11.42 -12.08
N ASN A 70 8.04 -12.67 -12.39
CA ASN A 70 7.55 -13.75 -11.55
C ASN A 70 8.54 -14.07 -10.47
N LEU A 71 8.19 -15.01 -9.61
CA LEU A 71 9.07 -15.44 -8.50
C LEU A 71 10.37 -16.04 -9.05
N ASP A 72 10.30 -16.55 -10.28
CA ASP A 72 11.46 -17.12 -10.99
C ASP A 72 12.38 -16.02 -11.46
N GLY A 73 11.90 -14.80 -11.39
CA GLY A 73 12.62 -13.67 -11.90
C GLY A 73 12.29 -13.44 -13.35
N ALA A 74 11.45 -14.32 -13.86
CA ALA A 74 11.13 -14.35 -15.27
C ALA A 74 9.97 -13.45 -15.55
N TYR A 75 10.10 -12.66 -16.57
CA TYR A 75 9.07 -11.74 -16.93
C TYR A 75 8.04 -12.40 -17.80
N GLN A 76 6.82 -12.28 -17.42
CA GLN A 76 5.74 -12.80 -18.20
C GLN A 76 4.87 -11.66 -18.61
N GLU A 77 4.48 -11.65 -19.85
CA GLU A 77 3.58 -10.64 -20.33
C GLU A 77 2.18 -10.86 -19.73
N ALA A 78 1.61 -9.82 -19.22
CA ALA A 78 0.30 -9.86 -18.66
C ALA A 78 -0.44 -8.58 -18.98
N VAL A 79 -1.74 -8.64 -18.92
CA VAL A 79 -2.57 -7.50 -19.27
C VAL A 79 -3.07 -6.82 -18.00
N ILE A 80 -2.79 -5.54 -17.84
CA ILE A 80 -3.30 -4.79 -16.70
C ILE A 80 -4.78 -4.53 -16.85
N ASN A 81 -5.56 -5.04 -15.92
CA ASN A 81 -6.99 -4.79 -15.92
C ASN A 81 -7.29 -3.57 -15.06
N LYS A 82 -6.72 -3.54 -13.86
CA LYS A 82 -7.02 -2.50 -12.91
C LYS A 82 -5.79 -2.13 -12.08
N LEU A 83 -5.62 -0.84 -11.85
CA LEU A 83 -4.59 -0.33 -10.97
C LEU A 83 -5.24 -0.02 -9.63
N THR A 84 -4.89 -0.75 -8.62
CA THR A 84 -5.48 -0.56 -7.32
C THR A 84 -4.51 0.22 -6.40
N ASP A 85 -4.93 1.36 -5.91
CA ASP A 85 -4.09 2.15 -5.01
C ASP A 85 -4.16 1.64 -3.60
N ALA A 86 -3.04 1.27 -3.08
CA ALA A 86 -2.95 0.78 -1.74
C ALA A 86 -1.75 1.41 -1.08
N SER A 87 -1.40 2.61 -1.52
CA SER A 87 -0.32 3.34 -0.94
C SER A 87 -0.63 3.63 0.53
N TRP A 88 0.23 3.17 1.40
CA TRP A 88 0.07 3.33 2.82
C TRP A 88 1.29 4.05 3.37
N TYR A 89 1.12 4.67 4.51
CA TYR A 89 2.20 5.36 5.17
C TYR A 89 2.43 4.72 6.52
N THR A 90 3.61 4.21 6.70
CA THR A 90 3.99 3.51 7.87
C THR A 90 4.43 4.51 8.91
N VAL A 91 3.68 4.58 9.97
CA VAL A 91 3.87 5.54 11.02
C VAL A 91 4.16 4.85 12.34
N VAL A 92 4.82 5.58 13.21
CA VAL A 92 5.06 5.13 14.55
C VAL A 92 4.33 6.04 15.51
N PHE A 93 3.57 5.47 16.37
CA PHE A 93 2.86 6.17 17.41
C PHE A 93 3.77 6.30 18.60
N ASP A 94 3.47 7.22 19.48
CA ASP A 94 4.36 7.52 20.62
C ASP A 94 4.33 6.39 21.66
N ASP A 95 3.32 5.53 21.57
CA ASP A 95 3.23 4.38 22.45
C ASP A 95 4.14 3.27 21.95
N GLY A 96 4.62 3.42 20.73
CA GLY A 96 5.51 2.44 20.17
C GLY A 96 4.88 1.58 19.10
N ASP A 97 3.65 1.88 18.72
CA ASP A 97 3.01 1.10 17.64
C ASP A 97 3.52 1.55 16.31
N GLU A 98 4.05 0.65 15.53
CA GLU A 98 4.43 0.99 14.19
C GLU A 98 3.51 0.23 13.27
N LYS A 99 2.89 0.92 12.35
CA LYS A 99 1.97 0.32 11.41
C LYS A 99 1.69 1.27 10.27
N THR A 100 1.18 0.77 9.19
CA THR A 100 0.98 1.58 8.04
C THR A 100 -0.53 1.84 7.77
N LEU A 101 -0.87 3.11 7.57
CA LEU A 101 -2.27 3.53 7.38
C LEU A 101 -2.46 4.26 6.04
N ARG A 102 -3.72 4.49 5.69
CA ARG A 102 -4.09 5.24 4.48
C ARG A 102 -3.98 6.74 4.76
N ARG A 103 -3.76 7.51 3.69
CA ARG A 103 -3.52 8.95 3.78
C ARG A 103 -4.75 9.63 4.40
N SER A 104 -5.91 9.20 3.99
CA SER A 104 -7.17 9.76 4.45
C SER A 104 -7.41 9.56 5.97
N SER A 105 -6.74 8.60 6.59
CA SER A 105 -6.93 8.36 8.00
C SER A 105 -5.89 9.12 8.81
N LEU A 106 -4.90 9.65 8.14
CA LEU A 106 -3.81 10.35 8.77
C LEU A 106 -3.92 11.84 8.50
N CYS A 107 -4.15 12.61 9.51
CA CYS A 107 -4.22 14.04 9.35
C CYS A 107 -2.87 14.67 9.73
N LEU A 108 -2.31 15.40 8.81
CA LEU A 108 -0.98 15.97 8.92
C LEU A 108 -0.96 17.13 9.91
N LYS A 109 0.02 17.12 10.76
CA LYS A 109 0.23 18.14 11.74
C LYS A 109 1.72 18.47 11.76
N GLY A 110 2.20 19.04 12.82
CA GLY A 110 3.59 19.33 12.87
C GLY A 110 3.83 20.75 13.17
N GLU A 111 3.38 21.13 14.35
CA GLU A 111 3.52 22.45 14.94
C GLU A 111 4.98 22.85 14.82
N ARG A 112 5.82 21.97 15.28
CA ARG A 112 7.22 22.03 15.11
C ARG A 112 7.71 20.64 15.35
N HIS A 113 8.20 20.01 14.30
CA HIS A 113 8.64 18.62 14.38
C HIS A 113 9.96 18.49 15.15
N PHE A 114 10.59 19.65 15.39
CA PHE A 114 11.80 19.78 16.18
C PHE A 114 13.04 19.22 15.51
N ALA A 115 14.15 19.60 16.03
CA ALA A 115 15.44 19.12 15.62
C ALA A 115 16.20 18.73 16.87
N GLU A 116 15.43 18.41 17.90
CA GLU A 116 15.94 18.09 19.20
C GLU A 116 16.43 16.67 19.24
N SER A 117 17.68 16.52 19.63
CA SER A 117 18.37 15.27 19.72
C SER A 117 18.53 14.67 18.31
N GLU A 118 19.60 15.06 17.66
CA GLU A 118 19.90 14.62 16.33
C GLU A 118 20.37 13.17 16.31
N THR A 119 20.71 12.66 17.46
CA THR A 119 21.07 11.29 17.61
C THR A 119 19.77 10.43 17.60
N LEU A 120 19.47 9.85 16.44
CA LEU A 120 18.28 9.04 16.28
C LEU A 120 18.54 7.68 16.89
N ASP A 121 19.68 7.14 16.57
CA ASP A 121 20.14 5.91 17.15
C ASP A 121 21.34 6.27 17.96
N GLN A 122 21.36 5.87 19.21
CA GLN A 122 22.37 6.32 20.13
C GLN A 122 23.73 5.67 19.86
N LEU A 123 24.54 6.41 19.14
CA LEU A 123 25.93 6.09 18.84
C LEU A 123 26.09 4.79 18.01
N PRO A 124 25.94 4.89 16.69
CA PRO A 124 26.20 3.80 15.79
C PRO A 124 27.69 3.78 15.46
N LEU A 125 28.45 3.05 16.23
CA LEU A 125 29.89 3.02 16.07
C LEU A 125 30.25 2.18 14.86
N THR A 126 29.64 1.00 14.77
CA THR A 126 29.85 0.05 13.69
C THR A 126 31.30 -0.48 13.62
N ASN A 127 31.50 -1.65 14.19
CA ASN A 127 32.80 -2.30 14.19
C ASN A 127 32.98 -3.11 12.92
N PRO A 128 33.96 -2.74 12.07
CA PRO A 128 34.24 -3.44 10.81
C PRO A 128 34.87 -4.83 11.03
N GLU A 129 35.20 -5.16 12.29
CA GLU A 129 35.79 -6.47 12.65
C GLU A 129 34.79 -7.60 12.44
N HIS A 130 33.55 -7.25 12.15
CA HIS A 130 32.49 -8.23 11.99
C HIS A 130 32.66 -9.04 10.68
N PHE A 131 33.46 -10.09 10.76
CA PHE A 131 33.66 -11.04 9.65
C PHE A 131 34.27 -12.35 10.15
N GLY A 132 34.03 -12.64 11.41
CA GLY A 132 34.51 -13.85 12.03
C GLY A 132 33.42 -14.92 12.03
N THR A 133 33.70 -16.06 12.60
CA THR A 133 32.76 -17.14 12.65
C THR A 133 33.13 -18.16 13.75
N PRO A 134 32.15 -18.66 14.50
CA PRO A 134 32.37 -19.71 15.50
C PRO A 134 32.36 -21.11 14.85
N VAL A 135 32.02 -21.14 13.56
CA VAL A 135 31.91 -22.35 12.75
C VAL A 135 30.77 -23.25 13.24
N ILE A 136 29.67 -23.19 12.55
CA ILE A 136 28.53 -24.03 12.85
C ILE A 136 28.42 -25.13 11.78
N GLY A 137 28.49 -26.36 12.21
CA GLY A 137 28.49 -27.47 11.28
C GLY A 137 27.13 -27.74 10.68
N LYS A 138 26.09 -27.62 11.50
CA LYS A 138 24.70 -27.90 11.12
C LYS A 138 24.57 -29.38 10.76
N LYS A 139 24.28 -30.18 11.76
CA LYS A 139 24.19 -31.62 11.63
C LYS A 139 23.11 -32.04 10.62
N THR A 140 23.55 -32.68 9.56
CA THR A 140 22.67 -33.13 8.52
C THR A 140 22.93 -34.63 8.24
N ASN A 141 23.70 -35.27 9.14
CA ASN A 141 23.94 -36.73 9.07
C ASN A 141 22.61 -37.44 9.14
N ARG A 142 21.77 -36.94 9.99
CA ARG A 142 20.39 -37.27 10.04
C ARG A 142 19.64 -35.98 9.97
N GLY A 143 20.05 -35.08 10.83
CA GLY A 143 19.46 -33.79 10.90
C GLY A 143 19.21 -33.45 12.33
N ARG A 144 18.01 -33.06 12.60
CA ARG A 144 17.55 -32.70 13.90
C ARG A 144 16.04 -32.68 13.79
N ARG A 145 15.35 -32.53 14.87
CA ARG A 145 13.90 -32.52 14.82
C ARG A 145 13.42 -31.12 14.41
N SER A 146 12.70 -31.04 13.32
CA SER A 146 12.21 -29.77 12.82
C SER A 146 10.69 -29.69 13.00
N ASN A 147 10.16 -30.61 13.80
CA ASN A 147 8.72 -30.71 14.03
C ASN A 147 8.20 -29.52 14.87
N HIS A 148 8.11 -28.40 14.20
CA HIS A 148 7.59 -27.14 14.68
C HIS A 148 7.01 -26.40 13.50
N ILE A 149 7.63 -26.61 12.31
CA ILE A 149 7.12 -26.06 11.08
C ILE A 149 6.90 -27.19 10.07
N PRO A 150 5.73 -27.83 10.10
CA PRO A 150 5.37 -28.86 9.12
C PRO A 150 5.00 -28.23 7.78
N GLU A 151 4.49 -27.00 7.86
CA GLU A 151 4.08 -26.17 6.73
C GLU A 151 3.01 -26.88 5.89
N MET A 1 -15.80 6.78 0.10
CA MET A 1 -15.41 7.77 1.09
C MET A 1 -16.27 7.58 2.31
N LYS A 2 -15.81 8.01 3.46
CA LYS A 2 -16.61 7.93 4.67
C LYS A 2 -17.11 9.30 5.08
N ALA A 3 -16.71 10.29 4.32
CA ALA A 3 -17.12 11.63 4.55
C ALA A 3 -17.18 12.32 3.21
N LEU A 4 -17.65 13.54 3.18
CA LEU A 4 -17.69 14.31 1.95
C LEU A 4 -16.39 15.11 1.82
N ASP A 5 -15.35 14.48 2.26
CA ASP A 5 -14.02 14.98 2.27
C ASP A 5 -13.10 13.79 2.07
N GLU A 6 -12.09 13.98 1.27
CA GLU A 6 -11.12 12.95 0.98
C GLU A 6 -10.37 12.52 2.22
N PRO A 7 -9.98 11.22 2.30
CA PRO A 7 -9.03 10.78 3.31
C PRO A 7 -7.83 11.72 3.19
N PRO A 8 -7.53 12.42 4.27
CA PRO A 8 -6.65 13.58 4.23
C PRO A 8 -5.17 13.31 4.00
N TYR A 9 -4.44 14.38 4.08
CA TYR A 9 -3.02 14.41 3.98
C TYR A 9 -2.40 13.78 5.19
N LEU A 10 -1.60 12.82 4.94
CA LEU A 10 -0.91 12.08 5.95
C LEU A 10 0.57 12.00 5.56
N THR A 11 1.45 12.08 6.53
CA THR A 11 2.89 11.98 6.29
C THR A 11 3.56 11.39 7.55
N VAL A 12 4.79 10.94 7.42
CA VAL A 12 5.55 10.34 8.51
C VAL A 12 5.70 11.33 9.67
N GLY A 13 5.44 10.86 10.86
CA GLY A 13 5.55 11.66 12.05
C GLY A 13 4.20 12.07 12.59
N THR A 14 3.23 12.15 11.73
CA THR A 14 1.89 12.55 12.10
C THR A 14 1.15 11.39 12.80
N ASP A 15 0.33 11.73 13.78
CA ASP A 15 -0.47 10.75 14.48
C ASP A 15 -1.85 10.61 13.83
N VAL A 16 -2.35 9.43 13.85
CA VAL A 16 -3.66 9.11 13.37
C VAL A 16 -4.33 8.19 14.37
N SER A 17 -5.58 7.96 14.22
CA SER A 17 -6.27 7.04 15.08
C SER A 17 -7.05 6.07 14.24
N ALA A 18 -7.01 4.82 14.65
CA ALA A 18 -7.72 3.78 13.98
C ALA A 18 -8.26 2.82 15.00
N LYS A 19 -9.25 2.06 14.62
CA LYS A 19 -9.80 1.06 15.48
C LYS A 19 -9.03 -0.23 15.23
N TYR A 20 -8.16 -0.52 16.15
CA TYR A 20 -7.28 -1.64 16.08
C TYR A 20 -7.83 -2.71 16.99
N ARG A 21 -8.20 -3.83 16.40
CA ARG A 21 -8.83 -4.98 17.07
C ARG A 21 -10.02 -4.62 17.96
N GLY A 22 -10.72 -3.57 17.56
CA GLY A 22 -11.90 -3.17 18.25
C GLY A 22 -11.74 -1.92 19.07
N ALA A 23 -10.52 -1.55 19.40
CA ALA A 23 -10.29 -0.40 20.25
C ALA A 23 -9.48 0.67 19.54
N PHE A 24 -9.69 1.91 19.88
CA PHE A 24 -8.97 3.00 19.27
C PHE A 24 -7.55 3.09 19.75
N CYS A 25 -6.67 3.10 18.81
CA CYS A 25 -5.29 3.29 19.06
C CYS A 25 -4.81 4.47 18.23
N GLU A 26 -4.05 5.33 18.87
CA GLU A 26 -3.46 6.44 18.21
C GLU A 26 -2.08 6.02 17.80
N ALA A 27 -1.84 6.04 16.54
CA ALA A 27 -0.61 5.54 15.99
C ALA A 27 -0.01 6.57 15.10
N LYS A 28 1.28 6.58 14.99
CA LYS A 28 1.93 7.61 14.20
C LYS A 28 2.54 6.99 12.98
N ILE A 29 2.47 7.70 11.90
CA ILE A 29 2.99 7.24 10.64
C ILE A 29 4.49 7.19 10.72
N LYS A 30 5.01 6.02 10.63
CA LYS A 30 6.41 5.80 10.70
C LYS A 30 6.95 5.59 9.27
N THR A 31 6.10 5.13 8.35
CA THR A 31 6.52 4.92 6.97
C THR A 31 5.30 5.07 6.04
N ALA A 32 5.50 5.45 4.80
CA ALA A 32 4.41 5.51 3.84
C ALA A 32 4.65 4.46 2.77
N LYS A 33 3.69 3.61 2.55
CA LYS A 33 3.86 2.55 1.62
C LYS A 33 2.82 2.63 0.53
N ARG A 34 3.15 3.32 -0.51
CA ARG A 34 2.26 3.40 -1.61
C ARG A 34 2.59 2.32 -2.59
N LEU A 35 1.73 1.38 -2.68
CA LEU A 35 1.90 0.30 -3.59
C LEU A 35 0.81 0.38 -4.60
N VAL A 36 1.14 0.30 -5.82
CA VAL A 36 0.13 0.29 -6.81
C VAL A 36 -0.13 -1.14 -7.16
N LYS A 37 -1.30 -1.60 -6.88
CA LYS A 37 -1.65 -2.95 -7.15
C LYS A 37 -2.17 -3.05 -8.53
N VAL A 38 -1.53 -3.82 -9.30
CA VAL A 38 -1.86 -3.97 -10.66
C VAL A 38 -2.50 -5.33 -10.82
N LYS A 39 -3.74 -5.33 -11.19
CA LYS A 39 -4.45 -6.54 -11.45
C LYS A 39 -4.11 -6.97 -12.84
N VAL A 40 -3.40 -8.02 -12.95
CA VAL A 40 -2.94 -8.46 -14.22
C VAL A 40 -3.44 -9.83 -14.53
N THR A 41 -3.81 -10.03 -15.73
CA THR A 41 -4.16 -11.30 -16.20
C THR A 41 -3.01 -11.82 -17.00
N PHE A 42 -2.35 -12.84 -16.46
CA PHE A 42 -1.23 -13.45 -17.11
C PHE A 42 -1.66 -13.98 -18.44
N ARG A 43 -0.95 -13.63 -19.45
CA ARG A 43 -1.29 -14.09 -20.76
C ARG A 43 -0.88 -15.54 -20.94
N HIS A 44 0.22 -15.91 -20.31
CA HIS A 44 0.70 -17.29 -20.39
C HIS A 44 -0.02 -18.21 -19.43
N ASP A 45 -0.27 -17.75 -18.20
CA ASP A 45 -0.85 -18.62 -17.18
C ASP A 45 -2.36 -18.43 -17.08
N SER A 46 -2.86 -17.38 -17.74
CA SER A 46 -4.30 -17.06 -17.86
C SER A 46 -4.98 -16.66 -16.53
N SER A 47 -4.23 -16.55 -15.48
CA SER A 47 -4.78 -16.20 -14.20
C SER A 47 -4.71 -14.70 -13.96
N THR A 48 -5.72 -14.18 -13.33
CA THR A 48 -5.73 -12.81 -12.96
C THR A 48 -5.20 -12.71 -11.52
N VAL A 49 -4.10 -12.05 -11.36
CA VAL A 49 -3.43 -11.96 -10.09
C VAL A 49 -3.22 -10.50 -9.70
N GLU A 50 -2.86 -10.30 -8.47
CA GLU A 50 -2.64 -8.99 -7.94
C GLU A 50 -1.15 -8.83 -7.70
N VAL A 51 -0.52 -7.98 -8.46
CA VAL A 51 0.90 -7.79 -8.35
C VAL A 51 1.19 -6.36 -7.95
N GLN A 52 2.11 -6.18 -7.03
CA GLN A 52 2.56 -4.86 -6.68
C GLN A 52 3.43 -4.31 -7.79
N ASP A 53 3.25 -3.03 -8.09
CA ASP A 53 3.87 -2.34 -9.24
C ASP A 53 5.38 -2.52 -9.35
N ASP A 54 6.06 -2.81 -8.26
CA ASP A 54 7.53 -2.94 -8.29
C ASP A 54 7.96 -4.18 -9.13
N HIS A 55 7.03 -5.12 -9.32
CA HIS A 55 7.29 -6.30 -10.16
C HIS A 55 6.81 -6.07 -11.57
N ILE A 56 6.19 -4.95 -11.79
CA ILE A 56 5.62 -4.62 -13.06
C ILE A 56 6.52 -3.67 -13.81
N LYS A 57 7.04 -4.14 -14.90
CA LYS A 57 7.86 -3.33 -15.75
C LYS A 57 7.13 -3.06 -17.04
N GLY A 58 6.95 -1.81 -17.36
CA GLY A 58 6.26 -1.44 -18.57
C GLY A 58 5.42 -0.22 -18.35
N PRO A 59 4.50 0.08 -19.25
CA PRO A 59 3.60 1.19 -19.11
C PRO A 59 2.32 0.79 -18.38
N LEU A 60 2.07 1.43 -17.27
CA LEU A 60 0.93 1.09 -16.44
C LEU A 60 -0.34 1.77 -16.91
N LYS A 61 -1.08 1.07 -17.75
CA LYS A 61 -2.39 1.51 -18.25
C LYS A 61 -3.28 0.32 -18.27
N VAL A 62 -4.54 0.51 -17.97
CA VAL A 62 -5.50 -0.55 -18.13
C VAL A 62 -5.61 -0.90 -19.61
N GLY A 63 -5.38 -2.14 -19.95
CA GLY A 63 -5.41 -2.57 -21.32
C GLY A 63 -4.02 -2.80 -21.85
N ALA A 64 -3.03 -2.21 -21.19
CA ALA A 64 -1.65 -2.37 -21.61
C ALA A 64 -1.06 -3.68 -21.09
N ILE A 65 -0.17 -4.24 -21.86
CA ILE A 65 0.52 -5.44 -21.49
C ILE A 65 1.85 -5.06 -20.86
N VAL A 66 2.07 -5.55 -19.70
CA VAL A 66 3.28 -5.30 -18.99
C VAL A 66 4.02 -6.57 -18.74
N GLU A 67 5.21 -6.42 -18.22
CA GLU A 67 6.05 -7.51 -17.93
C GLU A 67 6.07 -7.71 -16.45
N VAL A 68 5.59 -8.84 -16.04
CA VAL A 68 5.51 -9.17 -14.66
C VAL A 68 6.68 -10.05 -14.30
N LYS A 69 7.57 -9.54 -13.47
CA LYS A 69 8.66 -10.33 -12.99
C LYS A 69 8.08 -11.32 -12.01
N ASN A 70 8.00 -12.53 -12.44
CA ASN A 70 7.34 -13.55 -11.66
C ASN A 70 8.31 -14.41 -10.89
N LEU A 71 7.74 -15.38 -10.17
CA LEU A 71 8.43 -16.29 -9.23
C LEU A 71 9.64 -17.01 -9.86
N ASP A 72 9.56 -17.29 -11.15
CA ASP A 72 10.65 -17.98 -11.84
C ASP A 72 11.84 -17.04 -12.05
N GLY A 73 11.58 -15.75 -11.88
CA GLY A 73 12.58 -14.73 -12.10
C GLY A 73 12.53 -14.25 -13.52
N ALA A 74 11.44 -14.56 -14.16
CA ALA A 74 11.26 -14.27 -15.55
C ALA A 74 10.21 -13.21 -15.69
N TYR A 75 10.16 -12.55 -16.80
CA TYR A 75 9.11 -11.62 -17.06
C TYR A 75 8.02 -12.29 -17.84
N GLN A 76 6.80 -12.09 -17.44
CA GLN A 76 5.71 -12.69 -18.16
C GLN A 76 4.77 -11.62 -18.68
N GLU A 77 4.34 -11.77 -19.92
CA GLU A 77 3.35 -10.90 -20.53
C GLU A 77 2.04 -11.00 -19.76
N ALA A 78 1.55 -9.90 -19.29
CA ALA A 78 0.26 -9.87 -18.65
C ALA A 78 -0.45 -8.59 -18.94
N VAL A 79 -1.75 -8.66 -19.04
CA VAL A 79 -2.56 -7.50 -19.37
C VAL A 79 -3.01 -6.83 -18.09
N ILE A 80 -2.83 -5.53 -17.99
CA ILE A 80 -3.33 -4.78 -16.87
C ILE A 80 -4.84 -4.64 -17.00
N ASN A 81 -5.54 -5.24 -16.10
CA ASN A 81 -6.99 -5.22 -16.09
C ASN A 81 -7.50 -4.11 -15.18
N LYS A 82 -6.75 -3.83 -14.13
CA LYS A 82 -7.17 -2.82 -13.17
C LYS A 82 -5.97 -2.32 -12.38
N LEU A 83 -6.02 -1.06 -12.02
CA LEU A 83 -5.00 -0.45 -11.19
C LEU A 83 -5.65 -0.06 -9.87
N THR A 84 -5.01 -0.37 -8.79
CA THR A 84 -5.52 -0.03 -7.50
C THR A 84 -4.44 0.63 -6.64
N ASP A 85 -4.59 1.90 -6.40
CA ASP A 85 -3.69 2.66 -5.54
C ASP A 85 -3.83 2.21 -4.12
N ALA A 86 -2.86 1.53 -3.63
CA ALA A 86 -2.88 1.09 -2.27
C ALA A 86 -1.88 1.90 -1.48
N SER A 87 -2.26 3.12 -1.22
CA SER A 87 -1.48 3.95 -0.39
C SER A 87 -1.76 3.66 1.07
N TRP A 88 -0.93 2.84 1.60
CA TRP A 88 -1.01 2.45 2.95
C TRP A 88 -0.01 3.24 3.73
N TYR A 89 -0.36 3.60 4.90
CA TYR A 89 0.51 4.33 5.76
C TYR A 89 0.85 3.47 6.93
N THR A 90 2.12 3.25 7.10
CA THR A 90 2.64 2.39 8.09
C THR A 90 2.74 3.15 9.37
N VAL A 91 1.97 2.75 10.31
CA VAL A 91 1.89 3.42 11.57
C VAL A 91 2.40 2.54 12.68
N VAL A 92 3.01 3.18 13.66
CA VAL A 92 3.46 2.50 14.84
C VAL A 92 2.49 2.78 15.97
N PHE A 93 2.10 1.73 16.61
CA PHE A 93 1.14 1.74 17.68
C PHE A 93 1.88 1.73 19.00
N ASP A 94 1.15 1.86 20.10
CA ASP A 94 1.76 1.96 21.45
C ASP A 94 2.30 0.62 21.89
N ASP A 95 1.83 -0.41 21.23
CA ASP A 95 2.26 -1.78 21.47
C ASP A 95 3.67 -1.99 20.91
N GLY A 96 4.10 -1.06 20.08
CA GLY A 96 5.37 -1.19 19.42
C GLY A 96 5.19 -1.88 18.11
N ASP A 97 3.94 -2.12 17.78
CA ASP A 97 3.58 -2.73 16.52
C ASP A 97 3.59 -1.73 15.41
N GLU A 98 4.00 -2.16 14.26
CA GLU A 98 3.95 -1.32 13.09
C GLU A 98 3.25 -2.08 12.01
N LYS A 99 2.26 -1.45 11.40
CA LYS A 99 1.54 -2.04 10.27
C LYS A 99 1.04 -0.94 9.37
N THR A 100 0.73 -1.27 8.15
CA THR A 100 0.40 -0.28 7.19
C THR A 100 -1.07 -0.40 6.72
N LEU A 101 -1.83 0.67 6.96
CA LEU A 101 -3.26 0.69 6.65
C LEU A 101 -3.56 1.81 5.66
N ARG A 102 -4.59 1.63 4.87
CA ARG A 102 -5.03 2.58 3.87
C ARG A 102 -5.44 3.89 4.54
N ARG A 103 -5.09 5.01 3.90
CA ARG A 103 -5.41 6.40 4.37
C ARG A 103 -6.89 6.59 4.75
N SER A 104 -7.75 5.83 4.14
CA SER A 104 -9.18 5.93 4.33
C SER A 104 -9.63 5.32 5.66
N SER A 105 -8.86 4.36 6.16
CA SER A 105 -9.20 3.68 7.40
C SER A 105 -8.63 4.45 8.58
N LEU A 106 -7.74 5.36 8.30
CA LEU A 106 -7.09 6.12 9.31
C LEU A 106 -7.79 7.46 9.47
N CYS A 107 -7.91 7.92 10.67
CA CYS A 107 -8.45 9.22 10.91
C CYS A 107 -7.31 10.10 11.39
N LEU A 108 -7.12 11.21 10.74
CA LEU A 108 -6.00 12.08 11.00
C LEU A 108 -6.14 12.84 12.32
N LYS A 109 -5.08 12.80 13.11
CA LYS A 109 -4.98 13.65 14.26
C LYS A 109 -3.73 14.47 14.13
N GLY A 110 -3.83 15.49 13.34
CA GLY A 110 -2.70 16.32 13.10
C GLY A 110 -2.42 17.22 14.27
N GLU A 111 -3.49 17.88 14.73
CA GLU A 111 -3.45 18.91 15.76
C GLU A 111 -2.78 20.15 15.19
N ARG A 112 -3.40 21.30 15.43
CA ARG A 112 -3.09 22.52 14.71
C ARG A 112 -3.51 22.36 13.28
N HIS A 113 -4.68 22.88 13.03
CA HIS A 113 -5.45 22.77 11.82
C HIS A 113 -6.31 21.52 11.89
N PHE A 114 -7.41 21.68 12.56
CA PHE A 114 -8.40 20.63 12.77
C PHE A 114 -9.42 20.77 11.61
N ALA A 115 -10.67 20.35 11.82
CA ALA A 115 -11.77 20.54 10.87
C ALA A 115 -11.84 22.02 10.48
N GLU A 116 -11.58 22.88 11.48
CA GLU A 116 -11.37 24.32 11.33
C GLU A 116 -12.64 25.08 10.94
N SER A 117 -13.16 24.80 9.78
CA SER A 117 -14.33 25.45 9.26
C SER A 117 -15.60 24.83 9.88
N GLU A 118 -15.74 25.00 11.16
CA GLU A 118 -16.86 24.48 11.89
C GLU A 118 -17.96 25.52 11.87
N THR A 119 -18.78 25.44 10.86
CA THR A 119 -19.88 26.35 10.67
C THR A 119 -20.98 25.62 9.94
N LEU A 120 -22.15 25.57 10.56
CA LEU A 120 -23.31 24.87 10.04
C LEU A 120 -23.03 23.38 9.92
N ASP A 121 -23.45 22.64 10.92
CA ASP A 121 -23.19 21.20 11.01
C ASP A 121 -24.24 20.42 10.20
N GLN A 122 -24.89 21.14 9.34
CA GLN A 122 -25.85 20.60 8.43
C GLN A 122 -25.21 20.60 7.04
N LEU A 123 -25.56 19.62 6.24
CA LEU A 123 -25.05 19.55 4.89
C LEU A 123 -26.10 20.21 3.97
N PRO A 124 -25.68 21.09 3.03
CA PRO A 124 -26.62 21.76 2.12
C PRO A 124 -27.17 20.79 1.06
N LEU A 125 -28.13 20.01 1.47
CA LEU A 125 -28.78 19.05 0.62
C LEU A 125 -30.17 18.75 1.11
N THR A 126 -31.03 18.38 0.20
CA THR A 126 -32.38 18.03 0.54
C THR A 126 -32.44 16.53 0.85
N ASN A 127 -31.61 15.78 0.16
CA ASN A 127 -31.54 14.36 0.34
C ASN A 127 -30.09 13.98 0.61
N PRO A 128 -29.81 13.28 1.72
CA PRO A 128 -28.47 12.83 2.04
C PRO A 128 -27.99 11.72 1.09
N GLU A 129 -27.38 12.15 0.01
CA GLU A 129 -26.87 11.26 -0.99
C GLU A 129 -25.66 11.92 -1.65
N HIS A 130 -24.84 11.09 -2.27
CA HIS A 130 -23.59 11.46 -2.97
C HIS A 130 -22.84 10.16 -3.15
N PHE A 131 -23.09 9.29 -2.21
CA PHE A 131 -22.59 7.95 -2.21
C PHE A 131 -23.76 7.07 -1.87
N GLY A 132 -23.67 5.83 -2.20
CA GLY A 132 -24.71 4.89 -1.87
C GLY A 132 -24.18 3.88 -0.92
N THR A 133 -24.47 4.07 0.34
CA THR A 133 -24.00 3.19 1.36
C THR A 133 -24.72 1.84 1.31
N PRO A 134 -23.96 0.71 1.30
CA PRO A 134 -24.55 -0.63 1.28
C PRO A 134 -25.07 -1.03 2.66
N VAL A 135 -24.60 -0.31 3.67
CA VAL A 135 -24.99 -0.59 5.03
C VAL A 135 -26.26 0.20 5.33
N ILE A 136 -27.35 -0.33 4.88
CA ILE A 136 -28.63 0.29 5.11
C ILE A 136 -29.28 -0.42 6.28
N GLY A 137 -29.74 0.36 7.23
CA GLY A 137 -30.34 -0.21 8.39
C GLY A 137 -29.33 -0.30 9.51
N LYS A 138 -28.40 0.62 9.52
CA LYS A 138 -27.39 0.66 10.56
C LYS A 138 -27.99 1.16 11.86
N LYS A 139 -28.19 0.25 12.75
CA LYS A 139 -28.76 0.53 14.02
C LYS A 139 -27.75 0.18 15.09
N THR A 140 -26.81 1.06 15.27
CA THR A 140 -25.78 0.89 16.24
C THR A 140 -26.36 1.26 17.61
N ASN A 141 -26.62 0.26 18.42
CA ASN A 141 -27.28 0.44 19.71
C ASN A 141 -26.39 1.05 20.77
N ARG A 142 -26.03 2.29 20.56
CA ARG A 142 -25.25 3.09 21.47
C ARG A 142 -25.75 4.51 21.42
N GLY A 143 -26.06 4.95 20.22
CA GLY A 143 -26.58 6.27 20.03
C GLY A 143 -25.80 6.99 18.96
N ARG A 144 -26.49 7.75 18.15
CA ARG A 144 -25.84 8.51 17.11
C ARG A 144 -24.98 9.60 17.71
N ARG A 145 -25.51 10.26 18.78
CA ARG A 145 -24.84 11.33 19.55
C ARG A 145 -24.34 12.46 18.61
N SER A 146 -23.13 12.30 18.04
CA SER A 146 -22.59 13.17 16.99
C SER A 146 -22.42 14.64 17.41
N ASN A 147 -22.24 14.90 18.68
CA ASN A 147 -22.05 16.28 19.11
C ASN A 147 -20.57 16.55 19.33
N HIS A 148 -19.86 15.45 19.61
CA HIS A 148 -18.39 15.41 19.82
C HIS A 148 -17.99 16.10 21.12
N ILE A 149 -18.33 17.35 21.24
CA ILE A 149 -18.00 18.13 22.39
C ILE A 149 -18.96 17.77 23.52
N PRO A 150 -18.47 17.29 24.65
CA PRO A 150 -19.31 17.01 25.80
C PRO A 150 -19.75 18.33 26.44
N GLU A 151 -20.98 18.67 26.26
CA GLU A 151 -21.52 19.89 26.77
C GLU A 151 -22.56 19.62 27.85
N MET A 1 -25.08 9.22 8.80
CA MET A 1 -23.96 8.71 9.57
C MET A 1 -22.72 9.43 9.13
N LYS A 2 -22.01 10.01 10.07
CA LYS A 2 -20.78 10.63 9.75
C LYS A 2 -19.83 10.53 10.93
N ALA A 3 -18.68 10.01 10.65
CA ALA A 3 -17.59 9.88 11.58
C ALA A 3 -16.39 9.80 10.70
N LEU A 4 -15.26 9.36 11.19
CA LEU A 4 -14.17 9.09 10.28
C LEU A 4 -14.47 7.75 9.60
N ASP A 5 -15.32 7.79 8.60
CA ASP A 5 -15.77 6.58 7.92
C ASP A 5 -15.03 6.44 6.62
N GLU A 6 -14.37 7.49 6.24
CA GLU A 6 -13.49 7.47 5.14
C GLU A 6 -12.08 7.29 5.69
N PRO A 7 -11.19 6.60 4.99
CA PRO A 7 -9.81 6.52 5.40
C PRO A 7 -9.12 7.88 5.16
N PRO A 8 -8.51 8.48 6.20
CA PRO A 8 -7.83 9.78 6.07
C PRO A 8 -6.53 9.69 5.31
N TYR A 9 -5.70 10.64 5.53
CA TYR A 9 -4.40 10.64 4.98
C TYR A 9 -3.46 10.71 6.13
N LEU A 10 -2.41 9.94 6.06
CA LEU A 10 -1.47 9.89 7.13
C LEU A 10 -0.12 10.31 6.63
N THR A 11 0.62 10.94 7.48
CA THR A 11 1.93 11.43 7.11
C THR A 11 2.96 10.96 8.14
N VAL A 12 4.23 10.94 7.77
CA VAL A 12 5.30 10.53 8.67
C VAL A 12 5.27 11.38 9.93
N GLY A 13 5.23 10.72 11.07
CA GLY A 13 5.17 11.42 12.32
C GLY A 13 3.78 11.43 12.94
N THR A 14 2.80 10.93 12.21
CA THR A 14 1.47 10.86 12.73
C THR A 14 1.34 9.71 13.75
N ASP A 15 0.85 10.05 14.93
CA ASP A 15 0.58 9.09 15.99
C ASP A 15 -0.68 8.35 15.61
N VAL A 16 -0.66 7.04 15.65
CA VAL A 16 -1.80 6.26 15.21
C VAL A 16 -2.08 5.11 16.14
N SER A 17 -3.29 4.65 16.10
CA SER A 17 -3.67 3.45 16.79
C SER A 17 -3.88 2.39 15.76
N ALA A 18 -3.10 1.37 15.83
CA ALA A 18 -3.23 0.28 14.92
C ALA A 18 -3.73 -0.90 15.68
N LYS A 19 -4.65 -1.64 15.09
CA LYS A 19 -5.13 -2.82 15.75
C LYS A 19 -4.06 -3.88 15.62
N TYR A 20 -3.37 -4.08 16.68
CA TYR A 20 -2.24 -4.93 16.71
C TYR A 20 -2.56 -6.20 17.44
N ARG A 21 -2.55 -7.30 16.70
CA ARG A 21 -2.81 -8.66 17.19
C ARG A 21 -4.28 -8.83 17.59
N GLY A 22 -4.69 -8.12 18.61
CA GLY A 22 -6.05 -8.15 19.04
C GLY A 22 -6.52 -6.83 19.63
N ALA A 23 -5.61 -5.91 19.91
CA ALA A 23 -6.00 -4.66 20.53
C ALA A 23 -5.29 -3.50 19.88
N PHE A 24 -5.80 -2.32 20.08
CA PHE A 24 -5.19 -1.15 19.50
C PHE A 24 -3.92 -0.78 20.24
N CYS A 25 -2.89 -0.52 19.50
CA CYS A 25 -1.62 -0.14 20.03
C CYS A 25 -1.21 1.16 19.37
N GLU A 26 -0.46 1.96 20.07
CA GLU A 26 0.00 3.22 19.55
C GLU A 26 1.28 3.04 18.78
N ALA A 27 1.28 3.55 17.61
CA ALA A 27 2.41 3.51 16.76
C ALA A 27 2.51 4.85 16.09
N LYS A 28 3.50 5.07 15.29
CA LYS A 28 3.60 6.31 14.60
C LYS A 28 4.08 6.04 13.20
N ILE A 29 3.61 6.83 12.26
CA ILE A 29 3.98 6.68 10.86
C ILE A 29 5.47 6.92 10.72
N LYS A 30 6.17 5.88 10.43
CA LYS A 30 7.58 5.89 10.23
C LYS A 30 7.88 6.19 8.76
N THR A 31 7.27 5.44 7.87
CA THR A 31 7.52 5.61 6.44
C THR A 31 6.24 5.28 5.66
N ALA A 32 5.98 5.99 4.59
CA ALA A 32 4.84 5.71 3.75
C ALA A 32 5.31 5.06 2.49
N LYS A 33 4.84 3.89 2.21
CA LYS A 33 5.25 3.24 0.99
C LYS A 33 4.03 2.99 0.13
N ARG A 34 3.84 3.80 -0.88
CA ARG A 34 2.73 3.61 -1.78
C ARG A 34 3.07 2.59 -2.85
N LEU A 35 2.45 1.46 -2.77
CA LEU A 35 2.58 0.44 -3.76
C LEU A 35 1.35 0.44 -4.61
N VAL A 36 1.50 0.20 -5.88
CA VAL A 36 0.36 0.07 -6.72
C VAL A 36 0.20 -1.41 -7.05
N LYS A 37 -0.96 -1.93 -6.76
CA LYS A 37 -1.31 -3.29 -7.06
C LYS A 37 -1.90 -3.34 -8.42
N VAL A 38 -1.25 -4.02 -9.28
CA VAL A 38 -1.65 -4.12 -10.63
C VAL A 38 -2.23 -5.52 -10.82
N LYS A 39 -3.53 -5.62 -10.98
CA LYS A 39 -4.14 -6.89 -11.28
C LYS A 39 -3.95 -7.22 -12.72
N VAL A 40 -3.27 -8.27 -12.96
CA VAL A 40 -2.89 -8.64 -14.32
C VAL A 40 -3.30 -10.05 -14.66
N THR A 41 -3.66 -10.23 -15.89
CA THR A 41 -3.98 -11.52 -16.41
C THR A 41 -2.85 -11.95 -17.34
N PHE A 42 -2.12 -12.98 -16.95
CA PHE A 42 -0.99 -13.47 -17.73
C PHE A 42 -1.46 -13.91 -19.08
N ARG A 43 -0.77 -13.47 -20.11
CA ARG A 43 -1.17 -13.80 -21.44
C ARG A 43 -0.96 -15.28 -21.75
N HIS A 44 0.12 -15.83 -21.23
CA HIS A 44 0.42 -17.25 -21.40
C HIS A 44 -0.38 -18.15 -20.44
N ASP A 45 -0.57 -17.72 -19.22
CA ASP A 45 -1.12 -18.62 -18.21
C ASP A 45 -2.61 -18.38 -17.97
N SER A 46 -3.11 -17.26 -18.48
CA SER A 46 -4.53 -16.86 -18.40
C SER A 46 -5.02 -16.57 -16.97
N SER A 47 -4.13 -16.66 -16.00
CA SER A 47 -4.46 -16.43 -14.63
C SER A 47 -4.38 -14.95 -14.30
N THR A 48 -5.21 -14.51 -13.40
CA THR A 48 -5.22 -13.14 -13.00
C THR A 48 -4.66 -13.04 -11.58
N VAL A 49 -3.56 -12.35 -11.46
CA VAL A 49 -2.89 -12.20 -10.20
C VAL A 49 -2.74 -10.73 -9.86
N GLU A 50 -2.39 -10.45 -8.66
CA GLU A 50 -2.22 -9.11 -8.20
C GLU A 50 -0.77 -8.89 -7.87
N VAL A 51 -0.10 -8.08 -8.64
CA VAL A 51 1.33 -7.89 -8.53
C VAL A 51 1.65 -6.45 -8.14
N GLN A 52 2.78 -6.25 -7.47
CA GLN A 52 3.24 -4.91 -7.13
C GLN A 52 3.78 -4.27 -8.39
N ASP A 53 3.63 -2.96 -8.50
CA ASP A 53 4.15 -2.19 -9.65
C ASP A 53 5.66 -2.41 -9.83
N ASP A 54 6.34 -2.78 -8.75
CA ASP A 54 7.78 -3.05 -8.76
C ASP A 54 8.14 -4.20 -9.70
N HIS A 55 7.23 -5.12 -9.87
CA HIS A 55 7.49 -6.29 -10.71
C HIS A 55 6.94 -6.05 -12.10
N ILE A 56 6.34 -4.92 -12.30
CA ILE A 56 5.70 -4.62 -13.54
C ILE A 56 6.61 -3.76 -14.39
N LYS A 57 6.98 -4.28 -15.52
CA LYS A 57 7.80 -3.56 -16.44
C LYS A 57 6.92 -3.11 -17.58
N GLY A 58 6.70 -1.84 -17.70
CA GLY A 58 5.90 -1.35 -18.78
C GLY A 58 5.04 -0.19 -18.37
N PRO A 59 4.25 0.34 -19.29
CA PRO A 59 3.37 1.48 -19.02
C PRO A 59 2.14 1.08 -18.20
N LEU A 60 1.96 1.72 -17.06
CA LEU A 60 0.82 1.42 -16.22
C LEU A 60 -0.44 2.08 -16.78
N LYS A 61 -1.18 1.31 -17.52
CA LYS A 61 -2.46 1.71 -18.09
C LYS A 61 -3.39 0.54 -18.05
N VAL A 62 -4.63 0.78 -17.72
CA VAL A 62 -5.61 -0.25 -17.75
C VAL A 62 -5.81 -0.73 -19.20
N GLY A 63 -5.65 -2.00 -19.41
CA GLY A 63 -5.79 -2.55 -20.74
C GLY A 63 -4.45 -2.73 -21.41
N ALA A 64 -3.41 -2.15 -20.84
CA ALA A 64 -2.07 -2.28 -21.40
C ALA A 64 -1.45 -3.60 -21.00
N ILE A 65 -0.52 -4.04 -21.80
CA ILE A 65 0.20 -5.25 -21.55
C ILE A 65 1.55 -4.85 -21.01
N VAL A 66 1.90 -5.42 -19.92
CA VAL A 66 3.15 -5.15 -19.27
C VAL A 66 3.85 -6.46 -19.05
N GLU A 67 5.05 -6.42 -18.59
CA GLU A 67 5.74 -7.64 -18.35
C GLU A 67 5.95 -7.77 -16.90
N VAL A 68 5.55 -8.88 -16.41
CA VAL A 68 5.51 -9.15 -15.02
C VAL A 68 6.67 -10.01 -14.63
N LYS A 69 7.42 -9.56 -13.68
CA LYS A 69 8.39 -10.40 -13.09
C LYS A 69 7.66 -11.24 -12.08
N ASN A 70 7.59 -12.49 -12.34
CA ASN A 70 6.95 -13.43 -11.46
C ASN A 70 7.80 -13.59 -10.24
N LEU A 71 7.19 -14.00 -9.15
CA LEU A 71 7.90 -14.26 -7.89
C LEU A 71 8.94 -15.37 -8.07
N ASP A 72 8.78 -16.15 -9.13
CA ASP A 72 9.69 -17.22 -9.52
C ASP A 72 10.99 -16.64 -10.14
N GLY A 73 10.96 -15.37 -10.49
CA GLY A 73 12.13 -14.71 -11.08
C GLY A 73 12.13 -14.72 -12.60
N ALA A 74 11.00 -15.07 -13.17
CA ALA A 74 10.88 -15.11 -14.62
C ALA A 74 9.98 -13.97 -15.06
N TYR A 75 10.17 -13.48 -16.25
CA TYR A 75 9.34 -12.42 -16.77
C TYR A 75 8.29 -12.99 -17.71
N GLN A 76 7.06 -12.59 -17.53
CA GLN A 76 5.95 -13.05 -18.37
C GLN A 76 5.01 -11.89 -18.59
N GLU A 77 4.52 -11.72 -19.81
CA GLU A 77 3.65 -10.60 -20.11
C GLU A 77 2.21 -10.86 -19.71
N ALA A 78 1.58 -9.82 -19.24
CA ALA A 78 0.23 -9.89 -18.78
C ALA A 78 -0.51 -8.63 -19.10
N VAL A 79 -1.81 -8.70 -19.10
CA VAL A 79 -2.66 -7.57 -19.42
C VAL A 79 -3.16 -6.96 -18.10
N ILE A 80 -3.04 -5.63 -17.97
CA ILE A 80 -3.50 -4.93 -16.78
C ILE A 80 -5.02 -4.81 -16.79
N ASN A 81 -5.61 -5.25 -15.71
CA ASN A 81 -7.05 -5.23 -15.56
C ASN A 81 -7.50 -4.09 -14.68
N LYS A 82 -6.85 -3.91 -13.55
CA LYS A 82 -7.23 -2.87 -12.62
C LYS A 82 -6.03 -2.49 -11.76
N LEU A 83 -5.93 -1.22 -11.44
CA LEU A 83 -4.91 -0.71 -10.56
C LEU A 83 -5.54 -0.49 -9.19
N THR A 84 -4.83 -0.79 -8.15
CA THR A 84 -5.33 -0.61 -6.82
C THR A 84 -4.22 -0.04 -5.92
N ASP A 85 -4.57 0.86 -5.02
CA ASP A 85 -3.61 1.40 -4.08
C ASP A 85 -3.28 0.36 -3.03
N ALA A 86 -2.02 0.21 -2.75
CA ALA A 86 -1.54 -0.70 -1.76
C ALA A 86 -0.56 0.02 -0.87
N SER A 87 -0.82 1.27 -0.59
CA SER A 87 0.04 2.01 0.28
C SER A 87 0.00 1.46 1.68
N TRP A 88 1.13 1.04 2.11
CA TRP A 88 1.30 0.60 3.42
C TRP A 88 2.07 1.66 4.16
N TYR A 89 1.67 1.92 5.34
CA TYR A 89 2.36 2.84 6.17
C TYR A 89 3.09 2.09 7.20
N THR A 90 4.38 2.19 7.14
CA THR A 90 5.23 1.55 8.02
C THR A 90 5.19 2.33 9.29
N VAL A 91 4.69 1.70 10.30
CA VAL A 91 4.53 2.31 11.56
C VAL A 91 5.46 1.69 12.55
N VAL A 92 6.00 2.52 13.37
CA VAL A 92 6.83 2.08 14.42
C VAL A 92 6.07 2.19 15.71
N PHE A 93 5.87 1.08 16.32
CA PHE A 93 5.25 1.00 17.59
C PHE A 93 6.20 1.59 18.59
N ASP A 94 5.67 2.09 19.65
CA ASP A 94 6.49 2.84 20.59
C ASP A 94 7.25 1.88 21.48
N ASP A 95 6.84 0.62 21.40
CA ASP A 95 7.52 -0.45 22.09
C ASP A 95 8.78 -0.85 21.29
N GLY A 96 8.86 -0.40 20.04
CA GLY A 96 10.05 -0.67 19.25
C GLY A 96 9.80 -1.43 17.97
N ASP A 97 8.64 -2.03 17.82
CA ASP A 97 8.39 -2.86 16.61
C ASP A 97 8.02 -2.00 15.39
N GLU A 98 8.40 -2.45 14.21
CA GLU A 98 8.00 -1.78 12.99
C GLU A 98 7.32 -2.75 12.07
N LYS A 99 6.18 -2.34 11.56
CA LYS A 99 5.43 -3.09 10.57
C LYS A 99 4.68 -2.12 9.69
N THR A 100 4.32 -2.53 8.51
CA THR A 100 3.68 -1.63 7.60
C THR A 100 2.25 -2.10 7.31
N LEU A 101 1.29 -1.28 7.68
CA LEU A 101 -0.13 -1.63 7.57
C LEU A 101 -0.87 -0.73 6.61
N ARG A 102 -2.09 -1.12 6.26
CA ARG A 102 -2.94 -0.35 5.37
C ARG A 102 -3.48 0.88 6.04
N ARG A 103 -3.76 1.89 5.22
CA ARG A 103 -4.30 3.18 5.64
C ARG A 103 -5.56 3.01 6.52
N SER A 104 -6.44 2.13 6.08
CA SER A 104 -7.71 1.90 6.74
C SER A 104 -7.55 1.08 8.06
N SER A 105 -6.35 0.61 8.35
CA SER A 105 -6.12 -0.16 9.54
C SER A 105 -5.40 0.67 10.61
N LEU A 106 -5.16 1.92 10.28
CA LEU A 106 -4.48 2.83 11.14
C LEU A 106 -5.43 3.95 11.53
N CYS A 107 -5.70 4.07 12.79
CA CYS A 107 -6.57 5.10 13.27
C CYS A 107 -5.77 6.36 13.57
N LEU A 108 -6.07 7.40 12.80
CA LEU A 108 -5.45 8.71 12.87
C LEU A 108 -5.61 9.28 14.29
N LYS A 109 -4.51 9.52 14.99
CA LYS A 109 -4.58 10.15 16.29
C LYS A 109 -4.00 11.56 16.19
N GLY A 110 -4.12 12.31 17.28
CA GLY A 110 -3.63 13.66 17.31
C GLY A 110 -4.52 14.57 16.52
N GLU A 111 -5.76 14.20 16.47
CA GLU A 111 -6.75 14.87 15.68
C GLU A 111 -7.33 16.02 16.51
N ARG A 112 -7.02 17.24 16.13
CA ARG A 112 -7.60 18.39 16.80
C ARG A 112 -8.62 19.05 15.88
N HIS A 113 -8.18 19.42 14.69
CA HIS A 113 -9.04 20.00 13.66
C HIS A 113 -8.46 19.58 12.32
N PHE A 114 -7.99 18.37 12.26
CA PHE A 114 -7.33 17.87 11.08
C PHE A 114 -8.21 16.90 10.33
N ALA A 115 -9.33 16.55 10.92
CA ALA A 115 -10.32 15.74 10.24
C ALA A 115 -11.04 16.61 9.23
N GLU A 116 -10.41 16.78 8.10
CA GLU A 116 -10.91 17.62 7.05
C GLU A 116 -11.11 16.80 5.81
N SER A 117 -12.28 16.27 5.70
CA SER A 117 -12.66 15.50 4.56
C SER A 117 -13.32 16.45 3.56
N GLU A 118 -12.91 16.37 2.31
CA GLU A 118 -13.37 17.25 1.26
C GLU A 118 -14.84 16.94 0.97
N THR A 119 -15.72 17.84 1.36
CA THR A 119 -17.14 17.58 1.26
C THR A 119 -17.86 18.67 0.41
N LEU A 120 -17.12 19.38 -0.41
CA LEU A 120 -17.74 20.34 -1.29
C LEU A 120 -18.14 19.57 -2.54
N ASP A 121 -19.34 19.10 -2.54
CA ASP A 121 -19.78 18.23 -3.61
C ASP A 121 -20.92 18.85 -4.39
N GLN A 122 -21.67 19.67 -3.72
CA GLN A 122 -22.77 20.37 -4.30
C GLN A 122 -22.34 21.77 -4.66
N LEU A 123 -22.89 22.30 -5.72
CA LEU A 123 -22.53 23.62 -6.14
C LEU A 123 -23.67 24.57 -5.84
N PRO A 124 -23.46 25.54 -4.97
CA PRO A 124 -24.47 26.54 -4.61
C PRO A 124 -24.58 27.64 -5.68
N LEU A 125 -24.69 27.21 -6.92
CA LEU A 125 -24.75 28.11 -8.07
C LEU A 125 -26.04 28.94 -8.01
N THR A 126 -25.92 30.19 -8.33
CA THR A 126 -27.04 31.10 -8.29
C THR A 126 -27.86 31.01 -9.58
N ASN A 127 -29.16 31.13 -9.45
CA ASN A 127 -30.05 31.20 -10.60
C ASN A 127 -29.96 32.59 -11.20
N PRO A 128 -29.62 32.69 -12.51
CA PRO A 128 -29.43 33.99 -13.19
C PRO A 128 -30.74 34.80 -13.29
N GLU A 129 -31.87 34.14 -13.00
CA GLU A 129 -33.22 34.73 -12.98
C GLU A 129 -33.70 35.05 -14.40
N HIS A 130 -33.10 36.01 -15.01
CA HIS A 130 -33.45 36.44 -16.33
C HIS A 130 -32.28 36.24 -17.25
N PHE A 131 -32.58 36.03 -18.50
CA PHE A 131 -31.56 35.93 -19.51
C PHE A 131 -31.11 37.34 -19.82
N GLY A 132 -29.84 37.49 -20.20
CA GLY A 132 -29.24 38.78 -20.50
C GLY A 132 -29.86 39.48 -21.71
N THR A 133 -31.09 39.87 -21.57
CA THR A 133 -31.81 40.61 -22.54
C THR A 133 -31.45 42.11 -22.52
N PRO A 134 -31.43 42.79 -21.32
CA PRO A 134 -30.89 44.13 -21.25
C PRO A 134 -29.38 44.04 -21.42
N VAL A 135 -28.79 44.95 -22.17
CA VAL A 135 -27.36 44.90 -22.44
C VAL A 135 -26.50 45.02 -21.17
N ILE A 136 -26.02 43.89 -20.71
CA ILE A 136 -25.15 43.85 -19.56
C ILE A 136 -23.72 44.12 -19.97
N GLY A 137 -23.49 45.36 -20.25
CA GLY A 137 -22.20 45.84 -20.65
C GLY A 137 -22.25 47.32 -20.71
N LYS A 138 -22.65 47.92 -19.62
CA LYS A 138 -22.82 49.34 -19.58
C LYS A 138 -21.86 50.03 -18.61
N LYS A 139 -21.13 49.25 -17.84
CA LYS A 139 -20.18 49.82 -16.92
C LYS A 139 -18.95 48.94 -16.78
N THR A 140 -18.15 48.93 -17.84
CA THR A 140 -16.86 48.25 -17.91
C THR A 140 -17.01 46.73 -17.62
N ASN A 141 -18.13 46.18 -18.05
CA ASN A 141 -18.41 44.75 -17.85
C ASN A 141 -17.69 43.99 -18.93
N ARG A 142 -17.68 44.62 -20.11
CA ARG A 142 -17.04 44.11 -21.33
C ARG A 142 -17.71 42.84 -21.85
N GLY A 143 -17.45 42.52 -23.08
CA GLY A 143 -17.97 41.32 -23.64
C GLY A 143 -17.11 40.16 -23.26
N ARG A 144 -17.59 39.35 -22.36
CA ARG A 144 -16.87 38.18 -21.94
C ARG A 144 -17.71 36.96 -22.18
N ARG A 145 -17.12 35.99 -22.78
CA ARG A 145 -17.74 34.74 -23.07
C ARG A 145 -16.71 33.67 -22.96
N SER A 146 -16.83 32.86 -21.95
CA SER A 146 -15.86 31.84 -21.67
C SER A 146 -16.30 30.47 -22.18
N ASN A 147 -17.56 30.11 -21.96
CA ASN A 147 -18.02 28.78 -22.36
C ASN A 147 -19.49 28.79 -22.80
N HIS A 148 -19.70 28.91 -24.09
CA HIS A 148 -21.01 28.83 -24.69
C HIS A 148 -20.93 28.25 -26.06
N ILE A 149 -21.20 26.99 -26.15
CA ILE A 149 -21.25 26.32 -27.42
C ILE A 149 -22.72 26.07 -27.72
N PRO A 150 -23.33 26.87 -28.61
CA PRO A 150 -24.73 26.69 -29.02
C PRO A 150 -24.94 25.31 -29.64
N GLU A 151 -25.45 24.41 -28.86
CA GLU A 151 -25.68 23.06 -29.25
C GLU A 151 -26.59 22.45 -28.20
N MET A 1 -8.53 14.13 1.42
CA MET A 1 -9.95 14.34 1.06
C MET A 1 -10.29 13.46 -0.14
N LYS A 2 -11.56 13.12 -0.30
CA LYS A 2 -12.03 12.36 -1.42
C LYS A 2 -13.45 12.83 -1.75
N ALA A 3 -13.92 12.54 -2.96
CA ALA A 3 -15.22 12.99 -3.49
C ALA A 3 -16.39 12.92 -2.51
N LEU A 4 -16.75 11.74 -2.11
CA LEU A 4 -17.92 11.53 -1.26
C LEU A 4 -17.67 10.54 -0.13
N ASP A 5 -16.44 10.41 0.25
CA ASP A 5 -16.04 9.51 1.32
C ASP A 5 -14.83 10.07 2.01
N GLU A 6 -14.87 10.13 3.33
CA GLU A 6 -13.75 10.62 4.09
C GLU A 6 -12.73 9.49 4.33
N PRO A 7 -11.52 9.59 3.73
CA PRO A 7 -10.50 8.60 3.91
C PRO A 7 -9.58 8.93 5.08
N PRO A 8 -9.55 8.09 6.11
CA PRO A 8 -8.59 8.24 7.21
C PRO A 8 -7.21 8.07 6.63
N TYR A 9 -6.42 9.07 6.66
CA TYR A 9 -5.19 8.92 6.03
C TYR A 9 -4.03 8.97 6.95
N LEU A 10 -3.29 7.93 6.89
CA LEU A 10 -2.16 7.72 7.71
C LEU A 10 -0.93 8.06 6.92
N THR A 11 0.01 8.69 7.55
CA THR A 11 1.22 9.12 6.88
C THR A 11 2.41 8.97 7.87
N VAL A 12 3.63 9.18 7.38
CA VAL A 12 4.82 9.09 8.22
C VAL A 12 4.74 10.12 9.36
N GLY A 13 5.00 9.67 10.57
CA GLY A 13 4.96 10.55 11.72
C GLY A 13 3.67 10.41 12.51
N THR A 14 2.65 9.88 11.86
CA THR A 14 1.39 9.66 12.51
C THR A 14 1.52 8.54 13.54
N ASP A 15 0.92 8.73 14.69
CA ASP A 15 0.91 7.71 15.70
C ASP A 15 -0.39 6.95 15.54
N VAL A 16 -0.33 5.66 15.57
CA VAL A 16 -1.45 4.81 15.29
C VAL A 16 -1.54 3.67 16.27
N SER A 17 -2.63 2.99 16.24
CA SER A 17 -2.78 1.80 17.00
C SER A 17 -2.97 0.67 16.01
N ALA A 18 -2.06 -0.26 16.02
CA ALA A 18 -2.05 -1.34 15.08
C ALA A 18 -2.48 -2.62 15.73
N LYS A 19 -3.33 -3.32 15.05
CA LYS A 19 -3.83 -4.59 15.47
C LYS A 19 -2.73 -5.60 15.25
N TYR A 20 -2.10 -5.96 16.32
CA TYR A 20 -0.95 -6.80 16.31
C TYR A 20 -1.26 -8.06 17.10
N ARG A 21 -1.29 -9.19 16.40
CA ARG A 21 -1.57 -10.52 16.97
C ARG A 21 -2.99 -10.60 17.53
N GLY A 22 -3.85 -9.69 17.10
CA GLY A 22 -5.23 -9.67 17.57
C GLY A 22 -5.49 -8.61 18.63
N ALA A 23 -4.47 -7.86 19.01
CA ALA A 23 -4.64 -6.81 20.00
C ALA A 23 -4.02 -5.51 19.50
N PHE A 24 -4.64 -4.40 19.79
CA PHE A 24 -4.12 -3.12 19.33
C PHE A 24 -2.97 -2.64 20.18
N CYS A 25 -1.85 -2.45 19.55
CA CYS A 25 -0.67 -1.92 20.17
C CYS A 25 -0.39 -0.57 19.53
N GLU A 26 0.08 0.36 20.30
CA GLU A 26 0.37 1.67 19.77
C GLU A 26 1.71 1.65 19.06
N ALA A 27 1.78 2.35 17.96
CA ALA A 27 2.96 2.39 17.13
C ALA A 27 2.96 3.68 16.32
N LYS A 28 4.02 3.98 15.64
CA LYS A 28 4.06 5.19 14.81
C LYS A 28 4.59 4.87 13.45
N ILE A 29 4.10 5.56 12.47
CA ILE A 29 4.46 5.30 11.10
C ILE A 29 5.84 5.83 10.76
N LYS A 30 6.69 4.93 10.41
CA LYS A 30 8.02 5.20 9.94
C LYS A 30 8.00 5.41 8.45
N THR A 31 7.27 4.58 7.75
CA THR A 31 7.30 4.64 6.31
C THR A 31 5.94 4.24 5.72
N ALA A 32 5.59 4.84 4.62
CA ALA A 32 4.39 4.48 3.93
C ALA A 32 4.77 3.78 2.66
N LYS A 33 4.43 2.54 2.56
CA LYS A 33 4.80 1.80 1.40
C LYS A 33 3.62 1.73 0.48
N ARG A 34 3.56 2.65 -0.45
CA ARG A 34 2.48 2.68 -1.38
C ARG A 34 2.69 1.63 -2.44
N LEU A 35 1.93 0.62 -2.36
CA LEU A 35 1.96 -0.42 -3.32
C LEU A 35 0.80 -0.24 -4.20
N VAL A 36 1.01 -0.38 -5.44
CA VAL A 36 -0.07 -0.41 -6.34
C VAL A 36 -0.18 -1.83 -6.80
N LYS A 37 -1.30 -2.42 -6.56
CA LYS A 37 -1.53 -3.74 -7.02
C LYS A 37 -2.06 -3.65 -8.39
N VAL A 38 -1.30 -4.14 -9.28
CA VAL A 38 -1.67 -4.16 -10.62
C VAL A 38 -2.35 -5.47 -10.85
N LYS A 39 -3.63 -5.39 -11.03
CA LYS A 39 -4.46 -6.53 -11.23
C LYS A 39 -4.28 -6.93 -12.66
N VAL A 40 -3.66 -8.03 -12.87
CA VAL A 40 -3.29 -8.45 -14.19
C VAL A 40 -3.86 -9.79 -14.57
N THR A 41 -4.03 -9.96 -15.84
CA THR A 41 -4.40 -11.21 -16.42
C THR A 41 -3.17 -11.72 -17.16
N PHE A 42 -2.51 -12.72 -16.60
CA PHE A 42 -1.34 -13.29 -17.20
C PHE A 42 -1.72 -13.94 -18.48
N ARG A 43 -1.08 -13.55 -19.55
CA ARG A 43 -1.44 -14.09 -20.84
C ARG A 43 -0.91 -15.49 -20.99
N HIS A 44 0.25 -15.72 -20.42
CA HIS A 44 0.88 -17.02 -20.54
C HIS A 44 0.31 -18.04 -19.58
N ASP A 45 -0.15 -17.60 -18.42
CA ASP A 45 -0.67 -18.58 -17.46
C ASP A 45 -2.20 -18.52 -17.34
N SER A 46 -2.77 -17.45 -17.91
CA SER A 46 -4.23 -17.22 -17.98
C SER A 46 -4.86 -16.90 -16.60
N SER A 47 -4.02 -16.68 -15.63
CA SER A 47 -4.46 -16.37 -14.29
C SER A 47 -4.60 -14.88 -14.06
N THR A 48 -5.53 -14.52 -13.22
CA THR A 48 -5.69 -13.15 -12.83
C THR A 48 -5.18 -13.00 -11.41
N VAL A 49 -4.18 -12.18 -11.27
CA VAL A 49 -3.53 -12.01 -9.98
C VAL A 49 -3.23 -10.53 -9.80
N GLU A 50 -3.16 -10.10 -8.57
CA GLU A 50 -2.83 -8.74 -8.24
C GLU A 50 -1.41 -8.72 -7.75
N VAL A 51 -0.54 -8.07 -8.48
CA VAL A 51 0.87 -8.07 -8.15
C VAL A 51 1.34 -6.68 -7.78
N GLN A 52 2.56 -6.58 -7.30
CA GLN A 52 3.13 -5.32 -6.92
C GLN A 52 3.55 -4.59 -8.19
N ASP A 53 3.24 -3.29 -8.28
CA ASP A 53 3.60 -2.45 -9.44
C ASP A 53 5.10 -2.45 -9.68
N ASP A 54 5.84 -2.73 -8.62
CA ASP A 54 7.29 -2.87 -8.68
C ASP A 54 7.70 -4.00 -9.63
N HIS A 55 6.84 -4.98 -9.80
CA HIS A 55 7.15 -6.13 -10.63
C HIS A 55 6.63 -5.93 -12.03
N ILE A 56 6.08 -4.77 -12.28
CA ILE A 56 5.56 -4.43 -13.57
C ILE A 56 6.54 -3.54 -14.30
N LYS A 57 7.17 -4.08 -15.29
CA LYS A 57 8.09 -3.33 -16.09
C LYS A 57 7.46 -3.01 -17.43
N GLY A 58 7.31 -1.76 -17.68
CA GLY A 58 6.74 -1.29 -18.90
C GLY A 58 5.77 -0.18 -18.62
N PRO A 59 4.94 0.20 -19.59
CA PRO A 59 3.94 1.22 -19.41
C PRO A 59 2.71 0.66 -18.73
N LEU A 60 2.54 1.02 -17.49
CA LEU A 60 1.42 0.53 -16.72
C LEU A 60 0.18 1.37 -16.95
N LYS A 61 -0.71 0.82 -17.76
CA LYS A 61 -1.93 1.45 -18.16
C LYS A 61 -3.00 0.37 -18.26
N VAL A 62 -4.26 0.72 -18.05
CA VAL A 62 -5.35 -0.25 -18.14
C VAL A 62 -5.46 -0.79 -19.57
N GLY A 63 -5.40 -2.10 -19.70
CA GLY A 63 -5.50 -2.72 -21.01
C GLY A 63 -4.15 -2.96 -21.64
N ALA A 64 -3.11 -2.42 -21.02
CA ALA A 64 -1.78 -2.53 -21.55
C ALA A 64 -1.15 -3.86 -21.21
N ILE A 65 -0.28 -4.31 -22.10
CA ILE A 65 0.47 -5.52 -21.90
C ILE A 65 1.78 -5.14 -21.25
N VAL A 66 2.04 -5.69 -20.12
CA VAL A 66 3.28 -5.40 -19.41
C VAL A 66 4.06 -6.64 -19.09
N GLU A 67 5.27 -6.44 -18.61
CA GLU A 67 6.14 -7.53 -18.24
C GLU A 67 6.05 -7.66 -16.74
N VAL A 68 5.50 -8.75 -16.31
CA VAL A 68 5.33 -8.99 -14.90
C VAL A 68 6.38 -9.95 -14.45
N LYS A 69 7.25 -9.51 -13.59
CA LYS A 69 8.22 -10.41 -13.06
C LYS A 69 7.57 -11.31 -12.04
N ASN A 70 7.55 -12.55 -12.37
CA ASN A 70 6.98 -13.57 -11.53
C ASN A 70 8.00 -14.11 -10.56
N LEU A 71 7.57 -15.00 -9.68
CA LEU A 71 8.39 -15.59 -8.60
C LEU A 71 9.70 -16.22 -9.08
N ASP A 72 9.75 -16.69 -10.33
CA ASP A 72 10.99 -17.30 -10.81
C ASP A 72 12.01 -16.24 -11.19
N GLY A 73 11.55 -15.02 -11.31
CA GLY A 73 12.41 -13.94 -11.73
C GLY A 73 12.32 -13.75 -13.21
N ALA A 74 11.24 -14.23 -13.78
CA ALA A 74 11.02 -14.16 -15.20
C ALA A 74 9.96 -13.14 -15.44
N TYR A 75 9.92 -12.59 -16.61
CA TYR A 75 8.88 -11.66 -16.93
C TYR A 75 7.83 -12.35 -17.74
N GLN A 76 6.61 -12.16 -17.38
CA GLN A 76 5.50 -12.77 -18.09
C GLN A 76 4.64 -11.66 -18.66
N GLU A 77 4.15 -11.84 -19.86
CA GLU A 77 3.27 -10.87 -20.46
C GLU A 77 1.91 -10.96 -19.82
N ALA A 78 1.44 -9.87 -19.30
CA ALA A 78 0.12 -9.84 -18.73
C ALA A 78 -0.59 -8.57 -19.08
N VAL A 79 -1.89 -8.63 -19.09
CA VAL A 79 -2.72 -7.49 -19.41
C VAL A 79 -3.18 -6.84 -18.13
N ILE A 80 -2.98 -5.55 -18.00
CA ILE A 80 -3.44 -4.82 -16.84
C ILE A 80 -4.95 -4.62 -16.87
N ASN A 81 -5.59 -4.95 -15.79
CA ASN A 81 -7.03 -4.78 -15.63
C ASN A 81 -7.34 -3.51 -14.87
N LYS A 82 -6.66 -3.34 -13.74
CA LYS A 82 -6.93 -2.22 -12.85
C LYS A 82 -5.73 -1.96 -11.96
N LEU A 83 -5.56 -0.71 -11.58
CA LEU A 83 -4.54 -0.32 -10.64
C LEU A 83 -5.23 -0.15 -9.29
N THR A 84 -4.81 -0.90 -8.31
CA THR A 84 -5.45 -0.87 -7.00
C THR A 84 -4.44 -0.40 -5.93
N ASP A 85 -4.81 0.55 -5.10
CA ASP A 85 -3.90 1.03 -4.05
C ASP A 85 -3.87 0.00 -2.93
N ALA A 86 -2.70 -0.41 -2.54
CA ALA A 86 -2.53 -1.44 -1.53
C ALA A 86 -1.44 -1.05 -0.58
N SER A 87 -1.37 0.21 -0.29
CA SER A 87 -0.36 0.78 0.57
C SER A 87 -0.35 0.14 1.97
N TRP A 88 0.83 -0.25 2.39
CA TRP A 88 1.04 -0.74 3.73
C TRP A 88 1.74 0.37 4.50
N TYR A 89 1.41 0.52 5.74
CA TYR A 89 2.03 1.53 6.57
C TYR A 89 2.97 0.86 7.54
N THR A 90 4.21 1.20 7.41
CA THR A 90 5.24 0.64 8.20
C THR A 90 5.35 1.42 9.47
N VAL A 91 5.04 0.76 10.54
CA VAL A 91 5.01 1.33 11.84
C VAL A 91 6.07 0.72 12.71
N VAL A 92 6.48 1.47 13.69
CA VAL A 92 7.42 1.00 14.65
C VAL A 92 6.75 1.01 16.01
N PHE A 93 6.93 -0.06 16.69
CA PHE A 93 6.50 -0.20 18.03
C PHE A 93 7.70 0.18 18.87
N ASP A 94 7.50 0.64 20.05
CA ASP A 94 8.60 1.20 20.83
C ASP A 94 9.48 0.17 21.48
N ASP A 95 9.15 -1.09 21.24
CA ASP A 95 10.01 -2.19 21.61
C ASP A 95 11.15 -2.28 20.57
N GLY A 96 10.95 -1.59 19.46
CA GLY A 96 11.91 -1.58 18.38
C GLY A 96 11.43 -2.40 17.21
N ASP A 97 10.24 -2.96 17.35
CA ASP A 97 9.67 -3.81 16.31
C ASP A 97 9.09 -2.95 15.21
N GLU A 98 9.10 -3.42 13.97
CA GLU A 98 8.69 -2.62 12.84
C GLU A 98 8.00 -3.53 11.90
N LYS A 99 6.86 -3.14 11.45
CA LYS A 99 6.05 -3.99 10.63
C LYS A 99 5.21 -3.09 9.74
N THR A 100 4.76 -3.57 8.62
CA THR A 100 3.97 -2.74 7.75
C THR A 100 2.59 -3.38 7.51
N LEU A 101 1.55 -2.66 7.87
CA LEU A 101 0.19 -3.20 7.85
C LEU A 101 -0.76 -2.40 6.95
N ARG A 102 -1.90 -3.00 6.64
CA ARG A 102 -2.94 -2.37 5.84
C ARG A 102 -3.74 -1.41 6.71
N ARG A 103 -4.51 -0.54 6.06
CA ARG A 103 -5.26 0.50 6.77
C ARG A 103 -6.37 -0.13 7.63
N SER A 104 -6.76 -1.31 7.26
CA SER A 104 -7.77 -2.03 7.99
C SER A 104 -7.22 -2.63 9.30
N SER A 105 -5.91 -2.60 9.49
CA SER A 105 -5.32 -3.17 10.67
C SER A 105 -4.80 -2.11 11.63
N LEU A 106 -4.88 -0.86 11.27
CA LEU A 106 -4.42 0.22 12.14
C LEU A 106 -5.33 1.42 12.12
N CYS A 107 -5.44 2.09 13.23
CA CYS A 107 -6.31 3.23 13.36
C CYS A 107 -5.49 4.48 13.65
N LEU A 108 -5.89 5.59 13.01
CA LEU A 108 -5.30 6.91 13.20
C LEU A 108 -5.52 7.28 14.67
N LYS A 109 -4.47 7.62 15.40
CA LYS A 109 -4.65 7.97 16.79
C LYS A 109 -5.09 9.39 17.01
N GLY A 110 -6.26 9.48 17.55
CA GLY A 110 -6.80 10.70 18.03
C GLY A 110 -7.20 10.43 19.44
N GLU A 111 -8.03 9.43 19.58
CA GLU A 111 -8.46 8.90 20.84
C GLU A 111 -8.16 7.42 20.82
N ARG A 112 -7.70 6.84 21.90
CA ARG A 112 -7.49 5.42 21.91
C ARG A 112 -8.65 4.73 22.59
N HIS A 113 -9.34 3.92 21.85
CA HIS A 113 -10.43 3.14 22.38
C HIS A 113 -10.00 1.68 22.34
N PHE A 114 -10.91 0.76 22.58
CA PHE A 114 -10.52 -0.63 22.57
C PHE A 114 -10.47 -1.10 21.12
N ALA A 115 -11.66 -1.20 20.50
CA ALA A 115 -11.85 -1.53 19.07
C ALA A 115 -11.16 -2.83 18.65
N GLU A 116 -10.95 -3.72 19.64
CA GLU A 116 -10.17 -4.96 19.50
C GLU A 116 -10.54 -5.74 18.27
N SER A 117 -11.84 -5.98 18.12
CA SER A 117 -12.41 -6.70 16.99
C SER A 117 -11.84 -8.13 16.91
N GLU A 118 -12.48 -9.05 17.59
CA GLU A 118 -12.03 -10.42 17.68
C GLU A 118 -12.19 -11.15 16.34
N THR A 119 -11.21 -10.99 15.50
CA THR A 119 -11.16 -11.65 14.22
C THR A 119 -10.55 -13.05 14.37
N LEU A 120 -9.92 -13.28 15.52
CA LEU A 120 -9.32 -14.55 15.82
C LEU A 120 -10.36 -15.41 16.51
N ASP A 121 -10.99 -16.30 15.75
CA ASP A 121 -12.02 -17.15 16.29
C ASP A 121 -11.42 -18.15 17.24
N GLN A 122 -12.05 -18.31 18.39
CA GLN A 122 -11.53 -19.14 19.45
C GLN A 122 -11.30 -20.60 19.02
N LEU A 123 -12.31 -21.25 18.48
CA LEU A 123 -12.13 -22.63 18.02
C LEU A 123 -12.28 -22.75 16.50
N PRO A 124 -11.21 -22.50 15.74
CA PRO A 124 -11.22 -22.66 14.30
C PRO A 124 -10.71 -24.05 13.94
N LEU A 125 -10.75 -24.91 14.93
CA LEU A 125 -10.32 -26.26 14.85
C LEU A 125 -11.52 -27.13 14.55
N THR A 126 -11.49 -27.75 13.40
CA THR A 126 -12.56 -28.59 12.89
C THR A 126 -13.79 -27.74 12.60
N ASN A 127 -13.78 -27.11 11.47
CA ASN A 127 -14.86 -26.23 11.08
C ASN A 127 -15.58 -26.80 9.89
N PRO A 128 -16.85 -27.21 10.05
CA PRO A 128 -17.67 -27.64 8.93
C PRO A 128 -18.10 -26.41 8.14
N GLU A 129 -17.39 -26.11 7.09
CA GLU A 129 -17.60 -24.90 6.32
C GLU A 129 -18.88 -24.99 5.51
N HIS A 130 -19.12 -26.16 4.98
CA HIS A 130 -20.25 -26.34 4.09
C HIS A 130 -21.32 -27.13 4.80
N PHE A 131 -22.54 -27.00 4.31
CA PHE A 131 -23.66 -27.75 4.87
C PHE A 131 -23.53 -29.21 4.48
N GLY A 132 -22.89 -29.42 3.34
CA GLY A 132 -22.67 -30.75 2.85
C GLY A 132 -23.43 -30.93 1.59
N THR A 133 -24.21 -31.94 1.53
CA THR A 133 -25.04 -32.19 0.41
C THR A 133 -26.44 -31.67 0.74
N PRO A 134 -26.90 -30.59 0.07
CA PRO A 134 -28.23 -30.07 0.28
C PRO A 134 -29.29 -31.03 -0.22
N VAL A 135 -29.73 -31.91 0.66
CA VAL A 135 -30.76 -32.85 0.35
C VAL A 135 -32.06 -32.10 0.25
N ILE A 136 -32.64 -32.11 -0.90
CA ILE A 136 -33.85 -31.38 -1.15
C ILE A 136 -35.03 -32.27 -0.80
N GLY A 137 -35.45 -32.18 0.43
CA GLY A 137 -36.52 -33.01 0.92
C GLY A 137 -37.80 -32.23 1.09
N LYS A 138 -37.98 -31.25 0.23
CA LYS A 138 -39.14 -30.38 0.26
C LYS A 138 -40.44 -31.17 0.07
N LYS A 139 -40.47 -32.04 -0.93
CA LYS A 139 -41.62 -32.90 -1.15
C LYS A 139 -41.23 -34.32 -1.43
N THR A 140 -40.20 -34.78 -0.74
CA THR A 140 -39.86 -36.19 -0.75
C THR A 140 -41.01 -36.89 -0.01
N ASN A 141 -41.46 -36.21 1.06
CA ASN A 141 -42.67 -36.53 1.82
C ASN A 141 -42.64 -37.95 2.37
N ARG A 142 -41.66 -38.20 3.25
CA ARG A 142 -41.41 -39.49 3.95
C ARG A 142 -41.51 -40.78 3.11
N GLY A 143 -42.70 -41.17 2.77
CA GLY A 143 -42.91 -42.37 2.04
C GLY A 143 -44.26 -42.32 1.42
N ARG A 144 -44.53 -43.21 0.51
CA ARG A 144 -45.82 -43.29 -0.12
C ARG A 144 -46.50 -44.60 0.22
N ARG A 145 -45.71 -45.52 0.70
CA ARG A 145 -46.20 -46.79 1.14
C ARG A 145 -46.16 -46.79 2.66
N SER A 146 -44.95 -46.60 3.17
CA SER A 146 -44.61 -46.60 4.58
C SER A 146 -43.09 -46.68 4.59
N ASN A 147 -42.63 -47.63 3.82
CA ASN A 147 -41.26 -47.93 3.59
C ASN A 147 -41.27 -49.01 2.55
N HIS A 148 -40.14 -49.43 2.09
CA HIS A 148 -40.05 -50.54 1.17
C HIS A 148 -38.70 -51.12 1.44
N ILE A 149 -38.65 -51.89 2.51
CA ILE A 149 -37.42 -52.30 3.15
C ILE A 149 -36.83 -51.07 3.84
N PRO A 150 -36.76 -51.06 5.18
CA PRO A 150 -36.31 -49.89 5.97
C PRO A 150 -34.80 -49.59 5.86
N GLU A 151 -34.25 -49.80 4.68
CA GLU A 151 -32.88 -49.59 4.37
C GLU A 151 -32.79 -48.93 3.01
N MET A 1 -10.16 25.93 -6.72
CA MET A 1 -9.64 26.79 -5.65
C MET A 1 -10.62 27.89 -5.32
N LYS A 2 -11.37 27.72 -4.26
CA LYS A 2 -12.33 28.71 -3.86
C LYS A 2 -11.88 29.43 -2.60
N ALA A 3 -12.07 28.80 -1.45
CA ALA A 3 -11.69 29.41 -0.20
C ALA A 3 -10.21 29.18 0.07
N LEU A 4 -9.87 27.94 0.29
CA LEU A 4 -8.52 27.55 0.51
C LEU A 4 -8.39 26.10 0.09
N ASP A 5 -7.99 25.90 -1.13
CA ASP A 5 -7.81 24.57 -1.66
C ASP A 5 -6.36 24.29 -1.83
N GLU A 6 -5.81 23.64 -0.85
CA GLU A 6 -4.40 23.28 -0.87
C GLU A 6 -4.16 22.12 -1.82
N PRO A 7 -2.99 22.07 -2.48
CA PRO A 7 -2.65 20.95 -3.38
C PRO A 7 -2.62 19.64 -2.60
N PRO A 8 -3.55 18.72 -2.89
CA PRO A 8 -3.67 17.49 -2.16
C PRO A 8 -2.67 16.43 -2.60
N TYR A 9 -1.77 16.09 -1.72
CA TYR A 9 -0.84 15.03 -1.91
C TYR A 9 -0.25 14.73 -0.56
N LEU A 10 -0.04 13.47 -0.26
CA LEU A 10 0.40 13.09 1.02
C LEU A 10 1.81 12.59 0.97
N THR A 11 2.63 13.18 1.77
CA THR A 11 4.04 12.82 1.90
C THR A 11 4.47 13.19 3.32
N VAL A 12 5.58 12.64 3.79
CA VAL A 12 6.05 12.84 5.17
C VAL A 12 6.04 14.32 5.56
N GLY A 13 5.31 14.63 6.60
CA GLY A 13 5.23 15.99 7.09
C GLY A 13 3.93 16.67 6.74
N THR A 14 3.18 16.11 5.81
CA THR A 14 1.91 16.68 5.44
C THR A 14 0.91 16.49 6.58
N ASP A 15 0.17 17.52 6.87
CA ASP A 15 -0.79 17.53 7.95
C ASP A 15 -2.14 17.09 7.43
N VAL A 16 -2.72 16.13 8.09
CA VAL A 16 -3.98 15.55 7.69
C VAL A 16 -4.89 15.37 8.92
N SER A 17 -6.05 14.85 8.70
CA SER A 17 -6.97 14.51 9.73
C SER A 17 -7.73 13.28 9.32
N ALA A 18 -8.06 12.47 10.28
CA ALA A 18 -8.79 11.26 10.04
C ALA A 18 -9.87 11.14 11.07
N LYS A 19 -10.96 10.53 10.72
CA LYS A 19 -12.04 10.37 11.64
C LYS A 19 -11.69 9.23 12.59
N TYR A 20 -11.31 9.59 13.78
CA TYR A 20 -10.90 8.67 14.78
C TYR A 20 -12.11 8.40 15.67
N ARG A 21 -12.70 7.23 15.48
CA ARG A 21 -13.85 6.76 16.27
C ARG A 21 -15.04 7.72 16.20
N GLY A 22 -15.10 8.50 15.14
CA GLY A 22 -16.20 9.42 14.98
C GLY A 22 -15.76 10.87 14.94
N ALA A 23 -14.67 11.20 15.58
CA ALA A 23 -14.22 12.59 15.62
C ALA A 23 -12.95 12.75 14.84
N PHE A 24 -12.83 13.82 14.10
CA PHE A 24 -11.64 14.05 13.32
C PHE A 24 -10.47 14.39 14.19
N CYS A 25 -9.49 13.55 14.16
CA CYS A 25 -8.30 13.77 14.90
C CYS A 25 -7.24 14.17 13.92
N GLU A 26 -6.41 15.08 14.31
CA GLU A 26 -5.35 15.53 13.46
C GLU A 26 -4.26 14.48 13.41
N ALA A 27 -3.61 14.39 12.31
CA ALA A 27 -2.55 13.47 12.11
C ALA A 27 -1.60 14.05 11.11
N LYS A 28 -0.45 13.49 11.00
CA LYS A 28 0.49 13.96 10.02
C LYS A 28 1.18 12.77 9.43
N ILE A 29 1.56 12.87 8.19
CA ILE A 29 2.21 11.78 7.50
C ILE A 29 3.58 11.56 8.11
N LYS A 30 3.75 10.42 8.70
CA LYS A 30 5.01 10.04 9.27
C LYS A 30 5.80 9.27 8.24
N THR A 31 5.16 8.35 7.55
CA THR A 31 5.80 7.55 6.53
C THR A 31 4.85 7.38 5.35
N ALA A 32 5.38 7.40 4.14
CA ALA A 32 4.56 7.23 2.97
C ALA A 32 4.89 5.93 2.30
N LYS A 33 3.93 5.07 2.20
CA LYS A 33 4.13 3.81 1.55
C LYS A 33 3.38 3.69 0.28
N ARG A 34 4.04 4.07 -0.77
CA ARG A 34 3.48 3.98 -2.07
C ARG A 34 3.44 2.54 -2.56
N LEU A 35 2.27 1.99 -2.52
CA LEU A 35 2.03 0.69 -3.04
C LEU A 35 1.02 0.78 -4.13
N VAL A 36 1.39 0.39 -5.28
CA VAL A 36 0.48 0.34 -6.38
C VAL A 36 0.32 -1.11 -6.74
N LYS A 37 -0.88 -1.58 -6.71
CA LYS A 37 -1.15 -2.95 -7.01
C LYS A 37 -1.87 -3.02 -8.32
N VAL A 38 -1.27 -3.68 -9.25
CA VAL A 38 -1.75 -3.78 -10.58
C VAL A 38 -2.33 -5.17 -10.76
N LYS A 39 -3.54 -5.24 -11.22
CA LYS A 39 -4.18 -6.50 -11.40
C LYS A 39 -3.99 -6.91 -12.83
N VAL A 40 -3.22 -7.91 -13.01
CA VAL A 40 -2.80 -8.36 -14.30
C VAL A 40 -3.24 -9.78 -14.58
N THR A 41 -3.54 -10.02 -15.81
CA THR A 41 -3.88 -11.32 -16.26
C THR A 41 -2.73 -11.84 -17.10
N PHE A 42 -2.03 -12.86 -16.59
CA PHE A 42 -0.94 -13.48 -17.33
C PHE A 42 -1.46 -13.99 -18.63
N ARG A 43 -0.89 -13.51 -19.72
CA ARG A 43 -1.34 -13.90 -21.04
C ARG A 43 -1.19 -15.39 -21.27
N HIS A 44 -0.16 -15.98 -20.68
CA HIS A 44 0.11 -17.41 -20.86
C HIS A 44 -0.80 -18.25 -19.96
N ASP A 45 -0.92 -17.86 -18.70
CA ASP A 45 -1.61 -18.71 -17.70
C ASP A 45 -3.07 -18.43 -17.58
N SER A 46 -3.53 -17.30 -18.14
CA SER A 46 -4.94 -16.87 -18.06
C SER A 46 -5.34 -16.51 -16.60
N SER A 47 -4.35 -16.52 -15.72
CA SER A 47 -4.57 -16.24 -14.33
C SER A 47 -4.46 -14.76 -14.05
N THR A 48 -5.45 -14.22 -13.38
CA THR A 48 -5.45 -12.86 -12.99
C THR A 48 -4.95 -12.75 -11.55
N VAL A 49 -3.89 -12.03 -11.38
CA VAL A 49 -3.28 -11.83 -10.10
C VAL A 49 -3.05 -10.36 -9.90
N GLU A 50 -2.94 -9.98 -8.71
CA GLU A 50 -2.74 -8.60 -8.38
C GLU A 50 -1.37 -8.48 -7.78
N VAL A 51 -0.51 -7.80 -8.47
CA VAL A 51 0.88 -7.74 -8.11
C VAL A 51 1.29 -6.31 -7.84
N GLN A 52 2.24 -6.12 -6.96
CA GLN A 52 2.79 -4.81 -6.69
C GLN A 52 3.53 -4.31 -7.93
N ASP A 53 3.42 -3.01 -8.18
CA ASP A 53 4.01 -2.32 -9.34
C ASP A 53 5.51 -2.57 -9.47
N ASP A 54 6.15 -2.91 -8.36
CA ASP A 54 7.59 -3.21 -8.33
C ASP A 54 7.92 -4.37 -9.26
N HIS A 55 6.99 -5.26 -9.45
CA HIS A 55 7.24 -6.42 -10.31
C HIS A 55 6.66 -6.20 -11.68
N ILE A 56 6.05 -5.07 -11.89
CA ILE A 56 5.47 -4.73 -13.14
C ILE A 56 6.40 -3.80 -13.89
N LYS A 57 7.02 -4.29 -14.91
CA LYS A 57 7.87 -3.49 -15.72
C LYS A 57 7.19 -3.20 -17.05
N GLY A 58 6.58 -2.04 -17.15
CA GLY A 58 5.91 -1.63 -18.36
C GLY A 58 5.08 -0.37 -18.13
N PRO A 59 4.20 0.00 -19.07
CA PRO A 59 3.31 1.16 -18.92
C PRO A 59 2.09 0.82 -18.08
N LEU A 60 1.74 1.65 -17.14
CA LEU A 60 0.67 1.34 -16.22
C LEU A 60 -0.66 1.96 -16.66
N LYS A 61 -1.40 1.22 -17.47
CA LYS A 61 -2.73 1.63 -17.89
C LYS A 61 -3.56 0.38 -18.18
N VAL A 62 -4.87 0.51 -18.08
CA VAL A 62 -5.76 -0.59 -18.36
C VAL A 62 -5.67 -1.03 -19.82
N GLY A 63 -5.41 -2.30 -20.02
CA GLY A 63 -5.32 -2.82 -21.36
C GLY A 63 -3.90 -2.87 -21.87
N ALA A 64 -2.96 -2.39 -21.09
CA ALA A 64 -1.56 -2.44 -21.48
C ALA A 64 -0.98 -3.79 -21.18
N ILE A 65 -0.09 -4.22 -22.03
CA ILE A 65 0.62 -5.45 -21.84
C ILE A 65 1.93 -5.10 -21.15
N VAL A 66 2.11 -5.63 -19.98
CA VAL A 66 3.31 -5.37 -19.21
C VAL A 66 4.06 -6.63 -18.98
N GLU A 67 5.20 -6.49 -18.37
CA GLU A 67 6.03 -7.61 -18.08
C GLU A 67 6.06 -7.80 -16.58
N VAL A 68 5.50 -8.88 -16.16
CA VAL A 68 5.36 -9.18 -14.78
C VAL A 68 6.44 -10.13 -14.39
N LYS A 69 7.28 -9.69 -13.52
CA LYS A 69 8.33 -10.51 -13.05
C LYS A 69 7.75 -11.46 -12.04
N ASN A 70 7.87 -12.71 -12.33
CA ASN A 70 7.31 -13.72 -11.48
C ASN A 70 8.36 -14.33 -10.59
N LEU A 71 7.91 -15.19 -9.67
CA LEU A 71 8.76 -15.86 -8.65
C LEU A 71 9.97 -16.60 -9.24
N ASP A 72 9.89 -16.97 -10.50
CA ASP A 72 11.01 -17.67 -11.17
C ASP A 72 12.12 -16.67 -11.52
N GLY A 73 11.79 -15.40 -11.49
CA GLY A 73 12.73 -14.38 -11.87
C GLY A 73 12.61 -14.11 -13.35
N ALA A 74 11.49 -14.49 -13.90
CA ALA A 74 11.24 -14.34 -15.30
C ALA A 74 10.18 -13.29 -15.49
N TYR A 75 10.12 -12.72 -16.64
CA TYR A 75 9.11 -11.75 -16.91
C TYR A 75 8.07 -12.35 -17.83
N GLN A 76 6.84 -12.30 -17.43
CA GLN A 76 5.75 -12.83 -18.23
C GLN A 76 4.82 -11.73 -18.61
N GLU A 77 4.41 -11.72 -19.84
CA GLU A 77 3.52 -10.72 -20.36
C GLU A 77 2.15 -10.91 -19.75
N ALA A 78 1.61 -9.86 -19.27
CA ALA A 78 0.32 -9.87 -18.71
C ALA A 78 -0.39 -8.61 -19.07
N VAL A 79 -1.68 -8.66 -19.11
CA VAL A 79 -2.47 -7.51 -19.45
C VAL A 79 -2.97 -6.87 -18.17
N ILE A 80 -2.77 -5.59 -18.04
CA ILE A 80 -3.31 -4.87 -16.92
C ILE A 80 -4.81 -4.80 -17.09
N ASN A 81 -5.50 -5.42 -16.18
CA ASN A 81 -6.94 -5.46 -16.20
C ASN A 81 -7.52 -4.39 -15.30
N LYS A 82 -6.79 -4.07 -14.25
CA LYS A 82 -7.24 -3.12 -13.28
C LYS A 82 -6.04 -2.59 -12.51
N LEU A 83 -6.12 -1.38 -12.02
CA LEU A 83 -5.09 -0.83 -11.17
C LEU A 83 -5.75 -0.46 -9.89
N THR A 84 -5.09 -0.68 -8.79
CA THR A 84 -5.63 -0.36 -7.52
C THR A 84 -4.53 0.25 -6.65
N ASP A 85 -4.86 1.30 -5.92
CA ASP A 85 -3.89 1.88 -5.01
C ASP A 85 -3.86 0.99 -3.78
N ALA A 86 -2.76 0.97 -3.13
CA ALA A 86 -2.61 0.23 -1.92
C ALA A 86 -1.70 1.00 -1.01
N SER A 87 -1.53 2.27 -1.36
CA SER A 87 -0.65 3.15 -0.71
C SER A 87 -1.11 3.48 0.69
N TRP A 88 -0.27 3.15 1.63
CA TRP A 88 -0.54 3.40 2.99
C TRP A 88 0.25 4.57 3.43
N TYR A 89 -0.36 5.40 4.17
CA TYR A 89 0.33 6.49 4.72
C TYR A 89 0.30 6.33 6.21
N THR A 90 1.45 6.09 6.76
CA THR A 90 1.58 5.94 8.15
C THR A 90 1.47 7.30 8.75
N VAL A 91 0.45 7.52 9.47
CA VAL A 91 0.20 8.78 10.04
C VAL A 91 0.30 8.70 11.50
N VAL A 92 0.82 9.73 12.07
CA VAL A 92 0.86 9.86 13.46
C VAL A 92 -0.18 10.85 13.86
N PHE A 93 -1.10 10.42 14.62
CA PHE A 93 -2.14 11.23 15.13
C PHE A 93 -1.53 12.19 16.11
N ASP A 94 -2.16 13.29 16.28
CA ASP A 94 -1.65 14.36 17.13
C ASP A 94 -1.82 13.97 18.59
N ASP A 95 -2.60 12.92 18.79
CA ASP A 95 -2.81 12.31 20.09
C ASP A 95 -1.64 11.35 20.40
N GLY A 96 -0.85 11.04 19.37
CA GLY A 96 0.32 10.20 19.55
C GLY A 96 0.24 8.83 18.87
N ASP A 97 -0.95 8.46 18.40
CA ASP A 97 -1.14 7.07 17.83
C ASP A 97 -0.57 7.02 16.41
N GLU A 98 -0.03 5.89 15.98
CA GLU A 98 0.48 5.79 14.61
C GLU A 98 -0.18 4.62 13.92
N LYS A 99 -0.70 4.85 12.73
CA LYS A 99 -1.37 3.79 11.95
C LYS A 99 -1.20 4.09 10.47
N THR A 100 -1.34 3.08 9.62
CA THR A 100 -1.30 3.29 8.20
C THR A 100 -2.72 3.45 7.67
N LEU A 101 -3.02 4.61 7.16
CA LEU A 101 -4.30 4.84 6.53
C LEU A 101 -4.10 5.17 5.09
N ARG A 102 -5.07 4.93 4.29
CA ARG A 102 -5.00 5.21 2.90
C ARG A 102 -5.45 6.64 2.68
N ARG A 103 -5.06 7.24 1.56
CA ARG A 103 -5.35 8.65 1.30
C ARG A 103 -6.85 8.90 1.21
N SER A 104 -7.61 7.88 0.89
CA SER A 104 -9.05 7.98 0.77
C SER A 104 -9.72 7.99 2.16
N SER A 105 -8.91 7.82 3.20
CA SER A 105 -9.37 7.87 4.57
C SER A 105 -8.81 9.11 5.27
N LEU A 106 -8.03 9.90 4.55
CA LEU A 106 -7.31 11.01 5.14
C LEU A 106 -7.71 12.34 4.50
N CYS A 107 -8.13 13.27 5.32
CA CYS A 107 -8.47 14.60 4.87
C CYS A 107 -7.28 15.50 5.15
N LEU A 108 -6.70 16.03 4.12
CA LEU A 108 -5.51 16.84 4.23
C LEU A 108 -5.87 18.27 4.68
N LYS A 109 -5.06 18.82 5.57
CA LYS A 109 -5.25 20.18 6.00
C LYS A 109 -4.22 21.10 5.36
N GLY A 110 -3.03 20.57 5.12
CA GLY A 110 -2.01 21.33 4.45
C GLY A 110 -0.62 20.80 4.73
N GLU A 111 0.34 21.29 4.00
CA GLU A 111 1.72 20.92 4.20
C GLU A 111 2.33 21.84 5.23
N ARG A 112 2.04 21.56 6.47
CA ARG A 112 2.52 22.36 7.55
C ARG A 112 3.96 22.04 7.85
N HIS A 113 4.80 23.07 7.79
CA HIS A 113 6.26 23.00 8.04
C HIS A 113 7.01 22.34 6.90
N PHE A 114 8.25 22.75 6.71
CA PHE A 114 9.07 22.18 5.67
C PHE A 114 9.67 20.89 6.11
N ALA A 115 9.02 19.84 5.74
CA ALA A 115 9.50 18.54 6.00
C ALA A 115 10.44 18.14 4.89
N GLU A 116 11.69 18.25 5.17
CA GLU A 116 12.75 17.90 4.25
C GLU A 116 13.73 17.01 4.98
N SER A 117 14.61 16.36 4.21
CA SER A 117 15.66 15.45 4.72
C SER A 117 15.11 14.22 5.48
N GLU A 118 13.80 13.96 5.34
CA GLU A 118 13.10 12.85 6.01
C GLU A 118 13.23 13.02 7.55
N THR A 119 13.08 11.97 8.28
CA THR A 119 13.24 11.99 9.72
C THR A 119 14.57 11.35 10.09
N LEU A 120 15.37 11.14 9.07
CA LEU A 120 16.60 10.41 9.18
C LEU A 120 17.76 11.33 9.47
N ASP A 121 18.66 10.85 10.27
CA ASP A 121 19.86 11.57 10.64
C ASP A 121 21.05 10.66 10.51
N GLN A 122 22.00 11.03 9.67
CA GLN A 122 23.17 10.21 9.38
C GLN A 122 24.31 11.05 8.87
N LEU A 123 25.46 10.45 8.64
CA LEU A 123 26.59 11.15 8.09
C LEU A 123 27.10 10.46 6.84
N PRO A 124 26.90 11.07 5.68
CA PRO A 124 27.43 10.57 4.43
C PRO A 124 28.83 11.14 4.15
N LEU A 125 29.72 10.34 3.60
CA LEU A 125 31.05 10.82 3.30
C LEU A 125 31.10 11.35 1.89
N THR A 126 31.24 12.62 1.75
CA THR A 126 31.31 13.26 0.49
C THR A 126 32.77 13.31 -0.01
N ASN A 127 33.68 13.20 0.94
CA ASN A 127 35.11 13.16 0.65
C ASN A 127 35.68 11.81 1.04
N PRO A 128 36.31 11.11 0.10
CA PRO A 128 36.97 9.85 0.38
C PRO A 128 38.39 10.09 0.92
N GLU A 129 38.64 9.66 2.14
CA GLU A 129 39.95 9.87 2.77
C GLU A 129 40.90 8.74 2.40
N HIS A 130 40.36 7.69 1.86
CA HIS A 130 41.14 6.53 1.49
C HIS A 130 41.81 6.78 0.15
N PHE A 131 43.10 6.72 0.14
CA PHE A 131 43.87 6.94 -1.05
C PHE A 131 44.11 5.63 -1.76
N GLY A 132 43.44 5.45 -2.87
CA GLY A 132 43.67 4.29 -3.67
C GLY A 132 44.96 4.47 -4.41
N THR A 133 45.05 5.61 -5.06
CA THR A 133 46.21 6.03 -5.77
C THR A 133 46.60 7.44 -5.31
N PRO A 134 47.81 7.63 -4.74
CA PRO A 134 48.31 8.95 -4.36
C PRO A 134 48.47 9.78 -5.63
N VAL A 135 49.16 9.21 -6.58
CA VAL A 135 49.32 9.76 -7.88
C VAL A 135 48.57 8.84 -8.82
N ILE A 136 47.52 9.34 -9.43
CA ILE A 136 46.71 8.52 -10.29
C ILE A 136 47.36 8.39 -11.65
N GLY A 137 47.84 9.50 -12.17
CA GLY A 137 48.45 9.51 -13.48
C GLY A 137 47.46 9.96 -14.52
N LYS A 138 46.51 10.76 -14.08
CA LYS A 138 45.51 11.31 -14.97
C LYS A 138 45.86 12.75 -15.24
N LYS A 139 46.60 12.98 -16.35
CA LYS A 139 47.02 14.34 -16.79
C LYS A 139 48.05 14.93 -15.78
N THR A 140 48.57 14.06 -14.94
CA THR A 140 49.49 14.44 -13.90
C THR A 140 50.87 14.75 -14.50
N ASN A 141 51.18 14.06 -15.57
CA ASN A 141 52.44 14.20 -16.24
C ASN A 141 52.15 14.45 -17.71
N ARG A 142 53.05 15.11 -18.40
CA ARG A 142 52.82 15.48 -19.80
C ARG A 142 53.20 14.34 -20.74
N GLY A 143 53.83 13.32 -20.20
CA GLY A 143 54.22 12.19 -20.98
C GLY A 143 53.47 10.93 -20.59
N ARG A 144 52.19 10.93 -20.83
CA ARG A 144 51.33 9.77 -20.55
C ARG A 144 51.10 8.99 -21.83
N ARG A 145 51.39 9.62 -22.95
CA ARG A 145 51.22 9.02 -24.24
C ARG A 145 52.44 8.15 -24.53
N SER A 146 52.33 6.89 -24.15
CA SER A 146 53.42 5.95 -24.34
C SER A 146 53.62 5.64 -25.81
N ASN A 147 52.54 5.68 -26.56
CA ASN A 147 52.64 5.44 -27.97
C ASN A 147 52.95 6.74 -28.69
N HIS A 148 54.19 6.90 -29.07
CA HIS A 148 54.64 8.14 -29.69
C HIS A 148 54.57 8.05 -31.21
N ILE A 149 53.37 8.10 -31.74
CA ILE A 149 53.15 8.11 -33.18
C ILE A 149 51.65 8.25 -33.47
N PRO A 150 51.22 9.32 -34.14
CA PRO A 150 49.84 9.45 -34.54
C PRO A 150 49.59 8.68 -35.83
N GLU A 151 49.30 7.42 -35.66
CA GLU A 151 49.06 6.54 -36.77
C GLU A 151 48.10 5.45 -36.28
N MET A 1 6.03 28.34 -6.10
CA MET A 1 5.96 29.80 -6.16
C MET A 1 4.53 30.16 -5.76
N LYS A 2 4.22 31.44 -5.58
CA LYS A 2 2.89 31.84 -5.08
C LYS A 2 1.76 31.39 -6.00
N ALA A 3 1.90 31.64 -7.28
CA ALA A 3 0.90 31.24 -8.22
C ALA A 3 1.17 29.84 -8.71
N LEU A 4 0.29 28.93 -8.34
CA LEU A 4 0.41 27.56 -8.74
C LEU A 4 -0.37 27.35 -10.01
N ASP A 5 0.31 27.41 -11.12
CA ASP A 5 -0.33 27.27 -12.42
C ASP A 5 0.01 25.92 -13.01
N GLU A 6 0.53 25.07 -12.18
CA GLU A 6 0.88 23.72 -12.55
C GLU A 6 0.13 22.75 -11.65
N PRO A 7 -0.37 21.63 -12.20
CA PRO A 7 -1.08 20.60 -11.42
C PRO A 7 -0.21 20.03 -10.28
N PRO A 8 -0.74 20.04 -9.05
CA PRO A 8 -0.01 19.56 -7.88
C PRO A 8 0.15 18.07 -7.86
N TYR A 9 1.21 17.62 -7.22
CA TYR A 9 1.42 16.23 -7.00
C TYR A 9 2.33 16.08 -5.82
N LEU A 10 2.13 15.03 -5.06
CA LEU A 10 2.84 14.83 -3.86
C LEU A 10 3.95 13.84 -4.09
N THR A 11 5.09 14.13 -3.59
CA THR A 11 6.25 13.30 -3.75
C THR A 11 7.11 13.44 -2.47
N VAL A 12 8.21 12.74 -2.41
CA VAL A 12 9.12 12.82 -1.29
C VAL A 12 9.67 14.26 -1.18
N GLY A 13 9.45 14.90 -0.05
CA GLY A 13 9.92 16.24 0.12
C GLY A 13 8.80 17.28 0.05
N THR A 14 7.60 16.82 -0.27
CA THR A 14 6.48 17.70 -0.31
C THR A 14 5.99 17.98 1.11
N ASP A 15 5.80 19.25 1.42
CA ASP A 15 5.24 19.64 2.69
C ASP A 15 3.75 19.51 2.56
N VAL A 16 3.16 18.79 3.44
CA VAL A 16 1.79 18.45 3.32
C VAL A 16 0.97 18.89 4.50
N SER A 17 -0.29 18.94 4.29
CA SER A 17 -1.23 19.25 5.30
C SER A 17 -2.31 18.18 5.27
N ALA A 18 -2.57 17.60 6.40
CA ALA A 18 -3.57 16.56 6.51
C ALA A 18 -4.47 16.88 7.65
N LYS A 19 -5.75 16.68 7.47
CA LYS A 19 -6.69 16.92 8.52
C LYS A 19 -6.57 15.74 9.46
N TYR A 20 -5.90 15.96 10.55
CA TYR A 20 -5.50 14.94 11.44
C TYR A 20 -6.23 15.10 12.75
N ARG A 21 -7.00 14.07 13.10
CA ARG A 21 -7.82 14.02 14.33
C ARG A 21 -8.89 15.11 14.32
N GLY A 22 -9.07 15.73 13.17
CA GLY A 22 -10.02 16.78 13.06
C GLY A 22 -9.40 18.06 12.54
N ALA A 23 -8.12 18.29 12.82
CA ALA A 23 -7.51 19.56 12.42
C ALA A 23 -6.34 19.37 11.47
N PHE A 24 -6.25 20.23 10.46
CA PHE A 24 -5.15 20.20 9.51
C PHE A 24 -3.82 20.43 10.18
N CYS A 25 -3.00 19.43 10.16
CA CYS A 25 -1.69 19.49 10.71
C CYS A 25 -0.70 19.48 9.56
N GLU A 26 0.39 20.18 9.71
CA GLU A 26 1.39 20.25 8.70
C GLU A 26 2.45 19.19 8.95
N ALA A 27 2.78 18.47 7.92
CA ALA A 27 3.71 17.37 7.97
C ALA A 27 4.50 17.36 6.68
N LYS A 28 5.37 16.42 6.51
CA LYS A 28 6.12 16.32 5.27
C LYS A 28 6.26 14.88 4.84
N ILE A 29 6.27 14.66 3.55
CA ILE A 29 6.43 13.34 3.01
C ILE A 29 7.88 12.97 3.05
N LYS A 30 8.20 12.03 3.88
CA LYS A 30 9.55 11.59 4.01
C LYS A 30 9.80 10.50 3.00
N THR A 31 8.80 9.68 2.77
CA THR A 31 8.95 8.58 1.86
C THR A 31 7.68 8.42 1.04
N ALA A 32 7.80 8.13 -0.23
CA ALA A 32 6.65 7.86 -1.03
C ALA A 32 6.73 6.44 -1.44
N LYS A 33 5.79 5.66 -1.06
CA LYS A 33 5.82 4.30 -1.39
C LYS A 33 4.70 4.04 -2.37
N ARG A 34 5.03 4.12 -3.63
CA ARG A 34 4.06 3.86 -4.64
C ARG A 34 3.81 2.38 -4.70
N LEU A 35 2.61 2.01 -4.39
CA LEU A 35 2.20 0.67 -4.47
C LEU A 35 1.10 0.57 -5.45
N VAL A 36 1.40 0.09 -6.58
CA VAL A 36 0.36 -0.11 -7.50
C VAL A 36 -0.03 -1.53 -7.38
N LYS A 37 -1.22 -1.74 -6.88
CA LYS A 37 -1.73 -3.06 -6.81
C LYS A 37 -2.47 -3.25 -8.07
N VAL A 38 -1.85 -3.98 -8.93
CA VAL A 38 -2.32 -4.13 -10.25
C VAL A 38 -2.84 -5.52 -10.50
N LYS A 39 -4.01 -5.60 -11.06
CA LYS A 39 -4.59 -6.85 -11.44
C LYS A 39 -4.27 -7.12 -12.86
N VAL A 40 -3.50 -8.14 -13.04
CA VAL A 40 -3.00 -8.51 -14.34
C VAL A 40 -3.38 -9.91 -14.70
N THR A 41 -3.79 -10.07 -15.92
CA THR A 41 -4.09 -11.34 -16.45
C THR A 41 -2.85 -11.87 -17.14
N PHE A 42 -2.21 -12.84 -16.52
CA PHE A 42 -1.05 -13.46 -17.12
C PHE A 42 -1.45 -14.13 -18.38
N ARG A 43 -0.75 -13.86 -19.42
CA ARG A 43 -1.03 -14.49 -20.67
C ARG A 43 -0.60 -15.95 -20.65
N HIS A 44 0.48 -16.22 -19.95
CA HIS A 44 1.04 -17.57 -19.85
C HIS A 44 0.28 -18.41 -18.82
N ASP A 45 -0.08 -17.81 -17.69
CA ASP A 45 -0.73 -18.56 -16.60
C ASP A 45 -2.22 -18.51 -16.72
N SER A 46 -2.69 -17.59 -17.56
CA SER A 46 -4.12 -17.37 -17.86
C SER A 46 -4.94 -16.87 -16.61
N SER A 47 -4.29 -16.71 -15.50
CA SER A 47 -4.91 -16.25 -14.28
C SER A 47 -4.71 -14.75 -14.08
N THR A 48 -5.67 -14.10 -13.48
CA THR A 48 -5.54 -12.73 -13.13
C THR A 48 -5.19 -12.64 -11.66
N VAL A 49 -4.07 -12.06 -11.36
CA VAL A 49 -3.62 -11.92 -10.00
C VAL A 49 -3.33 -10.46 -9.73
N GLU A 50 -3.16 -10.11 -8.49
CA GLU A 50 -2.84 -8.76 -8.13
C GLU A 50 -1.45 -8.70 -7.53
N VAL A 51 -0.57 -8.00 -8.20
CA VAL A 51 0.81 -7.92 -7.76
C VAL A 51 1.18 -6.48 -7.48
N GLN A 52 2.37 -6.28 -6.92
CA GLN A 52 2.86 -4.96 -6.64
C GLN A 52 3.56 -4.35 -7.84
N ASP A 53 3.64 -3.04 -7.79
CA ASP A 53 4.31 -2.17 -8.78
C ASP A 53 5.73 -2.62 -9.10
N ASP A 54 6.37 -3.19 -8.10
CA ASP A 54 7.76 -3.61 -8.19
C ASP A 54 7.95 -4.76 -9.20
N HIS A 55 6.88 -5.50 -9.49
CA HIS A 55 6.97 -6.60 -10.43
C HIS A 55 6.66 -6.15 -11.84
N ILE A 56 6.16 -4.93 -11.97
CA ILE A 56 5.72 -4.46 -13.25
C ILE A 56 6.77 -3.60 -13.90
N LYS A 57 7.19 -4.04 -15.03
CA LYS A 57 8.06 -3.26 -15.85
C LYS A 57 7.27 -2.92 -17.11
N GLY A 58 6.71 -1.74 -17.11
CA GLY A 58 5.91 -1.28 -18.22
C GLY A 58 5.01 -0.16 -17.77
N PRO A 59 4.16 0.38 -18.65
CA PRO A 59 3.27 1.50 -18.32
C PRO A 59 2.06 1.07 -17.53
N LEU A 60 1.62 1.97 -16.74
CA LEU A 60 0.54 1.79 -15.85
C LEU A 60 -0.71 2.29 -16.54
N LYS A 61 -1.31 1.39 -17.27
CA LYS A 61 -2.42 1.69 -18.16
C LYS A 61 -3.31 0.46 -18.30
N VAL A 62 -4.61 0.66 -18.27
CA VAL A 62 -5.56 -0.43 -18.46
C VAL A 62 -5.43 -0.96 -19.89
N GLY A 63 -5.24 -2.24 -20.04
CA GLY A 63 -5.09 -2.83 -21.34
C GLY A 63 -3.64 -2.81 -21.80
N ALA A 64 -2.76 -2.36 -20.94
CA ALA A 64 -1.37 -2.34 -21.28
C ALA A 64 -0.76 -3.69 -21.06
N ILE A 65 0.04 -4.10 -22.00
CA ILE A 65 0.76 -5.33 -21.89
C ILE A 65 2.03 -5.01 -21.15
N VAL A 66 2.15 -5.52 -19.98
CA VAL A 66 3.31 -5.23 -19.18
C VAL A 66 4.10 -6.47 -18.89
N GLU A 67 5.31 -6.28 -18.46
CA GLU A 67 6.15 -7.39 -18.16
C GLU A 67 6.19 -7.57 -16.68
N VAL A 68 5.64 -8.65 -16.24
CA VAL A 68 5.56 -8.95 -14.85
C VAL A 68 6.64 -9.95 -14.51
N LYS A 69 7.57 -9.57 -13.68
CA LYS A 69 8.57 -10.51 -13.28
C LYS A 69 8.00 -11.39 -12.22
N ASN A 70 7.76 -12.59 -12.58
CA ASN A 70 7.09 -13.52 -11.73
C ASN A 70 8.07 -14.34 -10.91
N LEU A 71 7.52 -15.23 -10.09
CA LEU A 71 8.25 -16.11 -9.16
C LEU A 71 9.36 -16.95 -9.80
N ASP A 72 9.27 -17.14 -11.11
CA ASP A 72 10.28 -17.90 -11.86
C ASP A 72 11.49 -17.01 -12.13
N GLY A 73 11.32 -15.71 -11.88
CA GLY A 73 12.37 -14.73 -12.12
C GLY A 73 12.30 -14.21 -13.54
N ALA A 74 11.22 -14.54 -14.19
CA ALA A 74 11.04 -14.27 -15.60
C ALA A 74 10.00 -13.22 -15.78
N TYR A 75 10.01 -12.54 -16.89
CA TYR A 75 8.95 -11.64 -17.18
C TYR A 75 7.89 -12.34 -17.96
N GLN A 76 6.68 -12.16 -17.56
CA GLN A 76 5.56 -12.67 -18.28
C GLN A 76 4.68 -11.53 -18.70
N GLU A 77 4.35 -11.49 -19.97
CA GLU A 77 3.49 -10.45 -20.52
C GLU A 77 2.11 -10.64 -19.96
N ALA A 78 1.64 -9.67 -19.27
CA ALA A 78 0.33 -9.74 -18.73
C ALA A 78 -0.42 -8.50 -19.05
N VAL A 79 -1.70 -8.61 -19.11
CA VAL A 79 -2.56 -7.51 -19.45
C VAL A 79 -3.13 -6.90 -18.20
N ILE A 80 -2.89 -5.62 -17.98
CA ILE A 80 -3.45 -4.93 -16.85
C ILE A 80 -4.94 -4.74 -17.02
N ASN A 81 -5.70 -5.26 -16.08
CA ASN A 81 -7.15 -5.10 -16.08
C ASN A 81 -7.55 -3.94 -15.19
N LYS A 82 -6.88 -3.80 -14.08
CA LYS A 82 -7.20 -2.79 -13.10
C LYS A 82 -5.94 -2.40 -12.36
N LEU A 83 -5.82 -1.14 -11.99
CA LEU A 83 -4.66 -0.69 -11.26
C LEU A 83 -5.13 0.04 -10.04
N THR A 84 -4.51 -0.18 -8.96
CA THR A 84 -4.77 0.57 -7.80
C THR A 84 -3.51 1.36 -7.51
N ASP A 85 -3.48 2.62 -7.91
CA ASP A 85 -2.29 3.43 -7.68
C ASP A 85 -2.31 3.92 -6.27
N ALA A 86 -1.90 3.06 -5.39
CA ALA A 86 -1.90 3.33 -4.00
C ALA A 86 -0.57 3.92 -3.66
N SER A 87 -0.40 5.12 -4.08
CA SER A 87 0.74 5.84 -3.78
C SER A 87 0.65 6.34 -2.37
N TRP A 88 1.26 5.61 -1.50
CA TRP A 88 1.27 5.95 -0.13
C TRP A 88 2.33 6.95 0.12
N TYR A 89 2.02 7.92 0.87
CA TYR A 89 2.98 8.88 1.19
C TYR A 89 3.23 8.77 2.66
N THR A 90 4.40 8.34 3.00
CA THR A 90 4.75 8.21 4.36
C THR A 90 5.16 9.57 4.82
N VAL A 91 4.34 10.09 5.69
CA VAL A 91 4.52 11.40 6.20
C VAL A 91 4.93 11.36 7.60
N VAL A 92 5.73 12.30 7.94
CA VAL A 92 6.16 12.46 9.27
C VAL A 92 5.69 13.82 9.70
N PHE A 93 4.95 13.82 10.75
CA PHE A 93 4.45 15.00 11.35
C PHE A 93 5.52 15.48 12.28
N ASP A 94 5.47 16.72 12.61
CA ASP A 94 6.47 17.31 13.47
C ASP A 94 6.10 17.10 14.92
N ASP A 95 5.03 16.36 15.09
CA ASP A 95 4.62 15.85 16.38
C ASP A 95 5.34 14.53 16.64
N GLY A 96 6.01 14.03 15.59
CA GLY A 96 6.78 12.81 15.69
C GLY A 96 6.05 11.62 15.12
N ASP A 97 4.82 11.85 14.71
CA ASP A 97 3.99 10.77 14.17
C ASP A 97 4.38 10.47 12.74
N GLU A 98 4.38 9.22 12.37
CA GLU A 98 4.74 8.82 11.03
C GLU A 98 3.78 7.76 10.55
N LYS A 99 3.22 7.95 9.38
CA LYS A 99 2.37 6.94 8.74
C LYS A 99 2.11 7.26 7.29
N THR A 100 1.67 6.26 6.55
CA THR A 100 1.35 6.45 5.17
C THR A 100 -0.08 6.91 4.98
N LEU A 101 -0.23 7.98 4.27
CA LEU A 101 -1.52 8.45 3.88
C LEU A 101 -1.61 8.42 2.38
N ARG A 102 -2.81 8.30 1.88
CA ARG A 102 -3.05 8.30 0.45
C ARG A 102 -3.24 9.74 0.00
N ARG A 103 -3.16 9.96 -1.31
CA ARG A 103 -3.31 11.31 -1.90
C ARG A 103 -4.65 11.94 -1.53
N SER A 104 -5.68 11.13 -1.49
CA SER A 104 -7.03 11.60 -1.20
C SER A 104 -7.12 12.20 0.22
N SER A 105 -6.22 11.82 1.09
CA SER A 105 -6.25 12.26 2.46
C SER A 105 -5.09 13.21 2.76
N LEU A 106 -4.41 13.68 1.74
CA LEU A 106 -3.22 14.46 1.95
C LEU A 106 -3.19 15.62 0.95
N CYS A 107 -2.83 16.80 1.40
CA CYS A 107 -2.78 17.97 0.53
C CYS A 107 -1.39 18.59 0.52
N LEU A 108 -1.00 19.19 -0.60
CA LEU A 108 0.30 19.80 -0.78
C LEU A 108 0.26 21.17 -0.17
N LYS A 109 0.64 21.18 1.09
CA LYS A 109 0.61 22.30 2.01
C LYS A 109 -0.66 23.18 1.88
N GLY A 110 -1.79 22.57 1.55
CA GLY A 110 -3.01 23.31 1.38
C GLY A 110 -2.95 24.17 0.12
N GLU A 111 -2.67 23.53 -0.99
CA GLU A 111 -2.50 24.16 -2.28
C GLU A 111 -3.77 24.89 -2.72
N ARG A 112 -4.91 24.23 -2.60
CA ARG A 112 -6.17 24.92 -2.90
C ARG A 112 -6.89 25.25 -1.61
N HIS A 113 -6.18 24.98 -0.51
CA HIS A 113 -6.63 25.20 0.89
C HIS A 113 -7.80 24.32 1.28
N PHE A 114 -8.89 24.45 0.57
CA PHE A 114 -10.09 23.71 0.85
C PHE A 114 -10.01 22.34 0.20
N ALA A 115 -9.95 21.32 1.03
CA ALA A 115 -9.85 19.94 0.57
C ALA A 115 -11.24 19.38 0.24
N GLU A 116 -12.01 20.16 -0.48
CA GLU A 116 -13.35 19.81 -0.87
C GLU A 116 -13.48 19.95 -2.37
N SER A 117 -14.42 19.20 -2.97
CA SER A 117 -14.61 19.15 -4.43
C SER A 117 -13.44 18.46 -5.10
N GLU A 118 -12.90 17.50 -4.39
CA GLU A 118 -11.80 16.69 -4.87
C GLU A 118 -12.31 15.53 -5.72
N THR A 119 -13.60 15.32 -5.67
CA THR A 119 -14.26 14.32 -6.45
C THR A 119 -14.07 14.61 -7.95
N LEU A 120 -13.66 13.59 -8.69
CA LEU A 120 -13.43 13.62 -10.15
C LEU A 120 -12.47 14.72 -10.65
N ASP A 121 -11.66 15.26 -9.74
CA ASP A 121 -10.65 16.27 -10.10
C ASP A 121 -9.42 15.62 -10.71
N GLN A 122 -9.67 15.05 -11.87
CA GLN A 122 -8.68 14.42 -12.70
C GLN A 122 -9.13 14.71 -14.12
N LEU A 123 -8.80 15.89 -14.58
CA LEU A 123 -9.23 16.37 -15.87
C LEU A 123 -8.10 16.21 -16.88
N PRO A 124 -8.32 15.43 -17.96
CA PRO A 124 -7.34 15.25 -19.02
C PRO A 124 -6.99 16.58 -19.68
N LEU A 125 -5.73 16.79 -19.95
CA LEU A 125 -5.26 18.00 -20.55
C LEU A 125 -5.61 18.06 -22.02
N THR A 126 -6.70 18.70 -22.33
CA THR A 126 -7.07 18.93 -23.69
C THR A 126 -6.26 20.13 -24.18
N ASN A 127 -5.18 19.83 -24.83
CA ASN A 127 -4.23 20.82 -25.27
C ASN A 127 -4.42 21.07 -26.74
N PRO A 128 -4.57 22.35 -27.16
CA PRO A 128 -4.71 22.68 -28.56
C PRO A 128 -3.43 22.38 -29.34
N GLU A 129 -3.58 21.99 -30.57
CA GLU A 129 -2.45 21.61 -31.39
C GLU A 129 -1.73 22.84 -31.91
N HIS A 130 -0.76 22.61 -32.78
CA HIS A 130 0.04 23.68 -33.38
C HIS A 130 -0.81 24.62 -34.26
N PHE A 131 -1.34 25.65 -33.64
CA PHE A 131 -2.11 26.68 -34.30
C PHE A 131 -1.79 28.00 -33.64
N GLY A 132 -1.85 29.06 -34.40
CA GLY A 132 -1.59 30.35 -33.85
C GLY A 132 -2.85 30.96 -33.29
N THR A 133 -2.85 31.26 -32.04
CA THR A 133 -4.01 31.81 -31.38
C THR A 133 -3.62 33.10 -30.65
N PRO A 134 -4.15 34.27 -31.08
CA PRO A 134 -3.85 35.56 -30.46
C PRO A 134 -4.48 35.71 -29.06
N VAL A 135 -3.89 35.02 -28.13
CA VAL A 135 -4.24 35.06 -26.72
C VAL A 135 -2.94 35.01 -25.96
N ILE A 136 -2.17 34.01 -26.24
CA ILE A 136 -0.90 33.82 -25.63
C ILE A 136 0.12 33.58 -26.74
N GLY A 137 1.27 34.18 -26.60
CA GLY A 137 2.30 34.03 -27.58
C GLY A 137 3.13 35.28 -27.68
N LYS A 138 2.46 36.42 -27.66
CA LYS A 138 3.09 37.72 -27.86
C LYS A 138 4.22 38.02 -26.88
N LYS A 139 4.01 37.73 -25.62
CA LYS A 139 5.04 38.01 -24.62
C LYS A 139 5.74 36.73 -24.18
N THR A 140 5.66 35.70 -24.99
CA THR A 140 6.28 34.47 -24.63
C THR A 140 7.06 33.83 -25.81
N ASN A 141 6.35 33.47 -26.89
CA ASN A 141 6.93 32.82 -28.08
C ASN A 141 7.68 31.51 -27.70
N ARG A 142 7.29 30.92 -26.59
CA ARG A 142 7.92 29.71 -26.12
C ARG A 142 6.99 28.54 -26.36
N GLY A 143 7.34 27.70 -27.29
CA GLY A 143 6.53 26.54 -27.57
C GLY A 143 6.75 25.46 -26.54
N ARG A 144 5.72 25.16 -25.76
CA ARG A 144 5.79 24.14 -24.73
C ARG A 144 5.58 22.77 -25.30
N ARG A 145 6.09 21.80 -24.61
CA ARG A 145 5.90 20.41 -24.90
C ARG A 145 5.87 19.71 -23.57
N SER A 146 4.99 18.76 -23.41
CA SER A 146 4.77 18.07 -22.13
C SER A 146 5.89 17.05 -21.77
N ASN A 147 7.11 17.34 -22.22
CA ASN A 147 8.30 16.49 -22.01
C ASN A 147 8.10 15.13 -22.64
N HIS A 148 7.52 14.23 -21.89
CA HIS A 148 7.14 12.92 -22.32
C HIS A 148 5.90 12.58 -21.57
N ILE A 149 4.91 12.10 -22.27
CA ILE A 149 3.66 11.61 -21.66
C ILE A 149 2.83 12.73 -20.97
N PRO A 150 1.86 13.30 -21.67
CA PRO A 150 0.87 14.20 -21.04
C PRO A 150 -0.26 13.36 -20.42
N GLU A 151 -0.06 12.04 -20.50
CA GLU A 151 -0.94 10.99 -20.03
C GLU A 151 -2.07 10.77 -21.00
N MET A 1 -22.53 7.00 8.78
CA MET A 1 -23.57 7.99 8.47
C MET A 1 -23.01 9.39 8.54
N LYS A 2 -22.39 9.74 9.65
CA LYS A 2 -21.75 11.01 9.78
C LYS A 2 -20.26 10.85 9.62
N ALA A 3 -19.78 11.41 8.57
CA ALA A 3 -18.37 11.42 8.25
C ALA A 3 -18.11 12.68 7.49
N LEU A 4 -17.57 13.66 8.19
CA LEU A 4 -17.37 14.97 7.61
C LEU A 4 -16.08 14.98 6.80
N ASP A 5 -14.99 14.67 7.43
CA ASP A 5 -13.70 14.70 6.77
C ASP A 5 -13.34 13.29 6.34
N GLU A 6 -12.63 13.18 5.25
CA GLU A 6 -12.28 11.88 4.71
C GLU A 6 -10.90 11.49 5.23
N PRO A 7 -10.45 10.25 4.99
CA PRO A 7 -9.06 9.91 5.16
C PRO A 7 -8.34 10.39 3.89
N PRO A 8 -7.73 11.59 3.92
CA PRO A 8 -7.25 12.26 2.72
C PRO A 8 -5.94 11.74 2.21
N TYR A 9 -5.28 12.59 1.47
CA TYR A 9 -3.99 12.31 0.96
C TYR A 9 -2.98 12.85 1.94
N LEU A 10 -2.09 12.02 2.30
CA LEU A 10 -1.11 12.32 3.30
C LEU A 10 0.23 12.55 2.60
N THR A 11 1.11 13.29 3.21
CA THR A 11 2.37 13.58 2.57
C THR A 11 3.50 13.43 3.61
N VAL A 12 4.73 13.26 3.14
CA VAL A 12 5.89 13.09 4.03
C VAL A 12 6.03 14.32 4.94
N GLY A 13 6.01 14.09 6.23
CA GLY A 13 6.13 15.19 7.18
C GLY A 13 4.85 15.46 7.93
N THR A 14 3.73 15.13 7.30
CA THR A 14 2.42 15.35 7.88
C THR A 14 2.23 14.50 9.15
N ASP A 15 1.59 15.08 10.14
CA ASP A 15 1.27 14.36 11.34
C ASP A 15 -0.19 13.94 11.27
N VAL A 16 -0.38 12.70 11.39
CA VAL A 16 -1.66 12.11 11.23
C VAL A 16 -2.02 11.37 12.47
N SER A 17 -3.20 10.92 12.54
CA SER A 17 -3.61 10.11 13.60
C SER A 17 -3.87 8.74 13.01
N ALA A 18 -3.09 7.80 13.45
CA ALA A 18 -3.20 6.47 12.97
C ALA A 18 -3.90 5.65 13.97
N LYS A 19 -4.86 4.88 13.54
CA LYS A 19 -5.54 4.03 14.45
C LYS A 19 -4.71 2.79 14.64
N TYR A 20 -4.04 2.74 15.73
CA TYR A 20 -3.19 1.67 16.04
C TYR A 20 -3.87 0.81 17.07
N ARG A 21 -4.29 -0.35 16.61
CA ARG A 21 -4.94 -1.35 17.42
C ARG A 21 -6.30 -0.86 17.94
N GLY A 22 -6.31 -0.11 19.02
CA GLY A 22 -7.54 0.37 19.57
C GLY A 22 -7.51 1.83 19.86
N ALA A 23 -6.42 2.49 19.55
CA ALA A 23 -6.30 3.90 19.87
C ALA A 23 -5.67 4.66 18.72
N PHE A 24 -6.05 5.90 18.57
CA PHE A 24 -5.44 6.76 17.58
C PHE A 24 -4.20 7.39 18.17
N CYS A 25 -3.14 7.36 17.42
CA CYS A 25 -1.89 7.94 17.82
C CYS A 25 -1.44 8.92 16.78
N GLU A 26 -0.97 10.08 17.23
CA GLU A 26 -0.36 11.05 16.35
C GLU A 26 0.93 10.44 15.84
N ALA A 27 1.08 10.39 14.56
CA ALA A 27 2.23 9.78 13.92
C ALA A 27 2.65 10.59 12.72
N LYS A 28 3.91 10.60 12.41
CA LYS A 28 4.44 11.40 11.31
C LYS A 28 4.74 10.54 10.12
N ILE A 29 4.34 10.99 8.96
CA ILE A 29 4.57 10.29 7.70
C ILE A 29 6.05 10.37 7.36
N LYS A 30 6.74 9.24 7.35
CA LYS A 30 8.09 9.23 6.87
C LYS A 30 8.12 8.84 5.44
N THR A 31 7.29 7.89 5.08
CA THR A 31 7.32 7.38 3.74
C THR A 31 5.91 7.06 3.30
N ALA A 32 5.65 7.21 2.05
CA ALA A 32 4.41 6.77 1.53
C ALA A 32 4.72 5.55 0.75
N LYS A 33 4.27 4.44 1.23
CA LYS A 33 4.55 3.22 0.58
C LYS A 33 3.43 3.00 -0.38
N ARG A 34 3.63 3.51 -1.55
CA ARG A 34 2.65 3.39 -2.53
C ARG A 34 2.81 2.07 -3.20
N LEU A 35 1.88 1.23 -2.97
CA LEU A 35 1.86 -0.03 -3.58
C LEU A 35 0.80 -0.02 -4.60
N VAL A 36 1.17 -0.13 -5.80
CA VAL A 36 0.21 -0.17 -6.82
C VAL A 36 -0.03 -1.61 -7.10
N LYS A 37 -1.20 -2.04 -6.77
CA LYS A 37 -1.57 -3.38 -7.04
C LYS A 37 -2.11 -3.43 -8.41
N VAL A 38 -1.31 -3.92 -9.26
CA VAL A 38 -1.60 -4.02 -10.62
C VAL A 38 -2.21 -5.37 -10.85
N LYS A 39 -3.47 -5.36 -11.18
CA LYS A 39 -4.22 -6.56 -11.36
C LYS A 39 -4.08 -6.95 -12.81
N VAL A 40 -3.43 -8.04 -13.05
CA VAL A 40 -3.03 -8.45 -14.40
C VAL A 40 -3.39 -9.89 -14.71
N THR A 41 -3.78 -10.11 -15.92
CA THR A 41 -4.06 -11.42 -16.43
C THR A 41 -2.81 -11.91 -17.16
N PHE A 42 -2.10 -12.86 -16.56
CA PHE A 42 -0.93 -13.45 -17.20
C PHE A 42 -1.36 -14.05 -18.51
N ARG A 43 -0.70 -13.72 -19.57
CA ARG A 43 -1.04 -14.30 -20.84
C ARG A 43 -0.49 -15.72 -20.91
N HIS A 44 0.58 -15.94 -20.17
CA HIS A 44 1.23 -17.24 -20.10
C HIS A 44 0.49 -18.20 -19.15
N ASP A 45 -0.21 -17.68 -18.16
CA ASP A 45 -0.86 -18.55 -17.17
C ASP A 45 -2.39 -18.43 -17.23
N SER A 46 -2.86 -17.39 -17.92
CA SER A 46 -4.29 -17.08 -18.09
C SER A 46 -5.01 -16.67 -16.79
N SER A 47 -4.27 -16.55 -15.72
CA SER A 47 -4.84 -16.16 -14.44
C SER A 47 -4.67 -14.66 -14.18
N THR A 48 -5.67 -14.05 -13.60
CA THR A 48 -5.59 -12.68 -13.20
C THR A 48 -5.14 -12.61 -11.73
N VAL A 49 -4.00 -12.02 -11.53
CA VAL A 49 -3.38 -11.88 -10.23
C VAL A 49 -3.22 -10.42 -9.89
N GLU A 50 -2.90 -10.13 -8.67
CA GLU A 50 -2.75 -8.77 -8.22
C GLU A 50 -1.36 -8.63 -7.61
N VAL A 51 -0.48 -7.86 -8.26
CA VAL A 51 0.92 -7.74 -7.82
C VAL A 51 1.31 -6.29 -7.57
N GLN A 52 2.52 -6.08 -7.07
CA GLN A 52 3.03 -4.74 -6.76
C GLN A 52 3.74 -4.14 -7.99
N ASP A 53 4.02 -2.82 -7.90
CA ASP A 53 4.71 -2.01 -8.94
C ASP A 53 5.99 -2.70 -9.39
N ASP A 54 6.69 -3.30 -8.43
CA ASP A 54 8.01 -3.93 -8.65
C ASP A 54 7.95 -5.05 -9.67
N HIS A 55 6.80 -5.66 -9.80
CA HIS A 55 6.66 -6.79 -10.69
C HIS A 55 6.23 -6.35 -12.06
N ILE A 56 6.00 -5.08 -12.26
CA ILE A 56 5.49 -4.61 -13.52
C ILE A 56 6.49 -3.72 -14.25
N LYS A 57 6.84 -4.09 -15.44
CA LYS A 57 7.63 -3.22 -16.30
C LYS A 57 6.83 -2.81 -17.51
N GLY A 58 6.79 -1.52 -17.74
CA GLY A 58 6.08 -0.98 -18.85
C GLY A 58 5.47 0.34 -18.47
N PRO A 59 4.38 0.75 -19.14
CA PRO A 59 3.72 2.02 -18.85
C PRO A 59 2.70 1.91 -17.72
N LEU A 60 2.44 0.67 -17.32
CA LEU A 60 1.42 0.32 -16.33
C LEU A 60 0.10 1.08 -16.54
N LYS A 61 -0.47 0.85 -17.71
CA LYS A 61 -1.67 1.49 -18.14
C LYS A 61 -2.76 0.44 -18.16
N VAL A 62 -3.97 0.80 -17.77
CA VAL A 62 -5.08 -0.13 -17.78
C VAL A 62 -5.37 -0.63 -19.21
N GLY A 63 -5.40 -1.93 -19.38
CA GLY A 63 -5.66 -2.53 -20.66
C GLY A 63 -4.39 -2.86 -21.41
N ALA A 64 -3.28 -2.34 -20.93
CA ALA A 64 -2.01 -2.54 -21.58
C ALA A 64 -1.39 -3.88 -21.23
N ILE A 65 -0.51 -4.33 -22.08
CA ILE A 65 0.24 -5.54 -21.86
C ILE A 65 1.56 -5.11 -21.27
N VAL A 66 1.88 -5.65 -20.13
CA VAL A 66 3.13 -5.31 -19.44
C VAL A 66 3.92 -6.55 -19.12
N GLU A 67 5.09 -6.34 -18.56
CA GLU A 67 5.97 -7.41 -18.17
C GLU A 67 5.79 -7.63 -16.70
N VAL A 68 5.27 -8.77 -16.34
CA VAL A 68 5.03 -9.11 -14.97
C VAL A 68 6.03 -10.13 -14.49
N LYS A 69 6.83 -9.74 -13.56
CA LYS A 69 7.81 -10.61 -12.97
C LYS A 69 7.10 -11.64 -12.12
N ASN A 70 7.41 -12.85 -12.35
CA ASN A 70 6.86 -13.91 -11.54
C ASN A 70 7.92 -14.38 -10.56
N LEU A 71 7.54 -15.26 -9.65
CA LEU A 71 8.40 -15.78 -8.57
C LEU A 71 9.71 -16.44 -9.05
N ASP A 72 9.76 -16.82 -10.32
CA ASP A 72 10.98 -17.42 -10.89
C ASP A 72 11.98 -16.32 -11.25
N GLY A 73 11.51 -15.09 -11.27
CA GLY A 73 12.35 -13.97 -11.63
C GLY A 73 12.29 -13.70 -13.11
N ALA A 74 11.25 -14.19 -13.74
CA ALA A 74 11.09 -14.00 -15.17
C ALA A 74 9.93 -13.09 -15.40
N TYR A 75 9.94 -12.37 -16.45
CA TYR A 75 8.84 -11.55 -16.75
C TYR A 75 7.93 -12.24 -17.74
N GLN A 76 6.68 -12.23 -17.44
CA GLN A 76 5.67 -12.82 -18.29
C GLN A 76 4.76 -11.71 -18.73
N GLU A 77 4.33 -11.74 -19.95
CA GLU A 77 3.47 -10.71 -20.46
C GLU A 77 2.07 -10.89 -19.92
N ALA A 78 1.50 -9.83 -19.47
CA ALA A 78 0.18 -9.88 -18.92
C ALA A 78 -0.59 -8.65 -19.28
N VAL A 79 -1.88 -8.75 -19.25
CA VAL A 79 -2.76 -7.64 -19.56
C VAL A 79 -3.29 -7.02 -18.27
N ILE A 80 -3.10 -5.73 -18.10
CA ILE A 80 -3.58 -5.03 -16.93
C ILE A 80 -5.09 -4.87 -16.98
N ASN A 81 -5.74 -5.34 -15.95
CA ASN A 81 -7.19 -5.24 -15.84
C ASN A 81 -7.59 -4.05 -14.99
N LYS A 82 -6.83 -3.77 -13.94
CA LYS A 82 -7.22 -2.75 -12.99
C LYS A 82 -5.98 -2.30 -12.19
N LEU A 83 -5.90 -1.01 -11.91
CA LEU A 83 -4.81 -0.46 -11.09
C LEU A 83 -5.36 -0.12 -9.71
N THR A 84 -4.88 -0.79 -8.72
CA THR A 84 -5.31 -0.53 -7.37
C THR A 84 -4.27 0.30 -6.64
N ASP A 85 -4.61 1.54 -6.38
CA ASP A 85 -3.74 2.46 -5.69
C ASP A 85 -3.80 2.18 -4.21
N ALA A 86 -2.88 1.41 -3.73
CA ALA A 86 -2.82 1.12 -2.34
C ALA A 86 -1.70 1.91 -1.72
N SER A 87 -1.92 3.18 -1.60
CA SER A 87 -0.96 4.02 -0.98
C SER A 87 -1.08 3.91 0.52
N TRP A 88 -0.18 3.16 1.08
CA TRP A 88 -0.12 2.99 2.49
C TRP A 88 0.87 3.97 3.00
N TYR A 89 0.61 4.60 4.06
CA TYR A 89 1.54 5.57 4.56
C TYR A 89 2.30 5.03 5.72
N THR A 90 3.59 5.03 5.56
CA THR A 90 4.45 4.56 6.56
C THR A 90 4.67 5.71 7.51
N VAL A 91 4.16 5.51 8.68
CA VAL A 91 4.16 6.48 9.71
C VAL A 91 5.07 6.04 10.80
N VAL A 92 5.70 6.99 11.39
CA VAL A 92 6.49 6.76 12.51
C VAL A 92 5.70 7.21 13.71
N PHE A 93 5.44 6.29 14.58
CA PHE A 93 4.80 6.57 15.81
C PHE A 93 5.84 7.25 16.65
N ASP A 94 5.42 8.00 17.61
CA ASP A 94 6.38 8.83 18.36
C ASP A 94 7.15 7.97 19.35
N ASP A 95 6.76 6.71 19.40
CA ASP A 95 7.43 5.68 20.17
C ASP A 95 8.70 5.26 19.43
N GLY A 96 8.76 5.65 18.16
CA GLY A 96 9.88 5.29 17.32
C GLY A 96 9.52 4.13 16.42
N ASP A 97 8.33 3.59 16.59
CA ASP A 97 7.86 2.45 15.81
C ASP A 97 7.38 2.92 14.45
N GLU A 98 7.51 2.11 13.42
CA GLU A 98 7.12 2.54 12.09
C GLU A 98 6.33 1.46 11.38
N LYS A 99 5.18 1.83 10.85
CA LYS A 99 4.32 0.91 10.07
C LYS A 99 3.62 1.65 8.98
N THR A 100 3.18 0.95 7.98
CA THR A 100 2.52 1.58 6.88
C THR A 100 1.04 1.17 6.91
N LEU A 101 0.19 2.14 7.02
CA LEU A 101 -1.23 1.87 7.14
C LEU A 101 -1.99 2.40 5.94
N ARG A 102 -3.08 1.74 5.63
CA ARG A 102 -3.95 2.15 4.56
C ARG A 102 -4.78 3.34 5.00
N ARG A 103 -5.35 4.07 4.06
CA ARG A 103 -6.14 5.28 4.35
C ARG A 103 -7.27 5.01 5.34
N SER A 104 -7.86 3.83 5.26
CA SER A 104 -8.97 3.45 6.12
C SER A 104 -8.59 3.43 7.63
N SER A 105 -7.30 3.28 7.91
CA SER A 105 -6.83 3.23 9.27
C SER A 105 -6.12 4.55 9.66
N LEU A 106 -6.25 5.54 8.80
CA LEU A 106 -5.56 6.80 8.99
C LEU A 106 -6.51 7.97 8.93
N CYS A 107 -6.09 9.04 9.54
CA CYS A 107 -6.75 10.32 9.50
C CYS A 107 -5.66 11.36 9.60
N LEU A 108 -5.73 12.41 8.84
CA LEU A 108 -4.74 13.45 8.89
C LEU A 108 -5.15 14.30 10.08
N LYS A 109 -4.22 14.86 10.90
CA LYS A 109 -4.76 15.57 12.06
C LYS A 109 -5.28 16.98 11.74
N GLY A 110 -6.49 16.98 11.24
CA GLY A 110 -7.27 18.16 11.01
C GLY A 110 -8.63 17.94 11.59
N GLU A 111 -8.72 16.86 12.36
CA GLU A 111 -9.94 16.45 13.05
C GLU A 111 -10.08 17.38 14.23
N ARG A 112 -11.26 17.88 14.44
CA ARG A 112 -11.47 18.77 15.52
C ARG A 112 -12.81 18.52 16.17
N HIS A 113 -12.94 17.39 16.79
CA HIS A 113 -14.09 17.13 17.63
C HIS A 113 -13.70 17.64 19.01
N PHE A 114 -12.41 17.74 19.17
CA PHE A 114 -11.76 18.26 20.32
C PHE A 114 -10.88 19.40 19.85
N ALA A 115 -11.07 20.56 20.40
CA ALA A 115 -10.25 21.71 20.02
C ALA A 115 -8.94 21.67 20.79
N GLU A 116 -8.17 20.67 20.51
CA GLU A 116 -6.88 20.47 21.11
C GLU A 116 -5.82 20.18 20.05
N SER A 117 -6.27 19.66 18.90
CA SER A 117 -5.39 19.38 17.79
C SER A 117 -4.82 20.68 17.25
N GLU A 118 -5.72 21.67 17.11
CA GLU A 118 -5.40 23.05 16.75
C GLU A 118 -4.64 23.20 15.43
N THR A 119 -4.61 22.15 14.66
CA THR A 119 -3.93 22.17 13.41
C THR A 119 -4.88 22.70 12.34
N LEU A 120 -4.95 24.00 12.29
CA LEU A 120 -5.83 24.71 11.40
C LEU A 120 -5.30 24.62 9.98
N ASP A 121 -6.03 23.94 9.14
CA ASP A 121 -5.63 23.75 7.76
C ASP A 121 -6.86 23.34 6.97
N GLN A 122 -7.42 22.21 7.38
CA GLN A 122 -8.63 21.62 6.79
C GLN A 122 -8.41 21.31 5.31
N LEU A 123 -7.84 20.17 5.05
CA LEU A 123 -7.53 19.78 3.70
C LEU A 123 -7.90 18.33 3.47
N PRO A 124 -9.10 18.08 2.94
CA PRO A 124 -9.52 16.73 2.55
C PRO A 124 -8.98 16.36 1.16
N LEU A 125 -8.47 17.36 0.44
CA LEU A 125 -7.95 17.24 -0.95
C LEU A 125 -9.09 16.96 -1.92
N THR A 126 -9.64 15.78 -1.83
CA THR A 126 -10.66 15.33 -2.71
C THR A 126 -12.05 15.74 -2.19
N ASN A 127 -12.44 15.17 -1.04
CA ASN A 127 -13.75 15.35 -0.45
C ASN A 127 -14.78 14.64 -1.34
N PRO A 128 -15.05 13.36 -1.05
CA PRO A 128 -15.84 12.48 -1.91
C PRO A 128 -17.34 12.64 -1.75
N GLU A 129 -17.84 13.85 -1.87
CA GLU A 129 -19.26 14.05 -1.84
C GLU A 129 -19.84 13.72 -3.21
N HIS A 130 -20.41 12.56 -3.28
CA HIS A 130 -20.95 12.08 -4.51
C HIS A 130 -22.47 12.16 -4.51
N PHE A 131 -23.09 11.52 -3.51
CA PHE A 131 -24.55 11.49 -3.30
C PHE A 131 -25.32 10.85 -4.49
N GLY A 132 -26.33 10.10 -4.17
CA GLY A 132 -27.17 9.56 -5.19
C GLY A 132 -26.91 8.10 -5.44
N THR A 133 -25.73 7.80 -5.90
CA THR A 133 -25.38 6.43 -6.19
C THR A 133 -24.38 5.91 -5.13
N PRO A 134 -24.87 5.23 -4.07
CA PRO A 134 -24.04 4.66 -3.04
C PRO A 134 -23.83 3.16 -3.28
N VAL A 135 -24.12 2.75 -4.50
CA VAL A 135 -24.02 1.37 -4.88
C VAL A 135 -22.56 1.00 -5.05
N ILE A 136 -22.00 0.42 -4.03
CA ILE A 136 -20.65 -0.04 -4.06
C ILE A 136 -20.63 -1.48 -4.51
N GLY A 137 -19.63 -1.85 -5.24
CA GLY A 137 -19.54 -3.19 -5.71
C GLY A 137 -18.63 -3.32 -6.87
N LYS A 138 -19.22 -3.46 -8.06
CA LYS A 138 -18.49 -3.69 -9.30
C LYS A 138 -17.76 -5.01 -9.23
N LYS A 139 -18.55 -6.08 -9.30
CA LYS A 139 -18.09 -7.47 -9.21
C LYS A 139 -17.62 -7.82 -7.79
N THR A 140 -17.64 -9.08 -7.50
CA THR A 140 -17.20 -9.53 -6.23
C THR A 140 -15.78 -10.09 -6.35
N ASN A 141 -14.97 -9.74 -5.39
CA ASN A 141 -13.63 -10.27 -5.24
C ASN A 141 -13.63 -11.16 -4.02
N ARG A 142 -14.82 -11.53 -3.59
CA ARG A 142 -15.01 -12.33 -2.41
C ARG A 142 -15.89 -13.53 -2.73
N GLY A 143 -16.22 -14.28 -1.70
CA GLY A 143 -17.07 -15.41 -1.83
C GLY A 143 -18.09 -15.41 -0.73
N ARG A 144 -19.36 -15.42 -1.10
CA ARG A 144 -20.45 -15.36 -0.12
C ARG A 144 -20.80 -16.75 0.38
N ARG A 145 -20.30 -17.77 -0.32
CA ARG A 145 -20.62 -19.16 -0.07
C ARG A 145 -22.06 -19.42 -0.48
N SER A 146 -22.23 -19.93 -1.67
CA SER A 146 -23.56 -20.24 -2.16
C SER A 146 -24.13 -21.46 -1.44
N ASN A 147 -23.24 -22.32 -0.93
CA ASN A 147 -23.65 -23.49 -0.14
C ASN A 147 -24.09 -23.04 1.24
N HIS A 148 -25.31 -22.60 1.30
CA HIS A 148 -25.90 -22.07 2.51
C HIS A 148 -26.64 -23.16 3.26
N ILE A 149 -27.17 -24.11 2.49
CA ILE A 149 -27.87 -25.28 3.01
C ILE A 149 -29.10 -24.92 3.89
N PRO A 150 -30.30 -24.89 3.28
CA PRO A 150 -31.54 -24.59 4.00
C PRO A 150 -32.02 -25.77 4.85
N GLU A 151 -31.24 -26.09 5.85
CA GLU A 151 -31.53 -27.12 6.81
C GLU A 151 -31.21 -26.57 8.17
N MET A 1 -11.98 10.17 -12.50
CA MET A 1 -11.32 11.39 -12.01
C MET A 1 -10.61 11.10 -10.72
N LYS A 2 -11.38 10.88 -9.67
CA LYS A 2 -10.84 10.46 -8.41
C LYS A 2 -11.65 9.30 -7.87
N ALA A 3 -10.98 8.34 -7.30
CA ALA A 3 -11.63 7.16 -6.76
C ALA A 3 -10.73 6.44 -5.80
N LEU A 4 -9.61 5.97 -6.30
CA LEU A 4 -8.65 5.21 -5.49
C LEU A 4 -7.64 6.14 -4.84
N ASP A 5 -7.66 7.35 -5.30
CA ASP A 5 -6.80 8.40 -4.88
C ASP A 5 -7.47 9.29 -3.85
N GLU A 6 -6.75 10.28 -3.38
CA GLU A 6 -7.22 11.13 -2.33
C GLU A 6 -7.70 12.49 -2.87
N PRO A 7 -8.93 12.89 -2.53
CA PRO A 7 -9.46 14.22 -2.89
C PRO A 7 -8.60 15.44 -2.39
N PRO A 8 -8.11 15.50 -1.10
CA PRO A 8 -7.35 16.67 -0.63
C PRO A 8 -5.94 16.74 -1.18
N TYR A 9 -5.33 15.55 -1.34
CA TYR A 9 -3.91 15.41 -1.68
C TYR A 9 -3.03 15.75 -0.48
N LEU A 10 -2.00 14.96 -0.28
CA LEU A 10 -1.10 15.16 0.78
C LEU A 10 0.26 14.79 0.26
N THR A 11 1.27 15.39 0.77
CA THR A 11 2.60 15.16 0.28
C THR A 11 3.59 15.43 1.39
N VAL A 12 4.84 15.19 1.11
CA VAL A 12 5.94 15.29 2.07
C VAL A 12 5.96 16.69 2.72
N GLY A 13 6.02 16.70 4.03
CA GLY A 13 6.10 17.95 4.76
C GLY A 13 4.79 18.37 5.35
N THR A 14 3.73 17.82 4.85
CA THR A 14 2.40 18.18 5.29
C THR A 14 2.07 17.49 6.63
N ASP A 15 1.51 18.24 7.56
CA ASP A 15 1.03 17.68 8.82
C ASP A 15 -0.39 17.21 8.64
N VAL A 16 -0.62 15.98 8.98
CA VAL A 16 -1.90 15.34 8.82
C VAL A 16 -2.27 14.61 10.11
N SER A 17 -3.51 14.27 10.25
CA SER A 17 -3.93 13.50 11.38
C SER A 17 -3.87 12.03 11.02
N ALA A 18 -3.04 11.31 11.72
CA ALA A 18 -2.90 9.90 11.53
C ALA A 18 -3.50 9.23 12.73
N LYS A 19 -4.12 8.10 12.52
CA LYS A 19 -4.70 7.42 13.64
C LYS A 19 -3.61 6.66 14.37
N TYR A 20 -3.43 7.00 15.60
CA TYR A 20 -2.45 6.37 16.42
C TYR A 20 -3.15 5.72 17.59
N ARG A 21 -3.11 4.42 17.61
CA ARG A 21 -3.70 3.57 18.64
C ARG A 21 -5.23 3.65 18.64
N GLY A 22 -5.77 4.67 19.23
CA GLY A 22 -7.20 4.82 19.28
C GLY A 22 -7.63 6.24 19.06
N ALA A 23 -6.69 7.11 18.76
CA ALA A 23 -7.00 8.51 18.58
C ALA A 23 -6.28 9.05 17.38
N PHE A 24 -6.67 10.20 16.93
CA PHE A 24 -6.00 10.83 15.82
C PHE A 24 -4.94 11.76 16.35
N CYS A 25 -3.75 11.59 15.87
CA CYS A 25 -2.64 12.40 16.29
C CYS A 25 -1.97 12.97 15.08
N GLU A 26 -1.55 14.19 15.17
CA GLU A 26 -0.87 14.83 14.08
C GLU A 26 0.52 14.24 13.85
N ALA A 27 0.80 13.97 12.63
CA ALA A 27 2.05 13.46 12.19
C ALA A 27 2.36 14.12 10.87
N LYS A 28 3.58 14.07 10.42
CA LYS A 28 3.90 14.77 9.20
C LYS A 28 4.44 13.80 8.17
N ILE A 29 4.00 13.96 6.94
CA ILE A 29 4.40 13.11 5.82
C ILE A 29 5.90 13.25 5.62
N LYS A 30 6.63 12.19 5.77
CA LYS A 30 8.05 12.27 5.53
C LYS A 30 8.43 11.44 4.32
N THR A 31 7.74 10.35 4.12
CA THR A 31 8.00 9.50 2.97
C THR A 31 6.65 9.06 2.40
N ALA A 32 6.58 8.86 1.11
CA ALA A 32 5.38 8.34 0.51
C ALA A 32 5.75 7.14 -0.31
N LYS A 33 5.35 5.98 0.10
CA LYS A 33 5.68 4.83 -0.67
C LYS A 33 4.52 4.54 -1.58
N ARG A 34 4.65 5.01 -2.78
CA ARG A 34 3.62 4.84 -3.75
C ARG A 34 3.67 3.41 -4.30
N LEU A 35 2.69 2.64 -3.94
CA LEU A 35 2.55 1.29 -4.41
C LEU A 35 1.25 1.15 -5.14
N VAL A 36 1.29 0.37 -6.17
CA VAL A 36 0.15 0.09 -6.96
C VAL A 36 0.05 -1.41 -7.10
N LYS A 37 -1.10 -1.96 -6.87
CA LYS A 37 -1.31 -3.33 -7.17
C LYS A 37 -1.97 -3.42 -8.50
N VAL A 38 -1.31 -4.01 -9.39
CA VAL A 38 -1.73 -4.08 -10.71
C VAL A 38 -2.30 -5.45 -10.90
N LYS A 39 -3.59 -5.52 -11.04
CA LYS A 39 -4.24 -6.77 -11.22
C LYS A 39 -4.18 -7.10 -12.67
N VAL A 40 -3.50 -8.15 -12.95
CA VAL A 40 -3.16 -8.52 -14.29
C VAL A 40 -3.60 -9.91 -14.63
N THR A 41 -3.86 -10.13 -15.86
CA THR A 41 -4.17 -11.43 -16.36
C THR A 41 -3.00 -11.87 -17.23
N PHE A 42 -2.27 -12.88 -16.76
CA PHE A 42 -1.11 -13.38 -17.48
C PHE A 42 -1.48 -13.83 -18.86
N ARG A 43 -0.72 -13.39 -19.82
CA ARG A 43 -0.91 -13.81 -21.19
C ARG A 43 -0.43 -15.24 -21.32
N HIS A 44 0.56 -15.54 -20.52
CA HIS A 44 1.21 -16.82 -20.50
C HIS A 44 0.39 -17.86 -19.73
N ASP A 45 -0.47 -17.42 -18.81
CA ASP A 45 -1.18 -18.39 -17.94
C ASP A 45 -2.67 -18.22 -17.89
N SER A 46 -3.17 -17.11 -18.42
CA SER A 46 -4.61 -16.77 -18.43
C SER A 46 -5.17 -16.47 -17.00
N SER A 47 -4.30 -16.52 -16.03
CA SER A 47 -4.67 -16.31 -14.65
C SER A 47 -4.61 -14.83 -14.28
N THR A 48 -5.63 -14.37 -13.60
CA THR A 48 -5.69 -13.01 -13.14
C THR A 48 -5.20 -12.97 -11.69
N VAL A 49 -4.13 -12.25 -11.48
CA VAL A 49 -3.48 -12.16 -10.20
C VAL A 49 -3.24 -10.68 -9.86
N GLU A 50 -2.89 -10.41 -8.64
CA GLU A 50 -2.64 -9.06 -8.20
C GLU A 50 -1.16 -8.94 -7.86
N VAL A 51 -0.47 -8.11 -8.59
CA VAL A 51 0.98 -7.96 -8.45
C VAL A 51 1.28 -6.52 -8.02
N GLN A 52 2.41 -6.28 -7.42
CA GLN A 52 2.78 -4.94 -7.03
C GLN A 52 3.61 -4.31 -8.14
N ASP A 53 3.60 -2.98 -8.16
CA ASP A 53 4.35 -2.13 -9.14
C ASP A 53 5.81 -2.54 -9.27
N ASP A 54 6.38 -3.01 -8.18
CA ASP A 54 7.79 -3.40 -8.11
C ASP A 54 8.12 -4.52 -9.11
N HIS A 55 7.14 -5.32 -9.46
CA HIS A 55 7.37 -6.44 -10.37
C HIS A 55 6.73 -6.19 -11.73
N ILE A 56 6.24 -5.00 -11.96
CA ILE A 56 5.61 -4.69 -13.21
C ILE A 56 6.54 -3.87 -14.09
N LYS A 57 6.96 -4.47 -15.16
CA LYS A 57 7.80 -3.83 -16.14
C LYS A 57 6.90 -3.36 -17.27
N GLY A 58 6.73 -2.08 -17.41
CA GLY A 58 5.90 -1.56 -18.48
C GLY A 58 5.07 -0.39 -18.05
N PRO A 59 4.22 0.14 -18.93
CA PRO A 59 3.39 1.31 -18.63
C PRO A 59 2.11 0.92 -17.88
N LEU A 60 1.71 1.73 -16.93
CA LEU A 60 0.55 1.41 -16.14
C LEU A 60 -0.71 2.05 -16.71
N LYS A 61 -1.22 1.43 -17.73
CA LYS A 61 -2.45 1.83 -18.39
C LYS A 61 -3.36 0.65 -18.40
N VAL A 62 -4.63 0.88 -18.29
CA VAL A 62 -5.57 -0.20 -18.35
C VAL A 62 -5.52 -0.82 -19.76
N GLY A 63 -5.47 -2.13 -19.81
CA GLY A 63 -5.43 -2.80 -21.08
C GLY A 63 -4.02 -3.00 -21.61
N ALA A 64 -3.05 -2.33 -21.01
CA ALA A 64 -1.66 -2.45 -21.44
C ALA A 64 -1.09 -3.80 -21.11
N ILE A 65 -0.16 -4.23 -21.93
CA ILE A 65 0.52 -5.48 -21.74
C ILE A 65 1.82 -5.18 -21.05
N VAL A 66 1.94 -5.64 -19.86
CA VAL A 66 3.14 -5.42 -19.08
C VAL A 66 3.80 -6.71 -18.78
N GLU A 67 4.96 -6.66 -18.22
CA GLU A 67 5.67 -7.85 -17.91
C GLU A 67 5.75 -7.98 -16.43
N VAL A 68 5.33 -9.08 -15.97
CA VAL A 68 5.28 -9.37 -14.58
C VAL A 68 6.48 -10.19 -14.23
N LYS A 69 7.29 -9.66 -13.39
CA LYS A 69 8.43 -10.39 -12.93
C LYS A 69 7.98 -11.31 -11.84
N ASN A 70 7.94 -12.56 -12.16
CA ASN A 70 7.50 -13.57 -11.24
C ASN A 70 8.61 -14.00 -10.35
N LEU A 71 8.26 -14.67 -9.27
CA LEU A 71 9.20 -15.22 -8.29
C LEU A 71 10.21 -16.18 -8.94
N ASP A 72 9.90 -16.67 -10.12
CA ASP A 72 10.81 -17.54 -10.87
C ASP A 72 11.94 -16.73 -11.48
N GLY A 73 11.80 -15.42 -11.45
CA GLY A 73 12.76 -14.55 -12.10
C GLY A 73 12.42 -14.43 -13.57
N ALA A 74 11.20 -14.81 -13.90
CA ALA A 74 10.74 -14.82 -15.26
C ALA A 74 9.74 -13.72 -15.46
N TYR A 75 9.85 -13.01 -16.55
CA TYR A 75 8.96 -11.94 -16.83
C TYR A 75 7.88 -12.46 -17.75
N GLN A 76 6.68 -12.37 -17.31
CA GLN A 76 5.57 -12.87 -18.06
C GLN A 76 4.62 -11.79 -18.41
N GLU A 77 4.25 -11.75 -19.65
CA GLU A 77 3.31 -10.78 -20.19
C GLU A 77 1.98 -10.93 -19.51
N ALA A 78 1.38 -9.83 -19.19
CA ALA A 78 0.08 -9.84 -18.61
C ALA A 78 -0.64 -8.56 -18.93
N VAL A 79 -1.94 -8.61 -18.93
CA VAL A 79 -2.77 -7.47 -19.25
C VAL A 79 -3.21 -6.78 -17.97
N ILE A 80 -3.01 -5.49 -17.88
CA ILE A 80 -3.49 -4.72 -16.76
C ILE A 80 -5.00 -4.61 -16.81
N ASN A 81 -5.65 -5.23 -15.86
CA ASN A 81 -7.10 -5.19 -15.77
C ASN A 81 -7.55 -4.10 -14.83
N LYS A 82 -6.87 -3.95 -13.71
CA LYS A 82 -7.24 -2.95 -12.72
C LYS A 82 -6.01 -2.44 -11.95
N LEU A 83 -6.01 -1.14 -11.69
CA LEU A 83 -5.00 -0.51 -10.87
C LEU A 83 -5.57 -0.31 -9.47
N THR A 84 -4.98 -0.98 -8.52
CA THR A 84 -5.43 -0.93 -7.15
C THR A 84 -4.42 -0.13 -6.30
N ASP A 85 -4.92 0.75 -5.47
CA ASP A 85 -4.09 1.62 -4.64
C ASP A 85 -3.41 0.89 -3.49
N ALA A 86 -2.15 1.22 -3.27
CA ALA A 86 -1.41 0.78 -2.12
C ALA A 86 -0.38 1.86 -1.74
N SER A 87 -0.66 3.10 -2.11
CA SER A 87 0.26 4.16 -1.80
C SER A 87 0.10 4.60 -0.36
N TRP A 88 1.08 4.28 0.44
CA TRP A 88 1.00 4.57 1.82
C TRP A 88 1.92 5.71 2.16
N TYR A 89 1.46 6.60 2.98
CA TYR A 89 2.22 7.75 3.35
C TYR A 89 2.78 7.56 4.73
N THR A 90 4.08 7.62 4.80
CA THR A 90 4.78 7.39 5.97
C THR A 90 4.95 8.71 6.67
N VAL A 91 4.32 8.79 7.78
CA VAL A 91 4.27 9.97 8.55
C VAL A 91 5.09 9.76 9.80
N VAL A 92 5.70 10.81 10.24
CA VAL A 92 6.45 10.77 11.44
C VAL A 92 5.75 11.59 12.49
N PHE A 93 5.58 10.99 13.60
CA PHE A 93 4.97 11.60 14.73
C PHE A 93 6.05 12.34 15.47
N ASP A 94 5.66 13.32 16.24
CA ASP A 94 6.64 14.15 16.93
C ASP A 94 7.08 13.53 18.22
N ASP A 95 6.59 12.33 18.45
CA ASP A 95 7.07 11.47 19.52
C ASP A 95 8.26 10.68 19.02
N GLY A 96 8.47 10.75 17.71
CA GLY A 96 9.56 10.04 17.10
C GLY A 96 9.10 8.77 16.44
N ASP A 97 7.83 8.50 16.51
CA ASP A 97 7.23 7.30 15.93
C ASP A 97 7.07 7.47 14.42
N GLU A 98 7.19 6.40 13.68
CA GLU A 98 7.08 6.45 12.23
C GLU A 98 6.09 5.40 11.82
N LYS A 99 5.16 5.75 10.98
CA LYS A 99 4.18 4.80 10.56
C LYS A 99 3.66 5.20 9.21
N THR A 100 3.32 4.24 8.40
CA THR A 100 2.79 4.57 7.12
C THR A 100 1.33 4.14 7.07
N LEU A 101 0.49 5.06 6.76
CA LEU A 101 -0.92 4.81 6.71
C LEU A 101 -1.42 5.04 5.32
N ARG A 102 -2.56 4.49 5.04
CA ARG A 102 -3.18 4.65 3.77
C ARG A 102 -3.85 6.01 3.68
N ARG A 103 -3.77 6.62 2.51
CA ARG A 103 -4.28 7.98 2.27
C ARG A 103 -5.75 8.16 2.60
N SER A 104 -6.50 7.08 2.56
CA SER A 104 -7.90 7.13 2.86
C SER A 104 -8.17 7.27 4.38
N SER A 105 -7.14 7.07 5.20
CA SER A 105 -7.28 7.21 6.65
C SER A 105 -6.53 8.45 7.17
N LEU A 106 -6.11 9.30 6.25
CA LEU A 106 -5.35 10.48 6.59
C LEU A 106 -6.11 11.73 6.20
N CYS A 107 -6.07 12.72 7.05
CA CYS A 107 -6.76 13.97 6.82
C CYS A 107 -5.79 15.12 7.04
N LEU A 108 -5.94 16.20 6.28
CA LEU A 108 -5.02 17.33 6.31
C LEU A 108 -5.21 18.19 7.54
N LYS A 109 -4.11 18.69 8.07
CA LYS A 109 -4.14 19.66 9.16
C LYS A 109 -3.37 20.88 8.76
N GLY A 110 -2.20 20.66 8.23
CA GLY A 110 -1.39 21.74 7.77
C GLY A 110 -1.81 22.19 6.40
N GLU A 111 -2.73 23.13 6.36
CA GLU A 111 -3.23 23.68 5.12
C GLU A 111 -2.13 24.37 4.36
N ARG A 112 -1.74 23.79 3.28
CA ARG A 112 -0.75 24.36 2.44
C ARG A 112 -1.34 24.63 1.07
N HIS A 113 -1.81 25.83 0.92
CA HIS A 113 -2.49 26.24 -0.30
C HIS A 113 -1.60 27.22 -1.06
N PHE A 114 -0.45 27.44 -0.49
CA PHE A 114 0.51 28.35 -1.01
C PHE A 114 1.83 27.60 -1.06
N ALA A 115 2.88 28.23 -1.53
CA ALA A 115 4.23 27.63 -1.57
C ALA A 115 4.89 27.80 -0.19
N GLU A 116 4.09 27.61 0.86
CA GLU A 116 4.42 27.79 2.28
C GLU A 116 4.83 29.21 2.69
N SER A 117 5.47 29.92 1.76
CA SER A 117 6.03 31.25 1.94
C SER A 117 7.41 31.12 2.54
N GLU A 118 8.41 30.89 1.65
CA GLU A 118 9.80 30.66 2.02
C GLU A 118 9.91 29.50 3.00
N THR A 119 9.61 28.30 2.51
CA THR A 119 9.58 27.09 3.31
C THR A 119 10.87 26.93 4.12
N LEU A 120 11.94 26.60 3.47
CA LEU A 120 13.23 26.53 4.11
C LEU A 120 14.19 27.39 3.33
N ASP A 121 13.64 28.11 2.40
CA ASP A 121 14.39 28.95 1.50
C ASP A 121 14.53 30.35 2.07
N GLN A 122 15.41 30.45 3.03
CA GLN A 122 15.77 31.70 3.70
C GLN A 122 17.28 31.73 3.85
N LEU A 123 17.90 30.82 3.13
CA LEU A 123 19.32 30.53 3.17
C LEU A 123 19.88 30.24 4.59
N PRO A 124 19.42 29.15 5.25
CA PRO A 124 20.00 28.65 6.48
C PRO A 124 20.77 27.36 6.18
N LEU A 125 21.10 27.19 4.92
CA LEU A 125 21.72 25.98 4.41
C LEU A 125 23.22 26.04 4.60
N THR A 126 23.61 25.88 5.83
CA THR A 126 24.99 25.89 6.30
C THR A 126 24.97 25.32 7.71
N ASN A 127 23.94 25.70 8.44
CA ASN A 127 23.69 25.23 9.78
C ASN A 127 23.47 23.73 9.72
N PRO A 128 23.97 22.97 10.74
CA PRO A 128 23.99 21.50 10.81
C PRO A 128 23.05 20.74 9.87
N GLU A 129 23.59 20.36 8.75
CA GLU A 129 22.88 19.60 7.75
C GLU A 129 23.71 18.40 7.33
N HIS A 130 24.43 17.86 8.32
CA HIS A 130 25.24 16.66 8.15
C HIS A 130 24.27 15.49 7.94
N PHE A 131 23.16 15.55 8.63
CA PHE A 131 22.06 14.63 8.43
C PHE A 131 20.80 15.42 8.23
N GLY A 132 20.51 15.71 7.00
CA GLY A 132 19.35 16.47 6.64
C GLY A 132 18.97 16.16 5.23
N THR A 133 18.13 16.97 4.65
CA THR A 133 17.72 16.76 3.29
C THR A 133 18.26 17.89 2.38
N PRO A 134 19.47 17.72 1.82
CA PRO A 134 20.09 18.74 0.98
C PRO A 134 19.81 18.52 -0.52
N VAL A 135 18.92 17.59 -0.79
CA VAL A 135 18.58 17.18 -2.15
C VAL A 135 17.13 17.48 -2.47
N ILE A 136 16.58 18.48 -1.83
CA ILE A 136 15.20 18.82 -2.04
C ILE A 136 15.05 20.02 -2.99
N GLY A 137 14.84 19.73 -4.25
CA GLY A 137 14.67 20.77 -5.24
C GLY A 137 13.25 21.29 -5.26
N LYS A 138 12.84 21.99 -4.21
CA LYS A 138 11.52 22.55 -4.14
C LYS A 138 11.54 24.00 -3.71
N LYS A 139 11.92 24.86 -4.62
CA LYS A 139 11.86 26.28 -4.37
C LYS A 139 10.55 26.79 -4.90
N THR A 140 10.13 26.21 -6.00
CA THR A 140 8.82 26.41 -6.51
C THR A 140 7.97 25.31 -5.93
N ASN A 141 6.79 25.61 -5.49
CA ASN A 141 6.00 24.60 -4.82
C ASN A 141 4.67 24.34 -5.47
N ARG A 142 4.72 23.43 -6.41
CA ARG A 142 3.54 22.89 -7.09
C ARG A 142 3.71 21.41 -7.27
N GLY A 143 4.96 21.01 -7.47
CA GLY A 143 5.27 19.62 -7.59
C GLY A 143 4.99 19.10 -8.97
N ARG A 144 4.76 17.83 -9.07
CA ARG A 144 4.48 17.22 -10.33
C ARG A 144 3.01 16.96 -10.44
N ARG A 145 2.42 17.50 -11.49
CA ARG A 145 0.99 17.39 -11.83
C ARG A 145 0.12 18.35 -10.97
N SER A 146 0.73 18.90 -9.91
CA SER A 146 0.13 19.89 -8.99
C SER A 146 -1.09 19.37 -8.18
N ASN A 147 -2.16 19.02 -8.86
CA ASN A 147 -3.38 18.63 -8.18
C ASN A 147 -3.68 17.16 -8.37
N HIS A 148 -3.22 16.60 -9.49
CA HIS A 148 -3.38 15.16 -9.82
C HIS A 148 -4.80 14.82 -10.31
N ILE A 149 -5.80 15.27 -9.59
CA ILE A 149 -7.19 14.98 -9.91
C ILE A 149 -7.69 15.84 -11.08
N PRO A 150 -8.23 15.20 -12.15
CA PRO A 150 -8.86 15.91 -13.25
C PRO A 150 -10.26 16.41 -12.85
N GLU A 151 -10.28 17.55 -12.21
CA GLU A 151 -11.49 18.18 -11.78
C GLU A 151 -11.21 19.65 -11.71
N MET A 1 -5.33 30.86 9.05
CA MET A 1 -6.59 31.18 9.71
C MET A 1 -6.42 30.95 11.20
N LYS A 2 -7.32 31.54 11.99
CA LYS A 2 -7.29 31.51 13.44
C LYS A 2 -7.14 30.09 14.01
N ALA A 3 -8.00 29.18 13.59
CA ALA A 3 -7.91 27.82 14.09
C ALA A 3 -6.83 27.05 13.35
N LEU A 4 -5.86 26.59 14.10
CA LEU A 4 -4.80 25.77 13.58
C LEU A 4 -5.19 24.32 13.71
N ASP A 5 -5.49 23.71 12.62
CA ASP A 5 -5.90 22.34 12.60
C ASP A 5 -5.48 21.71 11.29
N GLU A 6 -4.46 20.92 11.35
CA GLU A 6 -3.94 20.27 10.18
C GLU A 6 -4.68 18.99 9.91
N PRO A 7 -5.10 18.76 8.65
CA PRO A 7 -5.72 17.50 8.24
C PRO A 7 -4.78 16.32 8.52
N PRO A 8 -5.30 15.20 9.04
CA PRO A 8 -4.51 14.03 9.38
C PRO A 8 -3.68 13.52 8.23
N TYR A 9 -2.40 13.54 8.39
CA TYR A 9 -1.53 13.06 7.39
C TYR A 9 -0.45 12.25 8.05
N LEU A 10 -0.03 11.18 7.42
CA LEU A 10 0.89 10.29 8.02
C LEU A 10 2.25 10.49 7.41
N THR A 11 3.21 10.66 8.25
CA THR A 11 4.58 10.90 7.85
C THR A 11 5.53 10.01 8.63
N VAL A 12 6.71 9.74 8.10
CA VAL A 12 7.68 8.86 8.74
C VAL A 12 8.06 9.40 10.13
N GLY A 13 7.95 8.54 11.13
CA GLY A 13 8.30 8.89 12.48
C GLY A 13 7.08 9.22 13.34
N THR A 14 5.94 9.43 12.72
CA THR A 14 4.75 9.76 13.42
C THR A 14 4.16 8.54 14.14
N ASP A 15 3.99 8.65 15.45
CA ASP A 15 3.28 7.62 16.20
C ASP A 15 1.81 7.66 15.93
N VAL A 16 1.23 6.49 15.86
CA VAL A 16 -0.18 6.28 15.55
C VAL A 16 -0.73 5.13 16.40
N SER A 17 -2.00 4.90 16.29
CA SER A 17 -2.64 3.78 16.92
C SER A 17 -3.37 2.98 15.88
N ALA A 18 -3.14 1.70 15.86
CA ALA A 18 -3.73 0.84 14.89
C ALA A 18 -4.55 -0.23 15.55
N LYS A 19 -5.72 -0.45 15.05
CA LYS A 19 -6.53 -1.52 15.52
C LYS A 19 -6.26 -2.70 14.63
N TYR A 20 -5.62 -3.70 15.15
CA TYR A 20 -5.30 -4.84 14.35
C TYR A 20 -5.36 -6.08 15.20
N ARG A 21 -5.78 -7.19 14.58
CA ARG A 21 -5.89 -8.53 15.17
C ARG A 21 -6.74 -8.57 16.45
N GLY A 22 -7.56 -7.53 16.64
CA GLY A 22 -8.46 -7.49 17.75
C GLY A 22 -8.15 -6.40 18.75
N ALA A 23 -6.94 -5.87 18.74
CA ALA A 23 -6.56 -4.92 19.77
C ALA A 23 -5.92 -3.68 19.20
N PHE A 24 -5.99 -2.60 19.96
CA PHE A 24 -5.34 -1.37 19.59
C PHE A 24 -3.88 -1.43 19.97
N CYS A 25 -3.06 -1.41 18.99
CA CYS A 25 -1.66 -1.43 19.17
C CYS A 25 -1.12 -0.11 18.69
N GLU A 26 -0.36 0.54 19.50
CA GLU A 26 0.22 1.78 19.10
C GLU A 26 1.48 1.49 18.33
N ALA A 27 1.68 2.21 17.28
CA ALA A 27 2.74 1.94 16.36
C ALA A 27 3.28 3.24 15.82
N LYS A 28 4.31 3.21 15.03
CA LYS A 28 4.82 4.45 14.44
C LYS A 28 5.10 4.24 12.98
N ILE A 29 4.93 5.29 12.18
CA ILE A 29 5.19 5.24 10.75
C ILE A 29 6.67 4.94 10.55
N LYS A 30 6.95 3.77 10.11
CA LYS A 30 8.28 3.30 9.92
C LYS A 30 8.71 3.66 8.49
N THR A 31 7.77 3.56 7.54
CA THR A 31 8.03 3.84 6.13
C THR A 31 6.68 4.13 5.45
N ALA A 32 6.70 4.81 4.33
CA ALA A 32 5.49 5.04 3.55
C ALA A 32 5.57 4.14 2.36
N LYS A 33 4.51 3.46 2.04
CA LYS A 33 4.57 2.54 0.96
C LYS A 33 3.61 2.82 -0.13
N ARG A 34 4.11 3.43 -1.15
CA ARG A 34 3.33 3.62 -2.33
C ARG A 34 3.26 2.26 -3.03
N LEU A 35 2.16 1.61 -2.89
CA LEU A 35 1.99 0.29 -3.46
C LEU A 35 0.92 0.31 -4.46
N VAL A 36 1.29 0.10 -5.68
CA VAL A 36 0.34 0.03 -6.73
C VAL A 36 0.04 -1.42 -7.01
N LYS A 37 -1.17 -1.79 -6.72
CA LYS A 37 -1.66 -3.11 -6.93
C LYS A 37 -2.28 -3.22 -8.28
N VAL A 38 -1.68 -4.01 -9.13
CA VAL A 38 -2.19 -4.20 -10.45
C VAL A 38 -2.81 -5.57 -10.60
N LYS A 39 -3.99 -5.60 -11.12
CA LYS A 39 -4.67 -6.82 -11.45
C LYS A 39 -4.28 -7.17 -12.84
N VAL A 40 -3.53 -8.20 -12.99
CA VAL A 40 -3.03 -8.55 -14.28
C VAL A 40 -3.36 -9.96 -14.67
N THR A 41 -3.83 -10.11 -15.87
CA THR A 41 -4.13 -11.38 -16.45
C THR A 41 -2.94 -11.79 -17.30
N PHE A 42 -2.18 -12.77 -16.84
CA PHE A 42 -1.04 -13.27 -17.61
C PHE A 42 -1.57 -13.82 -18.90
N ARG A 43 -1.09 -13.31 -20.02
CA ARG A 43 -1.65 -13.73 -21.29
C ARG A 43 -1.37 -15.20 -21.57
N HIS A 44 -0.18 -15.61 -21.26
CA HIS A 44 0.25 -16.99 -21.49
C HIS A 44 -0.25 -17.95 -20.40
N ASP A 45 -0.56 -17.43 -19.22
CA ASP A 45 -0.88 -18.33 -18.08
C ASP A 45 -2.37 -18.31 -17.73
N SER A 46 -3.09 -17.34 -18.30
CA SER A 46 -4.55 -17.19 -18.13
C SER A 46 -4.98 -16.79 -16.69
N SER A 47 -4.03 -16.63 -15.80
CA SER A 47 -4.33 -16.29 -14.43
C SER A 47 -4.31 -14.80 -14.21
N THR A 48 -5.30 -14.29 -13.56
CA THR A 48 -5.32 -12.93 -13.15
C THR A 48 -4.92 -12.87 -11.68
N VAL A 49 -3.92 -12.09 -11.38
CA VAL A 49 -3.43 -11.94 -10.03
C VAL A 49 -3.26 -10.48 -9.72
N GLU A 50 -3.10 -10.16 -8.46
CA GLU A 50 -2.82 -8.81 -8.05
C GLU A 50 -1.39 -8.77 -7.60
N VAL A 51 -0.60 -8.06 -8.31
CA VAL A 51 0.80 -8.00 -8.05
C VAL A 51 1.23 -6.55 -7.83
N GLN A 52 2.39 -6.36 -7.27
CA GLN A 52 2.89 -5.04 -6.96
C GLN A 52 3.66 -4.48 -8.17
N ASP A 53 3.57 -3.17 -8.31
CA ASP A 53 4.24 -2.37 -9.37
C ASP A 53 5.75 -2.63 -9.51
N ASP A 54 6.39 -3.04 -8.43
CA ASP A 54 7.84 -3.28 -8.42
C ASP A 54 8.19 -4.48 -9.32
N HIS A 55 7.21 -5.35 -9.52
CA HIS A 55 7.37 -6.55 -10.35
C HIS A 55 7.05 -6.23 -11.79
N ILE A 56 6.54 -5.04 -12.03
CA ILE A 56 6.02 -4.67 -13.32
C ILE A 56 6.95 -3.79 -14.12
N LYS A 57 7.15 -4.14 -15.36
CA LYS A 57 7.74 -3.23 -16.30
C LYS A 57 6.78 -3.06 -17.47
N GLY A 58 6.69 -1.89 -18.00
CA GLY A 58 5.80 -1.65 -19.09
C GLY A 58 5.16 -0.28 -18.95
N PRO A 59 4.09 0.00 -19.71
CA PRO A 59 3.44 1.32 -19.69
C PRO A 59 2.49 1.55 -18.50
N LEU A 60 2.17 0.46 -17.76
CA LEU A 60 1.22 0.49 -16.61
C LEU A 60 -0.04 1.35 -16.83
N LYS A 61 -1.01 0.77 -17.50
CA LYS A 61 -2.24 1.45 -17.85
C LYS A 61 -3.30 0.37 -18.06
N VAL A 62 -4.59 0.72 -18.02
CA VAL A 62 -5.65 -0.29 -18.23
C VAL A 62 -5.56 -0.83 -19.65
N GLY A 63 -5.46 -2.13 -19.78
CA GLY A 63 -5.37 -2.76 -21.07
C GLY A 63 -3.96 -2.87 -21.57
N ALA A 64 -3.02 -2.34 -20.80
CA ALA A 64 -1.64 -2.36 -21.20
C ALA A 64 -1.02 -3.70 -20.88
N ILE A 65 -0.21 -4.16 -21.79
CA ILE A 65 0.49 -5.40 -21.61
C ILE A 65 1.80 -5.08 -20.93
N VAL A 66 1.94 -5.56 -19.76
CA VAL A 66 3.13 -5.33 -18.99
C VAL A 66 3.80 -6.64 -18.71
N GLU A 67 5.02 -6.58 -18.30
CA GLU A 67 5.75 -7.75 -17.98
C GLU A 67 5.93 -7.83 -16.50
N VAL A 68 5.42 -8.88 -15.96
CA VAL A 68 5.42 -9.11 -14.55
C VAL A 68 6.54 -10.08 -14.23
N LYS A 69 7.52 -9.65 -13.49
CA LYS A 69 8.56 -10.53 -13.06
C LYS A 69 8.10 -11.28 -11.87
N ASN A 70 7.93 -12.53 -12.06
CA ASN A 70 7.48 -13.40 -11.00
C ASN A 70 8.65 -13.82 -10.17
N LEU A 71 8.38 -14.42 -9.00
CA LEU A 71 9.43 -14.89 -8.10
C LEU A 71 10.34 -15.92 -8.77
N ASP A 72 9.88 -16.47 -9.88
CA ASP A 72 10.63 -17.41 -10.69
C ASP A 72 11.81 -16.69 -11.36
N GLY A 73 11.75 -15.36 -11.36
CA GLY A 73 12.77 -14.55 -12.00
C GLY A 73 12.42 -14.34 -13.44
N ALA A 74 11.20 -14.69 -13.77
CA ALA A 74 10.72 -14.67 -15.13
C ALA A 74 9.70 -13.59 -15.32
N TYR A 75 9.88 -12.79 -16.33
CA TYR A 75 8.91 -11.81 -16.69
C TYR A 75 7.88 -12.44 -17.59
N GLN A 76 6.66 -12.37 -17.19
CA GLN A 76 5.56 -12.91 -17.95
C GLN A 76 4.66 -11.77 -18.32
N GLU A 77 4.27 -11.70 -19.57
CA GLU A 77 3.41 -10.64 -20.03
C GLU A 77 1.98 -10.82 -19.54
N ALA A 78 1.41 -9.76 -19.09
CA ALA A 78 0.08 -9.77 -18.59
C ALA A 78 -0.63 -8.49 -18.92
N VAL A 79 -1.94 -8.55 -18.88
CA VAL A 79 -2.79 -7.41 -19.20
C VAL A 79 -3.27 -6.77 -17.92
N ILE A 80 -3.02 -5.50 -17.75
CA ILE A 80 -3.54 -4.79 -16.61
C ILE A 80 -5.03 -4.58 -16.75
N ASN A 81 -5.79 -5.19 -15.89
CA ASN A 81 -7.24 -5.05 -15.88
C ASN A 81 -7.61 -3.85 -15.04
N LYS A 82 -6.98 -3.76 -13.90
CA LYS A 82 -7.26 -2.74 -12.92
C LYS A 82 -5.97 -2.39 -12.20
N LEU A 83 -5.74 -1.13 -11.99
CA LEU A 83 -4.57 -0.70 -11.26
C LEU A 83 -5.05 0.19 -10.14
N THR A 84 -4.58 -0.06 -8.96
CA THR A 84 -4.99 0.72 -7.83
C THR A 84 -3.80 1.01 -6.93
N ASP A 85 -3.48 2.27 -6.78
CA ASP A 85 -2.43 2.62 -5.88
C ASP A 85 -2.99 2.66 -4.48
N ALA A 86 -2.75 1.56 -3.82
CA ALA A 86 -3.23 1.30 -2.49
C ALA A 86 -2.70 2.32 -1.54
N SER A 87 -1.38 2.50 -1.57
CA SER A 87 -0.65 3.44 -0.74
C SER A 87 -0.94 3.23 0.74
N TRP A 88 -0.10 2.47 1.36
CA TRP A 88 -0.25 2.12 2.72
C TRP A 88 0.94 2.63 3.48
N TYR A 89 0.80 2.81 4.74
CA TYR A 89 1.91 3.28 5.55
C TYR A 89 2.40 2.15 6.41
N THR A 90 3.65 1.86 6.31
CA THR A 90 4.24 0.82 7.03
C THR A 90 4.55 1.32 8.42
N VAL A 91 3.89 0.75 9.36
CA VAL A 91 4.05 1.10 10.72
C VAL A 91 4.71 -0.02 11.47
N VAL A 92 5.56 0.31 12.39
CA VAL A 92 6.18 -0.68 13.21
C VAL A 92 5.47 -0.72 14.52
N PHE A 93 5.17 -1.91 14.89
CA PHE A 93 4.47 -2.22 16.07
C PHE A 93 5.44 -2.56 17.18
N ASP A 94 4.93 -2.62 18.39
CA ASP A 94 5.73 -2.91 19.57
C ASP A 94 5.92 -4.42 19.67
N ASP A 95 5.15 -5.12 18.85
CA ASP A 95 5.25 -6.56 18.69
C ASP A 95 6.50 -6.89 17.86
N GLY A 96 7.03 -5.87 17.21
CA GLY A 96 8.17 -6.02 16.33
C GLY A 96 7.71 -6.27 14.92
N ASP A 97 6.41 -6.33 14.75
CA ASP A 97 5.80 -6.56 13.46
C ASP A 97 5.77 -5.26 12.65
N GLU A 98 5.86 -5.36 11.35
CA GLU A 98 5.71 -4.22 10.46
C GLU A 98 4.53 -4.48 9.57
N LYS A 99 3.63 -3.53 9.47
CA LYS A 99 2.53 -3.68 8.54
C LYS A 99 2.27 -2.40 7.86
N THR A 100 1.93 -2.46 6.64
CA THR A 100 1.62 -1.31 5.91
C THR A 100 0.07 -1.22 5.80
N LEU A 101 -0.48 -0.24 6.46
CA LEU A 101 -1.94 -0.11 6.58
C LEU A 101 -2.44 1.22 6.05
N ARG A 102 -3.74 1.29 5.82
CA ARG A 102 -4.39 2.54 5.45
C ARG A 102 -4.58 3.38 6.69
N ARG A 103 -4.69 4.68 6.49
CA ARG A 103 -4.94 5.62 7.57
C ARG A 103 -6.27 5.35 8.26
N SER A 104 -7.15 4.63 7.58
CA SER A 104 -8.46 4.28 8.08
C SER A 104 -8.37 3.44 9.36
N SER A 105 -7.25 2.75 9.52
CA SER A 105 -7.01 1.94 10.68
C SER A 105 -5.91 2.53 11.55
N LEU A 106 -5.49 3.75 11.22
CA LEU A 106 -4.38 4.39 11.90
C LEU A 106 -4.82 5.76 12.43
N CYS A 107 -4.84 5.89 13.72
CA CYS A 107 -5.19 7.14 14.35
C CYS A 107 -3.91 7.88 14.71
N LEU A 108 -3.79 9.10 14.26
CA LEU A 108 -2.60 9.91 14.51
C LEU A 108 -2.42 10.27 15.97
N LYS A 109 -1.32 9.84 16.55
CA LYS A 109 -0.96 10.28 17.86
C LYS A 109 -0.13 11.53 17.74
N GLY A 110 0.69 11.57 16.70
CA GLY A 110 1.44 12.76 16.38
C GLY A 110 2.54 13.06 17.36
N GLU A 111 3.33 12.07 17.69
CA GLU A 111 4.43 12.31 18.56
C GLU A 111 5.67 12.59 17.74
N ARG A 112 6.35 13.64 18.09
CA ARG A 112 7.55 14.05 17.42
C ARG A 112 8.78 13.65 18.23
N HIS A 113 8.62 13.48 19.53
CA HIS A 113 9.74 13.04 20.35
C HIS A 113 9.40 11.73 21.06
N PHE A 114 9.72 10.66 20.38
CA PHE A 114 9.42 9.31 20.84
C PHE A 114 10.62 8.69 21.54
N ALA A 115 10.36 7.82 22.51
CA ALA A 115 11.41 7.25 23.34
C ALA A 115 11.23 5.75 23.49
N GLU A 116 10.65 5.13 22.49
CA GLU A 116 10.38 3.70 22.53
C GLU A 116 11.45 2.95 21.77
N SER A 117 12.46 3.67 21.26
CA SER A 117 13.50 3.10 20.41
C SER A 117 12.82 2.56 19.13
N GLU A 118 13.44 1.61 18.50
CA GLU A 118 12.90 0.98 17.34
C GLU A 118 13.44 -0.44 17.39
N THR A 119 12.84 -1.36 16.70
CA THR A 119 13.24 -2.74 16.83
C THR A 119 14.42 -3.05 15.88
N LEU A 120 14.87 -4.28 15.91
CA LEU A 120 15.96 -4.71 15.09
C LEU A 120 15.40 -5.30 13.81
N ASP A 121 15.84 -4.79 12.70
CA ASP A 121 15.37 -5.27 11.41
C ASP A 121 16.01 -6.58 11.05
N GLN A 122 15.32 -7.62 11.37
CA GLN A 122 15.76 -8.95 11.09
C GLN A 122 14.64 -9.65 10.32
N LEU A 123 13.85 -8.85 9.64
CA LEU A 123 12.73 -9.36 8.87
C LEU A 123 12.87 -8.97 7.40
N PRO A 124 13.27 -9.91 6.53
CA PRO A 124 13.38 -9.65 5.11
C PRO A 124 12.01 -9.61 4.44
N LEU A 125 11.54 -8.40 4.16
CA LEU A 125 10.23 -8.12 3.52
C LEU A 125 9.06 -8.57 4.38
N THR A 126 8.36 -7.62 4.94
CA THR A 126 7.18 -7.97 5.67
C THR A 126 6.04 -8.24 4.67
N ASN A 127 5.40 -9.37 4.83
CA ASN A 127 4.33 -9.86 3.95
C ASN A 127 4.78 -10.02 2.48
N PRO A 128 5.67 -10.98 2.20
CA PRO A 128 6.02 -11.33 0.84
C PRO A 128 4.98 -12.32 0.36
N GLU A 129 4.06 -11.83 -0.42
CA GLU A 129 2.89 -12.60 -0.79
C GLU A 129 3.15 -13.69 -1.81
N HIS A 130 3.55 -14.82 -1.30
CA HIS A 130 3.64 -16.06 -2.06
C HIS A 130 2.70 -17.08 -1.42
N PHE A 131 2.41 -16.85 -0.16
CA PHE A 131 1.60 -17.76 0.61
C PHE A 131 0.22 -17.16 0.83
N GLY A 132 -0.64 -17.88 1.52
CA GLY A 132 -1.93 -17.36 1.87
C GLY A 132 -3.01 -17.84 0.94
N THR A 133 -2.62 -18.28 -0.26
CA THR A 133 -3.52 -18.73 -1.31
C THR A 133 -4.60 -17.70 -1.69
N PRO A 134 -4.30 -16.84 -2.67
CA PRO A 134 -5.23 -15.81 -3.12
C PRO A 134 -6.50 -16.42 -3.70
N VAL A 135 -6.35 -17.25 -4.69
CA VAL A 135 -7.49 -17.85 -5.32
C VAL A 135 -7.60 -19.32 -4.96
N ILE A 136 -8.63 -19.63 -4.21
CA ILE A 136 -8.93 -20.99 -3.87
C ILE A 136 -10.17 -21.43 -4.60
N GLY A 137 -10.41 -22.70 -4.64
CA GLY A 137 -11.53 -23.23 -5.37
C GLY A 137 -11.08 -23.93 -6.61
N LYS A 138 -9.86 -23.63 -7.03
CA LYS A 138 -9.25 -24.28 -8.15
C LYS A 138 -8.59 -25.53 -7.65
N LYS A 139 -8.93 -26.64 -8.21
CA LYS A 139 -8.45 -27.90 -7.74
C LYS A 139 -7.06 -28.20 -8.27
N THR A 140 -6.39 -29.07 -7.57
CA THR A 140 -5.16 -29.63 -8.00
C THR A 140 -5.39 -31.14 -8.03
N ASN A 141 -5.48 -31.71 -9.20
CA ASN A 141 -5.73 -33.14 -9.31
C ASN A 141 -4.42 -33.88 -9.37
N ARG A 142 -4.45 -35.14 -9.06
CA ARG A 142 -3.26 -35.95 -9.19
C ARG A 142 -3.30 -36.55 -10.58
N GLY A 143 -2.21 -36.43 -11.29
CA GLY A 143 -2.19 -36.91 -12.63
C GLY A 143 -1.53 -38.24 -12.76
N ARG A 144 -0.29 -38.31 -12.36
CA ARG A 144 0.48 -39.50 -12.55
C ARG A 144 0.83 -40.20 -11.24
N ARG A 145 0.42 -41.44 -11.14
CA ARG A 145 0.81 -42.29 -10.02
C ARG A 145 1.97 -43.19 -10.45
N SER A 146 2.03 -43.44 -11.77
CA SER A 146 3.08 -44.25 -12.40
C SER A 146 2.99 -45.72 -11.97
N ASN A 147 1.81 -46.14 -11.61
CA ASN A 147 1.56 -47.51 -11.22
C ASN A 147 0.51 -48.06 -12.11
N HIS A 148 0.86 -49.03 -12.93
CA HIS A 148 -0.11 -49.61 -13.82
C HIS A 148 -1.04 -50.53 -13.08
N ILE A 149 -2.21 -50.05 -12.85
CA ILE A 149 -3.24 -50.84 -12.29
C ILE A 149 -3.94 -51.46 -13.49
N PRO A 150 -4.31 -52.76 -13.45
CA PRO A 150 -4.99 -53.44 -14.60
C PRO A 150 -6.46 -52.96 -14.79
N GLU A 151 -6.70 -51.72 -14.44
CA GLU A 151 -7.98 -51.10 -14.50
C GLU A 151 -8.00 -50.16 -15.69
N MET A 1 -17.02 6.38 -1.42
CA MET A 1 -15.56 6.31 -1.27
C MET A 1 -15.08 7.45 -0.38
N LYS A 2 -15.26 8.68 -0.83
CA LYS A 2 -14.89 9.87 -0.08
C LYS A 2 -15.44 11.11 -0.79
N ALA A 3 -16.14 11.95 -0.07
CA ALA A 3 -16.64 13.20 -0.64
C ALA A 3 -15.87 14.38 -0.07
N LEU A 4 -16.33 14.92 1.02
CA LEU A 4 -15.57 15.92 1.75
C LEU A 4 -14.87 15.23 2.88
N ASP A 5 -15.41 14.11 3.26
CA ASP A 5 -14.83 13.32 4.31
C ASP A 5 -13.75 12.42 3.75
N GLU A 6 -12.58 12.98 3.72
CA GLU A 6 -11.39 12.27 3.40
C GLU A 6 -10.89 11.78 4.74
N PRO A 7 -10.67 10.48 4.90
CA PRO A 7 -10.11 9.94 6.13
C PRO A 7 -8.80 10.67 6.50
N PRO A 8 -8.51 10.76 7.84
CA PRO A 8 -7.38 11.51 8.46
C PRO A 8 -6.20 11.85 7.57
N TYR A 9 -5.74 10.80 6.90
CA TYR A 9 -4.61 10.76 6.05
C TYR A 9 -3.35 10.61 6.82
N LEU A 10 -2.59 9.65 6.44
CA LEU A 10 -1.42 9.27 7.11
C LEU A 10 -0.24 9.65 6.26
N THR A 11 0.78 10.10 6.88
CA THR A 11 1.98 10.51 6.19
C THR A 11 3.18 10.18 7.10
N VAL A 12 4.38 10.17 6.55
CA VAL A 12 5.58 9.84 7.31
C VAL A 12 5.72 10.80 8.49
N GLY A 13 5.75 10.24 9.69
CA GLY A 13 5.85 11.05 10.88
C GLY A 13 4.58 11.03 11.71
N THR A 14 3.46 10.68 11.10
CA THR A 14 2.17 10.63 11.78
C THR A 14 2.15 9.49 12.81
N ASP A 15 1.56 9.74 13.97
CA ASP A 15 1.40 8.72 14.99
C ASP A 15 -0.01 8.15 14.82
N VAL A 16 -0.11 6.85 14.80
CA VAL A 16 -1.33 6.20 14.41
C VAL A 16 -1.75 5.09 15.36
N SER A 17 -2.98 4.70 15.22
CA SER A 17 -3.57 3.64 15.94
C SER A 17 -3.96 2.53 14.94
N ALA A 18 -3.42 1.35 15.14
CA ALA A 18 -3.68 0.24 14.23
C ALA A 18 -4.36 -0.87 14.95
N LYS A 19 -5.33 -1.51 14.33
CA LYS A 19 -5.92 -2.67 14.95
C LYS A 19 -4.95 -3.82 14.75
N TYR A 20 -4.25 -4.13 15.77
CA TYR A 20 -3.21 -5.10 15.76
C TYR A 20 -3.47 -6.11 16.87
N ARG A 21 -3.49 -7.38 16.52
CA ARG A 21 -3.73 -8.48 17.47
C ARG A 21 -5.13 -8.38 18.10
N GLY A 22 -6.03 -7.65 17.45
CA GLY A 22 -7.38 -7.51 17.92
C GLY A 22 -7.64 -6.18 18.63
N ALA A 23 -6.59 -5.45 18.96
CA ALA A 23 -6.75 -4.20 19.68
C ALA A 23 -5.95 -3.11 19.01
N PHE A 24 -6.30 -1.89 19.25
CA PHE A 24 -5.58 -0.79 18.65
C PHE A 24 -4.28 -0.50 19.38
N CYS A 25 -3.19 -0.60 18.66
CA CYS A 25 -1.87 -0.35 19.17
C CYS A 25 -1.36 0.97 18.60
N GLU A 26 -0.53 1.66 19.36
CA GLU A 26 0.09 2.89 18.93
C GLU A 26 1.33 2.57 18.11
N ALA A 27 1.45 3.21 16.99
CA ALA A 27 2.57 3.03 16.10
C ALA A 27 2.76 4.33 15.37
N LYS A 28 3.79 4.45 14.59
CA LYS A 28 3.99 5.66 13.81
C LYS A 28 4.37 5.32 12.41
N ILE A 29 3.99 6.18 11.48
CA ILE A 29 4.32 5.97 10.09
C ILE A 29 5.81 6.18 9.92
N LYS A 30 6.49 5.12 9.57
CA LYS A 30 7.90 5.18 9.32
C LYS A 30 8.09 5.58 7.89
N THR A 31 7.37 4.92 7.01
CA THR A 31 7.48 5.20 5.62
C THR A 31 6.22 4.77 4.90
N ALA A 32 5.98 5.34 3.76
CA ALA A 32 4.87 5.01 2.95
C ALA A 32 5.38 4.25 1.76
N LYS A 33 4.76 3.14 1.49
CA LYS A 33 5.15 2.33 0.41
C LYS A 33 4.03 2.29 -0.59
N ARG A 34 4.13 3.09 -1.61
CA ARG A 34 3.12 3.14 -2.61
C ARG A 34 3.24 1.96 -3.53
N LEU A 35 2.33 1.08 -3.43
CA LEU A 35 2.29 -0.03 -4.30
C LEU A 35 1.06 0.06 -5.10
N VAL A 36 1.20 0.00 -6.36
CA VAL A 36 0.06 -0.01 -7.18
C VAL A 36 -0.20 -1.45 -7.46
N LYS A 37 -1.27 -1.94 -6.94
CA LYS A 37 -1.58 -3.30 -7.11
C LYS A 37 -2.36 -3.45 -8.34
N VAL A 38 -1.74 -4.07 -9.26
CA VAL A 38 -2.30 -4.27 -10.53
C VAL A 38 -2.81 -5.68 -10.66
N LYS A 39 -4.05 -5.78 -11.05
CA LYS A 39 -4.60 -7.06 -11.35
C LYS A 39 -4.27 -7.37 -12.75
N VAL A 40 -3.43 -8.31 -12.88
CA VAL A 40 -2.90 -8.67 -14.14
C VAL A 40 -3.23 -10.07 -14.52
N THR A 41 -3.62 -10.23 -15.73
CA THR A 41 -3.94 -11.49 -16.27
C THR A 41 -2.77 -11.96 -17.11
N PHE A 42 -2.05 -12.98 -16.63
CA PHE A 42 -0.92 -13.53 -17.35
C PHE A 42 -1.40 -14.09 -18.64
N ARG A 43 -0.83 -13.60 -19.72
CA ARG A 43 -1.36 -13.88 -21.04
C ARG A 43 -1.27 -15.35 -21.43
N HIS A 44 -0.39 -16.09 -20.81
CA HIS A 44 -0.25 -17.51 -21.13
C HIS A 44 -1.32 -18.34 -20.47
N ASP A 45 -1.55 -18.06 -19.20
CA ASP A 45 -2.36 -18.96 -18.38
C ASP A 45 -3.75 -18.40 -18.13
N SER A 46 -3.94 -17.11 -18.46
CA SER A 46 -5.20 -16.40 -18.25
C SER A 46 -5.51 -16.16 -16.76
N SER A 47 -4.56 -16.49 -15.90
CA SER A 47 -4.70 -16.32 -14.47
C SER A 47 -4.49 -14.85 -14.11
N THR A 48 -5.43 -14.32 -13.37
CA THR A 48 -5.36 -12.96 -12.93
C THR A 48 -4.83 -12.94 -11.51
N VAL A 49 -3.70 -12.33 -11.33
CA VAL A 49 -3.04 -12.23 -10.05
C VAL A 49 -2.85 -10.76 -9.75
N GLU A 50 -2.71 -10.42 -8.52
CA GLU A 50 -2.56 -9.05 -8.12
C GLU A 50 -1.13 -8.86 -7.66
N VAL A 51 -0.36 -8.08 -8.38
CA VAL A 51 1.03 -7.88 -8.06
C VAL A 51 1.33 -6.43 -7.78
N GLN A 52 2.52 -6.19 -7.28
CA GLN A 52 2.97 -4.87 -6.95
C GLN A 52 3.50 -4.17 -8.19
N ASP A 53 3.42 -2.84 -8.16
CA ASP A 53 3.94 -1.91 -9.19
C ASP A 53 5.39 -2.26 -9.56
N ASP A 54 6.17 -2.59 -8.53
CA ASP A 54 7.60 -2.89 -8.68
C ASP A 54 7.87 -4.07 -9.61
N HIS A 55 6.91 -4.98 -9.73
CA HIS A 55 7.13 -6.18 -10.55
C HIS A 55 6.72 -5.91 -11.98
N ILE A 56 6.17 -4.75 -12.22
CA ILE A 56 5.70 -4.39 -13.52
C ILE A 56 6.71 -3.57 -14.24
N LYS A 57 7.23 -4.11 -15.28
CA LYS A 57 8.10 -3.41 -16.15
C LYS A 57 7.37 -3.13 -17.44
N GLY A 58 6.85 -1.94 -17.52
CA GLY A 58 6.09 -1.53 -18.66
C GLY A 58 5.16 -0.41 -18.29
N PRO A 59 4.29 0.03 -19.20
CA PRO A 59 3.35 1.11 -18.94
C PRO A 59 2.19 0.66 -18.06
N LEU A 60 2.06 1.25 -16.90
CA LEU A 60 0.99 0.85 -16.01
C LEU A 60 -0.30 1.59 -16.32
N LYS A 61 -1.12 0.97 -17.12
CA LYS A 61 -2.44 1.45 -17.47
C LYS A 61 -3.32 0.28 -17.88
N VAL A 62 -4.63 0.47 -17.78
CA VAL A 62 -5.58 -0.60 -18.10
C VAL A 62 -5.50 -0.93 -19.59
N GLY A 63 -5.28 -2.19 -19.88
CA GLY A 63 -5.23 -2.66 -21.23
C GLY A 63 -3.82 -2.87 -21.70
N ALA A 64 -2.87 -2.40 -20.93
CA ALA A 64 -1.49 -2.51 -21.28
C ALA A 64 -0.93 -3.88 -20.97
N ILE A 65 -0.13 -4.38 -21.90
CA ILE A 65 0.56 -5.62 -21.72
C ILE A 65 1.92 -5.27 -21.15
N VAL A 66 2.18 -5.72 -19.97
CA VAL A 66 3.41 -5.40 -19.29
C VAL A 66 4.18 -6.63 -18.94
N GLU A 67 5.42 -6.45 -18.54
CA GLU A 67 6.25 -7.54 -18.16
C GLU A 67 6.24 -7.65 -16.67
N VAL A 68 5.71 -8.72 -16.19
CA VAL A 68 5.61 -8.94 -14.77
C VAL A 68 6.73 -9.87 -14.38
N LYS A 69 7.66 -9.37 -13.61
CA LYS A 69 8.71 -10.19 -13.10
C LYS A 69 8.15 -10.99 -11.97
N ASN A 70 7.94 -12.22 -12.23
CA ASN A 70 7.28 -13.08 -11.27
C ASN A 70 8.25 -13.77 -10.33
N LEU A 71 7.71 -14.58 -9.43
CA LEU A 71 8.49 -15.31 -8.40
C LEU A 71 9.62 -16.17 -9.00
N ASP A 72 9.47 -16.58 -10.26
CA ASP A 72 10.50 -17.40 -10.95
C ASP A 72 11.69 -16.52 -11.34
N GLY A 73 11.51 -15.22 -11.22
CA GLY A 73 12.54 -14.26 -11.58
C GLY A 73 12.49 -13.97 -13.05
N ALA A 74 11.38 -14.33 -13.65
CA ALA A 74 11.20 -14.23 -15.08
C ALA A 74 10.23 -13.15 -15.37
N TYR A 75 10.25 -12.62 -16.55
CA TYR A 75 9.26 -11.66 -16.92
C TYR A 75 8.21 -12.32 -17.74
N GLN A 76 7.01 -12.28 -17.27
CA GLN A 76 5.92 -12.84 -17.99
C GLN A 76 4.95 -11.74 -18.32
N GLU A 77 4.49 -11.70 -19.54
CA GLU A 77 3.60 -10.64 -19.95
C GLU A 77 2.19 -10.89 -19.46
N ALA A 78 1.61 -9.85 -18.96
CA ALA A 78 0.29 -9.90 -18.46
C ALA A 78 -0.42 -8.62 -18.82
N VAL A 79 -1.73 -8.70 -18.88
CA VAL A 79 -2.54 -7.55 -19.21
C VAL A 79 -3.01 -6.91 -17.92
N ILE A 80 -2.73 -5.64 -17.74
CA ILE A 80 -3.21 -4.91 -16.61
C ILE A 80 -4.69 -4.61 -16.79
N ASN A 81 -5.50 -5.14 -15.92
CA ASN A 81 -6.93 -4.88 -16.02
C ASN A 81 -7.41 -3.86 -14.99
N LYS A 82 -6.66 -3.70 -13.92
CA LYS A 82 -7.06 -2.79 -12.84
C LYS A 82 -5.83 -2.33 -12.07
N LEU A 83 -5.78 -1.05 -11.75
CA LEU A 83 -4.69 -0.47 -10.97
C LEU A 83 -5.27 0.06 -9.68
N THR A 84 -4.90 -0.51 -8.58
CA THR A 84 -5.38 -0.03 -7.31
C THR A 84 -4.20 0.51 -6.48
N ASP A 85 -4.24 1.82 -6.19
CA ASP A 85 -3.18 2.46 -5.40
C ASP A 85 -3.28 1.98 -3.98
N ALA A 86 -2.36 1.18 -3.60
CA ALA A 86 -2.31 0.63 -2.30
C ALA A 86 -1.12 1.17 -1.60
N SER A 87 -1.26 2.34 -1.10
CA SER A 87 -0.23 2.90 -0.30
C SER A 87 -0.21 2.20 1.05
N TRP A 88 0.74 1.32 1.20
CA TRP A 88 0.91 0.61 2.41
C TRP A 88 1.72 1.47 3.32
N TYR A 89 1.37 1.53 4.54
CA TYR A 89 2.10 2.34 5.44
C TYR A 89 2.93 1.48 6.31
N THR A 90 4.22 1.64 6.23
CA THR A 90 5.07 0.89 7.05
C THR A 90 5.16 1.66 8.34
N VAL A 91 4.62 1.05 9.35
CA VAL A 91 4.59 1.62 10.64
C VAL A 91 5.50 0.90 11.55
N VAL A 92 6.02 1.61 12.49
CA VAL A 92 6.86 1.02 13.47
C VAL A 92 6.20 1.12 14.81
N PHE A 93 6.24 0.05 15.52
CA PHE A 93 5.69 -0.05 16.83
C PHE A 93 6.80 0.18 17.82
N ASP A 94 6.43 0.53 19.04
CA ASP A 94 7.40 0.87 20.09
C ASP A 94 8.18 -0.36 20.50
N ASP A 95 7.56 -1.51 20.33
CA ASP A 95 8.17 -2.78 20.67
C ASP A 95 9.11 -3.28 19.55
N GLY A 96 9.24 -2.50 18.49
CA GLY A 96 10.22 -2.82 17.47
C GLY A 96 9.63 -3.46 16.24
N ASP A 97 8.33 -3.69 16.25
CA ASP A 97 7.70 -4.32 15.09
C ASP A 97 7.53 -3.30 13.99
N GLU A 98 7.56 -3.73 12.76
CA GLU A 98 7.46 -2.85 11.64
C GLU A 98 6.66 -3.60 10.64
N LYS A 99 5.67 -2.99 10.09
CA LYS A 99 4.79 -3.72 9.21
C LYS A 99 4.03 -2.75 8.31
N THR A 100 3.68 -3.18 7.12
CA THR A 100 2.94 -2.36 6.21
C THR A 100 1.45 -2.59 6.37
N LEU A 101 0.77 -1.63 6.88
CA LEU A 101 -0.65 -1.75 7.07
C LEU A 101 -1.37 -0.75 6.19
N ARG A 102 -2.53 -1.11 5.71
CA ARG A 102 -3.33 -0.19 4.93
C ARG A 102 -4.25 0.65 5.80
N ARG A 103 -4.56 1.84 5.29
CA ARG A 103 -5.31 2.90 6.01
C ARG A 103 -6.68 2.45 6.52
N SER A 104 -7.20 1.38 5.99
CA SER A 104 -8.48 0.86 6.40
C SER A 104 -8.40 0.31 7.84
N SER A 105 -7.22 -0.14 8.23
CA SER A 105 -7.00 -0.71 9.54
C SER A 105 -6.07 0.20 10.37
N LEU A 106 -5.74 1.34 9.82
CA LEU A 106 -4.74 2.20 10.39
C LEU A 106 -5.27 3.63 10.40
N CYS A 107 -5.50 4.16 11.55
CA CYS A 107 -6.08 5.46 11.67
C CYS A 107 -5.13 6.39 12.38
N LEU A 108 -5.29 7.67 12.16
CA LEU A 108 -4.46 8.67 12.79
C LEU A 108 -4.92 8.80 14.20
N LYS A 109 -3.98 8.84 15.09
CA LYS A 109 -4.30 8.75 16.45
C LYS A 109 -4.85 10.05 17.01
N GLY A 110 -6.14 10.04 17.21
CA GLY A 110 -6.84 11.12 17.86
C GLY A 110 -7.79 10.52 18.87
N GLU A 111 -7.37 9.38 19.36
CA GLU A 111 -8.15 8.57 20.26
C GLU A 111 -7.40 8.51 21.59
N ARG A 112 -8.03 7.99 22.63
CA ARG A 112 -7.40 7.97 23.94
C ARG A 112 -7.76 6.74 24.77
N HIS A 113 -9.04 6.51 24.95
CA HIS A 113 -9.50 5.48 25.88
C HIS A 113 -9.45 4.08 25.27
N PHE A 114 -8.82 3.17 25.99
CA PHE A 114 -8.69 1.77 25.59
C PHE A 114 -9.90 0.96 26.07
N ALA A 115 -9.87 -0.33 25.79
CA ALA A 115 -10.92 -1.24 26.22
C ALA A 115 -10.32 -2.30 27.13
N GLU A 116 -9.34 -3.03 26.60
CA GLU A 116 -8.61 -4.10 27.30
C GLU A 116 -9.52 -5.19 27.86
N SER A 117 -9.86 -6.12 27.01
CA SER A 117 -10.68 -7.25 27.37
C SER A 117 -9.86 -8.56 27.41
N GLU A 118 -8.54 -8.39 27.40
CA GLU A 118 -7.53 -9.49 27.44
C GLU A 118 -7.65 -10.49 26.29
N THR A 119 -8.60 -11.40 26.42
CA THR A 119 -8.79 -12.49 25.47
C THR A 119 -9.74 -12.02 24.36
N LEU A 120 -10.01 -10.72 24.39
CA LEU A 120 -10.88 -10.01 23.45
C LEU A 120 -12.34 -10.22 23.83
N ASP A 121 -13.23 -9.84 22.94
CA ASP A 121 -14.66 -9.83 23.23
C ASP A 121 -15.23 -11.22 23.38
N GLN A 122 -15.07 -12.03 22.37
CA GLN A 122 -15.60 -13.37 22.36
C GLN A 122 -14.57 -14.39 21.95
N LEU A 123 -14.00 -15.02 22.96
CA LEU A 123 -13.05 -16.09 22.78
C LEU A 123 -12.90 -16.79 24.14
N PRO A 124 -13.60 -17.92 24.35
CA PRO A 124 -13.58 -18.62 25.61
C PRO A 124 -12.30 -19.42 25.82
N LEU A 125 -11.25 -18.70 26.18
CA LEU A 125 -9.92 -19.25 26.52
C LEU A 125 -9.20 -19.90 25.34
N THR A 126 -7.90 -20.02 25.44
CA THR A 126 -7.12 -20.60 24.39
C THR A 126 -7.19 -22.15 24.33
N ASN A 127 -7.90 -22.74 25.29
CA ASN A 127 -8.09 -24.18 25.33
C ASN A 127 -9.58 -24.51 25.47
N PRO A 128 -10.20 -25.04 24.40
CA PRO A 128 -11.60 -25.47 24.44
C PRO A 128 -11.80 -26.75 25.27
N GLU A 129 -10.80 -27.61 25.30
CA GLU A 129 -10.87 -28.85 26.04
C GLU A 129 -10.26 -28.66 27.43
N HIS A 130 -10.92 -29.18 28.45
CA HIS A 130 -10.47 -28.99 29.81
C HIS A 130 -10.43 -30.30 30.59
N PHE A 131 -10.97 -31.39 30.05
CA PHE A 131 -11.03 -32.62 30.85
C PHE A 131 -10.83 -33.89 30.02
N GLY A 132 -11.37 -33.92 28.84
CA GLY A 132 -11.33 -35.12 28.03
C GLY A 132 -9.99 -35.35 27.37
N THR A 133 -9.17 -36.13 28.00
CA THR A 133 -7.89 -36.49 27.46
C THR A 133 -7.99 -37.87 26.77
N PRO A 134 -7.97 -37.91 25.44
CA PRO A 134 -8.03 -39.14 24.69
C PRO A 134 -6.64 -39.76 24.51
N VAL A 135 -6.39 -40.84 25.22
CA VAL A 135 -5.13 -41.52 25.11
C VAL A 135 -5.33 -42.79 24.30
N ILE A 136 -5.13 -42.69 23.02
CA ILE A 136 -5.32 -43.79 22.11
C ILE A 136 -3.98 -44.39 21.71
N GLY A 137 -3.24 -44.80 22.72
CA GLY A 137 -1.96 -45.41 22.49
C GLY A 137 -2.11 -46.87 22.18
N LYS A 138 -3.21 -47.45 22.62
CA LYS A 138 -3.47 -48.84 22.38
C LYS A 138 -4.20 -49.03 21.08
N LYS A 139 -3.49 -49.37 20.06
CA LYS A 139 -4.08 -49.54 18.74
C LYS A 139 -3.35 -50.61 17.93
N THR A 140 -2.07 -50.47 17.72
CA THR A 140 -1.33 -51.46 16.97
C THR A 140 -0.50 -52.34 17.91
N ASN A 141 -0.56 -52.01 19.18
CA ASN A 141 0.11 -52.79 20.21
C ASN A 141 -0.83 -53.83 20.83
N ARG A 142 -1.89 -53.37 21.42
CA ARG A 142 -2.88 -54.22 22.02
C ARG A 142 -4.26 -53.80 21.64
N GLY A 143 -4.77 -54.45 20.64
CA GLY A 143 -6.12 -54.23 20.19
C GLY A 143 -6.81 -55.55 20.14
N ARG A 144 -7.97 -55.63 19.56
CA ARG A 144 -8.65 -56.89 19.51
C ARG A 144 -8.27 -57.74 18.32
N ARG A 145 -7.08 -58.29 18.40
CA ARG A 145 -6.62 -59.28 17.49
C ARG A 145 -6.72 -60.62 18.17
N SER A 146 -7.71 -61.38 17.78
CA SER A 146 -7.96 -62.66 18.38
C SER A 146 -7.20 -63.75 17.64
N ASN A 147 -6.45 -63.33 16.63
CA ASN A 147 -5.67 -64.23 15.81
C ASN A 147 -4.48 -64.73 16.59
N HIS A 148 -4.63 -65.88 17.18
CA HIS A 148 -3.54 -66.54 17.88
C HIS A 148 -3.17 -67.81 17.18
N ILE A 149 -4.16 -68.41 16.51
CA ILE A 149 -3.99 -69.62 15.69
C ILE A 149 -3.68 -70.87 16.54
N PRO A 150 -4.53 -71.91 16.44
CA PRO A 150 -4.38 -73.15 17.20
C PRO A 150 -3.29 -74.05 16.65
N GLU A 151 -2.80 -73.73 15.49
CA GLU A 151 -1.82 -74.51 14.83
C GLU A 151 -0.44 -73.93 15.08
N MET A 1 -25.46 -12.90 4.04
CA MET A 1 -25.48 -11.49 4.42
C MET A 1 -24.42 -11.23 5.46
N LYS A 2 -23.88 -10.02 5.47
CA LYS A 2 -22.90 -9.63 6.46
C LYS A 2 -22.88 -8.12 6.52
N ALA A 3 -23.12 -7.57 7.70
CA ALA A 3 -23.08 -6.13 7.87
C ALA A 3 -21.64 -5.68 7.87
N LEU A 4 -21.30 -4.79 6.98
CA LEU A 4 -19.93 -4.36 6.85
C LEU A 4 -19.86 -2.83 6.98
N ASP A 5 -20.93 -2.27 7.55
CA ASP A 5 -21.07 -0.84 7.76
C ASP A 5 -19.99 -0.32 8.69
N GLU A 6 -19.78 -1.05 9.78
CA GLU A 6 -18.69 -0.78 10.70
C GLU A 6 -17.42 -1.29 10.04
N PRO A 7 -16.56 -0.38 9.56
CA PRO A 7 -15.42 -0.76 8.76
C PRO A 7 -14.17 -1.14 9.56
N PRO A 8 -13.66 -2.35 9.36
CA PRO A 8 -12.39 -2.74 9.91
C PRO A 8 -11.30 -2.10 9.09
N TYR A 9 -10.71 -1.09 9.62
CA TYR A 9 -9.74 -0.38 8.86
C TYR A 9 -8.49 -0.21 9.65
N LEU A 10 -7.40 -0.45 9.00
CA LEU A 10 -6.14 -0.45 9.63
C LEU A 10 -5.45 0.87 9.39
N THR A 11 -4.77 1.35 10.37
CA THR A 11 -4.07 2.61 10.30
C THR A 11 -2.81 2.51 11.16
N VAL A 12 -1.84 3.36 10.95
CA VAL A 12 -0.58 3.31 11.69
C VAL A 12 -0.83 3.53 13.18
N GLY A 13 -0.38 2.59 13.99
CA GLY A 13 -0.56 2.67 15.41
C GLY A 13 -1.55 1.64 15.93
N THR A 14 -2.37 1.14 15.04
CA THR A 14 -3.41 0.20 15.37
C THR A 14 -2.83 -1.21 15.57
N ASP A 15 -3.44 -1.98 16.46
CA ASP A 15 -3.05 -3.38 16.65
C ASP A 15 -4.01 -4.29 15.91
N VAL A 16 -3.44 -5.28 15.29
CA VAL A 16 -4.15 -6.20 14.48
C VAL A 16 -3.70 -7.62 14.77
N SER A 17 -4.32 -8.53 14.15
CA SER A 17 -3.97 -9.90 14.20
C SER A 17 -3.70 -10.34 12.78
N ALA A 18 -2.51 -10.78 12.55
CA ALA A 18 -2.08 -11.15 11.23
C ALA A 18 -2.04 -12.63 11.14
N LYS A 19 -2.68 -13.18 10.16
CA LYS A 19 -2.65 -14.59 9.96
C LYS A 19 -1.39 -14.91 9.17
N TYR A 20 -0.42 -15.40 9.88
CA TYR A 20 0.85 -15.72 9.32
C TYR A 20 1.10 -17.19 9.55
N ARG A 21 1.70 -17.84 8.56
CA ARG A 21 1.91 -19.30 8.52
C ARG A 21 0.55 -19.99 8.38
N GLY A 22 -0.20 -19.98 9.45
CA GLY A 22 -1.52 -20.51 9.46
C GLY A 22 -2.33 -20.05 10.66
N ALA A 23 -1.78 -19.16 11.47
CA ALA A 23 -2.46 -18.74 12.68
C ALA A 23 -2.34 -17.25 12.84
N PHE A 24 -3.19 -16.69 13.65
CA PHE A 24 -3.14 -15.28 13.91
C PHE A 24 -2.10 -14.95 14.95
N CYS A 25 -1.18 -14.14 14.57
CA CYS A 25 -0.18 -13.61 15.45
C CYS A 25 -0.60 -12.16 15.73
N GLU A 26 -0.24 -11.64 16.86
CA GLU A 26 -0.62 -10.29 17.16
C GLU A 26 0.39 -9.35 16.61
N ALA A 27 -0.06 -8.32 15.98
CA ALA A 27 0.80 -7.42 15.30
C ALA A 27 0.29 -6.00 15.41
N LYS A 28 1.11 -5.05 15.07
CA LYS A 28 0.74 -3.65 15.11
C LYS A 28 1.21 -2.96 13.84
N ILE A 29 0.40 -2.05 13.35
CA ILE A 29 0.70 -1.33 12.13
C ILE A 29 1.78 -0.33 12.43
N LYS A 30 2.98 -0.62 12.03
CA LYS A 30 4.06 0.29 12.31
C LYS A 30 4.33 1.13 11.08
N THR A 31 4.05 0.58 9.92
CA THR A 31 4.23 1.31 8.69
C THR A 31 3.13 0.85 7.72
N ALA A 32 2.73 1.69 6.81
CA ALA A 32 1.79 1.28 5.81
C ALA A 32 2.44 1.37 4.48
N LYS A 33 2.21 0.42 3.68
CA LYS A 33 2.78 0.42 2.40
C LYS A 33 1.81 0.60 1.32
N ARG A 34 1.76 1.82 0.88
CA ARG A 34 0.99 2.16 -0.26
C ARG A 34 1.59 1.49 -1.47
N LEU A 35 0.90 0.51 -1.92
CA LEU A 35 1.32 -0.29 -3.03
C LEU A 35 0.35 -0.11 -4.13
N VAL A 36 0.84 -0.11 -5.31
CA VAL A 36 0.00 0.03 -6.43
C VAL A 36 -0.30 -1.36 -6.89
N LYS A 37 -1.54 -1.73 -6.75
CA LYS A 37 -1.97 -3.04 -7.11
C LYS A 37 -2.33 -3.00 -8.52
N VAL A 38 -1.54 -3.62 -9.24
CA VAL A 38 -1.71 -3.75 -10.60
C VAL A 38 -2.16 -5.17 -10.85
N LYS A 39 -3.40 -5.27 -11.19
CA LYS A 39 -4.03 -6.53 -11.38
C LYS A 39 -3.81 -6.91 -12.80
N VAL A 40 -3.25 -8.05 -13.03
CA VAL A 40 -2.87 -8.46 -14.36
C VAL A 40 -3.31 -9.86 -14.68
N THR A 41 -3.62 -10.08 -15.92
CA THR A 41 -3.97 -11.37 -16.42
C THR A 41 -2.81 -11.89 -17.26
N PHE A 42 -2.05 -12.86 -16.74
CA PHE A 42 -0.93 -13.44 -17.49
C PHE A 42 -1.48 -14.05 -18.73
N ARG A 43 -0.91 -13.78 -19.85
CA ARG A 43 -1.43 -14.37 -21.05
C ARG A 43 -0.93 -15.79 -21.17
N HIS A 44 0.28 -16.01 -20.66
CA HIS A 44 0.90 -17.33 -20.57
C HIS A 44 0.08 -18.29 -19.69
N ASP A 45 -0.59 -17.76 -18.69
CA ASP A 45 -1.27 -18.65 -17.73
C ASP A 45 -2.76 -18.46 -17.69
N SER A 46 -3.25 -17.37 -18.29
CA SER A 46 -4.68 -16.99 -18.26
C SER A 46 -5.13 -16.69 -16.79
N SER A 47 -4.16 -16.64 -15.91
CA SER A 47 -4.37 -16.43 -14.51
C SER A 47 -4.32 -14.95 -14.17
N THR A 48 -5.26 -14.51 -13.38
CA THR A 48 -5.31 -13.15 -12.94
C THR A 48 -4.67 -13.05 -11.55
N VAL A 49 -3.69 -12.21 -11.43
CA VAL A 49 -3.00 -11.98 -10.18
C VAL A 49 -2.93 -10.50 -9.90
N GLU A 50 -2.70 -10.16 -8.68
CA GLU A 50 -2.54 -8.79 -8.32
C GLU A 50 -1.16 -8.59 -7.72
N VAL A 51 -0.37 -7.78 -8.34
CA VAL A 51 0.98 -7.54 -7.88
C VAL A 51 1.21 -6.06 -7.74
N GLN A 52 2.36 -5.70 -7.26
CA GLN A 52 2.72 -4.32 -7.14
C GLN A 52 3.56 -3.82 -8.34
N ASP A 53 3.68 -2.49 -8.43
CA ASP A 53 4.45 -1.77 -9.50
C ASP A 53 5.89 -2.29 -9.59
N ASP A 54 6.38 -2.70 -8.45
CA ASP A 54 7.75 -3.19 -8.26
C ASP A 54 8.02 -4.44 -9.10
N HIS A 55 6.97 -5.16 -9.51
CA HIS A 55 7.14 -6.35 -10.32
C HIS A 55 6.76 -6.15 -11.77
N ILE A 56 6.53 -4.92 -12.18
CA ILE A 56 6.11 -4.65 -13.54
C ILE A 56 7.15 -3.84 -14.29
N LYS A 57 7.53 -4.30 -15.45
CA LYS A 57 8.29 -3.47 -16.32
C LYS A 57 7.45 -3.13 -17.55
N GLY A 58 7.01 -1.91 -17.59
CA GLY A 58 6.19 -1.43 -18.64
C GLY A 58 5.31 -0.31 -18.14
N PRO A 59 4.47 0.26 -18.98
CA PRO A 59 3.55 1.32 -18.56
C PRO A 59 2.30 0.74 -17.90
N LEU A 60 2.07 1.12 -16.67
CA LEU A 60 0.94 0.62 -15.94
C LEU A 60 -0.30 1.39 -16.33
N LYS A 61 -1.12 0.75 -17.13
CA LYS A 61 -2.30 1.35 -17.66
C LYS A 61 -3.29 0.23 -17.97
N VAL A 62 -4.56 0.47 -17.75
CA VAL A 62 -5.60 -0.51 -18.00
C VAL A 62 -5.61 -0.92 -19.47
N GLY A 63 -5.49 -2.21 -19.72
CA GLY A 63 -5.52 -2.71 -21.08
C GLY A 63 -4.14 -2.91 -21.67
N ALA A 64 -3.13 -2.43 -20.98
CA ALA A 64 -1.76 -2.53 -21.46
C ALA A 64 -1.19 -3.90 -21.15
N ILE A 65 -0.32 -4.37 -22.02
CA ILE A 65 0.33 -5.63 -21.83
C ILE A 65 1.70 -5.35 -21.27
N VAL A 66 1.96 -5.79 -20.09
CA VAL A 66 3.25 -5.53 -19.47
C VAL A 66 3.99 -6.80 -19.16
N GLU A 67 5.25 -6.65 -18.82
CA GLU A 67 6.07 -7.76 -18.40
C GLU A 67 6.03 -7.83 -16.91
N VAL A 68 5.46 -8.87 -16.42
CA VAL A 68 5.31 -9.09 -15.02
C VAL A 68 6.37 -10.04 -14.57
N LYS A 69 7.11 -9.64 -13.58
CA LYS A 69 8.15 -10.45 -13.06
C LYS A 69 7.58 -11.41 -12.05
N ASN A 70 7.62 -12.65 -12.37
CA ASN A 70 7.16 -13.70 -11.49
C ASN A 70 8.20 -13.98 -10.45
N LEU A 71 7.81 -14.64 -9.37
CA LEU A 71 8.73 -15.02 -8.28
C LEU A 71 9.90 -15.88 -8.76
N ASP A 72 9.74 -16.45 -9.94
CA ASP A 72 10.78 -17.27 -10.58
C ASP A 72 11.84 -16.37 -11.22
N GLY A 73 11.51 -15.11 -11.39
CA GLY A 73 12.37 -14.17 -12.08
C GLY A 73 11.99 -14.09 -13.55
N ALA A 74 10.90 -14.77 -13.88
CA ALA A 74 10.43 -14.87 -15.24
C ALA A 74 9.47 -13.74 -15.54
N TYR A 75 9.77 -12.98 -16.55
CA TYR A 75 8.91 -11.94 -16.98
C TYR A 75 7.92 -12.51 -17.96
N GLN A 76 6.68 -12.37 -17.65
CA GLN A 76 5.62 -12.86 -18.50
C GLN A 76 4.77 -11.73 -18.96
N GLU A 77 3.98 -11.97 -19.96
CA GLU A 77 3.16 -10.96 -20.51
C GLU A 77 1.81 -11.00 -19.84
N ALA A 78 1.32 -9.89 -19.44
CA ALA A 78 0.04 -9.86 -18.82
C ALA A 78 -0.68 -8.59 -19.12
N VAL A 79 -1.98 -8.67 -19.17
CA VAL A 79 -2.80 -7.53 -19.46
C VAL A 79 -3.23 -6.90 -18.16
N ILE A 80 -3.00 -5.61 -18.02
CA ILE A 80 -3.41 -4.90 -16.84
C ILE A 80 -4.92 -4.70 -16.81
N ASN A 81 -5.52 -5.14 -15.75
CA ASN A 81 -6.95 -5.03 -15.56
C ASN A 81 -7.27 -3.72 -14.88
N LYS A 82 -6.55 -3.43 -13.82
CA LYS A 82 -6.80 -2.22 -13.03
C LYS A 82 -5.58 -1.84 -12.22
N LEU A 83 -5.56 -0.60 -11.80
CA LEU A 83 -4.55 -0.06 -10.91
C LEU A 83 -5.29 0.49 -9.71
N THR A 84 -5.08 -0.08 -8.57
CA THR A 84 -5.75 0.36 -7.37
C THR A 84 -4.78 0.34 -6.19
N ASP A 85 -4.91 1.29 -5.28
CA ASP A 85 -4.12 1.30 -4.06
C ASP A 85 -4.51 0.14 -3.19
N ALA A 86 -3.56 -0.68 -2.87
CA ALA A 86 -3.79 -1.82 -2.04
C ALA A 86 -3.66 -1.46 -0.59
N SER A 87 -2.61 -0.70 -0.30
CA SER A 87 -2.18 -0.39 1.03
C SER A 87 -2.05 -1.61 1.91
N TRP A 88 -0.90 -2.20 1.83
CA TRP A 88 -0.56 -3.32 2.68
C TRP A 88 -0.03 -2.72 3.94
N TYR A 89 -0.16 -3.38 5.01
CA TYR A 89 0.29 -2.80 6.24
C TYR A 89 1.46 -3.55 6.80
N THR A 90 2.52 -2.82 7.06
CA THR A 90 3.68 -3.37 7.60
C THR A 90 3.48 -3.42 9.07
N VAL A 91 3.39 -4.60 9.54
CA VAL A 91 3.08 -4.85 10.88
C VAL A 91 4.20 -5.54 11.55
N VAL A 92 4.43 -5.15 12.76
CA VAL A 92 5.40 -5.79 13.59
C VAL A 92 4.65 -6.83 14.38
N PHE A 93 5.10 -8.04 14.29
CA PHE A 93 4.47 -9.18 14.90
C PHE A 93 5.02 -9.38 16.31
N ASP A 94 4.38 -10.26 17.04
CA ASP A 94 4.79 -10.61 18.40
C ASP A 94 5.84 -11.71 18.33
N ASP A 95 6.08 -12.11 17.10
CA ASP A 95 7.09 -13.09 16.75
C ASP A 95 8.41 -12.35 16.58
N GLY A 96 8.32 -11.04 16.50
CA GLY A 96 9.47 -10.20 16.31
C GLY A 96 9.66 -9.82 14.86
N ASP A 97 8.88 -10.44 14.01
CA ASP A 97 8.97 -10.21 12.56
C ASP A 97 8.25 -8.91 12.21
N GLU A 98 8.51 -8.36 11.06
CA GLU A 98 7.82 -7.20 10.59
C GLU A 98 7.64 -7.41 9.11
N LYS A 99 6.47 -7.20 8.61
CA LYS A 99 6.21 -7.48 7.21
C LYS A 99 4.97 -6.74 6.78
N THR A 100 4.91 -6.34 5.54
CA THR A 100 3.74 -5.72 5.04
C THR A 100 2.83 -6.81 4.47
N LEU A 101 1.65 -6.91 5.02
CA LEU A 101 0.71 -7.91 4.60
C LEU A 101 -0.51 -7.31 4.00
N ARG A 102 -1.16 -8.10 3.20
CA ARG A 102 -2.39 -7.72 2.56
C ARG A 102 -3.50 -7.70 3.61
N ARG A 103 -4.50 -6.92 3.36
CA ARG A 103 -5.60 -6.69 4.28
C ARG A 103 -6.50 -7.91 4.44
N SER A 104 -6.42 -8.82 3.49
CA SER A 104 -7.19 -10.05 3.53
C SER A 104 -6.52 -11.11 4.43
N SER A 105 -5.32 -10.83 4.90
CA SER A 105 -4.63 -11.71 5.82
C SER A 105 -4.53 -11.05 7.19
N LEU A 106 -5.22 -9.94 7.34
CA LEU A 106 -5.17 -9.17 8.54
C LEU A 106 -6.56 -9.05 9.15
N CYS A 107 -6.61 -9.01 10.45
CA CYS A 107 -7.83 -8.80 11.16
C CYS A 107 -7.55 -7.75 12.23
N LEU A 108 -8.49 -6.88 12.47
CA LEU A 108 -8.34 -5.79 13.42
C LEU A 108 -8.51 -6.33 14.85
N LYS A 109 -7.72 -5.82 15.82
CA LYS A 109 -7.97 -6.22 17.20
C LYS A 109 -9.21 -5.54 17.74
N GLY A 110 -9.67 -5.99 18.87
CA GLY A 110 -10.92 -5.53 19.39
C GLY A 110 -11.98 -6.45 18.84
N GLU A 111 -12.69 -5.95 17.85
CA GLU A 111 -13.67 -6.72 17.08
C GLU A 111 -14.91 -7.18 17.90
N ARG A 112 -16.05 -6.84 17.36
CA ARG A 112 -17.35 -7.20 17.90
C ARG A 112 -18.17 -7.73 16.71
N HIS A 113 -17.46 -8.27 15.77
CA HIS A 113 -18.03 -8.58 14.49
C HIS A 113 -17.55 -9.94 14.00
N PHE A 114 -18.42 -10.93 14.09
CA PHE A 114 -18.09 -12.26 13.61
C PHE A 114 -18.15 -12.31 12.09
N ALA A 115 -17.00 -12.45 11.47
CA ALA A 115 -16.87 -12.52 10.04
C ALA A 115 -17.24 -13.92 9.56
N GLU A 116 -16.86 -14.90 10.33
CA GLU A 116 -17.17 -16.28 10.02
C GLU A 116 -18.64 -16.54 10.33
N SER A 117 -19.47 -16.38 9.33
CA SER A 117 -20.90 -16.54 9.44
C SER A 117 -21.28 -17.99 9.78
N GLU A 118 -20.76 -18.93 9.04
CA GLU A 118 -21.06 -20.30 9.27
C GLU A 118 -19.77 -21.11 9.38
N THR A 119 -19.58 -21.72 10.53
CA THR A 119 -18.42 -22.54 10.79
C THR A 119 -18.47 -23.85 9.99
N LEU A 120 -19.69 -24.35 9.81
CA LEU A 120 -19.92 -25.56 9.06
C LEU A 120 -19.85 -25.27 7.57
N ASP A 121 -18.64 -25.23 7.09
CA ASP A 121 -18.36 -24.99 5.70
C ASP A 121 -17.67 -26.21 5.14
N GLN A 122 -18.43 -27.03 4.46
CA GLN A 122 -17.93 -28.29 3.96
C GLN A 122 -17.97 -28.32 2.45
N LEU A 123 -16.82 -28.37 1.85
CA LEU A 123 -16.71 -28.49 0.42
C LEU A 123 -16.50 -29.94 0.04
N PRO A 124 -17.32 -30.46 -0.88
CA PRO A 124 -17.17 -31.83 -1.38
C PRO A 124 -15.82 -32.01 -2.07
N LEU A 125 -15.19 -33.15 -1.84
CA LEU A 125 -13.90 -33.41 -2.43
C LEU A 125 -14.04 -33.78 -3.89
N THR A 126 -13.19 -33.26 -4.70
CA THR A 126 -13.19 -33.52 -6.10
C THR A 126 -11.84 -33.09 -6.67
N ASN A 127 -11.23 -33.93 -7.47
CA ASN A 127 -9.93 -33.64 -8.01
C ASN A 127 -9.87 -34.00 -9.48
N PRO A 128 -9.61 -33.01 -10.34
CA PRO A 128 -9.46 -33.22 -11.80
C PRO A 128 -8.29 -34.16 -12.12
N GLU A 129 -8.25 -34.67 -13.33
CA GLU A 129 -7.16 -35.54 -13.75
C GLU A 129 -5.87 -34.75 -13.86
N HIS A 130 -4.83 -35.25 -13.23
CA HIS A 130 -3.54 -34.59 -13.27
C HIS A 130 -2.47 -35.55 -13.78
N PHE A 131 -2.09 -36.52 -12.97
CA PHE A 131 -1.13 -37.51 -13.40
C PHE A 131 -1.67 -38.89 -13.14
N GLY A 132 -1.90 -39.63 -14.18
CA GLY A 132 -2.36 -41.00 -14.02
C GLY A 132 -1.99 -41.84 -15.20
N THR A 133 -1.15 -41.32 -16.03
CA THR A 133 -0.75 -41.94 -17.24
C THR A 133 0.32 -43.01 -16.99
N PRO A 134 0.22 -44.16 -17.70
CA PRO A 134 1.20 -45.24 -17.58
C PRO A 134 2.55 -44.83 -18.18
N VAL A 135 3.50 -44.62 -17.32
CA VAL A 135 4.84 -44.26 -17.72
C VAL A 135 5.77 -45.41 -17.43
N ILE A 136 7.01 -45.31 -17.87
CA ILE A 136 8.00 -46.36 -17.66
C ILE A 136 8.31 -46.55 -16.17
N GLY A 137 8.63 -47.76 -15.78
CA GLY A 137 8.92 -48.01 -14.41
C GLY A 137 9.74 -49.26 -14.22
N LYS A 138 10.55 -49.57 -15.21
CA LYS A 138 11.39 -50.76 -15.14
C LYS A 138 12.57 -50.47 -14.27
N LYS A 139 13.06 -51.47 -13.62
CA LYS A 139 14.20 -51.32 -12.78
C LYS A 139 15.45 -51.58 -13.59
N THR A 140 16.01 -50.51 -14.10
CA THR A 140 17.18 -50.55 -14.92
C THR A 140 18.40 -50.90 -14.06
N ASN A 141 18.81 -52.13 -14.13
CA ASN A 141 19.97 -52.58 -13.40
C ASN A 141 21.15 -52.64 -14.34
N ARG A 142 22.26 -52.10 -13.91
CA ARG A 142 23.48 -52.13 -14.68
C ARG A 142 24.46 -53.06 -13.99
N GLY A 143 24.61 -54.25 -14.51
CA GLY A 143 25.54 -55.22 -13.96
C GLY A 143 26.96 -54.76 -14.16
N ARG A 144 27.66 -54.59 -13.08
CA ARG A 144 29.02 -54.10 -13.11
C ARG A 144 29.75 -54.64 -11.92
N ARG A 145 31.01 -54.97 -12.10
CA ARG A 145 31.80 -55.49 -11.01
C ARG A 145 33.25 -55.18 -11.26
N SER A 146 33.91 -54.58 -10.30
CA SER A 146 35.32 -54.28 -10.42
C SER A 146 36.02 -54.46 -9.08
N ASN A 147 36.49 -55.67 -8.84
CA ASN A 147 37.21 -56.00 -7.61
C ASN A 147 38.29 -56.97 -7.94
N HIS A 148 39.49 -56.69 -7.46
CA HIS A 148 40.68 -57.53 -7.69
C HIS A 148 40.94 -57.72 -9.17
N ILE A 149 41.28 -56.63 -9.80
CA ILE A 149 41.62 -56.65 -11.20
C ILE A 149 43.08 -57.04 -11.30
N PRO A 150 43.42 -58.04 -12.13
CA PRO A 150 44.81 -58.52 -12.31
C PRO A 150 45.77 -57.39 -12.69
N GLU A 151 45.28 -56.46 -13.44
CA GLU A 151 46.06 -55.32 -13.86
C GLU A 151 46.11 -54.31 -12.73
N MET A 1 -6.14 -13.61 20.48
CA MET A 1 -7.17 -14.56 20.10
C MET A 1 -7.80 -15.19 21.32
N LYS A 2 -9.02 -15.62 21.15
CA LYS A 2 -9.78 -16.37 22.14
C LYS A 2 -10.35 -17.57 21.40
N ALA A 3 -11.48 -17.37 20.73
CA ALA A 3 -11.97 -18.34 19.77
C ALA A 3 -11.68 -17.77 18.40
N LEU A 4 -11.71 -16.46 18.36
CA LEU A 4 -11.36 -15.70 17.19
C LEU A 4 -10.30 -14.68 17.58
N ASP A 5 -9.71 -14.06 16.61
CA ASP A 5 -8.75 -13.01 16.86
C ASP A 5 -9.27 -11.78 16.16
N GLU A 6 -9.57 -10.77 16.92
CA GLU A 6 -10.18 -9.56 16.39
C GLU A 6 -9.26 -8.84 15.40
N PRO A 7 -9.87 -8.43 14.24
CA PRO A 7 -9.19 -7.81 13.08
C PRO A 7 -7.91 -7.04 13.37
N PRO A 8 -6.77 -7.66 13.10
CA PRO A 8 -5.50 -7.01 13.23
C PRO A 8 -5.15 -6.29 11.96
N TYR A 9 -5.30 -5.03 11.97
CA TYR A 9 -4.95 -4.28 10.82
C TYR A 9 -4.13 -3.10 11.23
N LEU A 10 -3.12 -2.84 10.48
CA LEU A 10 -2.17 -1.87 10.77
C LEU A 10 -2.56 -0.59 10.08
N THR A 11 -2.47 0.46 10.82
CA THR A 11 -2.82 1.76 10.33
C THR A 11 -1.65 2.68 10.62
N VAL A 12 -1.56 3.81 9.95
CA VAL A 12 -0.48 4.74 10.22
C VAL A 12 -0.61 5.22 11.67
N GLY A 13 0.41 4.98 12.45
CA GLY A 13 0.38 5.32 13.83
C GLY A 13 0.37 4.10 14.74
N THR A 14 0.02 2.95 14.21
CA THR A 14 -0.06 1.72 14.99
C THR A 14 1.34 1.20 15.35
N ASP A 15 1.56 0.85 16.61
CA ASP A 15 2.81 0.23 17.02
C ASP A 15 2.79 -1.22 16.64
N VAL A 16 3.89 -1.69 16.17
CA VAL A 16 4.03 -3.02 15.70
C VAL A 16 5.31 -3.62 16.21
N SER A 17 5.42 -4.88 16.07
CA SER A 17 6.59 -5.59 16.39
C SER A 17 7.07 -6.25 15.11
N ALA A 18 8.22 -5.88 14.67
CA ALA A 18 8.73 -6.38 13.42
C ALA A 18 9.93 -7.24 13.67
N LYS A 19 10.01 -8.34 12.96
CA LYS A 19 11.15 -9.20 13.06
C LYS A 19 12.33 -8.54 12.35
N TYR A 20 13.23 -8.03 13.12
CA TYR A 20 14.40 -7.33 12.67
C TYR A 20 15.58 -8.15 13.11
N ARG A 21 16.49 -8.41 12.18
CA ARG A 21 17.67 -9.26 12.40
C ARG A 21 17.24 -10.72 12.57
N GLY A 22 16.64 -11.02 13.70
CA GLY A 22 16.08 -12.32 13.95
C GLY A 22 15.08 -12.32 15.11
N ALA A 23 14.75 -11.13 15.62
CA ALA A 23 13.85 -11.04 16.76
C ALA A 23 12.85 -9.92 16.53
N PHE A 24 11.81 -9.89 17.30
CA PHE A 24 10.82 -8.85 17.18
C PHE A 24 11.27 -7.61 17.91
N CYS A 25 11.33 -6.54 17.18
CA CYS A 25 11.72 -5.26 17.69
C CYS A 25 10.59 -4.31 17.44
N GLU A 26 10.38 -3.49 18.42
CA GLU A 26 9.34 -2.54 18.42
C GLU A 26 9.50 -1.48 17.36
N ALA A 27 8.45 -1.29 16.62
CA ALA A 27 8.38 -0.33 15.58
C ALA A 27 6.98 0.23 15.56
N LYS A 28 6.72 1.16 14.72
CA LYS A 28 5.39 1.70 14.55
C LYS A 28 5.23 2.16 13.13
N ILE A 29 4.04 2.10 12.62
CA ILE A 29 3.76 2.52 11.26
C ILE A 29 3.94 4.02 11.20
N LYS A 30 4.98 4.46 10.57
CA LYS A 30 5.25 5.85 10.49
C LYS A 30 4.54 6.44 9.30
N THR A 31 4.58 5.76 8.20
CA THR A 31 3.96 6.25 7.01
C THR A 31 3.82 5.11 6.04
N ALA A 32 3.05 5.29 5.02
CA ALA A 32 2.88 4.25 4.06
C ALA A 32 3.46 4.66 2.75
N LYS A 33 4.14 3.77 2.14
CA LYS A 33 4.72 3.98 0.85
C LYS A 33 3.71 3.57 -0.16
N ARG A 34 3.42 4.40 -1.12
CA ARG A 34 2.39 4.04 -2.04
C ARG A 34 2.84 3.01 -3.06
N LEU A 35 2.36 1.81 -2.89
CA LEU A 35 2.57 0.74 -3.85
C LEU A 35 1.30 0.57 -4.60
N VAL A 36 1.41 0.31 -5.87
CA VAL A 36 0.26 0.10 -6.67
C VAL A 36 0.09 -1.38 -6.96
N LYS A 37 -1.10 -1.89 -6.70
CA LYS A 37 -1.45 -3.23 -7.05
C LYS A 37 -2.00 -3.21 -8.42
N VAL A 38 -1.46 -4.01 -9.24
CA VAL A 38 -1.90 -4.09 -10.57
C VAL A 38 -2.55 -5.47 -10.79
N LYS A 39 -3.84 -5.46 -10.93
CA LYS A 39 -4.61 -6.65 -11.25
C LYS A 39 -4.36 -6.95 -12.71
N VAL A 40 -3.67 -8.02 -12.96
CA VAL A 40 -3.29 -8.37 -14.29
C VAL A 40 -3.80 -9.73 -14.67
N THR A 41 -4.10 -9.87 -15.91
CA THR A 41 -4.48 -11.13 -16.46
C THR A 41 -3.30 -11.64 -17.26
N PHE A 42 -2.65 -12.69 -16.77
CA PHE A 42 -1.52 -13.27 -17.46
C PHE A 42 -1.92 -13.68 -18.84
N ARG A 43 -1.19 -13.24 -19.81
CA ARG A 43 -1.44 -13.63 -21.16
C ARG A 43 -0.89 -15.00 -21.38
N HIS A 44 0.27 -15.22 -20.82
CA HIS A 44 1.00 -16.46 -20.97
C HIS A 44 0.36 -17.57 -20.13
N ASP A 45 -0.25 -17.20 -19.04
CA ASP A 45 -0.73 -18.20 -18.08
C ASP A 45 -2.23 -18.21 -17.97
N SER A 46 -2.89 -17.20 -18.54
CA SER A 46 -4.36 -17.06 -18.54
C SER A 46 -4.96 -16.81 -17.12
N SER A 47 -4.12 -16.74 -16.12
CA SER A 47 -4.57 -16.55 -14.76
C SER A 47 -4.64 -15.06 -14.39
N THR A 48 -5.66 -14.67 -13.65
CA THR A 48 -5.79 -13.32 -13.20
C THR A 48 -5.18 -13.20 -11.79
N VAL A 49 -4.17 -12.36 -11.67
CA VAL A 49 -3.45 -12.20 -10.42
C VAL A 49 -3.28 -10.73 -10.08
N GLU A 50 -2.87 -10.46 -8.88
CA GLU A 50 -2.64 -9.12 -8.43
C GLU A 50 -1.17 -8.98 -8.05
N VAL A 51 -0.46 -8.18 -8.80
CA VAL A 51 0.97 -8.02 -8.64
C VAL A 51 1.27 -6.59 -8.26
N GLN A 52 2.30 -6.37 -7.46
CA GLN A 52 2.69 -5.03 -7.10
C GLN A 52 3.47 -4.40 -8.26
N ASP A 53 3.35 -3.07 -8.41
CA ASP A 53 3.97 -2.29 -9.51
C ASP A 53 5.47 -2.54 -9.59
N ASP A 54 6.03 -2.90 -8.46
CA ASP A 54 7.45 -3.22 -8.30
C ASP A 54 7.89 -4.39 -9.22
N HIS A 55 6.95 -5.25 -9.56
CA HIS A 55 7.25 -6.37 -10.43
C HIS A 55 6.58 -6.23 -11.78
N ILE A 56 6.00 -5.08 -12.05
CA ILE A 56 5.35 -4.87 -13.31
C ILE A 56 6.26 -4.05 -14.22
N LYS A 57 6.74 -4.65 -15.27
CA LYS A 57 7.62 -3.96 -16.18
C LYS A 57 6.84 -3.53 -17.40
N GLY A 58 6.92 -2.26 -17.73
CA GLY A 58 6.26 -1.75 -18.90
C GLY A 58 5.48 -0.50 -18.58
N PRO A 59 4.53 -0.12 -19.44
CA PRO A 59 3.68 1.04 -19.21
C PRO A 59 2.43 0.65 -18.42
N LEU A 60 2.30 1.19 -17.23
CA LEU A 60 1.20 0.83 -16.38
C LEU A 60 -0.04 1.64 -16.70
N LYS A 61 -0.92 1.05 -17.46
CA LYS A 61 -2.20 1.63 -17.79
C LYS A 61 -3.15 0.48 -18.08
N VAL A 62 -4.43 0.69 -17.88
CA VAL A 62 -5.41 -0.36 -18.11
C VAL A 62 -5.46 -0.74 -19.59
N GLY A 63 -5.27 -2.01 -19.87
CA GLY A 63 -5.31 -2.47 -21.23
C GLY A 63 -3.92 -2.71 -21.78
N ALA A 64 -2.91 -2.30 -21.06
CA ALA A 64 -1.54 -2.48 -21.50
C ALA A 64 -1.03 -3.87 -21.21
N ILE A 65 -0.15 -4.33 -22.07
CA ILE A 65 0.50 -5.60 -21.90
C ILE A 65 1.83 -5.33 -21.25
N VAL A 66 1.97 -5.76 -20.05
CA VAL A 66 3.16 -5.56 -19.28
C VAL A 66 3.74 -6.88 -18.93
N GLU A 67 4.86 -6.87 -18.29
CA GLU A 67 5.48 -8.08 -17.89
C GLU A 67 5.46 -8.19 -16.41
N VAL A 68 5.12 -9.33 -15.95
CA VAL A 68 5.08 -9.62 -14.56
C VAL A 68 6.34 -10.33 -14.20
N LYS A 69 7.14 -9.70 -13.41
CA LYS A 69 8.34 -10.28 -12.93
C LYS A 69 8.04 -11.12 -11.74
N ASN A 70 8.08 -12.38 -11.93
CA ASN A 70 7.84 -13.30 -10.84
C ASN A 70 9.11 -13.51 -10.07
N LEU A 71 8.97 -13.93 -8.82
CA LEU A 71 10.13 -14.19 -7.93
C LEU A 71 11.06 -15.28 -8.49
N ASP A 72 10.55 -16.01 -9.48
CA ASP A 72 11.31 -17.04 -10.19
C ASP A 72 12.31 -16.39 -11.15
N GLY A 73 12.11 -15.12 -11.39
CA GLY A 73 12.95 -14.38 -12.31
C GLY A 73 12.36 -14.38 -13.69
N ALA A 74 11.14 -14.85 -13.77
CA ALA A 74 10.45 -14.99 -15.02
C ALA A 74 9.54 -13.82 -15.26
N TYR A 75 9.71 -13.17 -16.38
CA TYR A 75 8.85 -12.08 -16.76
C TYR A 75 7.78 -12.65 -17.65
N GLN A 76 6.56 -12.50 -17.28
CA GLN A 76 5.47 -13.09 -18.02
C GLN A 76 4.45 -12.03 -18.44
N GLU A 77 4.10 -12.01 -19.73
CA GLU A 77 3.15 -11.04 -20.31
C GLU A 77 1.81 -11.12 -19.61
N ALA A 78 1.28 -9.97 -19.29
CA ALA A 78 -0.03 -9.89 -18.69
C ALA A 78 -0.68 -8.58 -19.04
N VAL A 79 -1.98 -8.56 -19.00
CA VAL A 79 -2.76 -7.38 -19.33
C VAL A 79 -3.26 -6.71 -18.07
N ILE A 80 -2.99 -5.44 -17.92
CA ILE A 80 -3.44 -4.67 -16.78
C ILE A 80 -4.95 -4.44 -16.85
N ASN A 81 -5.63 -4.83 -15.80
CA ASN A 81 -7.07 -4.62 -15.68
C ASN A 81 -7.43 -3.52 -14.70
N LYS A 82 -6.86 -3.53 -13.51
CA LYS A 82 -7.22 -2.52 -12.51
C LYS A 82 -6.06 -2.25 -11.56
N LEU A 83 -5.93 -1.01 -11.16
CA LEU A 83 -4.91 -0.57 -10.23
C LEU A 83 -5.57 -0.32 -8.86
N THR A 84 -4.94 -0.78 -7.81
CA THR A 84 -5.46 -0.63 -6.46
C THR A 84 -4.30 -0.26 -5.51
N ASP A 85 -4.55 0.56 -4.50
CA ASP A 85 -3.53 0.91 -3.51
C ASP A 85 -3.16 -0.27 -2.62
N ALA A 86 -1.88 -0.64 -2.63
CA ALA A 86 -1.37 -1.69 -1.74
C ALA A 86 -0.87 -1.04 -0.49
N SER A 87 0.10 -0.14 -0.69
CA SER A 87 0.77 0.60 0.37
C SER A 87 1.74 -0.29 1.19
N TRP A 88 3.01 0.03 1.13
CA TRP A 88 4.01 -0.64 1.88
C TRP A 88 4.05 0.06 3.22
N TYR A 89 4.14 -0.66 4.29
CA TYR A 89 4.08 -0.03 5.59
C TYR A 89 5.45 0.32 6.09
N THR A 90 5.75 1.59 6.04
CA THR A 90 7.00 2.10 6.44
C THR A 90 6.96 2.35 7.93
N VAL A 91 7.75 1.59 8.63
CA VAL A 91 7.76 1.60 10.04
C VAL A 91 9.03 2.21 10.56
N VAL A 92 8.95 2.71 11.74
CA VAL A 92 10.09 3.24 12.41
C VAL A 92 10.25 2.49 13.71
N PHE A 93 11.42 2.00 13.91
CA PHE A 93 11.79 1.36 15.13
C PHE A 93 12.17 2.45 16.07
N ASP A 94 12.04 2.22 17.34
CA ASP A 94 12.29 3.28 18.31
C ASP A 94 13.74 3.62 18.49
N ASP A 95 14.60 2.88 17.82
CA ASP A 95 16.02 3.22 17.74
C ASP A 95 16.23 4.27 16.68
N GLY A 96 15.23 4.48 15.86
CA GLY A 96 15.32 5.43 14.79
C GLY A 96 15.49 4.77 13.44
N ASP A 97 15.38 3.45 13.41
CA ASP A 97 15.52 2.71 12.15
C ASP A 97 14.23 2.83 11.38
N GLU A 98 14.32 3.06 10.11
CA GLU A 98 13.15 3.24 9.28
C GLU A 98 13.23 2.33 8.09
N LYS A 99 12.19 1.59 7.82
CA LYS A 99 12.14 0.69 6.69
C LYS A 99 10.70 0.31 6.41
N THR A 100 10.43 -0.18 5.24
CA THR A 100 9.08 -0.52 4.92
C THR A 100 8.93 -2.00 4.59
N LEU A 101 7.97 -2.61 5.23
CA LEU A 101 7.64 -4.00 5.02
C LEU A 101 6.18 -4.05 4.68
N ARG A 102 5.72 -5.14 4.16
CA ARG A 102 4.30 -5.26 3.92
C ARG A 102 3.63 -5.65 5.22
N ARG A 103 2.42 -5.17 5.43
CA ARG A 103 1.72 -5.35 6.71
C ARG A 103 1.53 -6.80 7.15
N SER A 104 1.58 -7.72 6.21
CA SER A 104 1.43 -9.13 6.53
C SER A 104 2.73 -9.71 7.14
N SER A 105 3.81 -8.93 7.12
CA SER A 105 5.08 -9.36 7.68
C SER A 105 5.28 -8.75 9.07
N LEU A 106 4.28 -8.05 9.55
CA LEU A 106 4.40 -7.32 10.79
C LEU A 106 3.41 -7.82 11.82
N CYS A 107 3.82 -7.82 13.06
CA CYS A 107 2.97 -8.19 14.15
C CYS A 107 2.44 -6.91 14.78
N LEU A 108 1.17 -6.84 15.03
CA LEU A 108 0.58 -5.66 15.61
C LEU A 108 0.66 -5.76 17.12
N LYS A 109 1.05 -4.70 17.77
CA LYS A 109 1.07 -4.73 19.20
C LYS A 109 0.06 -3.76 19.76
N GLY A 110 -0.49 -4.14 20.86
CA GLY A 110 -1.50 -3.39 21.55
C GLY A 110 -1.91 -4.22 22.68
N GLU A 111 -1.05 -4.25 23.70
CA GLU A 111 -1.12 -5.15 24.87
C GLU A 111 -0.71 -6.57 24.47
N ARG A 112 -1.20 -7.02 23.33
CA ARG A 112 -0.82 -8.29 22.77
C ARG A 112 0.56 -8.22 22.13
N HIS A 113 1.54 -8.67 22.92
CA HIS A 113 2.96 -8.80 22.59
C HIS A 113 3.70 -9.09 23.87
N PHE A 114 3.61 -8.17 24.80
CA PHE A 114 4.26 -8.27 26.08
C PHE A 114 3.68 -7.16 26.93
N ALA A 115 3.49 -7.37 28.21
CA ALA A 115 2.94 -6.33 29.06
C ALA A 115 3.84 -6.04 30.25
N GLU A 116 4.97 -6.71 30.30
CA GLU A 116 5.90 -6.55 31.43
C GLU A 116 7.01 -5.57 31.07
N SER A 117 6.77 -4.81 30.04
CA SER A 117 7.65 -3.78 29.59
C SER A 117 6.76 -2.59 29.26
N GLU A 118 7.38 -1.39 29.12
CA GLU A 118 6.66 -0.14 28.78
C GLU A 118 5.74 0.25 29.94
N THR A 119 6.08 -0.27 31.10
CA THR A 119 5.35 -0.12 32.32
C THR A 119 5.44 1.32 32.82
N LEU A 120 6.59 1.92 32.67
CA LEU A 120 6.78 3.28 33.10
C LEU A 120 6.27 4.25 32.04
N ASP A 121 5.10 4.78 32.29
CA ASP A 121 4.46 5.72 31.39
C ASP A 121 5.07 7.08 31.55
N GLN A 122 6.17 7.29 30.89
CA GLN A 122 6.87 8.56 30.89
C GLN A 122 7.22 8.88 29.44
N LEU A 123 6.35 8.47 28.56
CA LEU A 123 6.55 8.62 27.15
C LEU A 123 5.57 9.66 26.61
N PRO A 124 6.00 10.92 26.43
CA PRO A 124 5.13 11.99 25.95
C PRO A 124 5.15 12.10 24.43
N LEU A 125 5.61 11.06 23.80
CA LEU A 125 5.67 10.99 22.38
C LEU A 125 4.50 10.19 21.91
N THR A 126 3.88 10.64 20.87
CA THR A 126 2.79 9.93 20.30
C THR A 126 3.30 8.74 19.52
N ASN A 127 3.40 7.63 20.19
CA ASN A 127 3.79 6.40 19.54
C ASN A 127 2.63 5.85 18.73
N PRO A 128 1.40 5.66 19.33
CA PRO A 128 0.24 5.36 18.55
C PRO A 128 -0.32 6.67 18.01
N GLU A 129 0.18 7.07 16.86
CA GLU A 129 -0.12 8.36 16.26
C GLU A 129 -1.58 8.55 15.86
N HIS A 130 -1.92 9.80 15.62
CA HIS A 130 -3.27 10.21 15.25
C HIS A 130 -3.41 10.24 13.73
N PHE A 131 -4.59 10.62 13.27
CA PHE A 131 -4.85 10.72 11.85
C PHE A 131 -4.60 12.14 11.38
N GLY A 132 -4.33 12.28 10.12
CA GLY A 132 -4.13 13.58 9.52
C GLY A 132 -5.27 13.90 8.60
N THR A 133 -6.46 13.64 9.08
CA THR A 133 -7.66 13.82 8.31
C THR A 133 -8.78 14.24 9.26
N PRO A 134 -9.46 15.38 8.97
CA PRO A 134 -10.57 15.84 9.78
C PRO A 134 -11.77 14.88 9.72
N VAL A 135 -12.01 14.23 10.85
CA VAL A 135 -13.07 13.24 11.02
C VAL A 135 -12.81 12.00 10.15
N ILE A 136 -11.87 11.18 10.63
CA ILE A 136 -11.44 9.89 10.03
C ILE A 136 -11.40 9.78 8.49
N GLY A 137 -12.51 9.46 7.86
CA GLY A 137 -12.62 9.39 6.41
C GLY A 137 -12.03 8.11 5.84
N LYS A 138 -10.77 7.92 6.11
CA LYS A 138 -10.01 6.81 5.59
C LYS A 138 -10.32 5.53 6.35
N LYS A 139 -10.49 5.66 7.66
CA LYS A 139 -10.73 4.51 8.52
C LYS A 139 -12.09 3.92 8.18
N THR A 140 -12.06 2.81 7.51
CA THR A 140 -13.24 2.14 7.05
C THR A 140 -13.25 0.73 7.64
N ASN A 141 -14.40 0.31 8.12
CA ASN A 141 -14.50 -0.98 8.79
C ASN A 141 -14.74 -2.13 7.81
N ARG A 142 -15.67 -1.98 6.91
CA ARG A 142 -15.96 -3.01 5.95
C ARG A 142 -15.52 -2.59 4.56
N GLY A 143 -14.77 -3.44 3.91
CA GLY A 143 -14.34 -3.17 2.57
C GLY A 143 -15.27 -3.84 1.59
N ARG A 144 -16.22 -3.06 1.05
CA ARG A 144 -17.29 -3.53 0.16
C ARG A 144 -18.28 -4.42 0.87
N ARG A 145 -17.86 -5.62 1.18
CA ARG A 145 -18.69 -6.63 1.75
C ARG A 145 -17.78 -7.69 2.31
N SER A 146 -18.20 -8.40 3.32
CA SER A 146 -17.43 -9.52 3.76
C SER A 146 -17.82 -10.70 2.87
N ASN A 147 -17.12 -10.79 1.76
CA ASN A 147 -17.32 -11.84 0.77
C ASN A 147 -16.82 -13.17 1.28
N HIS A 148 -17.00 -14.19 0.44
CA HIS A 148 -16.69 -15.59 0.78
C HIS A 148 -17.67 -16.09 1.81
N ILE A 149 -18.85 -16.40 1.34
CA ILE A 149 -19.90 -16.88 2.20
C ILE A 149 -20.01 -18.39 2.04
N PRO A 150 -19.51 -19.15 3.01
CA PRO A 150 -19.57 -20.61 2.99
C PRO A 150 -20.72 -21.13 3.87
N GLU A 151 -21.68 -20.26 4.08
CA GLU A 151 -22.80 -20.54 4.93
C GLU A 151 -23.87 -21.29 4.16
N MET A 1 -14.98 -11.04 16.25
CA MET A 1 -15.82 -11.02 15.05
C MET A 1 -15.64 -9.71 14.32
N LYS A 2 -14.86 -9.72 13.26
CA LYS A 2 -14.69 -8.52 12.45
C LYS A 2 -15.24 -8.78 11.04
N ALA A 3 -15.41 -10.08 10.73
CA ALA A 3 -15.96 -10.60 9.45
C ALA A 3 -14.99 -10.45 8.29
N LEU A 4 -14.61 -9.24 8.00
CA LEU A 4 -13.73 -8.95 6.91
C LEU A 4 -12.53 -8.20 7.42
N ASP A 5 -11.56 -7.99 6.56
CA ASP A 5 -10.38 -7.25 6.93
C ASP A 5 -10.65 -5.77 6.81
N GLU A 6 -11.18 -5.21 7.86
CA GLU A 6 -11.46 -3.80 7.92
C GLU A 6 -10.49 -3.10 8.84
N PRO A 7 -9.47 -2.48 8.29
CA PRO A 7 -8.56 -1.69 9.06
C PRO A 7 -8.95 -0.21 9.00
N PRO A 8 -8.43 0.63 9.91
CA PRO A 8 -8.68 2.05 9.88
C PRO A 8 -7.69 2.75 8.96
N TYR A 9 -7.59 4.02 9.13
CA TYR A 9 -6.64 4.81 8.44
C TYR A 9 -5.48 5.03 9.38
N LEU A 10 -4.28 5.05 8.85
CA LEU A 10 -3.12 5.20 9.65
C LEU A 10 -2.32 6.34 9.14
N THR A 11 -1.59 6.97 10.00
CA THR A 11 -0.78 8.11 9.61
C THR A 11 0.61 7.98 10.22
N VAL A 12 1.58 8.66 9.66
CA VAL A 12 2.92 8.65 10.21
C VAL A 12 2.88 9.23 11.62
N GLY A 13 3.31 8.45 12.57
CA GLY A 13 3.26 8.86 13.95
C GLY A 13 2.26 8.04 14.75
N THR A 14 1.35 7.36 14.07
CA THR A 14 0.37 6.52 14.74
C THR A 14 1.04 5.27 15.34
N ASP A 15 0.68 4.95 16.60
CA ASP A 15 1.20 3.78 17.26
C ASP A 15 0.23 2.62 17.01
N VAL A 16 0.75 1.54 16.58
CA VAL A 16 -0.05 0.44 16.15
C VAL A 16 0.44 -0.87 16.73
N SER A 17 -0.31 -1.87 16.50
CA SER A 17 0.03 -3.19 16.86
C SER A 17 -0.01 -4.00 15.58
N ALA A 18 1.11 -4.52 15.21
CA ALA A 18 1.23 -5.23 13.97
C ALA A 18 1.25 -6.69 14.23
N LYS A 19 0.56 -7.41 13.40
CA LYS A 19 0.53 -8.83 13.48
C LYS A 19 1.71 -9.37 12.72
N TYR A 20 2.69 -9.82 13.44
CA TYR A 20 3.85 -10.41 12.86
C TYR A 20 3.59 -11.90 12.90
N ARG A 21 3.41 -12.48 11.71
CA ARG A 21 3.01 -13.90 11.48
C ARG A 21 1.75 -14.35 12.26
N GLY A 22 1.86 -14.51 13.57
CA GLY A 22 0.74 -14.95 14.35
C GLY A 22 0.71 -14.32 15.73
N ALA A 23 1.49 -13.27 15.93
CA ALA A 23 1.54 -12.58 17.20
C ALA A 23 1.55 -11.08 16.97
N PHE A 24 1.03 -10.33 17.88
CA PHE A 24 1.05 -8.89 17.76
C PHE A 24 2.25 -8.29 18.46
N CYS A 25 2.82 -7.32 17.83
CA CYS A 25 3.93 -6.58 18.35
C CYS A 25 3.61 -5.11 18.21
N GLU A 26 4.24 -4.27 18.98
CA GLU A 26 3.96 -2.87 18.90
C GLU A 26 4.79 -2.25 17.82
N ALA A 27 4.18 -1.41 17.06
CA ALA A 27 4.82 -0.82 15.94
C ALA A 27 4.38 0.63 15.78
N LYS A 28 5.10 1.38 15.00
CA LYS A 28 4.75 2.78 14.71
C LYS A 28 4.96 3.11 13.28
N ILE A 29 4.02 3.85 12.72
CA ILE A 29 4.09 4.26 11.33
C ILE A 29 5.19 5.30 11.18
N LYS A 30 6.26 4.92 10.54
CA LYS A 30 7.34 5.84 10.29
C LYS A 30 7.24 6.40 8.90
N THR A 31 6.86 5.56 7.96
CA THR A 31 6.81 5.97 6.60
C THR A 31 5.65 5.22 5.92
N ALA A 32 5.24 5.67 4.76
CA ALA A 32 4.23 4.98 4.00
C ALA A 32 4.82 4.54 2.70
N LYS A 33 4.42 3.41 2.24
CA LYS A 33 4.91 2.89 1.01
C LYS A 33 3.78 2.82 0.02
N ARG A 34 3.87 3.66 -0.95
CA ARG A 34 2.87 3.74 -1.97
C ARG A 34 3.09 2.61 -2.95
N LEU A 35 2.27 1.62 -2.84
CA LEU A 35 2.34 0.49 -3.71
C LEU A 35 1.07 0.41 -4.49
N VAL A 36 1.21 0.18 -5.73
CA VAL A 36 0.10 0.00 -6.60
C VAL A 36 0.02 -1.47 -6.92
N LYS A 37 -1.14 -2.01 -6.78
CA LYS A 37 -1.40 -3.38 -7.12
C LYS A 37 -1.80 -3.39 -8.55
N VAL A 38 -1.10 -4.11 -9.31
CA VAL A 38 -1.36 -4.22 -10.68
C VAL A 38 -1.93 -5.60 -10.89
N LYS A 39 -3.19 -5.66 -11.19
CA LYS A 39 -3.85 -6.92 -11.37
C LYS A 39 -3.81 -7.28 -12.77
N VAL A 40 -3.15 -8.33 -13.03
CA VAL A 40 -2.83 -8.73 -14.37
C VAL A 40 -3.32 -10.11 -14.71
N THR A 41 -3.74 -10.27 -15.93
CA THR A 41 -4.08 -11.53 -16.47
C THR A 41 -2.88 -12.02 -17.25
N PHE A 42 -2.19 -13.00 -16.70
CA PHE A 42 -1.04 -13.56 -17.35
C PHE A 42 -1.48 -14.21 -18.63
N ARG A 43 -0.92 -13.77 -19.74
CA ARG A 43 -1.37 -14.25 -21.04
C ARG A 43 -0.92 -15.68 -21.26
N HIS A 44 0.03 -16.09 -20.46
CA HIS A 44 0.60 -17.40 -20.49
C HIS A 44 -0.42 -18.46 -20.02
N ASP A 45 -1.08 -18.20 -18.91
CA ASP A 45 -2.00 -19.20 -18.34
C ASP A 45 -3.40 -18.66 -17.98
N SER A 46 -3.65 -17.40 -18.34
CA SER A 46 -4.96 -16.72 -18.16
C SER A 46 -5.27 -16.37 -16.68
N SER A 47 -4.35 -16.68 -15.80
CA SER A 47 -4.54 -16.40 -14.41
C SER A 47 -4.40 -14.91 -14.12
N THR A 48 -5.36 -14.38 -13.41
CA THR A 48 -5.33 -13.01 -13.01
C THR A 48 -4.86 -12.95 -11.56
N VAL A 49 -3.76 -12.26 -11.35
CA VAL A 49 -3.15 -12.20 -10.05
C VAL A 49 -2.87 -10.74 -9.73
N GLU A 50 -2.77 -10.45 -8.47
CA GLU A 50 -2.53 -9.13 -7.97
C GLU A 50 -1.04 -9.05 -7.59
N VAL A 51 -0.30 -8.24 -8.32
CA VAL A 51 1.14 -8.13 -8.12
C VAL A 51 1.50 -6.66 -7.87
N GLN A 52 2.69 -6.38 -7.37
CA GLN A 52 3.09 -5.01 -7.10
C GLN A 52 3.64 -4.35 -8.37
N ASP A 53 3.41 -3.04 -8.46
CA ASP A 53 3.96 -2.13 -9.51
C ASP A 53 5.48 -2.31 -9.65
N ASP A 54 6.12 -2.60 -8.53
CA ASP A 54 7.58 -2.81 -8.44
C ASP A 54 8.06 -4.00 -9.30
N HIS A 55 7.14 -4.84 -9.74
CA HIS A 55 7.47 -6.01 -10.56
C HIS A 55 7.10 -5.81 -12.02
N ILE A 56 6.63 -4.63 -12.37
CA ILE A 56 6.11 -4.40 -13.68
C ILE A 56 7.05 -3.56 -14.55
N LYS A 57 7.26 -4.01 -15.78
CA LYS A 57 7.92 -3.21 -16.79
C LYS A 57 6.87 -2.83 -17.81
N GLY A 58 6.85 -1.58 -18.21
CA GLY A 58 5.89 -1.15 -19.19
C GLY A 58 5.01 -0.07 -18.63
N PRO A 59 3.95 0.31 -19.33
CA PRO A 59 3.03 1.32 -18.86
C PRO A 59 2.05 0.75 -17.87
N LEU A 60 1.80 1.52 -16.89
CA LEU A 60 1.00 1.16 -15.74
C LEU A 60 -0.44 1.57 -16.02
N LYS A 61 -0.83 1.33 -17.23
CA LYS A 61 -2.09 1.74 -17.79
C LYS A 61 -3.00 0.53 -17.93
N VAL A 62 -4.28 0.73 -17.66
CA VAL A 62 -5.24 -0.35 -17.78
C VAL A 62 -5.34 -0.84 -19.23
N GLY A 63 -5.28 -2.14 -19.41
CA GLY A 63 -5.36 -2.71 -20.74
C GLY A 63 -4.01 -2.86 -21.42
N ALA A 64 -2.97 -2.38 -20.75
CA ALA A 64 -1.63 -2.46 -21.33
C ALA A 64 -1.03 -3.84 -21.13
N ILE A 65 -0.15 -4.20 -22.02
CA ILE A 65 0.55 -5.47 -21.96
C ILE A 65 1.88 -5.19 -21.32
N VAL A 66 2.08 -5.67 -20.14
CA VAL A 66 3.30 -5.39 -19.41
C VAL A 66 4.07 -6.65 -19.10
N GLU A 67 5.31 -6.47 -18.76
CA GLU A 67 6.15 -7.58 -18.39
C GLU A 67 6.20 -7.65 -16.89
N VAL A 68 5.65 -8.68 -16.37
CA VAL A 68 5.53 -8.88 -14.96
C VAL A 68 6.60 -9.83 -14.50
N LYS A 69 7.43 -9.40 -13.58
CA LYS A 69 8.35 -10.32 -12.98
C LYS A 69 7.61 -11.12 -11.96
N ASN A 70 7.37 -12.34 -12.32
CA ASN A 70 6.57 -13.22 -11.50
C ASN A 70 7.38 -13.88 -10.40
N LEU A 71 6.72 -14.73 -9.61
CA LEU A 71 7.32 -15.45 -8.46
C LEU A 71 8.52 -16.34 -8.83
N ASP A 72 8.71 -16.59 -10.11
CA ASP A 72 9.85 -17.39 -10.55
C ASP A 72 11.06 -16.48 -10.75
N GLY A 73 10.80 -15.18 -10.83
CA GLY A 73 11.84 -14.21 -11.07
C GLY A 73 11.97 -13.87 -12.53
N ALA A 74 10.98 -14.28 -13.31
CA ALA A 74 11.02 -14.08 -14.73
C ALA A 74 10.00 -13.07 -15.13
N TYR A 75 10.17 -12.46 -16.27
CA TYR A 75 9.20 -11.52 -16.73
C TYR A 75 8.31 -12.22 -17.71
N GLN A 76 7.04 -11.99 -17.60
CA GLN A 76 6.10 -12.53 -18.54
C GLN A 76 5.04 -11.50 -18.85
N GLU A 77 4.59 -11.46 -20.09
CA GLU A 77 3.62 -10.46 -20.51
C GLU A 77 2.23 -10.77 -19.98
N ALA A 78 1.62 -9.78 -19.40
CA ALA A 78 0.31 -9.91 -18.87
C ALA A 78 -0.47 -8.66 -19.15
N VAL A 79 -1.78 -8.77 -19.16
CA VAL A 79 -2.63 -7.64 -19.46
C VAL A 79 -3.10 -7.02 -18.15
N ILE A 80 -2.91 -5.74 -17.98
CA ILE A 80 -3.37 -5.06 -16.80
C ILE A 80 -4.88 -4.95 -16.81
N ASN A 81 -5.50 -5.47 -15.78
CA ASN A 81 -6.94 -5.42 -15.61
C ASN A 81 -7.31 -4.21 -14.80
N LYS A 82 -6.61 -4.03 -13.69
CA LYS A 82 -6.94 -3.00 -12.74
C LYS A 82 -5.69 -2.54 -12.01
N LEU A 83 -5.69 -1.28 -11.61
CA LEU A 83 -4.66 -0.70 -10.78
C LEU A 83 -5.31 -0.39 -9.44
N THR A 84 -4.76 -0.89 -8.37
CA THR A 84 -5.35 -0.68 -7.06
C THR A 84 -4.32 -0.09 -6.11
N ASP A 85 -4.71 0.84 -5.28
CA ASP A 85 -3.80 1.37 -4.28
C ASP A 85 -3.69 0.39 -3.13
N ALA A 86 -2.48 0.01 -2.80
CA ALA A 86 -2.27 -0.95 -1.73
C ALA A 86 -2.07 -0.26 -0.40
N SER A 87 -1.25 0.77 -0.39
CA SER A 87 -0.82 1.47 0.82
C SER A 87 -0.25 0.54 1.89
N TRP A 88 1.03 0.36 1.84
CA TRP A 88 1.71 -0.38 2.85
C TRP A 88 2.30 0.64 3.79
N TYR A 89 2.35 0.35 5.03
CA TYR A 89 2.89 1.29 5.98
C TYR A 89 4.16 0.75 6.56
N THR A 90 5.16 1.57 6.52
CA THR A 90 6.44 1.22 6.99
C THR A 90 6.48 1.54 8.46
N VAL A 91 6.59 0.51 9.24
CA VAL A 91 6.51 0.63 10.65
C VAL A 91 7.77 0.12 11.31
N VAL A 92 8.03 0.64 12.47
CA VAL A 92 9.08 0.13 13.31
C VAL A 92 8.45 -0.77 14.34
N PHE A 93 8.96 -1.94 14.48
CA PHE A 93 8.49 -2.90 15.43
C PHE A 93 9.29 -2.76 16.69
N ASP A 94 8.78 -3.29 17.76
CA ASP A 94 9.45 -3.24 19.06
C ASP A 94 10.52 -4.33 19.11
N ASP A 95 10.50 -5.15 18.08
CA ASP A 95 11.48 -6.21 17.86
C ASP A 95 12.78 -5.57 17.33
N GLY A 96 12.66 -4.33 16.90
CA GLY A 96 13.78 -3.62 16.33
C GLY A 96 13.71 -3.65 14.83
N ASP A 97 12.74 -4.39 14.32
CA ASP A 97 12.55 -4.57 12.88
C ASP A 97 11.86 -3.34 12.32
N GLU A 98 12.09 -3.03 11.06
CA GLU A 98 11.42 -1.90 10.42
C GLU A 98 11.05 -2.41 9.07
N LYS A 99 9.81 -2.27 8.69
CA LYS A 99 9.37 -2.90 7.48
C LYS A 99 8.03 -2.34 7.07
N THR A 100 7.68 -2.48 5.81
CA THR A 100 6.40 -2.03 5.38
C THR A 100 5.47 -3.22 5.23
N LEU A 101 4.31 -3.13 5.84
CA LEU A 101 3.27 -4.16 5.76
C LEU A 101 1.96 -3.49 5.42
N ARG A 102 1.02 -4.24 4.88
CA ARG A 102 -0.27 -3.67 4.58
C ARG A 102 -1.17 -3.52 5.80
N ARG A 103 -2.07 -2.55 5.74
CA ARG A 103 -2.86 -2.12 6.90
C ARG A 103 -3.76 -3.19 7.52
N SER A 104 -4.08 -4.25 6.82
CA SER A 104 -4.88 -5.31 7.39
C SER A 104 -4.14 -6.06 8.51
N SER A 105 -2.82 -5.96 8.50
CA SER A 105 -2.00 -6.58 9.52
C SER A 105 -1.62 -5.55 10.60
N LEU A 106 -2.13 -4.34 10.46
CA LEU A 106 -1.84 -3.26 11.37
C LEU A 106 -3.10 -2.85 12.10
N CYS A 107 -3.11 -3.04 13.37
CA CYS A 107 -4.21 -2.61 14.16
C CYS A 107 -3.79 -1.37 14.93
N LEU A 108 -4.53 -0.29 14.76
CA LEU A 108 -4.26 0.96 15.44
C LEU A 108 -4.42 0.67 16.95
N LYS A 109 -3.34 0.86 17.74
CA LYS A 109 -3.35 0.36 19.11
C LYS A 109 -4.07 1.31 20.05
N GLY A 110 -4.19 2.53 19.62
CA GLY A 110 -4.76 3.57 20.42
C GLY A 110 -6.22 3.37 20.72
N GLU A 111 -6.50 3.02 21.95
CA GLU A 111 -7.85 2.94 22.43
C GLU A 111 -8.26 4.37 22.65
N ARG A 112 -9.42 4.73 22.11
CA ARG A 112 -10.00 6.09 22.05
C ARG A 112 -9.25 6.90 21.00
N HIS A 113 -9.79 8.01 20.60
CA HIS A 113 -9.13 8.83 19.62
C HIS A 113 -9.04 10.25 20.07
N PHE A 114 -7.83 10.71 20.25
CA PHE A 114 -7.61 12.09 20.58
C PHE A 114 -7.73 12.90 19.29
N ALA A 115 -8.82 13.63 19.16
CA ALA A 115 -9.12 14.36 17.93
C ALA A 115 -8.37 15.70 17.87
N GLU A 116 -7.22 15.75 18.51
CA GLU A 116 -6.34 16.90 18.52
C GLU A 116 -5.93 17.22 17.09
N SER A 117 -6.52 18.26 16.56
CA SER A 117 -6.30 18.66 15.20
C SER A 117 -5.00 19.45 15.07
N GLU A 118 -3.92 18.73 14.79
CA GLU A 118 -2.56 19.29 14.69
C GLU A 118 -2.04 19.81 16.03
N THR A 119 -0.80 20.15 16.07
CA THR A 119 -0.21 20.56 17.30
C THR A 119 0.13 22.05 17.28
N LEU A 120 -0.50 22.80 18.21
CA LEU A 120 -0.27 24.24 18.39
C LEU A 120 -0.79 25.10 17.24
N ASP A 121 -1.56 24.53 16.35
CA ASP A 121 -2.03 25.30 15.22
C ASP A 121 -3.52 25.50 15.22
N GLN A 122 -3.92 26.59 15.79
CA GLN A 122 -5.27 27.10 15.71
C GLN A 122 -5.19 28.58 16.06
N LEU A 123 -4.04 29.14 15.76
CA LEU A 123 -3.72 30.51 16.10
C LEU A 123 -3.83 31.54 14.90
N PRO A 124 -3.81 31.16 13.57
CA PRO A 124 -3.75 32.17 12.51
C PRO A 124 -5.10 32.78 12.12
N LEU A 125 -6.15 32.47 12.87
CA LEU A 125 -7.48 33.00 12.59
C LEU A 125 -7.53 34.50 12.90
N THR A 126 -7.06 34.85 14.06
CA THR A 126 -7.11 36.20 14.50
C THR A 126 -5.77 36.87 14.29
N ASN A 127 -5.68 37.58 13.21
CA ASN A 127 -4.54 38.39 12.84
C ASN A 127 -5.00 39.30 11.71
N PRO A 128 -5.04 40.62 11.95
CA PRO A 128 -5.54 41.59 10.98
C PRO A 128 -4.57 41.86 9.83
N GLU A 129 -3.40 41.27 9.86
CA GLU A 129 -2.42 41.47 8.83
C GLU A 129 -2.53 40.33 7.83
N HIS A 130 -2.90 40.65 6.63
CA HIS A 130 -3.13 39.69 5.58
C HIS A 130 -1.83 39.43 4.83
N PHE A 131 -1.56 38.17 4.52
CA PHE A 131 -0.37 37.81 3.77
C PHE A 131 -0.52 38.17 2.29
N GLY A 132 0.52 37.95 1.53
CA GLY A 132 0.48 38.30 0.13
C GLY A 132 0.79 39.75 -0.05
N THR A 133 1.96 40.13 0.38
CA THR A 133 2.36 41.51 0.35
C THR A 133 3.54 41.70 -0.62
N PRO A 134 3.28 42.14 -1.86
CA PRO A 134 4.35 42.51 -2.78
C PRO A 134 4.89 43.87 -2.36
N VAL A 135 6.09 43.89 -1.82
CA VAL A 135 6.64 45.11 -1.25
C VAL A 135 7.37 45.96 -2.30
N ILE A 136 8.21 45.33 -3.10
CA ILE A 136 8.91 46.05 -4.13
C ILE A 136 8.57 45.51 -5.50
N GLY A 137 7.68 46.18 -6.16
CA GLY A 137 7.25 45.80 -7.47
C GLY A 137 7.38 46.95 -8.43
N LYS A 138 8.58 47.12 -8.95
CA LYS A 138 8.91 48.14 -9.92
C LYS A 138 10.36 47.94 -10.32
N LYS A 139 10.68 48.30 -11.55
CA LYS A 139 12.03 48.24 -12.06
C LYS A 139 12.24 49.44 -12.95
N THR A 140 13.45 49.64 -13.42
CA THR A 140 13.75 50.75 -14.29
C THR A 140 13.16 50.49 -15.70
N ASN A 141 13.14 49.20 -16.11
CA ASN A 141 12.56 48.69 -17.39
C ASN A 141 13.28 49.17 -18.64
N ARG A 142 13.44 50.46 -18.77
CA ARG A 142 14.08 51.05 -19.92
C ARG A 142 15.58 50.94 -19.71
N GLY A 143 16.20 50.05 -20.41
CA GLY A 143 17.61 49.82 -20.25
C GLY A 143 17.96 48.38 -20.53
N ARG A 144 18.34 48.12 -21.74
CA ARG A 144 18.66 46.77 -22.18
C ARG A 144 20.14 46.63 -22.49
N ARG A 145 20.97 47.35 -21.78
CA ARG A 145 22.40 47.25 -21.97
C ARG A 145 23.05 46.63 -20.75
N SER A 146 23.27 45.34 -20.81
CA SER A 146 23.96 44.62 -19.75
C SER A 146 25.33 44.20 -20.26
N ASN A 147 25.68 44.76 -21.41
CA ASN A 147 26.90 44.48 -22.18
C ASN A 147 28.15 44.62 -21.33
N HIS A 148 29.01 43.63 -21.38
CA HIS A 148 30.31 43.73 -20.75
C HIS A 148 31.21 44.39 -21.75
N ILE A 149 32.01 45.32 -21.31
CA ILE A 149 32.85 46.07 -22.23
C ILE A 149 34.20 45.41 -22.40
N PRO A 150 34.47 44.79 -23.56
CA PRO A 150 35.77 44.22 -23.88
C PRO A 150 36.66 45.28 -24.54
N GLU A 151 36.02 46.40 -24.85
CA GLU A 151 36.60 47.56 -25.50
C GLU A 151 36.88 47.26 -26.97
N MET A 1 26.39 14.04 -19.44
CA MET A 1 25.20 14.71 -20.00
C MET A 1 23.99 13.77 -20.03
N LYS A 2 24.23 12.49 -20.22
CA LYS A 2 23.15 11.52 -20.22
C LYS A 2 22.80 11.21 -18.77
N ALA A 3 21.55 10.98 -18.51
CA ALA A 3 21.10 10.72 -17.17
C ALA A 3 20.04 9.67 -17.18
N LEU A 4 19.84 9.06 -16.05
CA LEU A 4 18.78 8.10 -15.88
C LEU A 4 17.84 8.73 -14.85
N ASP A 5 17.14 9.75 -15.30
CA ASP A 5 16.23 10.50 -14.45
C ASP A 5 14.99 10.88 -15.20
N GLU A 6 13.90 10.24 -14.85
CA GLU A 6 12.61 10.65 -15.35
C GLU A 6 12.12 11.69 -14.34
N PRO A 7 12.04 12.98 -14.75
CA PRO A 7 11.79 14.13 -13.87
C PRO A 7 10.74 13.92 -12.76
N PRO A 8 9.45 13.59 -13.06
CA PRO A 8 8.49 13.41 -12.02
C PRO A 8 8.41 11.99 -11.54
N TYR A 9 9.13 11.74 -10.52
CA TYR A 9 9.14 10.47 -9.85
C TYR A 9 9.75 10.69 -8.50
N LEU A 10 9.11 10.16 -7.51
CA LEU A 10 9.50 10.40 -6.18
C LEU A 10 10.31 9.24 -5.67
N THR A 11 11.37 9.54 -5.00
CA THR A 11 12.25 8.55 -4.43
C THR A 11 12.79 9.16 -3.13
N VAL A 12 13.34 8.35 -2.24
CA VAL A 12 13.89 8.86 -0.99
C VAL A 12 14.97 9.89 -1.31
N GLY A 13 14.77 11.10 -0.81
CA GLY A 13 15.70 12.16 -1.07
C GLY A 13 15.12 13.23 -1.98
N THR A 14 13.99 12.94 -2.61
CA THR A 14 13.32 13.90 -3.44
C THR A 14 12.64 14.95 -2.56
N ASP A 15 12.78 16.20 -2.92
CA ASP A 15 12.14 17.27 -2.19
C ASP A 15 10.82 17.54 -2.87
N VAL A 16 9.79 17.67 -2.10
CA VAL A 16 8.43 17.78 -2.61
C VAL A 16 7.67 18.90 -1.86
N SER A 17 6.42 19.09 -2.22
CA SER A 17 5.56 20.02 -1.52
C SER A 17 4.17 19.42 -1.42
N ALA A 18 3.51 19.65 -0.30
CA ALA A 18 2.20 19.13 -0.04
C ALA A 18 1.39 20.10 0.78
N LYS A 19 0.09 19.93 0.76
CA LYS A 19 -0.80 20.76 1.51
C LYS A 19 -1.02 20.14 2.88
N TYR A 20 -0.44 20.76 3.87
CA TYR A 20 -0.57 20.34 5.22
C TYR A 20 -1.65 21.18 5.85
N ARG A 21 -2.74 20.54 6.21
CA ARG A 21 -3.94 21.17 6.76
C ARG A 21 -4.60 22.07 5.72
N GLY A 22 -4.13 23.29 5.62
CA GLY A 22 -4.68 24.22 4.67
C GLY A 22 -3.60 25.09 4.09
N ALA A 23 -2.37 24.69 4.25
CA ALA A 23 -1.25 25.46 3.77
C ALA A 23 -0.30 24.56 3.04
N PHE A 24 0.39 25.09 2.08
CA PHE A 24 1.37 24.30 1.36
C PHE A 24 2.70 24.44 2.02
N CYS A 25 3.30 23.34 2.32
CA CYS A 25 4.57 23.31 2.97
C CYS A 25 5.47 22.36 2.22
N GLU A 26 6.74 22.64 2.22
CA GLU A 26 7.67 21.81 1.53
C GLU A 26 8.05 20.61 2.39
N ALA A 27 8.22 19.49 1.74
CA ALA A 27 8.46 18.26 2.41
C ALA A 27 9.54 17.49 1.65
N LYS A 28 9.94 16.38 2.19
CA LYS A 28 10.97 15.56 1.55
C LYS A 28 10.67 14.09 1.75
N ILE A 29 10.88 13.29 0.69
CA ILE A 29 10.64 11.85 0.75
C ILE A 29 11.69 11.26 1.69
N LYS A 30 11.25 10.79 2.82
CA LYS A 30 12.12 10.26 3.81
C LYS A 30 12.04 8.72 3.76
N THR A 31 10.90 8.21 3.36
CA THR A 31 10.69 6.78 3.19
C THR A 31 9.63 6.60 2.11
N ALA A 32 9.63 5.50 1.38
CA ALA A 32 8.64 5.35 0.32
C ALA A 32 8.09 3.96 0.23
N LYS A 33 6.81 3.89 0.03
CA LYS A 33 6.14 2.68 -0.20
C LYS A 33 5.45 2.70 -1.50
N ARG A 34 6.15 2.23 -2.50
CA ARG A 34 5.58 2.17 -3.80
C ARG A 34 4.63 0.99 -3.84
N LEU A 35 3.39 1.28 -3.70
CA LEU A 35 2.38 0.28 -3.66
C LEU A 35 1.39 0.49 -4.73
N VAL A 36 1.45 -0.29 -5.71
CA VAL A 36 0.47 -0.23 -6.74
C VAL A 36 0.01 -1.59 -6.92
N LYS A 37 -1.23 -1.83 -6.66
CA LYS A 37 -1.76 -3.14 -6.86
C LYS A 37 -2.23 -3.22 -8.29
N VAL A 38 -1.45 -3.88 -9.07
CA VAL A 38 -1.70 -4.03 -10.47
C VAL A 38 -2.25 -5.42 -10.66
N LYS A 39 -3.47 -5.52 -11.07
CA LYS A 39 -4.07 -6.81 -11.26
C LYS A 39 -3.97 -7.14 -12.72
N VAL A 40 -3.26 -8.20 -13.00
CA VAL A 40 -2.93 -8.59 -14.34
C VAL A 40 -3.32 -10.02 -14.64
N THR A 41 -3.75 -10.23 -15.85
CA THR A 41 -4.07 -11.53 -16.34
C THR A 41 -3.03 -11.96 -17.37
N PHE A 42 -2.26 -13.01 -17.04
CA PHE A 42 -1.19 -13.52 -17.87
C PHE A 42 -1.71 -13.92 -19.22
N ARG A 43 -0.90 -13.76 -20.21
CA ARG A 43 -1.30 -14.10 -21.54
C ARG A 43 -1.19 -15.59 -21.79
N HIS A 44 -0.03 -16.12 -21.52
CA HIS A 44 0.23 -17.53 -21.72
C HIS A 44 -0.31 -18.37 -20.57
N ASP A 45 -0.45 -17.77 -19.39
CA ASP A 45 -0.87 -18.56 -18.24
C ASP A 45 -2.34 -18.33 -17.90
N SER A 46 -2.93 -17.29 -18.49
CA SER A 46 -4.36 -16.92 -18.34
C SER A 46 -4.83 -16.65 -16.88
N SER A 47 -3.95 -16.72 -15.90
CA SER A 47 -4.32 -16.49 -14.52
C SER A 47 -4.24 -15.00 -14.19
N THR A 48 -5.06 -14.58 -13.28
CA THR A 48 -5.10 -13.21 -12.86
C THR A 48 -4.47 -13.08 -11.47
N VAL A 49 -3.41 -12.31 -11.39
CA VAL A 49 -2.73 -12.08 -10.12
C VAL A 49 -2.70 -10.59 -9.85
N GLU A 50 -2.51 -10.23 -8.63
CA GLU A 50 -2.44 -8.85 -8.25
C GLU A 50 -1.10 -8.62 -7.57
N VAL A 51 -0.26 -7.85 -8.22
CA VAL A 51 1.09 -7.66 -7.78
C VAL A 51 1.41 -6.19 -7.59
N GLN A 52 2.53 -5.92 -6.93
CA GLN A 52 2.99 -4.56 -6.75
C GLN A 52 3.66 -4.06 -8.01
N ASP A 53 3.74 -2.74 -8.12
CA ASP A 53 4.40 -1.99 -9.23
C ASP A 53 5.82 -2.48 -9.52
N ASP A 54 6.48 -2.97 -8.48
CA ASP A 54 7.86 -3.48 -8.61
C ASP A 54 7.93 -4.68 -9.56
N HIS A 55 6.81 -5.37 -9.72
CA HIS A 55 6.77 -6.53 -10.59
C HIS A 55 6.43 -6.11 -12.01
N ILE A 56 6.01 -4.88 -12.18
CA ILE A 56 5.51 -4.47 -13.45
C ILE A 56 6.49 -3.62 -14.21
N LYS A 57 6.95 -4.17 -15.28
CA LYS A 57 7.80 -3.48 -16.19
C LYS A 57 7.02 -3.17 -17.46
N GLY A 58 6.79 -1.92 -17.68
CA GLY A 58 6.05 -1.47 -18.81
C GLY A 58 5.21 -0.27 -18.45
N PRO A 59 4.28 0.15 -19.30
CA PRO A 59 3.41 1.29 -19.02
C PRO A 59 2.22 0.86 -18.16
N LEU A 60 2.05 1.49 -17.01
CA LEU A 60 0.95 1.16 -16.15
C LEU A 60 -0.34 1.86 -16.54
N LYS A 61 -1.12 1.18 -17.34
CA LYS A 61 -2.38 1.69 -17.83
C LYS A 61 -3.32 0.52 -18.03
N VAL A 62 -4.61 0.73 -17.80
CA VAL A 62 -5.57 -0.34 -17.97
C VAL A 62 -5.64 -0.77 -19.43
N GLY A 63 -5.42 -2.03 -19.67
CA GLY A 63 -5.45 -2.55 -21.01
C GLY A 63 -4.07 -2.75 -21.58
N ALA A 64 -3.07 -2.25 -20.89
CA ALA A 64 -1.71 -2.38 -21.36
C ALA A 64 -1.17 -3.76 -21.02
N ILE A 65 -0.31 -4.26 -21.86
CA ILE A 65 0.29 -5.54 -21.65
C ILE A 65 1.69 -5.30 -21.13
N VAL A 66 1.93 -5.73 -19.94
CA VAL A 66 3.19 -5.46 -19.28
C VAL A 66 3.95 -6.72 -18.96
N GLU A 67 5.16 -6.54 -18.47
CA GLU A 67 6.02 -7.62 -18.13
C GLU A 67 5.95 -7.79 -16.63
N VAL A 68 5.43 -8.89 -16.22
CA VAL A 68 5.25 -9.16 -14.82
C VAL A 68 6.37 -10.04 -14.35
N LYS A 69 7.20 -9.51 -13.50
CA LYS A 69 8.25 -10.28 -12.91
C LYS A 69 7.63 -11.19 -11.89
N ASN A 70 7.71 -12.44 -12.12
CA ASN A 70 7.14 -13.42 -11.24
C ASN A 70 8.04 -13.72 -10.08
N LEU A 71 7.51 -14.50 -9.17
CA LEU A 71 8.25 -15.00 -8.01
C LEU A 71 9.41 -15.90 -8.44
N ASP A 72 9.31 -16.42 -9.65
CA ASP A 72 10.34 -17.26 -10.25
C ASP A 72 11.47 -16.39 -10.81
N GLY A 73 11.18 -15.11 -10.96
CA GLY A 73 12.17 -14.19 -11.51
C GLY A 73 12.03 -14.04 -13.00
N ALA A 74 10.96 -14.58 -13.54
CA ALA A 74 10.70 -14.54 -14.96
C ALA A 74 9.63 -13.53 -15.27
N TYR A 75 9.85 -12.70 -16.26
CA TYR A 75 8.85 -11.77 -16.68
C TYR A 75 7.89 -12.46 -17.62
N GLN A 76 6.63 -12.26 -17.39
CA GLN A 76 5.60 -12.83 -18.23
C GLN A 76 4.62 -11.74 -18.63
N GLU A 77 4.16 -11.79 -19.86
CA GLU A 77 3.23 -10.79 -20.38
C GLU A 77 1.85 -10.96 -19.78
N ALA A 78 1.30 -9.89 -19.31
CA ALA A 78 -0.02 -9.93 -18.78
C ALA A 78 -0.74 -8.62 -19.04
N VAL A 79 -2.03 -8.67 -19.10
CA VAL A 79 -2.84 -7.50 -19.36
C VAL A 79 -3.24 -6.88 -18.03
N ILE A 80 -3.01 -5.58 -17.90
CA ILE A 80 -3.43 -4.87 -16.72
C ILE A 80 -4.93 -4.67 -16.77
N ASN A 81 -5.61 -5.31 -15.86
CA ASN A 81 -7.04 -5.20 -15.78
C ASN A 81 -7.44 -4.16 -14.75
N LYS A 82 -6.61 -3.97 -13.75
CA LYS A 82 -6.90 -3.03 -12.69
C LYS A 82 -5.64 -2.38 -12.16
N LEU A 83 -5.70 -1.08 -11.98
CA LEU A 83 -4.63 -0.32 -11.37
C LEU A 83 -5.11 0.30 -10.10
N THR A 84 -4.60 -0.15 -9.01
CA THR A 84 -4.93 0.43 -7.77
C THR A 84 -3.67 1.08 -7.18
N ASP A 85 -3.58 2.37 -7.36
CA ASP A 85 -2.43 3.12 -6.90
C ASP A 85 -2.60 3.51 -5.46
N ALA A 86 -1.73 2.97 -4.67
CA ALA A 86 -1.76 3.13 -3.26
C ALA A 86 -0.36 3.50 -2.80
N SER A 87 0.39 4.14 -3.69
CA SER A 87 1.75 4.51 -3.41
C SER A 87 1.81 5.60 -2.37
N TRP A 88 2.38 5.25 -1.24
CA TRP A 88 2.53 6.15 -0.16
C TRP A 88 3.97 6.54 -0.03
N TYR A 89 4.21 7.77 0.20
CA TYR A 89 5.54 8.23 0.42
C TYR A 89 5.59 8.96 1.75
N THR A 90 6.43 8.51 2.65
CA THR A 90 6.59 9.11 3.92
C THR A 90 7.45 10.33 3.75
N VAL A 91 6.86 11.45 3.98
CA VAL A 91 7.55 12.68 3.82
C VAL A 91 7.64 13.41 5.11
N VAL A 92 8.72 14.11 5.26
CA VAL A 92 8.92 14.96 6.38
C VAL A 92 8.72 16.41 5.95
N PHE A 93 7.84 17.06 6.64
CA PHE A 93 7.45 18.41 6.37
C PHE A 93 8.37 19.40 7.04
N ASP A 94 8.13 20.65 6.74
CA ASP A 94 8.88 21.79 7.28
C ASP A 94 8.67 21.90 8.79
N ASP A 95 7.53 21.42 9.25
CA ASP A 95 7.20 21.43 10.68
C ASP A 95 7.89 20.28 11.42
N GLY A 96 8.54 19.41 10.67
CA GLY A 96 9.19 18.24 11.25
C GLY A 96 8.23 17.08 11.38
N ASP A 97 7.07 17.26 10.78
CA ASP A 97 6.02 16.24 10.78
C ASP A 97 6.39 15.21 9.75
N GLU A 98 6.07 13.96 9.96
CA GLU A 98 6.42 12.94 9.00
C GLU A 98 5.26 11.98 8.87
N LYS A 99 4.86 11.72 7.66
CA LYS A 99 3.78 10.78 7.37
C LYS A 99 3.71 10.39 5.91
N THR A 100 3.02 9.31 5.65
CA THR A 100 2.82 8.79 4.33
C THR A 100 1.69 9.52 3.59
N LEU A 101 2.01 10.13 2.49
CA LEU A 101 1.01 10.73 1.63
C LEU A 101 0.99 9.99 0.33
N ARG A 102 -0.12 10.03 -0.37
CA ARG A 102 -0.21 9.31 -1.61
C ARG A 102 0.39 10.09 -2.77
N ARG A 103 0.95 9.36 -3.70
CA ARG A 103 1.70 9.84 -4.87
C ARG A 103 0.99 10.96 -5.66
N SER A 104 -0.30 10.89 -5.80
CA SER A 104 -1.00 11.84 -6.62
C SER A 104 -1.31 13.15 -5.86
N SER A 105 -1.10 13.15 -4.55
CA SER A 105 -1.36 14.32 -3.74
C SER A 105 -0.04 14.90 -3.25
N LEU A 106 1.02 14.48 -3.87
CA LEU A 106 2.34 14.88 -3.47
C LEU A 106 3.10 15.34 -4.71
N CYS A 107 3.43 16.61 -4.74
CA CYS A 107 4.05 17.20 -5.91
C CYS A 107 5.57 17.30 -5.73
N LEU A 108 6.31 16.90 -6.75
CA LEU A 108 7.75 16.92 -6.73
C LEU A 108 8.26 18.33 -6.94
N LYS A 109 9.34 18.68 -6.25
CA LYS A 109 9.93 19.99 -6.37
C LYS A 109 11.43 19.90 -6.61
N GLY A 110 12.16 19.58 -5.58
CA GLY A 110 13.61 19.59 -5.66
C GLY A 110 14.14 20.93 -5.18
N GLU A 111 15.07 20.91 -4.23
CA GLU A 111 15.60 22.16 -3.67
C GLU A 111 16.37 22.97 -4.69
N ARG A 112 15.94 24.20 -4.85
CA ARG A 112 16.65 25.16 -5.63
C ARG A 112 17.59 25.89 -4.68
N HIS A 113 18.80 26.19 -5.11
CA HIS A 113 19.75 26.83 -4.22
C HIS A 113 19.53 28.32 -4.20
N PHE A 114 18.49 28.71 -3.53
CA PHE A 114 18.16 30.10 -3.28
C PHE A 114 17.40 30.12 -1.97
N ALA A 115 17.87 29.31 -1.04
CA ALA A 115 17.24 29.14 0.27
C ALA A 115 17.72 30.24 1.19
N GLU A 116 18.36 31.18 0.58
CA GLU A 116 18.99 32.30 1.17
C GLU A 116 17.94 33.36 1.45
N SER A 117 17.37 33.31 2.61
CA SER A 117 16.38 34.27 3.04
C SER A 117 16.42 34.41 4.54
N GLU A 118 16.76 35.62 5.01
CA GLU A 118 16.83 35.99 6.45
C GLU A 118 18.04 35.34 7.19
N THR A 119 18.48 34.20 6.70
CA THR A 119 19.47 33.36 7.36
C THR A 119 18.76 32.62 8.49
N LEU A 120 18.30 31.43 8.21
CA LEU A 120 17.53 30.68 9.16
C LEU A 120 18.12 29.32 9.33
N ASP A 121 17.55 28.55 10.20
CA ASP A 121 18.03 27.22 10.47
C ASP A 121 16.80 26.37 10.61
N GLN A 122 16.84 25.16 10.12
CA GLN A 122 15.67 24.30 10.19
C GLN A 122 15.60 23.58 11.53
N LEU A 123 16.69 23.64 12.29
CA LEU A 123 16.74 23.12 13.64
C LEU A 123 17.25 24.23 14.56
N PRO A 124 16.38 25.23 14.89
CA PRO A 124 16.79 26.41 15.67
C PRO A 124 17.23 26.10 17.09
N LEU A 125 16.87 24.92 17.59
CA LEU A 125 17.28 24.49 18.93
C LEU A 125 18.75 24.05 18.96
N THR A 126 19.34 23.93 17.80
CA THR A 126 20.72 23.60 17.71
C THR A 126 21.49 24.84 17.26
N ASN A 127 21.96 25.60 18.22
CA ASN A 127 22.69 26.82 17.96
C ASN A 127 23.51 27.18 19.17
N PRO A 128 24.82 27.03 19.11
CA PRO A 128 25.70 27.34 20.22
C PRO A 128 25.95 28.85 20.35
N GLU A 129 26.09 29.32 21.58
CA GLU A 129 26.34 30.72 21.82
C GLU A 129 27.76 30.94 22.37
N HIS A 130 28.31 29.92 23.05
CA HIS A 130 29.66 30.09 23.61
C HIS A 130 30.74 29.70 22.61
N PHE A 131 30.31 29.46 21.40
CA PHE A 131 31.16 29.24 20.25
C PHE A 131 30.26 29.35 19.03
N GLY A 132 30.77 29.86 17.95
CA GLY A 132 29.94 30.06 16.79
C GLY A 132 30.57 29.49 15.55
N THR A 133 31.12 28.32 15.70
CA THR A 133 31.77 27.63 14.61
C THR A 133 30.70 27.15 13.60
N PRO A 134 30.78 27.61 12.34
CA PRO A 134 29.75 27.33 11.28
C PRO A 134 29.72 25.89 10.75
N VAL A 135 30.31 24.97 11.48
CA VAL A 135 30.24 23.57 11.10
C VAL A 135 28.90 23.03 11.57
N ILE A 136 27.92 23.12 10.71
CA ILE A 136 26.56 22.74 11.04
C ILE A 136 26.12 21.52 10.25
N GLY A 137 27.02 20.95 9.48
CA GLY A 137 26.71 19.76 8.70
C GLY A 137 26.06 20.08 7.37
N LYS A 138 25.51 21.26 7.25
CA LYS A 138 24.81 21.68 6.05
C LYS A 138 25.73 22.36 5.05
N LYS A 139 27.02 22.40 5.33
CA LYS A 139 27.94 23.02 4.40
C LYS A 139 28.08 22.16 3.17
N THR A 140 28.13 22.80 2.01
CA THR A 140 28.11 22.09 0.76
C THR A 140 29.45 21.39 0.48
N ASN A 141 29.52 20.18 0.94
CA ASN A 141 30.62 19.28 0.67
C ASN A 141 30.15 17.91 1.07
N ARG A 142 29.23 17.40 0.31
CA ARG A 142 28.63 16.11 0.58
C ARG A 142 28.79 15.21 -0.62
N GLY A 143 29.42 15.74 -1.63
CA GLY A 143 29.64 15.01 -2.84
C GLY A 143 30.72 15.67 -3.64
N ARG A 144 30.68 15.49 -4.92
CA ARG A 144 31.69 16.06 -5.78
C ARG A 144 31.03 16.91 -6.87
N ARG A 145 29.99 16.36 -7.46
CA ARG A 145 29.20 16.99 -8.49
C ARG A 145 27.97 16.16 -8.67
N SER A 146 26.84 16.73 -8.36
CA SER A 146 25.57 16.05 -8.32
C SER A 146 25.14 15.44 -9.66
N ASN A 147 25.73 15.92 -10.75
CA ASN A 147 25.44 15.44 -12.14
C ASN A 147 24.03 15.82 -12.50
N HIS A 148 23.55 16.81 -11.80
CA HIS A 148 22.25 17.38 -11.94
C HIS A 148 22.44 18.85 -11.92
N ILE A 149 21.80 19.55 -12.81
CA ILE A 149 22.00 20.98 -12.97
C ILE A 149 21.11 21.77 -12.00
N PRO A 150 21.70 22.44 -11.00
CA PRO A 150 20.97 23.27 -10.05
C PRO A 150 21.02 24.75 -10.48
N GLU A 151 21.41 24.94 -11.71
CA GLU A 151 21.57 26.23 -12.29
C GLU A 151 20.42 26.48 -13.26
N MET A 1 -18.01 2.98 14.80
CA MET A 1 -16.84 2.76 13.96
C MET A 1 -16.04 4.04 13.83
N LYS A 2 -14.88 4.08 14.45
CA LYS A 2 -14.02 5.25 14.39
C LYS A 2 -13.30 5.33 13.05
N ALA A 3 -13.12 4.18 12.41
CA ALA A 3 -12.44 4.10 11.12
C ALA A 3 -13.32 4.58 9.96
N LEU A 4 -13.53 5.87 9.96
CA LEU A 4 -14.27 6.59 8.94
C LEU A 4 -14.04 8.07 9.15
N ASP A 5 -13.76 8.43 10.39
CA ASP A 5 -13.34 9.76 10.74
C ASP A 5 -12.12 9.64 11.61
N GLU A 6 -10.99 9.60 10.97
CA GLU A 6 -9.73 9.41 11.63
C GLU A 6 -8.84 10.65 11.50
N PRO A 7 -8.97 11.60 12.45
CA PRO A 7 -8.09 12.77 12.48
C PRO A 7 -6.59 12.39 12.68
N PRO A 8 -6.19 11.52 13.70
CA PRO A 8 -4.80 11.06 13.82
C PRO A 8 -4.50 10.13 12.68
N TYR A 9 -3.32 10.20 12.14
CA TYR A 9 -3.05 9.37 11.03
C TYR A 9 -1.69 8.74 11.13
N LEU A 10 -1.43 7.78 10.27
CA LEU A 10 -0.25 7.06 10.28
C LEU A 10 0.69 7.66 9.29
N THR A 11 1.73 8.12 9.79
CA THR A 11 2.76 8.74 9.04
C THR A 11 4.07 8.19 9.60
N VAL A 12 5.16 8.26 8.87
CA VAL A 12 6.43 7.75 9.38
C VAL A 12 6.75 8.45 10.71
N GLY A 13 6.86 7.64 11.74
CA GLY A 13 7.12 8.17 13.05
C GLY A 13 6.02 7.84 14.03
N THR A 14 4.83 7.62 13.52
CA THR A 14 3.68 7.30 14.35
C THR A 14 3.85 5.91 14.98
N ASP A 15 3.60 5.82 16.26
CA ASP A 15 3.66 4.54 16.96
C ASP A 15 2.29 3.94 16.97
N VAL A 16 2.19 2.66 16.70
CA VAL A 16 0.93 1.97 16.55
C VAL A 16 0.95 0.59 17.22
N SER A 17 -0.20 0.09 17.57
CA SER A 17 -0.33 -1.24 18.11
C SER A 17 -0.66 -2.19 16.96
N ALA A 18 0.17 -3.18 16.76
CA ALA A 18 -0.06 -4.14 15.72
C ALA A 18 0.18 -5.53 16.24
N LYS A 19 -0.36 -6.50 15.57
CA LYS A 19 -0.11 -7.86 15.91
C LYS A 19 1.08 -8.41 15.17
N TYR A 20 1.77 -9.25 15.85
CA TYR A 20 2.81 -10.02 15.27
C TYR A 20 2.53 -11.43 15.68
N ARG A 21 2.24 -12.28 14.70
CA ARG A 21 1.83 -13.67 14.92
C ARG A 21 0.44 -13.74 15.56
N GLY A 22 0.39 -13.47 16.84
CA GLY A 22 -0.85 -13.43 17.56
C GLY A 22 -0.73 -12.63 18.83
N ALA A 23 0.32 -11.85 18.91
CA ALA A 23 0.59 -11.05 20.07
C ALA A 23 0.61 -9.60 19.66
N PHE A 24 0.36 -8.72 20.58
CA PHE A 24 0.38 -7.31 20.28
C PHE A 24 1.75 -6.76 20.54
N CYS A 25 2.23 -6.00 19.61
CA CYS A 25 3.49 -5.39 19.72
C CYS A 25 3.37 -3.94 19.29
N GLU A 26 3.90 -3.05 20.10
CA GLU A 26 3.94 -1.66 19.73
C GLU A 26 4.98 -1.50 18.64
N ALA A 27 4.56 -1.01 17.54
CA ALA A 27 5.37 -0.87 16.39
C ALA A 27 5.35 0.58 15.96
N LYS A 28 6.16 0.94 15.02
CA LYS A 28 6.21 2.31 14.55
C LYS A 28 6.18 2.34 13.05
N ILE A 29 5.48 3.29 12.49
CA ILE A 29 5.44 3.46 11.04
C ILE A 29 6.83 3.89 10.61
N LYS A 30 7.54 3.04 9.93
CA LYS A 30 8.88 3.33 9.53
C LYS A 30 8.94 3.68 8.06
N THR A 31 7.98 3.21 7.31
CA THR A 31 7.90 3.54 5.90
C THR A 31 6.42 3.43 5.48
N ALA A 32 5.98 4.33 4.65
CA ALA A 32 4.68 4.19 4.08
C ALA A 32 4.90 3.90 2.65
N LYS A 33 4.59 2.73 2.23
CA LYS A 33 4.88 2.37 0.90
C LYS A 33 3.64 2.45 0.07
N ARG A 34 3.59 3.45 -0.75
CA ARG A 34 2.52 3.63 -1.69
C ARG A 34 2.69 2.55 -2.73
N LEU A 35 1.91 1.54 -2.66
CA LEU A 35 2.03 0.44 -3.54
C LEU A 35 0.87 0.38 -4.45
N VAL A 36 1.16 0.24 -5.68
CA VAL A 36 0.13 0.11 -6.63
C VAL A 36 -0.03 -1.36 -6.89
N LYS A 37 -1.16 -1.85 -6.49
CA LYS A 37 -1.48 -3.23 -6.68
C LYS A 37 -2.13 -3.37 -8.01
N VAL A 38 -1.38 -3.89 -8.89
CA VAL A 38 -1.73 -4.02 -10.24
C VAL A 38 -2.22 -5.44 -10.53
N LYS A 39 -3.47 -5.51 -10.86
CA LYS A 39 -4.17 -6.73 -11.14
C LYS A 39 -4.02 -7.00 -12.63
N VAL A 40 -3.43 -8.11 -12.95
CA VAL A 40 -3.14 -8.44 -14.34
C VAL A 40 -3.66 -9.83 -14.70
N THR A 41 -3.81 -10.05 -15.97
CA THR A 41 -4.15 -11.35 -16.49
C THR A 41 -2.94 -11.83 -17.28
N PHE A 42 -2.28 -12.89 -16.81
CA PHE A 42 -1.14 -13.43 -17.53
C PHE A 42 -1.61 -13.92 -18.86
N ARG A 43 -0.92 -13.55 -19.89
CA ARG A 43 -1.28 -14.00 -21.21
C ARG A 43 -1.04 -15.50 -21.38
N HIS A 44 0.13 -15.96 -20.99
CA HIS A 44 0.42 -17.37 -21.11
C HIS A 44 -0.16 -18.22 -19.99
N ASP A 45 -0.22 -17.69 -18.78
CA ASP A 45 -0.69 -18.48 -17.63
C ASP A 45 -2.22 -18.33 -17.44
N SER A 46 -2.80 -17.33 -18.10
CA SER A 46 -4.26 -17.08 -18.12
C SER A 46 -4.87 -16.69 -16.74
N SER A 47 -4.06 -16.62 -15.73
CA SER A 47 -4.56 -16.33 -14.41
C SER A 47 -4.53 -14.85 -14.10
N THR A 48 -5.48 -14.41 -13.32
CA THR A 48 -5.51 -13.07 -12.85
C THR A 48 -4.81 -12.98 -11.51
N VAL A 49 -3.75 -12.25 -11.47
CA VAL A 49 -3.00 -12.09 -10.26
C VAL A 49 -2.89 -10.62 -9.95
N GLU A 50 -2.48 -10.33 -8.77
CA GLU A 50 -2.35 -9.00 -8.31
C GLU A 50 -0.98 -8.86 -7.67
N VAL A 51 -0.19 -7.97 -8.20
CA VAL A 51 1.16 -7.79 -7.75
C VAL A 51 1.44 -6.32 -7.45
N GLN A 52 2.62 -6.05 -6.93
CA GLN A 52 3.07 -4.70 -6.65
C GLN A 52 3.74 -4.15 -7.90
N ASP A 53 3.77 -2.83 -8.03
CA ASP A 53 4.38 -2.11 -9.19
C ASP A 53 5.85 -2.49 -9.41
N ASP A 54 6.48 -2.98 -8.34
CA ASP A 54 7.88 -3.47 -8.35
C ASP A 54 8.02 -4.64 -9.33
N HIS A 55 6.93 -5.32 -9.57
CA HIS A 55 6.95 -6.48 -10.42
C HIS A 55 6.53 -6.15 -11.83
N ILE A 56 6.23 -4.90 -12.11
CA ILE A 56 5.78 -4.54 -13.44
C ILE A 56 6.75 -3.65 -14.16
N LYS A 57 7.13 -4.09 -15.33
CA LYS A 57 7.92 -3.31 -16.23
C LYS A 57 7.10 -3.07 -17.48
N GLY A 58 6.79 -1.83 -17.73
CA GLY A 58 5.99 -1.47 -18.88
C GLY A 58 5.00 -0.36 -18.54
N PRO A 59 4.19 0.09 -19.51
CA PRO A 59 3.20 1.15 -19.29
C PRO A 59 2.10 0.73 -18.32
N LEU A 60 1.94 1.48 -17.27
CA LEU A 60 0.98 1.16 -16.26
C LEU A 60 -0.37 1.80 -16.54
N LYS A 61 -1.17 1.11 -17.30
CA LYS A 61 -2.50 1.55 -17.64
C LYS A 61 -3.34 0.31 -17.89
N VAL A 62 -4.64 0.44 -17.76
CA VAL A 62 -5.56 -0.65 -18.01
C VAL A 62 -5.50 -1.05 -19.49
N GLY A 63 -5.39 -2.34 -19.75
CA GLY A 63 -5.36 -2.83 -21.11
C GLY A 63 -3.96 -2.97 -21.66
N ALA A 64 -2.98 -2.51 -20.91
CA ALA A 64 -1.62 -2.56 -21.37
C ALA A 64 -1.02 -3.92 -21.15
N ILE A 65 -0.20 -4.32 -22.10
CA ILE A 65 0.51 -5.56 -22.02
C ILE A 65 1.86 -5.24 -21.41
N VAL A 66 2.07 -5.68 -20.22
CA VAL A 66 3.29 -5.39 -19.51
C VAL A 66 4.03 -6.66 -19.19
N GLU A 67 5.25 -6.50 -18.71
CA GLU A 67 6.03 -7.62 -18.31
C GLU A 67 6.03 -7.72 -16.82
N VAL A 68 5.51 -8.81 -16.36
CA VAL A 68 5.36 -9.07 -14.96
C VAL A 68 6.48 -9.94 -14.51
N LYS A 69 7.15 -9.50 -13.52
CA LYS A 69 8.16 -10.26 -12.88
C LYS A 69 7.47 -11.26 -11.98
N ASN A 70 7.50 -12.47 -12.43
CA ASN A 70 6.88 -13.58 -11.74
C ASN A 70 7.68 -13.92 -10.52
N LEU A 71 7.10 -14.73 -9.66
CA LEU A 71 7.78 -15.23 -8.44
C LEU A 71 9.01 -16.05 -8.83
N ASP A 72 8.98 -16.52 -10.06
CA ASP A 72 10.04 -17.33 -10.67
C ASP A 72 11.24 -16.45 -11.03
N GLY A 73 11.02 -15.14 -11.06
CA GLY A 73 12.06 -14.20 -11.45
C GLY A 73 12.07 -13.97 -12.95
N ALA A 74 11.08 -14.51 -13.62
CA ALA A 74 10.96 -14.40 -15.07
C ALA A 74 9.96 -13.35 -15.39
N TYR A 75 10.00 -12.79 -16.57
CA TYR A 75 9.00 -11.84 -16.96
C TYR A 75 7.96 -12.51 -17.84
N GLN A 76 6.73 -12.17 -17.63
CA GLN A 76 5.65 -12.69 -18.44
C GLN A 76 4.71 -11.57 -18.84
N GLU A 77 4.27 -11.61 -20.07
CA GLU A 77 3.38 -10.63 -20.59
C GLU A 77 2.01 -10.82 -20.00
N ALA A 78 1.49 -9.78 -19.45
CA ALA A 78 0.19 -9.82 -18.89
C ALA A 78 -0.53 -8.56 -19.20
N VAL A 79 -1.82 -8.64 -19.21
CA VAL A 79 -2.68 -7.53 -19.51
C VAL A 79 -3.15 -6.92 -18.19
N ILE A 80 -2.85 -5.65 -17.97
CA ILE A 80 -3.33 -4.97 -16.78
C ILE A 80 -4.84 -4.80 -16.84
N ASN A 81 -5.51 -5.25 -15.82
CA ASN A 81 -6.96 -5.14 -15.73
C ASN A 81 -7.32 -3.94 -14.90
N LYS A 82 -6.64 -3.79 -13.79
CA LYS A 82 -6.90 -2.73 -12.87
C LYS A 82 -5.66 -2.46 -12.05
N LEU A 83 -5.30 -1.22 -11.90
CA LEU A 83 -4.20 -0.85 -11.07
C LEU A 83 -4.74 -0.06 -9.91
N THR A 84 -4.47 -0.52 -8.72
CA THR A 84 -5.03 0.10 -7.55
C THR A 84 -3.95 0.70 -6.65
N ASP A 85 -4.00 2.00 -6.52
CA ASP A 85 -3.11 2.74 -5.64
C ASP A 85 -3.49 2.41 -4.19
N ALA A 86 -2.55 1.91 -3.41
CA ALA A 86 -2.81 1.34 -2.11
C ALA A 86 -1.62 1.53 -1.16
N SER A 87 -1.78 2.46 -0.29
CA SER A 87 -0.81 2.72 0.77
C SER A 87 -0.72 1.53 1.75
N TRP A 88 0.44 0.92 1.81
CA TRP A 88 0.69 -0.14 2.74
C TRP A 88 1.69 0.43 3.75
N TYR A 89 1.52 0.18 5.01
CA TYR A 89 2.36 0.81 6.01
C TYR A 89 3.37 -0.14 6.58
N THR A 90 4.62 0.15 6.38
CA THR A 90 5.68 -0.66 6.85
C THR A 90 6.00 -0.24 8.26
N VAL A 91 5.75 -1.11 9.18
CA VAL A 91 6.00 -0.85 10.56
C VAL A 91 7.22 -1.57 11.02
N VAL A 92 7.91 -0.96 11.95
CA VAL A 92 9.07 -1.53 12.55
C VAL A 92 8.74 -2.00 13.94
N PHE A 93 9.23 -3.14 14.25
CA PHE A 93 9.08 -3.73 15.55
C PHE A 93 10.34 -3.49 16.36
N ASP A 94 10.33 -3.89 17.62
CA ASP A 94 11.43 -3.60 18.54
C ASP A 94 12.73 -4.32 18.16
N ASP A 95 12.58 -5.48 17.59
CA ASP A 95 13.73 -6.28 17.15
C ASP A 95 14.30 -5.75 15.85
N GLY A 96 13.59 -4.82 15.23
CA GLY A 96 14.03 -4.26 13.98
C GLY A 96 13.34 -4.88 12.79
N ASP A 97 12.28 -5.62 13.05
CA ASP A 97 11.50 -6.25 11.99
C ASP A 97 10.69 -5.19 11.29
N GLU A 98 10.64 -5.24 10.00
CA GLU A 98 9.86 -4.33 9.22
C GLU A 98 8.92 -5.10 8.33
N LYS A 99 7.67 -4.75 8.35
CA LYS A 99 6.67 -5.35 7.47
C LYS A 99 5.47 -4.47 7.26
N THR A 100 4.85 -4.62 6.10
CA THR A 100 3.74 -3.81 5.72
C THR A 100 2.40 -4.36 6.23
N LEU A 101 1.66 -3.51 6.91
CA LEU A 101 0.32 -3.81 7.39
C LEU A 101 -0.59 -2.67 6.95
N ARG A 102 -1.88 -2.92 6.93
CA ARG A 102 -2.85 -1.89 6.59
C ARG A 102 -3.18 -1.07 7.80
N ARG A 103 -3.69 0.15 7.57
CA ARG A 103 -4.10 1.05 8.65
C ARG A 103 -5.30 0.44 9.41
N SER A 104 -5.95 -0.50 8.77
CA SER A 104 -7.05 -1.24 9.32
C SER A 104 -6.56 -2.18 10.46
N SER A 105 -5.30 -2.53 10.41
CA SER A 105 -4.72 -3.45 11.37
C SER A 105 -3.75 -2.73 12.30
N LEU A 106 -3.73 -1.42 12.19
CA LEU A 106 -2.83 -0.62 12.96
C LEU A 106 -3.62 0.44 13.70
N CYS A 107 -3.48 0.49 14.98
CA CYS A 107 -4.18 1.46 15.77
C CYS A 107 -3.15 2.39 16.39
N LEU A 108 -3.27 3.69 16.15
CA LEU A 108 -2.29 4.66 16.63
C LEU A 108 -2.22 4.78 18.14
N LYS A 109 -1.03 5.00 18.62
CA LYS A 109 -0.77 5.16 20.01
C LYS A 109 -0.07 6.47 20.24
N GLY A 110 -0.44 7.13 21.29
CA GLY A 110 0.25 8.34 21.68
C GLY A 110 1.35 7.99 22.63
N GLU A 111 1.38 6.73 22.99
CA GLU A 111 2.35 6.17 23.87
C GLU A 111 3.52 5.71 23.04
N ARG A 112 4.71 5.88 23.53
CA ARG A 112 5.89 5.44 22.84
C ARG A 112 7.01 5.17 23.80
N HIS A 113 7.77 4.15 23.51
CA HIS A 113 8.90 3.81 24.31
C HIS A 113 10.13 4.28 23.58
N PHE A 114 10.61 5.40 24.00
CA PHE A 114 11.74 6.04 23.42
C PHE A 114 12.29 6.93 24.51
N ALA A 115 13.58 6.82 24.78
CA ALA A 115 14.21 7.59 25.86
C ALA A 115 14.02 9.10 25.66
N GLU A 116 14.17 9.52 24.41
CA GLU A 116 14.03 10.92 24.01
C GLU A 116 15.02 11.78 24.76
N SER A 117 16.22 11.64 24.37
CA SER A 117 17.31 12.35 24.95
C SER A 117 18.37 12.45 23.88
N GLU A 118 19.28 13.37 24.04
CA GLU A 118 20.36 13.49 23.10
C GLU A 118 21.24 12.26 23.16
N THR A 119 21.66 11.78 22.00
CA THR A 119 22.38 10.53 21.85
C THR A 119 23.55 10.35 22.80
N LEU A 120 23.33 9.53 23.81
CA LEU A 120 24.36 9.18 24.76
C LEU A 120 24.81 7.78 24.41
N ASP A 121 26.09 7.56 24.37
CA ASP A 121 26.58 6.23 24.04
C ASP A 121 26.55 5.39 25.28
N GLN A 122 26.05 4.20 25.13
CA GLN A 122 25.87 3.32 26.24
C GLN A 122 26.88 2.19 26.24
N LEU A 123 27.76 2.23 27.20
CA LEU A 123 28.79 1.20 27.37
C LEU A 123 28.77 0.70 28.85
N PRO A 124 27.60 0.17 29.34
CA PRO A 124 27.42 -0.18 30.77
C PRO A 124 28.13 -1.48 31.17
N LEU A 125 28.79 -2.09 30.23
CA LEU A 125 29.47 -3.35 30.45
C LEU A 125 30.98 -3.14 30.45
N THR A 126 31.40 -1.94 30.80
CA THR A 126 32.80 -1.56 30.82
C THR A 126 33.54 -2.08 32.11
N ASN A 127 32.92 -3.03 32.81
CA ASN A 127 33.51 -3.60 34.04
C ASN A 127 34.90 -4.25 33.82
N PRO A 128 35.07 -5.19 32.84
CA PRO A 128 36.38 -5.83 32.60
C PRO A 128 37.33 -4.92 31.79
N GLU A 129 36.79 -3.79 31.33
CA GLU A 129 37.55 -2.85 30.55
C GLU A 129 38.53 -2.10 31.44
N HIS A 130 39.73 -2.60 31.44
CA HIS A 130 40.84 -2.11 32.22
C HIS A 130 42.02 -2.95 31.83
N PHE A 131 41.79 -4.25 31.80
CA PHE A 131 42.76 -5.25 31.40
C PHE A 131 42.03 -6.56 31.34
N GLY A 132 41.20 -6.78 32.31
CA GLY A 132 40.39 -7.96 32.34
C GLY A 132 40.25 -8.47 33.73
N THR A 133 41.31 -9.04 34.22
CA THR A 133 41.31 -9.56 35.53
C THR A 133 41.83 -8.49 36.51
N PRO A 134 41.09 -8.22 37.59
CA PRO A 134 41.55 -7.30 38.64
C PRO A 134 42.70 -7.88 39.44
N VAL A 135 42.79 -9.20 39.46
CA VAL A 135 43.85 -9.87 40.19
C VAL A 135 44.88 -10.46 39.24
N ILE A 136 46.05 -9.88 39.26
CA ILE A 136 47.16 -10.34 38.45
C ILE A 136 48.48 -9.72 38.94
N GLY A 137 49.23 -10.46 39.72
CA GLY A 137 50.48 -9.95 40.19
C GLY A 137 51.11 -10.77 41.28
N LYS A 138 50.37 -10.95 42.37
CA LYS A 138 50.83 -11.66 43.59
C LYS A 138 51.91 -10.88 44.33
N LYS A 139 53.04 -10.70 43.66
CA LYS A 139 54.27 -10.09 44.21
C LYS A 139 53.99 -8.83 45.01
N THR A 140 53.26 -7.92 44.42
CA THR A 140 52.85 -6.71 45.11
C THR A 140 51.36 -6.50 44.93
N ASN A 141 50.65 -7.59 44.56
CA ASN A 141 49.20 -7.58 44.18
C ASN A 141 49.02 -6.85 42.86
N ARG A 142 49.44 -5.63 42.84
CA ARG A 142 49.44 -4.77 41.70
C ARG A 142 50.89 -4.62 41.28
N GLY A 143 51.24 -5.17 40.14
CA GLY A 143 52.62 -5.15 39.70
C GLY A 143 52.98 -3.84 39.05
N ARG A 144 54.16 -3.35 39.36
CA ARG A 144 54.62 -2.10 38.80
C ARG A 144 56.04 -2.22 38.25
N ARG A 145 56.18 -1.97 36.98
CA ARG A 145 57.50 -1.91 36.38
C ARG A 145 58.01 -0.48 36.42
N SER A 146 57.07 0.43 36.31
CA SER A 146 57.31 1.86 36.44
C SER A 146 55.95 2.51 36.48
N ASN A 147 55.18 2.26 35.45
CA ASN A 147 53.80 2.72 35.41
C ASN A 147 52.95 1.65 36.05
N HIS A 148 51.79 2.03 36.52
CA HIS A 148 50.85 1.06 37.06
C HIS A 148 50.02 0.53 35.91
N ILE A 149 50.60 -0.40 35.20
CA ILE A 149 49.97 -0.96 34.05
C ILE A 149 50.63 -2.32 33.76
N PRO A 150 49.88 -3.35 33.37
CA PRO A 150 50.46 -4.63 32.95
C PRO A 150 50.77 -4.62 31.45
N GLU A 151 50.86 -3.42 30.90
CA GLU A 151 51.11 -3.23 29.50
C GLU A 151 52.38 -2.40 29.34
N MET A 1 -16.39 14.57 4.54
CA MET A 1 -17.51 13.64 4.70
C MET A 1 -17.24 12.39 3.88
N LYS A 2 -17.86 11.28 4.24
CA LYS A 2 -17.71 10.04 3.52
C LYS A 2 -19.09 9.45 3.27
N ALA A 3 -19.45 9.32 2.01
CA ALA A 3 -20.76 8.82 1.62
C ALA A 3 -20.77 7.30 1.55
N LEU A 4 -19.61 6.72 1.36
CA LEU A 4 -19.47 5.28 1.28
C LEU A 4 -18.63 4.79 2.44
N ASP A 5 -18.77 3.50 2.76
CA ASP A 5 -17.97 2.87 3.79
C ASP A 5 -16.55 2.76 3.29
N GLU A 6 -15.73 3.65 3.74
CA GLU A 6 -14.38 3.76 3.28
C GLU A 6 -13.43 3.61 4.46
N PRO A 7 -12.37 2.80 4.33
CA PRO A 7 -11.32 2.76 5.34
C PRO A 7 -10.67 4.15 5.43
N PRO A 8 -10.42 4.64 6.65
CA PRO A 8 -9.92 6.01 6.86
C PRO A 8 -8.55 6.27 6.23
N TYR A 9 -8.19 7.49 6.27
CA TYR A 9 -6.92 7.93 5.84
C TYR A 9 -5.96 7.82 7.00
N LEU A 10 -4.86 7.23 6.75
CA LEU A 10 -3.84 7.02 7.76
C LEU A 10 -2.64 7.88 7.42
N THR A 11 -1.80 8.20 8.38
CA THR A 11 -0.66 9.06 8.15
C THR A 11 0.55 8.50 8.92
N VAL A 12 1.75 8.86 8.51
CA VAL A 12 2.93 8.48 9.24
C VAL A 12 2.89 9.17 10.60
N GLY A 13 2.92 8.39 11.64
CA GLY A 13 2.84 8.93 12.96
C GLY A 13 1.55 8.55 13.64
N THR A 14 0.59 8.06 12.88
CA THR A 14 -0.68 7.66 13.41
C THR A 14 -0.56 6.41 14.27
N ASP A 15 -1.13 6.48 15.45
CA ASP A 15 -1.24 5.34 16.36
C ASP A 15 -2.28 4.40 15.76
N VAL A 16 -2.02 3.12 15.77
CA VAL A 16 -2.95 2.15 15.21
C VAL A 16 -2.98 0.90 16.07
N SER A 17 -3.95 0.07 15.81
CA SER A 17 -4.06 -1.21 16.46
C SER A 17 -4.37 -2.23 15.39
N ALA A 18 -3.74 -3.38 15.48
CA ALA A 18 -3.94 -4.41 14.48
C ALA A 18 -3.73 -5.75 15.12
N LYS A 19 -4.23 -6.78 14.48
CA LYS A 19 -4.03 -8.10 14.98
C LYS A 19 -2.74 -8.63 14.43
N TYR A 20 -1.78 -8.76 15.30
CA TYR A 20 -0.48 -9.23 14.95
C TYR A 20 -0.43 -10.72 15.09
N ARG A 21 -0.43 -11.39 13.95
CA ARG A 21 -0.34 -12.86 13.82
C ARG A 21 -1.58 -13.57 14.40
N GLY A 22 -1.80 -13.43 15.68
CA GLY A 22 -2.94 -14.03 16.32
C GLY A 22 -3.52 -13.18 17.45
N ALA A 23 -2.86 -12.09 17.80
CA ALA A 23 -3.33 -11.26 18.91
C ALA A 23 -3.24 -9.79 18.58
N PHE A 24 -4.25 -9.04 18.99
CA PHE A 24 -4.27 -7.60 18.79
C PHE A 24 -3.16 -6.93 19.56
N CYS A 25 -2.39 -6.19 18.84
CA CYS A 25 -1.28 -5.50 19.38
C CYS A 25 -1.36 -4.04 18.93
N GLU A 26 -0.68 -3.21 19.65
CA GLU A 26 -0.67 -1.80 19.43
C GLU A 26 0.49 -1.45 18.54
N ALA A 27 0.33 -0.45 17.70
CA ALA A 27 1.36 -0.08 16.78
C ALA A 27 1.25 1.38 16.38
N LYS A 28 2.18 1.84 15.57
CA LYS A 28 2.15 3.18 15.02
C LYS A 28 2.80 3.19 13.66
N ILE A 29 2.30 3.98 12.78
CA ILE A 29 2.80 4.05 11.42
C ILE A 29 4.09 4.84 11.38
N LYS A 30 5.11 4.23 10.85
CA LYS A 30 6.38 4.91 10.69
C LYS A 30 6.78 5.05 9.24
N THR A 31 6.19 4.29 8.37
CA THR A 31 6.50 4.42 6.97
C THR A 31 5.24 4.24 6.13
N ALA A 32 5.12 4.99 5.08
CA ALA A 32 3.98 4.88 4.20
C ALA A 32 4.42 4.20 2.94
N LYS A 33 3.68 3.20 2.54
CA LYS A 33 3.98 2.50 1.34
C LYS A 33 2.88 2.55 0.36
N ARG A 34 2.94 3.54 -0.46
CA ARG A 34 1.95 3.69 -1.46
C ARG A 34 2.37 2.89 -2.67
N LEU A 35 1.76 1.77 -2.86
CA LEU A 35 2.03 0.94 -3.98
C LEU A 35 0.83 0.73 -4.82
N VAL A 36 1.03 0.72 -6.09
CA VAL A 36 -0.03 0.47 -7.00
C VAL A 36 0.05 -0.98 -7.36
N LYS A 37 -0.93 -1.75 -6.95
CA LYS A 37 -0.99 -3.09 -7.39
C LYS A 37 -1.89 -3.17 -8.58
N VAL A 38 -1.48 -3.90 -9.52
CA VAL A 38 -2.26 -4.08 -10.69
C VAL A 38 -2.76 -5.49 -10.74
N LYS A 39 -4.02 -5.65 -11.05
CA LYS A 39 -4.54 -6.96 -11.24
C LYS A 39 -4.43 -7.25 -12.70
N VAL A 40 -3.67 -8.22 -12.99
CA VAL A 40 -3.35 -8.56 -14.34
C VAL A 40 -3.79 -9.95 -14.69
N THR A 41 -4.11 -10.13 -15.94
CA THR A 41 -4.43 -11.41 -16.49
C THR A 41 -3.25 -11.84 -17.35
N PHE A 42 -2.54 -12.86 -16.93
CA PHE A 42 -1.40 -13.35 -17.68
C PHE A 42 -1.77 -13.78 -19.07
N ARG A 43 -0.97 -13.40 -20.01
CA ARG A 43 -1.14 -13.81 -21.37
C ARG A 43 -0.58 -15.21 -21.52
N HIS A 44 0.58 -15.41 -20.92
CA HIS A 44 1.31 -16.67 -21.00
C HIS A 44 0.74 -17.74 -20.06
N ASP A 45 0.02 -17.33 -19.02
CA ASP A 45 -0.46 -18.30 -18.03
C ASP A 45 -1.97 -18.20 -17.76
N SER A 46 -2.61 -17.16 -18.28
CA SER A 46 -4.07 -16.91 -18.15
C SER A 46 -4.56 -16.66 -16.69
N SER A 47 -3.67 -16.66 -15.74
CA SER A 47 -4.05 -16.43 -14.36
C SER A 47 -4.17 -14.94 -14.05
N THR A 48 -5.05 -14.61 -13.14
CA THR A 48 -5.27 -13.26 -12.73
C THR A 48 -4.66 -13.03 -11.34
N VAL A 49 -3.68 -12.15 -11.23
CA VAL A 49 -3.02 -11.91 -9.95
C VAL A 49 -2.98 -10.42 -9.63
N GLU A 50 -2.79 -10.10 -8.36
CA GLU A 50 -2.64 -8.73 -7.91
C GLU A 50 -1.16 -8.58 -7.52
N VAL A 51 -0.41 -7.78 -8.26
CA VAL A 51 1.00 -7.58 -7.94
C VAL A 51 1.32 -6.11 -7.96
N GLN A 52 2.35 -5.73 -7.26
CA GLN A 52 2.72 -4.34 -7.16
C GLN A 52 3.42 -3.86 -8.41
N ASP A 53 3.53 -2.56 -8.49
CA ASP A 53 4.30 -1.81 -9.49
C ASP A 53 5.74 -2.37 -9.59
N ASP A 54 6.29 -2.79 -8.45
CA ASP A 54 7.63 -3.34 -8.40
C ASP A 54 7.76 -4.65 -9.20
N HIS A 55 6.65 -5.35 -9.41
CA HIS A 55 6.68 -6.61 -10.16
C HIS A 55 6.32 -6.37 -11.61
N ILE A 56 6.07 -5.14 -11.97
CA ILE A 56 5.65 -4.80 -13.29
C ILE A 56 6.70 -3.99 -14.00
N LYS A 57 7.00 -4.38 -15.21
CA LYS A 57 7.88 -3.60 -16.06
C LYS A 57 7.16 -3.25 -17.35
N GLY A 58 7.38 -2.05 -17.79
CA GLY A 58 6.69 -1.53 -18.92
C GLY A 58 5.85 -0.35 -18.50
N PRO A 59 4.94 0.12 -19.33
CA PRO A 59 4.05 1.20 -18.97
C PRO A 59 2.78 0.68 -18.32
N LEU A 60 2.65 0.89 -17.05
CA LEU A 60 1.49 0.42 -16.33
C LEU A 60 0.28 1.32 -16.60
N LYS A 61 -0.54 0.87 -17.52
CA LYS A 61 -1.76 1.54 -17.90
C LYS A 61 -2.85 0.49 -17.90
N VAL A 62 -4.06 0.84 -17.59
CA VAL A 62 -5.13 -0.14 -17.65
C VAL A 62 -5.34 -0.58 -19.12
N GLY A 63 -5.33 -1.87 -19.33
CA GLY A 63 -5.48 -2.40 -20.66
C GLY A 63 -4.16 -2.67 -21.33
N ALA A 64 -3.09 -2.23 -20.71
CA ALA A 64 -1.77 -2.41 -21.28
C ALA A 64 -1.22 -3.79 -21.01
N ILE A 65 -0.34 -4.21 -21.88
CA ILE A 65 0.33 -5.47 -21.78
C ILE A 65 1.69 -5.19 -21.14
N VAL A 66 1.87 -5.65 -19.94
CA VAL A 66 3.12 -5.39 -19.22
C VAL A 66 3.83 -6.67 -18.87
N GLU A 67 5.08 -6.54 -18.45
CA GLU A 67 5.86 -7.68 -18.04
C GLU A 67 5.70 -7.86 -16.56
N VAL A 68 5.14 -8.97 -16.19
CA VAL A 68 4.96 -9.29 -14.81
C VAL A 68 6.05 -10.23 -14.42
N LYS A 69 6.78 -9.85 -13.44
CA LYS A 69 7.89 -10.64 -12.99
C LYS A 69 7.43 -11.62 -11.96
N ASN A 70 7.66 -12.87 -12.25
CA ASN A 70 7.33 -13.93 -11.32
C ASN A 70 8.45 -14.14 -10.35
N LEU A 71 8.20 -14.91 -9.29
CA LEU A 71 9.22 -15.23 -8.27
C LEU A 71 10.36 -16.07 -8.88
N ASP A 72 10.07 -16.64 -10.04
CA ASP A 72 11.03 -17.43 -10.80
C ASP A 72 12.01 -16.51 -11.53
N GLY A 73 11.76 -15.22 -11.45
CA GLY A 73 12.58 -14.24 -12.14
C GLY A 73 12.19 -14.15 -13.59
N ALA A 74 11.10 -14.79 -13.93
CA ALA A 74 10.64 -14.86 -15.28
C ALA A 74 9.55 -13.86 -15.51
N TYR A 75 9.66 -13.11 -16.55
CA TYR A 75 8.67 -12.18 -16.92
C TYR A 75 7.66 -12.84 -17.81
N GLN A 76 6.44 -12.57 -17.54
CA GLN A 76 5.36 -13.04 -18.36
C GLN A 76 4.49 -11.87 -18.65
N GLU A 77 4.03 -11.75 -19.85
CA GLU A 77 3.21 -10.64 -20.22
C GLU A 77 1.81 -10.84 -19.71
N ALA A 78 1.23 -9.78 -19.25
CA ALA A 78 -0.10 -9.83 -18.75
C ALA A 78 -0.80 -8.54 -19.02
N VAL A 79 -2.10 -8.58 -19.05
CA VAL A 79 -2.92 -7.44 -19.32
C VAL A 79 -3.40 -6.84 -18.01
N ILE A 80 -3.15 -5.57 -17.81
CA ILE A 80 -3.64 -4.87 -16.63
C ILE A 80 -5.14 -4.66 -16.73
N ASN A 81 -5.86 -5.25 -15.81
CA ASN A 81 -7.31 -5.22 -15.82
C ASN A 81 -7.83 -4.07 -15.01
N LYS A 82 -7.16 -3.83 -13.90
CA LYS A 82 -7.59 -2.87 -12.92
C LYS A 82 -6.39 -2.47 -12.10
N LEU A 83 -6.34 -1.21 -11.73
CA LEU A 83 -5.30 -0.74 -10.85
C LEU A 83 -5.89 -0.72 -9.47
N THR A 84 -5.38 -1.56 -8.64
CA THR A 84 -5.85 -1.72 -7.32
C THR A 84 -4.85 -1.06 -6.38
N ASP A 85 -5.18 0.14 -5.98
CA ASP A 85 -4.34 0.95 -5.12
C ASP A 85 -4.16 0.25 -3.79
N ALA A 86 -2.93 0.15 -3.34
CA ALA A 86 -2.60 -0.58 -2.16
C ALA A 86 -1.79 0.27 -1.26
N SER A 87 -2.45 0.99 -0.42
CA SER A 87 -1.81 1.78 0.54
C SER A 87 -1.43 0.96 1.75
N TRP A 88 -0.18 0.61 1.79
CA TRP A 88 0.36 -0.08 2.87
C TRP A 88 0.90 0.90 3.86
N TYR A 89 0.69 0.65 5.09
CA TYR A 89 1.23 1.47 6.11
C TYR A 89 2.13 0.62 6.96
N THR A 90 3.36 1.01 7.01
CA THR A 90 4.34 0.30 7.70
C THR A 90 4.33 0.74 9.12
N VAL A 91 3.96 -0.16 9.96
CA VAL A 91 3.78 0.10 11.33
C VAL A 91 4.83 -0.58 12.15
N VAL A 92 5.07 -0.04 13.29
CA VAL A 92 5.91 -0.63 14.26
C VAL A 92 5.04 -0.94 15.47
N PHE A 93 5.02 -2.18 15.84
CA PHE A 93 4.24 -2.64 16.94
C PHE A 93 4.95 -2.31 18.22
N ASP A 94 4.19 -2.30 19.30
CA ASP A 94 4.69 -1.92 20.62
C ASP A 94 5.70 -2.92 21.13
N ASP A 95 5.65 -4.12 20.60
CA ASP A 95 6.59 -5.14 20.97
C ASP A 95 7.87 -5.07 20.11
N GLY A 96 7.81 -4.32 19.02
CA GLY A 96 9.01 -4.15 18.20
C GLY A 96 8.91 -4.75 16.80
N ASP A 97 7.76 -5.26 16.41
CA ASP A 97 7.63 -5.79 15.03
C ASP A 97 7.43 -4.64 14.07
N GLU A 98 7.90 -4.78 12.87
CA GLU A 98 7.71 -3.75 11.88
C GLU A 98 7.22 -4.43 10.66
N LYS A 99 6.16 -3.96 10.10
CA LYS A 99 5.60 -4.61 8.94
C LYS A 99 4.64 -3.64 8.27
N THR A 100 4.37 -3.83 6.99
CA THR A 100 3.46 -2.95 6.33
C THR A 100 2.21 -3.72 5.88
N LEU A 101 1.07 -3.21 6.27
CA LEU A 101 -0.21 -3.83 5.92
C LEU A 101 -1.13 -2.80 5.30
N ARG A 102 -2.17 -3.25 4.64
CA ARG A 102 -3.16 -2.36 4.06
C ARG A 102 -3.98 -1.70 5.16
N ARG A 103 -4.49 -0.51 4.88
CA ARG A 103 -5.26 0.24 5.88
C ARG A 103 -6.57 -0.44 6.20
N SER A 104 -7.05 -1.26 5.31
CA SER A 104 -8.27 -2.00 5.52
C SER A 104 -8.07 -3.10 6.60
N SER A 105 -6.82 -3.35 6.97
CA SER A 105 -6.49 -4.33 7.99
C SER A 105 -6.17 -3.63 9.32
N LEU A 106 -5.94 -2.33 9.26
CA LEU A 106 -5.50 -1.56 10.42
C LEU A 106 -6.66 -0.75 10.99
N CYS A 107 -6.64 -0.52 12.27
CA CYS A 107 -7.63 0.32 12.87
C CYS A 107 -6.96 1.65 13.23
N LEU A 108 -7.58 2.75 12.79
CA LEU A 108 -7.09 4.08 13.02
C LEU A 108 -7.22 4.38 14.51
N LYS A 109 -6.13 4.71 15.16
CA LYS A 109 -6.14 5.00 16.57
C LYS A 109 -5.58 6.38 16.85
N GLY A 110 -5.33 6.66 18.09
CA GLY A 110 -4.96 7.97 18.56
C GLY A 110 -5.87 8.25 19.71
N GLU A 111 -6.97 7.56 19.63
CA GLU A 111 -7.95 7.43 20.62
C GLU A 111 -7.94 5.97 20.98
N ARG A 112 -8.83 5.51 21.81
CA ARG A 112 -8.88 4.10 22.03
C ARG A 112 -10.10 3.54 21.34
N HIS A 113 -11.16 4.29 21.42
CA HIS A 113 -12.39 4.05 20.69
C HIS A 113 -13.30 5.21 20.95
N PHE A 114 -13.09 6.25 20.21
CA PHE A 114 -13.88 7.41 20.34
C PHE A 114 -15.18 7.19 19.60
N ALA A 115 -16.25 7.65 20.16
CA ALA A 115 -17.55 7.49 19.58
C ALA A 115 -17.73 8.50 18.48
N GLU A 116 -17.34 8.08 17.31
CA GLU A 116 -17.48 8.85 16.13
C GLU A 116 -17.65 7.89 14.99
N SER A 117 -18.83 7.41 14.85
CA SER A 117 -19.15 6.49 13.81
C SER A 117 -20.62 6.60 13.44
N GLU A 118 -20.92 7.64 12.72
CA GLU A 118 -22.25 7.88 12.28
C GLU A 118 -22.35 7.69 10.78
N THR A 119 -22.24 6.47 10.38
CA THR A 119 -22.38 6.12 9.03
C THR A 119 -23.86 6.01 8.74
N LEU A 120 -24.51 5.06 9.44
CA LEU A 120 -25.95 4.79 9.35
C LEU A 120 -26.43 4.86 7.90
N ASP A 121 -25.87 4.00 7.09
CA ASP A 121 -26.14 3.98 5.67
C ASP A 121 -27.22 2.99 5.34
N GLN A 122 -26.96 1.74 5.61
CA GLN A 122 -27.87 0.67 5.30
C GLN A 122 -27.38 -0.61 5.95
N LEU A 123 -28.29 -1.43 6.40
CA LEU A 123 -27.93 -2.69 6.99
C LEU A 123 -27.69 -3.72 5.87
N PRO A 124 -26.48 -4.28 5.75
CA PRO A 124 -26.17 -5.29 4.71
C PRO A 124 -26.69 -6.69 5.07
N LEU A 125 -27.38 -6.76 6.21
CA LEU A 125 -27.87 -8.02 6.79
C LEU A 125 -26.69 -8.93 7.12
N THR A 126 -26.41 -9.88 6.27
CA THR A 126 -25.27 -10.74 6.46
C THR A 126 -24.32 -10.66 5.26
N ASN A 127 -24.65 -9.72 4.35
CA ASN A 127 -23.88 -9.47 3.11
C ASN A 127 -23.88 -10.71 2.21
N PRO A 128 -24.95 -10.86 1.39
CA PRO A 128 -25.15 -12.01 0.49
C PRO A 128 -24.00 -12.26 -0.46
N GLU A 129 -23.49 -11.20 -1.08
CA GLU A 129 -22.41 -11.32 -2.05
C GLU A 129 -21.12 -11.68 -1.32
N HIS A 130 -20.38 -12.62 -1.87
CA HIS A 130 -19.18 -13.13 -1.22
C HIS A 130 -17.92 -12.73 -1.95
N PHE A 131 -17.09 -12.00 -1.27
CA PHE A 131 -15.77 -11.69 -1.75
C PHE A 131 -14.82 -12.54 -0.95
N GLY A 132 -14.91 -12.39 0.36
CA GLY A 132 -14.10 -13.13 1.28
C GLY A 132 -12.69 -12.64 1.26
N THR A 133 -11.84 -13.42 0.67
CA THR A 133 -10.47 -13.07 0.54
C THR A 133 -9.94 -13.69 -0.76
N PRO A 134 -9.25 -12.93 -1.60
CA PRO A 134 -8.73 -13.43 -2.84
C PRO A 134 -7.49 -14.30 -2.64
N VAL A 135 -7.72 -15.58 -2.46
CA VAL A 135 -6.66 -16.53 -2.35
C VAL A 135 -6.22 -16.90 -3.74
N ILE A 136 -5.17 -16.30 -4.19
CA ILE A 136 -4.68 -16.55 -5.52
C ILE A 136 -3.48 -17.47 -5.40
N GLY A 137 -3.43 -18.45 -6.26
CA GLY A 137 -2.38 -19.43 -6.22
C GLY A 137 -2.87 -20.62 -5.44
N LYS A 138 -4.04 -21.07 -5.79
CA LYS A 138 -4.67 -22.17 -5.09
C LYS A 138 -4.18 -23.51 -5.55
N LYS A 139 -3.08 -23.91 -4.98
CA LYS A 139 -2.50 -25.20 -5.18
C LYS A 139 -2.10 -25.70 -3.83
N THR A 140 -2.98 -26.46 -3.21
CA THR A 140 -2.75 -26.97 -1.90
C THR A 140 -1.82 -28.17 -2.00
N ASN A 141 -0.68 -28.07 -1.36
CA ASN A 141 0.30 -29.12 -1.38
C ASN A 141 0.70 -29.40 0.04
N ARG A 142 0.78 -30.64 0.39
CA ARG A 142 1.14 -31.02 1.73
C ARG A 142 2.61 -31.26 1.88
N GLY A 143 3.30 -30.22 2.28
CA GLY A 143 4.72 -30.30 2.51
C GLY A 143 5.03 -30.43 3.99
N ARG A 144 4.11 -29.95 4.80
CA ARG A 144 4.26 -29.99 6.25
C ARG A 144 3.98 -31.39 6.76
N ARG A 145 3.04 -32.05 6.12
CA ARG A 145 2.71 -33.41 6.45
C ARG A 145 3.53 -34.31 5.54
N SER A 146 4.68 -34.70 6.02
CA SER A 146 5.61 -35.51 5.27
C SER A 146 5.14 -36.97 5.20
N ASN A 147 4.66 -37.48 6.31
CA ASN A 147 4.21 -38.87 6.37
C ASN A 147 2.71 -38.88 6.10
N HIS A 148 2.26 -39.72 5.22
CA HIS A 148 0.85 -39.72 4.83
C HIS A 148 0.06 -40.81 5.50
N ILE A 149 0.69 -41.92 5.78
CA ILE A 149 0.00 -43.05 6.32
C ILE A 149 0.57 -43.43 7.68
N PRO A 150 -0.23 -43.32 8.76
CA PRO A 150 0.16 -43.78 10.08
C PRO A 150 0.11 -45.32 10.12
N GLU A 151 1.09 -45.91 9.50
CA GLU A 151 1.19 -47.33 9.41
C GLU A 151 1.93 -47.86 10.61
N MET A 1 -5.14 24.76 -20.27
CA MET A 1 -6.30 24.62 -19.39
C MET A 1 -6.13 25.49 -18.14
N LYS A 2 -5.10 25.19 -17.35
CA LYS A 2 -4.80 25.89 -16.08
C LYS A 2 -5.99 25.92 -15.16
N ALA A 3 -6.36 24.76 -14.71
CA ALA A 3 -7.51 24.61 -13.84
C ALA A 3 -7.22 23.50 -12.87
N LEU A 4 -5.96 23.27 -12.62
CA LEU A 4 -5.54 22.22 -11.73
C LEU A 4 -5.62 22.76 -10.31
N ASP A 5 -6.62 22.35 -9.60
CA ASP A 5 -6.78 22.69 -8.19
C ASP A 5 -6.01 21.64 -7.44
N GLU A 6 -5.37 22.00 -6.36
CA GLU A 6 -4.54 21.06 -5.65
C GLU A 6 -5.29 20.32 -4.54
N PRO A 7 -5.59 19.03 -4.75
CA PRO A 7 -6.12 18.19 -3.69
C PRO A 7 -4.93 17.77 -2.82
N PRO A 8 -5.16 17.13 -1.66
CA PRO A 8 -4.07 16.69 -0.79
C PRO A 8 -3.02 15.84 -1.50
N TYR A 9 -1.82 16.28 -1.44
CA TYR A 9 -0.73 15.48 -1.84
C TYR A 9 0.29 15.61 -0.78
N LEU A 10 0.78 14.51 -0.33
CA LEU A 10 1.59 14.52 0.83
C LEU A 10 3.02 14.20 0.52
N THR A 11 3.87 14.97 1.11
CA THR A 11 5.30 14.83 0.95
C THR A 11 5.93 14.39 2.27
N VAL A 12 7.14 13.91 2.23
CA VAL A 12 7.84 13.51 3.44
C VAL A 12 8.08 14.74 4.31
N GLY A 13 7.69 14.66 5.57
CA GLY A 13 7.88 15.77 6.47
C GLY A 13 6.60 16.54 6.73
N THR A 14 5.57 16.27 5.96
CA THR A 14 4.30 16.90 6.15
C THR A 14 3.64 16.39 7.45
N ASP A 15 3.19 17.29 8.28
CA ASP A 15 2.46 16.94 9.49
C ASP A 15 0.99 16.95 9.12
N VAL A 16 0.32 15.93 9.52
CA VAL A 16 -1.03 15.67 9.10
C VAL A 16 -1.88 15.32 10.30
N SER A 17 -3.13 15.26 10.06
CA SER A 17 -4.05 14.76 11.01
C SER A 17 -4.61 13.48 10.40
N ALA A 18 -4.37 12.39 11.03
CA ALA A 18 -4.76 11.11 10.52
C ALA A 18 -5.88 10.55 11.32
N LYS A 19 -6.80 9.91 10.67
CA LYS A 19 -7.94 9.34 11.33
C LYS A 19 -7.53 8.08 12.08
N TYR A 20 -7.41 8.21 13.38
CA TYR A 20 -7.08 7.10 14.24
C TYR A 20 -8.35 6.66 14.92
N ARG A 21 -8.85 5.52 14.49
CA ARG A 21 -10.06 4.87 15.00
C ARG A 21 -11.32 5.68 14.65
N GLY A 22 -11.48 6.83 15.27
CA GLY A 22 -12.62 7.66 15.02
C GLY A 22 -12.30 9.13 15.07
N ALA A 23 -11.05 9.48 15.38
CA ALA A 23 -10.68 10.88 15.53
C ALA A 23 -9.34 11.17 14.85
N PHE A 24 -9.19 12.36 14.33
CA PHE A 24 -7.98 12.75 13.65
C PHE A 24 -6.92 13.17 14.64
N CYS A 25 -5.86 12.41 14.69
CA CYS A 25 -4.76 12.64 15.59
C CYS A 25 -3.54 13.09 14.77
N GLU A 26 -2.63 13.79 15.40
CA GLU A 26 -1.44 14.30 14.71
C GLU A 26 -0.48 13.18 14.31
N ALA A 27 0.00 13.26 13.08
CA ALA A 27 0.91 12.29 12.52
C ALA A 27 1.80 12.99 11.50
N LYS A 28 2.91 12.39 11.17
CA LYS A 28 3.85 12.96 10.21
C LYS A 28 4.26 11.92 9.18
N ILE A 29 4.39 12.36 7.93
CA ILE A 29 4.78 11.49 6.83
C ILE A 29 6.24 11.10 6.96
N LYS A 30 6.50 9.83 7.17
CA LYS A 30 7.85 9.33 7.21
C LYS A 30 8.22 8.75 5.86
N THR A 31 7.28 8.10 5.23
CA THR A 31 7.56 7.49 3.95
C THR A 31 6.34 7.57 3.04
N ALA A 32 6.57 7.85 1.79
CA ALA A 32 5.51 7.85 0.80
C ALA A 32 5.77 6.67 -0.10
N LYS A 33 4.90 5.69 -0.07
CA LYS A 33 5.15 4.49 -0.81
C LYS A 33 4.05 4.22 -1.83
N ARG A 34 4.38 4.46 -3.09
CA ARG A 34 3.46 4.21 -4.17
C ARG A 34 3.35 2.71 -4.41
N LEU A 35 2.27 2.14 -4.01
CA LEU A 35 2.04 0.76 -4.24
C LEU A 35 0.84 0.60 -5.08
N VAL A 36 1.06 0.30 -6.30
CA VAL A 36 -0.01 0.05 -7.18
C VAL A 36 -0.17 -1.43 -7.28
N LYS A 37 -1.29 -1.91 -6.87
CA LYS A 37 -1.58 -3.29 -6.99
C LYS A 37 -2.21 -3.49 -8.32
N VAL A 38 -1.46 -4.01 -9.19
CA VAL A 38 -1.91 -4.24 -10.50
C VAL A 38 -2.49 -5.61 -10.59
N LYS A 39 -3.72 -5.64 -10.92
CA LYS A 39 -4.40 -6.86 -11.07
C LYS A 39 -4.23 -7.21 -12.53
N VAL A 40 -3.45 -8.19 -12.76
CA VAL A 40 -3.02 -8.54 -14.08
C VAL A 40 -3.33 -9.97 -14.39
N THR A 41 -3.68 -10.20 -15.58
CA THR A 41 -3.89 -11.50 -16.06
C THR A 41 -2.76 -11.85 -16.97
N PHE A 42 -1.94 -12.82 -16.56
CA PHE A 42 -0.87 -13.29 -17.42
C PHE A 42 -1.52 -13.83 -18.64
N ARG A 43 -1.26 -13.27 -19.78
CA ARG A 43 -1.95 -13.73 -20.96
C ARG A 43 -1.42 -15.10 -21.39
N HIS A 44 -0.25 -15.40 -20.87
CA HIS A 44 0.41 -16.68 -21.06
C HIS A 44 -0.27 -17.77 -20.20
N ASP A 45 -0.93 -17.37 -19.12
CA ASP A 45 -1.48 -18.37 -18.19
C ASP A 45 -2.98 -18.22 -17.94
N SER A 46 -3.54 -17.09 -18.35
CA SER A 46 -4.97 -16.75 -18.26
C SER A 46 -5.47 -16.50 -16.81
N SER A 47 -4.59 -16.61 -15.85
CA SER A 47 -4.95 -16.42 -14.46
C SER A 47 -4.70 -14.97 -14.05
N THR A 48 -5.59 -14.42 -13.25
CA THR A 48 -5.44 -13.10 -12.75
C THR A 48 -4.74 -13.13 -11.40
N VAL A 49 -3.69 -12.36 -11.28
CA VAL A 49 -2.95 -12.22 -10.06
C VAL A 49 -2.83 -10.74 -9.76
N GLU A 50 -2.41 -10.42 -8.58
CA GLU A 50 -2.25 -9.06 -8.20
C GLU A 50 -0.85 -8.88 -7.70
N VAL A 51 -0.07 -8.13 -8.42
CA VAL A 51 1.29 -7.90 -8.03
C VAL A 51 1.51 -6.45 -7.74
N GLN A 52 2.63 -6.16 -7.16
CA GLN A 52 2.98 -4.81 -6.86
C GLN A 52 3.67 -4.16 -8.05
N ASP A 53 3.62 -2.85 -8.08
CA ASP A 53 4.23 -1.98 -9.13
C ASP A 53 5.68 -2.35 -9.43
N ASP A 54 6.40 -2.73 -8.41
CA ASP A 54 7.82 -3.10 -8.52
C ASP A 54 8.05 -4.32 -9.43
N HIS A 55 7.06 -5.20 -9.56
CA HIS A 55 7.20 -6.37 -10.41
C HIS A 55 6.82 -6.07 -11.85
N ILE A 56 6.34 -4.86 -12.07
CA ILE A 56 5.92 -4.46 -13.38
C ILE A 56 7.01 -3.69 -14.05
N LYS A 57 7.36 -4.14 -15.20
CA LYS A 57 8.26 -3.43 -16.04
C LYS A 57 7.48 -3.03 -17.29
N GLY A 58 7.02 -1.80 -17.29
CA GLY A 58 6.24 -1.28 -18.36
C GLY A 58 5.30 -0.20 -17.87
N PRO A 59 4.49 0.41 -18.75
CA PRO A 59 3.57 1.48 -18.37
C PRO A 59 2.30 0.92 -17.69
N LEU A 60 1.87 1.58 -16.64
CA LEU A 60 0.73 1.10 -15.90
C LEU A 60 -0.55 1.71 -16.44
N LYS A 61 -1.11 1.03 -17.41
CA LYS A 61 -2.31 1.47 -18.06
C LYS A 61 -3.25 0.28 -18.18
N VAL A 62 -4.53 0.52 -18.03
CA VAL A 62 -5.52 -0.53 -18.14
C VAL A 62 -5.52 -1.06 -19.58
N GLY A 63 -5.33 -2.35 -19.73
CA GLY A 63 -5.32 -2.95 -21.02
C GLY A 63 -3.93 -3.05 -21.61
N ALA A 64 -2.95 -2.57 -20.88
CA ALA A 64 -1.57 -2.63 -21.34
C ALA A 64 -0.96 -3.98 -21.09
N ILE A 65 -0.12 -4.41 -22.01
CA ILE A 65 0.61 -5.65 -21.88
C ILE A 65 1.93 -5.29 -21.23
N VAL A 66 2.12 -5.71 -20.04
CA VAL A 66 3.34 -5.38 -19.34
C VAL A 66 4.11 -6.62 -19.00
N GLU A 67 5.34 -6.41 -18.57
CA GLU A 67 6.20 -7.47 -18.17
C GLU A 67 6.02 -7.66 -16.69
N VAL A 68 5.48 -8.77 -16.31
CA VAL A 68 5.29 -9.07 -14.93
C VAL A 68 6.32 -10.06 -14.48
N LYS A 69 7.20 -9.65 -13.62
CA LYS A 69 8.19 -10.56 -13.13
C LYS A 69 7.60 -11.40 -12.05
N ASN A 70 7.50 -12.66 -12.31
CA ASN A 70 6.94 -13.59 -11.36
C ASN A 70 8.00 -14.06 -10.40
N LEU A 71 7.60 -14.90 -9.44
CA LEU A 71 8.47 -15.36 -8.36
C LEU A 71 9.73 -16.08 -8.82
N ASP A 72 9.71 -16.66 -10.02
CA ASP A 72 10.89 -17.38 -10.54
C ASP A 72 11.91 -16.37 -11.06
N GLY A 73 11.48 -15.13 -11.20
CA GLY A 73 12.34 -14.08 -11.68
C GLY A 73 12.21 -13.89 -13.17
N ALA A 74 11.13 -14.35 -13.74
CA ALA A 74 10.91 -14.26 -15.17
C ALA A 74 9.82 -13.27 -15.45
N TYR A 75 9.86 -12.61 -16.56
CA TYR A 75 8.80 -11.71 -16.90
C TYR A 75 7.84 -12.41 -17.80
N GLN A 76 6.59 -12.28 -17.51
CA GLN A 76 5.55 -12.85 -18.32
C GLN A 76 4.70 -11.75 -18.89
N GLU A 77 4.15 -11.99 -20.05
CA GLU A 77 3.26 -11.06 -20.70
C GLU A 77 1.94 -11.07 -19.95
N ALA A 78 1.58 -9.96 -19.39
CA ALA A 78 0.31 -9.90 -18.73
C ALA A 78 -0.42 -8.65 -19.07
N VAL A 79 -1.70 -8.74 -19.01
CA VAL A 79 -2.56 -7.64 -19.33
C VAL A 79 -3.06 -7.03 -18.04
N ILE A 80 -2.83 -5.74 -17.87
CA ILE A 80 -3.33 -5.04 -16.71
C ILE A 80 -4.83 -4.87 -16.83
N ASN A 81 -5.55 -5.44 -15.93
CA ASN A 81 -6.99 -5.36 -15.95
C ASN A 81 -7.43 -4.19 -15.12
N LYS A 82 -6.75 -4.00 -14.00
CA LYS A 82 -7.09 -2.94 -13.11
C LYS A 82 -5.88 -2.49 -12.31
N LEU A 83 -5.79 -1.21 -12.12
CA LEU A 83 -4.81 -0.65 -11.25
C LEU A 83 -5.50 -0.39 -9.94
N THR A 84 -4.92 -0.83 -8.90
CA THR A 84 -5.43 -0.56 -7.61
C THR A 84 -4.39 0.24 -6.86
N ASP A 85 -4.59 1.54 -6.82
CA ASP A 85 -3.66 2.40 -6.13
C ASP A 85 -3.83 2.25 -4.66
N ALA A 86 -2.82 1.71 -4.07
CA ALA A 86 -2.78 1.48 -2.67
C ALA A 86 -1.60 2.21 -2.11
N SER A 87 -1.26 3.31 -2.78
CA SER A 87 -0.19 4.17 -2.34
C SER A 87 -0.46 4.62 -0.92
N TRP A 88 0.43 4.28 -0.06
CA TRP A 88 0.29 4.58 1.31
C TRP A 88 1.34 5.50 1.77
N TYR A 89 1.03 6.22 2.76
CA TYR A 89 1.97 7.04 3.38
C TYR A 89 2.21 6.51 4.76
N THR A 90 3.43 6.17 5.02
CA THR A 90 3.81 5.66 6.27
C THR A 90 3.95 6.86 7.18
N VAL A 91 3.09 6.92 8.14
CA VAL A 91 3.04 8.04 9.04
C VAL A 91 3.33 7.60 10.44
N VAL A 92 3.87 8.52 11.18
CA VAL A 92 4.10 8.34 12.57
C VAL A 92 3.21 9.29 13.33
N PHE A 93 2.37 8.73 14.13
CA PHE A 93 1.52 9.48 14.98
C PHE A 93 2.35 9.95 16.13
N ASP A 94 1.87 10.92 16.85
CA ASP A 94 2.60 11.42 18.01
C ASP A 94 2.43 10.51 19.23
N ASP A 95 1.83 9.39 18.95
CA ASP A 95 1.71 8.28 19.88
C ASP A 95 2.91 7.34 19.67
N GLY A 96 3.60 7.56 18.55
CA GLY A 96 4.68 6.70 18.15
C GLY A 96 4.16 5.57 17.28
N ASP A 97 2.91 5.70 16.89
CA ASP A 97 2.24 4.71 16.06
C ASP A 97 2.68 4.91 14.64
N GLU A 98 3.10 3.89 14.02
CA GLU A 98 3.58 3.99 12.67
C GLU A 98 2.79 3.05 11.82
N LYS A 99 2.28 3.54 10.73
CA LYS A 99 1.56 2.72 9.78
C LYS A 99 1.38 3.42 8.47
N THR A 100 1.10 2.66 7.47
CA THR A 100 0.84 3.14 6.16
C THR A 100 -0.65 3.48 6.01
N LEU A 101 -0.98 4.73 5.79
CA LEU A 101 -2.35 5.14 5.60
C LEU A 101 -2.57 5.75 4.23
N ARG A 102 -3.82 5.72 3.79
CA ARG A 102 -4.21 6.28 2.51
C ARG A 102 -4.29 7.78 2.55
N ARG A 103 -4.32 8.38 1.37
CA ARG A 103 -4.39 9.82 1.20
C ARG A 103 -5.68 10.36 1.85
N SER A 104 -6.72 9.60 1.72
CA SER A 104 -8.03 9.97 2.24
C SER A 104 -8.14 9.70 3.74
N SER A 105 -7.12 9.13 4.33
CA SER A 105 -7.11 8.87 5.75
C SER A 105 -6.26 9.93 6.44
N LEU A 106 -5.64 10.78 5.62
CA LEU A 106 -4.71 11.77 6.10
C LEU A 106 -5.14 13.15 5.66
N CYS A 107 -5.45 13.97 6.61
CA CYS A 107 -5.75 15.33 6.33
C CYS A 107 -4.48 16.13 6.58
N LEU A 108 -3.85 16.56 5.51
CA LEU A 108 -2.61 17.30 5.62
C LEU A 108 -2.81 18.66 6.29
N LYS A 109 -1.84 19.10 7.08
CA LYS A 109 -1.95 20.38 7.70
C LYS A 109 -1.52 21.48 6.77
N GLY A 110 -2.41 21.87 5.92
CA GLY A 110 -2.17 22.99 5.08
C GLY A 110 -2.70 24.21 5.75
N GLU A 111 -1.97 24.68 6.73
CA GLU A 111 -2.42 25.80 7.58
C GLU A 111 -2.34 27.16 6.87
N ARG A 112 -2.52 27.14 5.57
CA ARG A 112 -2.45 28.33 4.73
C ARG A 112 -3.74 28.49 3.93
N HIS A 113 -4.61 27.49 4.02
CA HIS A 113 -5.88 27.46 3.30
C HIS A 113 -6.70 26.25 3.73
N PHE A 114 -5.99 25.14 3.89
CA PHE A 114 -6.54 23.84 4.27
C PHE A 114 -7.33 23.17 3.15
N ALA A 115 -7.35 21.87 3.23
CA ALA A 115 -8.03 21.05 2.28
C ALA A 115 -8.67 19.89 3.05
N GLU A 116 -9.16 20.21 4.26
CA GLU A 116 -9.77 19.22 5.15
C GLU A 116 -10.94 18.54 4.46
N SER A 117 -11.71 19.32 3.78
CA SER A 117 -12.80 18.85 3.00
C SER A 117 -13.01 19.83 1.85
N GLU A 118 -12.41 19.54 0.71
CA GLU A 118 -12.55 20.39 -0.44
C GLU A 118 -13.55 19.82 -1.44
N THR A 119 -13.27 18.62 -1.94
CA THR A 119 -14.11 17.90 -2.87
C THR A 119 -14.60 18.79 -4.04
N LEU A 120 -13.65 19.28 -4.83
CA LEU A 120 -13.99 20.11 -5.96
C LEU A 120 -14.33 19.18 -7.13
N ASP A 121 -13.94 17.94 -6.95
CA ASP A 121 -14.24 16.88 -7.87
C ASP A 121 -14.42 15.63 -7.04
N GLN A 122 -15.27 14.75 -7.46
CA GLN A 122 -15.50 13.55 -6.73
C GLN A 122 -14.53 12.49 -7.18
N LEU A 123 -13.56 12.24 -6.36
CA LEU A 123 -12.52 11.28 -6.65
C LEU A 123 -13.07 9.92 -6.22
N PRO A 124 -12.98 8.88 -7.11
CA PRO A 124 -13.43 7.52 -6.79
C PRO A 124 -12.88 7.05 -5.46
N LEU A 125 -13.77 6.64 -4.58
CA LEU A 125 -13.42 6.26 -3.23
C LEU A 125 -12.47 5.06 -3.26
N THR A 126 -11.26 5.29 -2.81
CA THR A 126 -10.27 4.28 -2.76
C THR A 126 -10.16 3.74 -1.35
N ASN A 127 -10.37 2.43 -1.19
CA ASN A 127 -10.31 1.76 0.11
C ASN A 127 -11.44 2.24 1.04
N PRO A 128 -12.64 1.66 0.91
CA PRO A 128 -13.77 2.00 1.78
C PRO A 128 -13.50 1.51 3.21
N GLU A 129 -13.33 0.22 3.32
CA GLU A 129 -13.01 -0.41 4.57
C GLU A 129 -11.60 -0.93 4.47
N HIS A 130 -11.37 -1.65 3.39
CA HIS A 130 -10.11 -2.30 3.12
C HIS A 130 -10.07 -2.67 1.64
N PHE A 131 -8.89 -2.88 1.12
CA PHE A 131 -8.75 -3.30 -0.27
C PHE A 131 -9.18 -4.75 -0.42
N GLY A 132 -9.16 -5.26 -1.64
CA GLY A 132 -9.57 -6.63 -1.87
C GLY A 132 -8.42 -7.61 -1.67
N THR A 133 -7.53 -7.26 -0.80
CA THR A 133 -6.38 -8.04 -0.50
C THR A 133 -6.35 -8.25 1.02
N PRO A 134 -6.63 -9.48 1.49
CA PRO A 134 -6.65 -9.78 2.92
C PRO A 134 -5.24 -9.96 3.51
N VAL A 135 -4.24 -10.08 2.62
CA VAL A 135 -2.82 -10.29 2.96
C VAL A 135 -2.59 -11.49 3.91
N ILE A 136 -2.24 -12.61 3.31
CA ILE A 136 -2.02 -13.85 4.04
C ILE A 136 -0.80 -13.72 4.95
N GLY A 137 -1.03 -13.98 6.21
CA GLY A 137 0.02 -13.93 7.17
C GLY A 137 -0.52 -14.26 8.53
N LYS A 138 -1.17 -15.40 8.62
CA LYS A 138 -1.80 -15.81 9.87
C LYS A 138 -0.75 -16.25 10.88
N LYS A 139 0.39 -16.64 10.39
CA LYS A 139 1.50 -16.95 11.23
C LYS A 139 2.72 -16.22 10.70
N THR A 140 2.98 -15.09 11.29
CA THR A 140 4.08 -14.24 10.87
C THR A 140 5.13 -14.21 12.00
N ASN A 141 6.35 -14.68 11.74
CA ASN A 141 7.40 -14.69 12.74
C ASN A 141 8.78 -14.73 12.14
N ARG A 142 9.53 -13.67 12.36
CA ARG A 142 10.95 -13.60 12.10
C ARG A 142 11.30 -13.95 10.64
N GLY A 143 10.63 -13.29 9.71
CA GLY A 143 10.85 -13.59 8.30
C GLY A 143 12.17 -13.04 7.75
N ARG A 144 13.30 -13.52 8.29
CA ARG A 144 14.69 -13.21 7.83
C ARG A 144 15.15 -11.75 8.02
N ARG A 145 14.32 -10.83 7.62
CA ARG A 145 14.64 -9.40 7.55
C ARG A 145 15.17 -8.81 8.86
N SER A 146 14.33 -8.78 9.90
CA SER A 146 14.66 -8.18 11.18
C SER A 146 14.95 -6.66 11.02
N ASN A 147 13.86 -5.89 11.04
CA ASN A 147 13.85 -4.41 10.83
C ASN A 147 14.07 -4.09 9.37
N HIS A 148 15.26 -4.38 8.91
CA HIS A 148 15.65 -4.15 7.55
C HIS A 148 16.76 -5.12 7.25
N ILE A 149 16.74 -5.66 6.08
CA ILE A 149 17.71 -6.63 5.68
C ILE A 149 18.94 -5.86 5.15
N PRO A 150 20.17 -6.19 5.61
CA PRO A 150 21.39 -5.56 5.10
C PRO A 150 21.60 -5.89 3.61
N GLU A 151 21.03 -5.07 2.78
CA GLU A 151 21.06 -5.24 1.37
C GLU A 151 20.93 -3.84 0.80
N MET A 1 -2.46 12.95 -9.13
CA MET A 1 -3.29 12.58 -7.98
C MET A 1 -3.68 11.10 -8.04
N LYS A 2 -4.46 10.73 -9.05
CA LYS A 2 -4.98 9.37 -9.22
C LYS A 2 -5.74 8.83 -8.02
N ALA A 3 -6.97 9.20 -7.92
CA ALA A 3 -7.83 8.77 -6.84
C ALA A 3 -9.25 8.79 -7.31
N LEU A 4 -10.00 7.77 -6.99
CA LEU A 4 -11.40 7.72 -7.37
C LEU A 4 -12.26 8.09 -6.16
N ASP A 5 -11.58 8.58 -5.15
CA ASP A 5 -12.18 9.04 -3.90
C ASP A 5 -11.72 10.47 -3.72
N GLU A 6 -12.07 11.10 -2.59
CA GLU A 6 -11.60 12.45 -2.33
C GLU A 6 -10.61 12.47 -1.14
N PRO A 7 -9.30 12.41 -1.43
CA PRO A 7 -8.27 12.42 -0.42
C PRO A 7 -7.70 13.83 -0.17
N PRO A 8 -7.60 14.25 1.11
CA PRO A 8 -6.97 15.52 1.45
C PRO A 8 -5.47 15.50 1.13
N TYR A 9 -4.69 14.81 1.98
CA TYR A 9 -3.23 14.60 1.83
C TYR A 9 -2.67 14.00 3.08
N LEU A 10 -2.14 12.81 2.97
CA LEU A 10 -1.52 12.19 4.07
C LEU A 10 -0.05 12.10 3.79
N THR A 11 0.67 12.89 4.48
CA THR A 11 2.07 13.03 4.27
C THR A 11 2.86 12.68 5.53
N VAL A 12 4.13 12.35 5.37
CA VAL A 12 4.99 12.00 6.49
C VAL A 12 5.17 13.20 7.42
N GLY A 13 4.97 12.98 8.71
CA GLY A 13 5.11 14.04 9.68
C GLY A 13 3.79 14.67 10.08
N THR A 14 2.78 14.45 9.27
CA THR A 14 1.48 15.01 9.49
C THR A 14 0.73 14.27 10.60
N ASP A 15 -0.02 15.00 11.41
CA ASP A 15 -0.87 14.41 12.43
C ASP A 15 -2.14 13.93 11.81
N VAL A 16 -2.50 12.74 12.14
CA VAL A 16 -3.68 12.10 11.67
C VAL A 16 -4.45 11.53 12.85
N SER A 17 -5.60 11.04 12.57
CA SER A 17 -6.42 10.37 13.51
C SER A 17 -6.85 9.08 12.86
N ALA A 18 -6.52 8.01 13.49
CA ALA A 18 -6.76 6.73 12.94
C ALA A 18 -7.78 6.01 13.75
N LYS A 19 -8.65 5.29 13.07
CA LYS A 19 -9.56 4.44 13.79
C LYS A 19 -8.76 3.21 14.15
N TYR A 20 -8.39 3.16 15.37
CA TYR A 20 -7.48 2.20 15.89
C TYR A 20 -8.15 1.41 16.97
N ARG A 21 -8.16 0.07 16.81
CA ARG A 21 -8.80 -0.87 17.76
C ARG A 21 -10.23 -0.42 18.14
N GLY A 22 -10.90 0.20 17.19
CA GLY A 22 -12.22 0.67 17.41
C GLY A 22 -12.32 2.19 17.52
N ALA A 23 -11.43 2.81 18.27
CA ALA A 23 -11.57 4.24 18.57
C ALA A 23 -10.54 5.06 17.83
N PHE A 24 -10.83 6.32 17.64
CA PHE A 24 -9.89 7.19 16.97
C PHE A 24 -8.77 7.58 17.91
N CYS A 25 -7.59 7.28 17.50
CA CYS A 25 -6.41 7.64 18.21
C CYS A 25 -5.63 8.57 17.32
N GLU A 26 -5.00 9.53 17.90
CA GLU A 26 -4.25 10.48 17.14
C GLU A 26 -2.86 9.96 16.95
N ALA A 27 -2.30 10.22 15.80
CA ALA A 27 -1.01 9.71 15.45
C ALA A 27 -0.33 10.63 14.46
N LYS A 28 0.86 10.31 14.10
CA LYS A 28 1.61 11.02 13.10
C LYS A 28 2.09 10.04 12.11
N ILE A 29 2.19 10.45 10.89
CA ILE A 29 2.68 9.59 9.87
C ILE A 29 4.19 9.51 9.94
N LYS A 30 4.64 8.33 10.22
CA LYS A 30 6.03 8.00 10.39
C LYS A 30 6.62 7.65 9.02
N THR A 31 5.86 6.93 8.22
CA THR A 31 6.31 6.50 6.92
C THR A 31 5.07 6.22 6.06
N ALA A 32 5.23 6.11 4.78
CA ALA A 32 4.15 5.76 3.92
C ALA A 32 4.60 4.65 3.04
N LYS A 33 3.75 3.73 2.78
CA LYS A 33 4.07 2.62 1.96
C LYS A 33 3.13 2.60 0.77
N ARG A 34 3.57 3.22 -0.28
CA ARG A 34 2.81 3.34 -1.49
C ARG A 34 2.73 1.98 -2.18
N LEU A 35 1.55 1.45 -2.23
CA LEU A 35 1.31 0.19 -2.88
C LEU A 35 0.35 0.39 -4.01
N VAL A 36 0.68 -0.15 -5.12
CA VAL A 36 -0.17 -0.10 -6.26
C VAL A 36 -0.44 -1.52 -6.68
N LYS A 37 -1.69 -1.89 -6.65
CA LYS A 37 -2.11 -3.19 -7.05
C LYS A 37 -2.38 -3.16 -8.52
N VAL A 38 -1.53 -3.78 -9.27
CA VAL A 38 -1.69 -3.87 -10.67
C VAL A 38 -2.19 -5.27 -10.94
N LYS A 39 -3.42 -5.36 -11.29
CA LYS A 39 -4.06 -6.62 -11.47
C LYS A 39 -4.01 -6.98 -12.92
N VAL A 40 -3.23 -7.96 -13.19
CA VAL A 40 -2.91 -8.37 -14.53
C VAL A 40 -3.42 -9.76 -14.82
N THR A 41 -3.66 -10.00 -16.07
CA THR A 41 -4.03 -11.30 -16.53
C THR A 41 -2.82 -11.92 -17.20
N PHE A 42 -2.23 -12.95 -16.58
CA PHE A 42 -1.15 -13.67 -17.25
C PHE A 42 -1.74 -14.25 -18.49
N ARG A 43 -1.20 -13.92 -19.62
CA ARG A 43 -1.81 -14.32 -20.88
C ARG A 43 -1.65 -15.85 -21.08
N HIS A 44 -0.64 -16.37 -20.43
CA HIS A 44 -0.29 -17.79 -20.38
C HIS A 44 -1.28 -18.59 -19.53
N ASP A 45 -1.86 -17.97 -18.53
CA ASP A 45 -2.74 -18.73 -17.63
C ASP A 45 -4.16 -18.23 -17.66
N SER A 46 -4.36 -17.06 -18.26
CA SER A 46 -5.66 -16.38 -18.37
C SER A 46 -6.24 -16.00 -16.98
N SER A 47 -5.43 -16.12 -15.98
CA SER A 47 -5.83 -15.84 -14.63
C SER A 47 -5.43 -14.42 -14.26
N THR A 48 -6.26 -13.77 -13.47
CA THR A 48 -5.97 -12.44 -13.02
C THR A 48 -5.28 -12.48 -11.67
N VAL A 49 -4.12 -11.92 -11.60
CA VAL A 49 -3.34 -11.88 -10.40
C VAL A 49 -3.10 -10.44 -10.04
N GLU A 50 -2.91 -10.19 -8.78
CA GLU A 50 -2.76 -8.86 -8.29
C GLU A 50 -1.31 -8.72 -7.86
N VAL A 51 -0.57 -7.90 -8.58
CA VAL A 51 0.86 -7.78 -8.37
C VAL A 51 1.23 -6.31 -8.14
N GLN A 52 2.27 -6.08 -7.39
CA GLN A 52 2.77 -4.73 -7.17
C GLN A 52 3.44 -4.22 -8.44
N ASP A 53 3.30 -2.91 -8.68
CA ASP A 53 3.89 -2.21 -9.85
C ASP A 53 5.41 -2.34 -9.85
N ASP A 54 5.94 -2.58 -8.68
CA ASP A 54 7.36 -2.82 -8.45
C ASP A 54 7.87 -4.05 -9.24
N HIS A 55 6.98 -5.00 -9.48
CA HIS A 55 7.31 -6.22 -10.24
C HIS A 55 6.87 -6.09 -11.68
N ILE A 56 6.37 -4.93 -12.04
CA ILE A 56 5.85 -4.69 -13.33
C ILE A 56 6.81 -3.88 -14.17
N LYS A 57 7.13 -4.40 -15.32
CA LYS A 57 7.96 -3.72 -16.27
C LYS A 57 7.11 -3.30 -17.44
N GLY A 58 6.77 -2.06 -17.48
CA GLY A 58 5.99 -1.57 -18.57
C GLY A 58 5.05 -0.46 -18.14
N PRO A 59 4.25 0.06 -19.06
CA PRO A 59 3.33 1.13 -18.76
C PRO A 59 2.16 0.65 -17.92
N LEU A 60 2.12 1.10 -16.70
CA LEU A 60 1.03 0.78 -15.81
C LEU A 60 -0.23 1.55 -16.20
N LYS A 61 -1.01 0.94 -17.05
CA LYS A 61 -2.22 1.50 -17.57
C LYS A 61 -3.15 0.36 -17.97
N VAL A 62 -4.45 0.57 -17.86
CA VAL A 62 -5.44 -0.45 -18.19
C VAL A 62 -5.36 -0.85 -19.68
N GLY A 63 -5.19 -2.15 -19.93
CA GLY A 63 -5.14 -2.66 -21.28
C GLY A 63 -3.72 -2.82 -21.80
N ALA A 64 -2.77 -2.37 -21.03
CA ALA A 64 -1.37 -2.45 -21.42
C ALA A 64 -0.80 -3.84 -21.16
N ILE A 65 0.16 -4.22 -21.98
CA ILE A 65 0.86 -5.47 -21.82
C ILE A 65 2.16 -5.18 -21.13
N VAL A 66 2.29 -5.67 -19.95
CA VAL A 66 3.50 -5.43 -19.18
C VAL A 66 4.21 -6.71 -18.88
N GLU A 67 5.41 -6.63 -18.37
CA GLU A 67 6.15 -7.81 -18.05
C GLU A 67 6.17 -7.95 -16.56
N VAL A 68 5.72 -9.04 -16.08
CA VAL A 68 5.62 -9.29 -14.66
C VAL A 68 6.81 -10.12 -14.24
N LYS A 69 7.62 -9.61 -13.34
CA LYS A 69 8.75 -10.37 -12.85
C LYS A 69 8.22 -11.46 -11.94
N ASN A 70 8.53 -12.66 -12.27
CA ASN A 70 8.16 -13.83 -11.49
C ASN A 70 9.18 -14.01 -10.41
N LEU A 71 8.91 -14.89 -9.47
CA LEU A 71 9.86 -15.19 -8.40
C LEU A 71 11.10 -15.90 -8.98
N ASP A 72 10.92 -16.43 -10.18
CA ASP A 72 11.99 -17.10 -10.92
C ASP A 72 12.90 -16.08 -11.58
N GLY A 73 12.49 -14.82 -11.52
CA GLY A 73 13.23 -13.76 -12.18
C GLY A 73 12.81 -13.62 -13.62
N ALA A 74 11.88 -14.47 -14.00
CA ALA A 74 11.39 -14.53 -15.37
C ALA A 74 10.37 -13.47 -15.57
N TYR A 75 10.35 -12.86 -16.70
CA TYR A 75 9.36 -11.88 -16.98
C TYR A 75 8.30 -12.50 -17.83
N GLN A 76 7.09 -12.42 -17.37
CA GLN A 76 5.99 -12.97 -18.10
C GLN A 76 5.02 -11.87 -18.45
N GLU A 77 4.64 -11.77 -19.71
CA GLU A 77 3.75 -10.72 -20.15
C GLU A 77 2.34 -10.94 -19.65
N ALA A 78 1.73 -9.89 -19.21
CA ALA A 78 0.38 -9.95 -18.74
C ALA A 78 -0.34 -8.66 -19.08
N VAL A 79 -1.65 -8.74 -19.11
CA VAL A 79 -2.48 -7.59 -19.49
C VAL A 79 -3.04 -6.93 -18.23
N ILE A 80 -2.81 -5.66 -18.08
CA ILE A 80 -3.34 -4.93 -16.93
C ILE A 80 -4.84 -4.72 -17.07
N ASN A 81 -5.58 -5.22 -16.10
CA ASN A 81 -7.04 -5.08 -16.08
C ASN A 81 -7.50 -4.02 -15.11
N LYS A 82 -6.92 -4.02 -13.94
CA LYS A 82 -7.33 -3.13 -12.89
C LYS A 82 -6.13 -2.63 -12.11
N LEU A 83 -6.15 -1.37 -11.77
CA LEU A 83 -5.15 -0.82 -10.89
C LEU A 83 -5.88 -0.35 -9.66
N THR A 84 -5.34 -0.61 -8.52
CA THR A 84 -5.95 -0.19 -7.29
C THR A 84 -4.88 0.33 -6.34
N ASP A 85 -5.13 1.49 -5.77
CA ASP A 85 -4.21 2.05 -4.81
C ASP A 85 -4.39 1.30 -3.52
N ALA A 86 -3.31 0.90 -2.91
CA ALA A 86 -3.39 0.15 -1.70
C ALA A 86 -2.38 0.65 -0.71
N SER A 87 -2.08 1.92 -0.79
CA SER A 87 -1.08 2.52 0.06
C SER A 87 -1.39 2.42 1.57
N TRP A 88 -0.42 1.92 2.30
CA TRP A 88 -0.48 1.87 3.72
C TRP A 88 0.23 3.09 4.24
N TYR A 89 -0.18 3.56 5.37
CA TYR A 89 0.49 4.67 5.99
C TYR A 89 0.93 4.27 7.36
N THR A 90 2.20 4.38 7.58
CA THR A 90 2.81 3.98 8.78
C THR A 90 2.69 5.11 9.74
N VAL A 91 1.95 4.87 10.77
CA VAL A 91 1.65 5.87 11.74
C VAL A 91 2.23 5.51 13.07
N VAL A 92 2.63 6.52 13.78
CA VAL A 92 3.14 6.40 15.08
C VAL A 92 2.17 7.07 16.04
N PHE A 93 1.68 6.30 16.93
CA PHE A 93 0.79 6.77 17.95
C PHE A 93 1.67 7.28 19.06
N ASP A 94 1.18 8.19 19.85
CA ASP A 94 2.04 8.86 20.84
C ASP A 94 2.37 8.00 22.04
N ASP A 95 1.90 6.77 22.04
CA ASP A 95 2.31 5.80 23.03
C ASP A 95 3.54 5.08 22.58
N GLY A 96 3.98 5.39 21.39
CA GLY A 96 5.16 4.79 20.83
C GLY A 96 4.82 3.66 19.92
N ASP A 97 3.53 3.43 19.71
CA ASP A 97 3.12 2.34 18.85
C ASP A 97 3.25 2.73 17.42
N GLU A 98 3.82 1.88 16.65
CA GLU A 98 4.10 2.18 15.27
C GLU A 98 3.58 1.05 14.43
N LYS A 99 2.83 1.37 13.41
CA LYS A 99 2.35 0.36 12.48
C LYS A 99 1.83 1.03 11.24
N THR A 100 1.71 0.29 10.18
CA THR A 100 1.18 0.84 8.98
C THR A 100 -0.27 0.41 8.82
N LEU A 101 -1.13 1.38 8.65
CA LEU A 101 -2.54 1.18 8.63
C LEU A 101 -3.09 1.51 7.23
N ARG A 102 -4.34 1.21 7.01
CA ARG A 102 -4.98 1.48 5.73
C ARG A 102 -5.37 2.95 5.64
N ARG A 103 -5.27 3.52 4.44
CA ARG A 103 -5.66 4.91 4.18
C ARG A 103 -7.14 5.11 4.54
N SER A 104 -7.93 4.07 4.31
CA SER A 104 -9.36 4.07 4.56
C SER A 104 -9.70 4.27 6.06
N SER A 105 -8.76 4.01 6.94
CA SER A 105 -9.00 4.11 8.37
C SER A 105 -8.27 5.31 8.98
N LEU A 106 -7.82 6.21 8.12
CA LEU A 106 -7.07 7.37 8.55
C LEU A 106 -7.78 8.64 8.15
N CYS A 107 -7.71 9.62 9.00
CA CYS A 107 -8.24 10.94 8.74
C CYS A 107 -7.16 11.92 9.17
N LEU A 108 -6.99 13.02 8.48
CA LEU A 108 -5.88 13.90 8.84
C LEU A 108 -6.34 14.96 9.84
N LYS A 109 -5.40 15.62 10.44
CA LYS A 109 -5.70 16.71 11.33
C LYS A 109 -5.30 18.01 10.68
N GLY A 110 -6.14 19.00 10.83
CA GLY A 110 -5.89 20.28 10.24
C GLY A 110 -7.06 20.71 9.42
N GLU A 111 -7.32 19.97 8.38
CA GLU A 111 -8.40 20.27 7.48
C GLU A 111 -9.70 19.70 8.01
N ARG A 112 -10.71 20.51 8.01
CA ARG A 112 -11.99 20.15 8.53
C ARG A 112 -13.07 20.44 7.50
N HIS A 113 -13.72 19.41 7.01
CA HIS A 113 -14.87 19.66 6.14
C HIS A 113 -16.06 20.04 6.99
N PHE A 114 -16.28 21.33 7.05
CA PHE A 114 -17.22 22.00 7.93
C PHE A 114 -18.65 21.49 7.81
N ALA A 115 -19.40 21.66 8.87
CA ALA A 115 -20.79 21.32 8.93
C ALA A 115 -21.47 22.33 9.83
N GLU A 116 -21.75 23.48 9.27
CA GLU A 116 -22.36 24.59 9.97
C GLU A 116 -23.79 24.23 10.31
N SER A 117 -24.59 24.08 9.26
CA SER A 117 -25.96 23.56 9.34
C SER A 117 -26.93 24.41 10.18
N GLU A 118 -26.62 25.66 10.37
CA GLU A 118 -27.51 26.55 11.07
C GLU A 118 -28.45 27.17 10.06
N THR A 119 -29.40 26.39 9.64
CA THR A 119 -30.37 26.78 8.66
C THR A 119 -31.36 27.75 9.31
N LEU A 120 -31.88 27.32 10.42
CA LEU A 120 -32.81 28.12 11.17
C LEU A 120 -32.03 28.94 12.17
N ASP A 121 -32.18 30.23 12.12
CA ASP A 121 -31.54 31.09 13.09
C ASP A 121 -32.51 31.30 14.22
N GLN A 122 -32.33 30.56 15.28
CA GLN A 122 -33.28 30.56 16.36
C GLN A 122 -32.62 30.74 17.72
N LEU A 123 -33.33 31.42 18.58
CA LEU A 123 -32.89 31.75 19.91
C LEU A 123 -34.15 31.87 20.77
N PRO A 124 -34.16 31.32 22.01
CA PRO A 124 -35.30 31.45 22.91
C PRO A 124 -35.55 32.92 23.28
N LEU A 125 -36.52 33.51 22.63
CA LEU A 125 -36.78 34.92 22.77
C LEU A 125 -37.55 35.23 24.05
N THR A 126 -37.28 36.38 24.60
CA THR A 126 -37.97 36.92 25.73
C THR A 126 -38.01 38.43 25.55
N ASN A 127 -39.11 39.06 25.88
CA ASN A 127 -39.22 40.51 25.76
C ASN A 127 -38.32 41.18 26.78
N PRO A 128 -37.76 42.36 26.46
CA PRO A 128 -36.86 43.07 27.36
C PRO A 128 -37.53 43.45 28.68
N GLU A 129 -37.17 42.73 29.72
CA GLU A 129 -37.64 42.98 31.06
C GLU A 129 -36.81 44.08 31.68
N HIS A 130 -35.57 44.12 31.28
CA HIS A 130 -34.67 45.16 31.69
C HIS A 130 -34.00 45.76 30.47
N PHE A 131 -34.56 46.85 30.03
CA PHE A 131 -34.04 47.55 28.86
C PHE A 131 -32.90 48.43 29.35
N GLY A 132 -32.99 48.74 30.62
CA GLY A 132 -31.99 49.45 31.31
C GLY A 132 -31.98 48.95 32.73
N THR A 133 -30.97 49.23 33.47
CA THR A 133 -30.91 48.82 34.84
C THR A 133 -30.16 49.87 35.67
N PRO A 134 -30.78 50.41 36.73
CA PRO A 134 -30.15 51.39 37.60
C PRO A 134 -29.05 50.77 38.47
N VAL A 135 -28.11 51.58 38.84
CA VAL A 135 -27.02 51.17 39.68
C VAL A 135 -27.38 51.60 41.09
N ILE A 136 -26.98 50.84 42.06
CA ILE A 136 -27.26 51.20 43.43
C ILE A 136 -26.22 52.20 43.92
N GLY A 137 -26.67 53.38 44.22
CA GLY A 137 -25.78 54.40 44.67
C GLY A 137 -26.46 55.38 45.58
N LYS A 138 -27.73 55.70 45.25
CA LYS A 138 -28.59 56.66 45.99
C LYS A 138 -28.11 58.08 45.75
N LYS A 139 -26.96 58.34 46.28
CA LYS A 139 -26.29 59.60 46.24
C LYS A 139 -24.96 59.38 46.88
N THR A 140 -23.91 59.87 46.30
CA THR A 140 -22.65 59.78 46.94
C THR A 140 -22.59 60.84 48.06
N ASN A 141 -22.98 60.39 49.23
CA ASN A 141 -23.13 61.24 50.38
C ASN A 141 -22.03 60.95 51.38
N ARG A 142 -20.94 61.66 51.22
CA ARG A 142 -19.81 61.62 52.14
C ARG A 142 -19.19 62.97 52.24
N GLY A 143 -19.43 63.60 53.33
CA GLY A 143 -18.89 64.88 53.60
C GLY A 143 -18.87 65.08 55.08
N ARG A 144 -18.65 66.31 55.50
CA ARG A 144 -18.56 66.70 56.93
C ARG A 144 -17.34 66.05 57.56
N ARG A 145 -16.35 65.80 56.72
CA ARG A 145 -15.12 65.12 57.09
C ARG A 145 -14.30 65.97 58.06
N SER A 146 -14.32 67.28 57.84
CA SER A 146 -13.65 68.29 58.70
C SER A 146 -12.12 68.29 58.58
N ASN A 147 -11.53 67.12 58.34
CA ASN A 147 -10.08 67.00 58.12
C ASN A 147 -9.73 67.78 56.85
N HIS A 148 -10.59 67.67 55.87
CA HIS A 148 -10.46 68.45 54.67
C HIS A 148 -11.42 69.62 54.76
N ILE A 149 -10.88 70.78 54.85
CA ILE A 149 -11.65 71.98 54.88
C ILE A 149 -11.73 72.51 53.45
N PRO A 150 -12.91 72.98 52.97
CA PRO A 150 -13.09 73.51 51.59
C PRO A 150 -12.22 74.77 51.31
N GLU A 151 -11.66 75.31 52.36
CA GLU A 151 -10.83 76.47 52.28
C GLU A 151 -9.38 76.01 52.27
#